data_9PZL
#
_entry.id   9PZL
#
_cell.length_a   108.695
_cell.length_b   118.475
_cell.length_c   170.806
_cell.angle_alpha   90.00
_cell.angle_beta   90.40
_cell.angle_gamma   90.00
#
_symmetry.space_group_name_H-M   'P 1 21 1'
#
loop_
_entity.id
_entity.type
_entity.pdbx_description
1 polymer 'Pyruvate, phosphate dikinase'
2 non-polymer 'PHOSPHOAMINOPHOSPHONIC ACID-ADENYLATE ESTER'
3 non-polymer 'SULFATE ION'
#
_entity_poly.entity_id   1
_entity_poly.type   'polypeptide(L)'
_entity_poly.pdbx_seq_one_letter_code
;MAKWVYKFEEGNASMRNLLGGKGCNLAEMTILGMPIPQGFTVTTEACTEYYNSGKQITQEIQDQIFEAITWLEELNGKKF
GDTEDPLLVSVRSGARASMPGMMDTILNLGLNDVAVEGFAKKTGNPRFAYDSYRRFIQMYSDVVMEVPKSHFEKIIDAMK
EEKGVHFDTDLTADDLKELAEKFKAVYKEAMNGEEFPQEPKDQLMGAVKAVFRSWDNPRAIVYRRMNDIPGDWGTAVNVQ
TMVFGNKGETSGTGVAFTRNPSTGEKGIYGEYLINAQGEDVVAGVRTPQPITQLENDMPDCYKQFMDLAMKLEKHFRDMQ
DMEFTIEEGKLYFLQTRNGKRTAPAALQIACDLVDEGMITEEEAVVRIEAKSLDQLLHPTFNPAALKAGEVIGSALPASP
GAAAGKVYFTADEAKAAHEKGERVILVRLETSPEDIEGMHAAEGILTVRGGMTSHAAVVARGMGTCCVSGCGEIKINEEA
KTFELGGHTFAEGDYISLDGSTGKIYKGDIETQEASVSGSFERIMVWADKFRTLKVRTNADTPEDTLNAVKLGAEGIGLC
RTEHMFFEADRIMKIRKMILSDSVEAREEALNELIPFQKGDFKAMYKALEGRPMTVRYLDPPLHEFVPHTEEEQAELAKN
MGLTLAEVKAKVDELHEFNPMMGHRGCRLAVTYPEIAKMQTRAVMEAAIEVKEETGIDIVPEIMIPLVGEKKELKFVKDV
VVEVAEQVKKEKGSDMQYHIGTMIEIPRAALTADAIAEEAEFFSFGTNDLTQMTFGFSRDDAGKFLDSYYKAKIYESDPF
ARLDQTGVGQLVEMAVKKGRQTRPGLKCGICGEHGGDPSSVEFCHKVGLNYVSCSPFRVPIARLAAAQAALNNK
;
_entity_poly.pdbx_strand_id   A,B,C,D
#
loop_
_chem_comp.id
_chem_comp.type
_chem_comp.name
_chem_comp.formula
ANP non-polymer 'PHOSPHOAMINOPHOSPHONIC ACID-ADENYLATE ESTER' 'C10 H17 N6 O12 P3'
SO4 non-polymer 'SULFATE ION' 'O4 S -2'
#
# COMPACT_ATOMS: atom_id res chain seq x y z
N ALA A 2 8.84 -53.64 41.12
CA ALA A 2 10.07 -52.90 41.43
C ALA A 2 9.97 -52.12 42.75
N LYS A 3 11.08 -51.51 43.15
CA LYS A 3 11.09 -50.68 44.35
C LYS A 3 10.80 -49.22 43.99
N TRP A 4 9.53 -48.95 43.71
CA TRP A 4 9.11 -47.60 43.38
C TRP A 4 9.15 -46.66 44.58
N VAL A 5 9.72 -47.13 45.70
CA VAL A 5 9.67 -46.36 46.95
C VAL A 5 10.86 -46.57 47.86
N TYR A 6 11.49 -45.45 48.24
CA TYR A 6 12.66 -45.46 49.14
C TYR A 6 12.50 -44.56 50.37
N LYS A 7 12.64 -45.14 51.55
CA LYS A 7 12.76 -44.35 52.79
C LYS A 7 13.92 -43.36 52.65
N PHE A 8 13.85 -42.26 53.39
CA PHE A 8 14.92 -41.29 53.37
C PHE A 8 16.26 -41.94 53.78
N GLU A 9 16.20 -42.81 54.78
CA GLU A 9 17.40 -43.52 55.21
C GLU A 9 17.91 -44.49 54.14
N GLU A 10 17.04 -44.85 53.20
CA GLU A 10 17.38 -45.78 52.11
C GLU A 10 18.08 -45.13 50.90
N GLY A 11 18.64 -43.93 51.07
CA GLY A 11 19.20 -43.24 49.91
C GLY A 11 20.47 -42.45 50.14
N ASN A 12 20.95 -41.83 49.07
CA ASN A 12 22.10 -40.91 49.13
C ASN A 12 22.28 -40.00 47.91
N ALA A 13 23.23 -39.07 48.04
CA ALA A 13 23.59 -38.12 47.00
C ALA A 13 23.49 -38.65 45.57
N SER A 14 24.10 -39.81 45.33
CA SER A 14 24.17 -40.40 43.99
C SER A 14 22.82 -40.92 43.44
N MET A 15 21.85 -41.21 44.32
CA MET A 15 20.51 -41.57 43.86
C MET A 15 19.66 -40.33 43.57
N ARG A 16 20.24 -39.42 42.78
CA ARG A 16 19.65 -38.14 42.47
C ARG A 16 18.64 -38.23 41.32
N ASN A 17 18.94 -39.05 40.31
CA ASN A 17 18.07 -39.20 39.13
C ASN A 17 16.79 -39.95 39.45
N LEU A 18 16.83 -40.65 40.59
CA LEU A 18 15.82 -41.59 41.02
C LEU A 18 15.05 -41.03 42.22
N LEU A 19 15.78 -40.65 43.26
CA LEU A 19 15.17 -39.99 44.40
C LEU A 19 14.78 -38.53 44.04
N GLY A 20 15.27 -38.07 42.89
CA GLY A 20 15.11 -36.67 42.52
C GLY A 20 16.12 -35.90 43.34
N GLY A 21 16.12 -34.58 43.22
CA GLY A 21 17.05 -33.75 43.96
C GLY A 21 16.76 -33.77 45.46
N LYS A 22 15.57 -33.26 45.78
CA LYS A 22 15.04 -33.23 47.15
C LYS A 22 15.00 -34.63 47.77
N GLY A 23 15.21 -35.65 46.94
CA GLY A 23 15.32 -37.00 47.44
C GLY A 23 16.70 -37.22 48.01
N CYS A 24 17.67 -37.40 47.11
CA CYS A 24 19.05 -37.64 47.51
C CYS A 24 19.53 -36.73 48.64
N ASN A 25 18.84 -35.62 48.89
CA ASN A 25 19.25 -34.66 49.94
C ASN A 25 18.75 -35.00 51.33
N LEU A 26 17.49 -35.42 51.39
CA LEU A 26 16.90 -35.93 52.64
C LEU A 26 17.59 -37.23 53.00
N ALA A 27 17.89 -38.02 51.97
CA ALA A 27 18.67 -39.23 52.14
C ALA A 27 20.08 -38.86 52.58
N GLU A 28 20.77 -38.07 51.76
CA GLU A 28 22.13 -37.65 52.09
C GLU A 28 22.22 -37.13 53.52
N MET A 29 21.43 -36.09 53.80
CA MET A 29 21.41 -35.44 55.11
C MET A 29 21.04 -36.39 56.26
N THR A 30 20.04 -37.24 56.02
CA THR A 30 19.60 -38.21 57.02
C THR A 30 20.76 -39.11 57.44
N ILE A 31 21.53 -39.55 56.44
CA ILE A 31 22.70 -40.38 56.65
C ILE A 31 23.75 -39.65 57.52
N LEU A 32 24.05 -38.41 57.14
CA LEU A 32 24.91 -37.54 57.95
C LEU A 32 24.22 -37.33 59.29
N GLY A 33 22.96 -37.73 59.37
CA GLY A 33 22.22 -37.71 60.61
C GLY A 33 21.80 -36.34 61.11
N MET A 34 21.25 -35.51 60.23
CA MET A 34 20.74 -34.21 60.63
C MET A 34 19.28 -34.34 61.10
N PRO A 35 18.74 -33.29 61.77
CA PRO A 35 17.35 -33.26 62.24
C PRO A 35 16.34 -33.13 61.10
N ILE A 36 16.43 -34.03 60.13
CA ILE A 36 15.43 -34.06 59.07
C ILE A 36 14.21 -34.83 59.58
N PRO A 37 13.00 -34.25 59.39
CA PRO A 37 11.79 -35.02 59.67
C PRO A 37 11.74 -36.25 58.76
N GLN A 38 11.72 -37.43 59.37
CA GLN A 38 11.67 -38.67 58.60
C GLN A 38 10.41 -38.77 57.74
N GLY A 39 10.62 -38.82 56.43
CA GLY A 39 9.57 -39.12 55.47
C GLY A 39 10.09 -40.19 54.51
N PHE A 40 9.53 -40.25 53.31
CA PHE A 40 10.03 -41.19 52.30
C PHE A 40 9.79 -40.72 50.87
N THR A 41 10.55 -41.30 49.93
CA THR A 41 10.56 -40.85 48.53
C THR A 41 10.07 -41.91 47.53
N VAL A 42 8.95 -41.62 46.88
CA VAL A 42 8.52 -42.43 45.74
C VAL A 42 9.28 -41.95 44.50
N THR A 43 9.84 -42.92 43.79
CA THR A 43 10.83 -42.65 42.75
C THR A 43 10.28 -41.94 41.50
N THR A 44 11.19 -41.20 40.85
CA THR A 44 11.00 -40.56 39.55
C THR A 44 10.53 -41.52 38.46
N GLU A 45 10.83 -42.80 38.63
CA GLU A 45 10.43 -43.86 37.71
C GLU A 45 8.93 -44.10 37.84
N ALA A 46 8.40 -43.83 39.04
CA ALA A 46 6.94 -43.87 39.24
C ALA A 46 6.29 -42.80 38.34
N CYS A 47 6.94 -41.65 38.32
CA CYS A 47 6.47 -40.51 37.56
C CYS A 47 6.25 -40.99 36.14
N THR A 48 7.26 -41.70 35.66
CA THR A 48 7.27 -42.28 34.33
C THR A 48 6.20 -43.37 34.17
N GLU A 49 6.25 -44.35 35.06
CA GLU A 49 5.25 -45.40 35.11
C GLU A 49 3.85 -44.78 35.18
N TYR A 50 3.68 -43.79 36.06
CA TYR A 50 2.43 -43.03 36.20
C TYR A 50 1.99 -42.48 34.85
N TYR A 51 2.80 -41.59 34.30
CA TYR A 51 2.52 -41.04 33.00
C TYR A 51 2.23 -42.17 32.02
N ASN A 52 3.24 -42.98 31.70
CA ASN A 52 3.07 -44.16 30.83
C ASN A 52 1.73 -44.89 31.06
N SER A 53 1.33 -45.05 32.33
CA SER A 53 0.10 -45.79 32.69
C SER A 53 -1.18 -44.98 32.46
N GLY A 54 -1.22 -44.22 31.36
CA GLY A 54 -2.32 -43.31 31.09
C GLY A 54 -2.56 -42.30 32.20
N LYS A 55 -1.51 -42.01 32.97
CA LYS A 55 -1.60 -41.17 34.18
C LYS A 55 -2.54 -41.73 35.24
N GLN A 56 -2.26 -42.98 35.64
CA GLN A 56 -2.87 -43.59 36.81
C GLN A 56 -1.77 -44.27 37.63
N ILE A 57 -2.10 -44.63 38.86
CA ILE A 57 -1.17 -45.35 39.72
C ILE A 57 -1.43 -46.85 39.70
N THR A 58 -0.35 -47.63 39.63
CA THR A 58 -0.45 -49.09 39.67
C THR A 58 -0.67 -49.60 41.10
N GLN A 59 -1.13 -50.84 41.18
CA GLN A 59 -1.34 -51.50 42.47
C GLN A 59 -0.04 -51.53 43.29
N GLU A 60 1.06 -51.91 42.66
CA GLU A 60 2.29 -52.11 43.39
C GLU A 60 2.86 -50.82 43.98
N ILE A 61 2.70 -49.72 43.23
CA ILE A 61 3.11 -48.38 43.67
C ILE A 61 2.29 -47.95 44.88
N GLN A 62 0.99 -47.99 44.69
CA GLN A 62 0.01 -47.78 45.74
C GLN A 62 0.37 -48.57 46.98
N ASP A 63 0.65 -49.87 46.77
CA ASP A 63 1.00 -50.74 47.87
C ASP A 63 2.28 -50.26 48.53
N GLN A 64 3.31 -50.05 47.71
CA GLN A 64 4.59 -49.57 48.20
C GLN A 64 4.49 -48.26 49.04
N ILE A 65 3.56 -47.40 48.67
CA ILE A 65 3.31 -46.15 49.41
C ILE A 65 2.77 -46.39 50.82
N PHE A 66 1.58 -46.98 50.87
CA PHE A 66 0.88 -47.19 52.14
C PHE A 66 1.73 -48.00 53.13
N GLU A 67 2.56 -48.90 52.61
CA GLU A 67 3.46 -49.69 53.44
C GLU A 67 4.47 -48.84 54.23
N ALA A 68 5.01 -47.81 53.58
CA ALA A 68 5.90 -46.88 54.25
C ALA A 68 5.09 -45.90 55.11
N ILE A 69 3.88 -45.58 54.63
CA ILE A 69 2.95 -44.75 55.39
C ILE A 69 2.70 -45.42 56.74
N THR A 70 2.90 -46.74 56.74
CA THR A 70 2.71 -47.56 57.92
C THR A 70 3.98 -47.59 58.76
N TRP A 71 5.12 -47.58 58.06
CA TRP A 71 6.41 -47.44 58.69
C TRP A 71 6.49 -46.05 59.29
N LEU A 72 5.97 -45.08 58.55
CA LEU A 72 5.87 -43.69 59.00
C LEU A 72 5.11 -43.56 60.31
N GLU A 73 3.98 -44.26 60.42
CA GLU A 73 3.21 -44.31 61.66
C GLU A 73 4.06 -44.81 62.81
N GLU A 74 4.63 -45.99 62.63
CA GLU A 74 5.38 -46.67 63.71
C GLU A 74 6.39 -45.79 64.47
N LEU A 75 7.23 -45.06 63.73
CA LEU A 75 8.14 -44.10 64.35
C LEU A 75 7.36 -42.98 65.05
N ASN A 76 6.34 -42.47 64.38
CA ASN A 76 5.56 -41.35 64.90
C ASN A 76 4.57 -41.73 66.00
N GLY A 77 4.32 -43.02 66.17
CA GLY A 77 3.37 -43.49 67.15
C GLY A 77 1.97 -42.94 66.93
N LYS A 78 1.69 -42.57 65.67
CA LYS A 78 0.41 -41.98 65.28
C LYS A 78 -0.10 -42.62 63.98
N LYS A 79 -1.26 -43.28 64.05
CA LYS A 79 -1.87 -43.86 62.86
C LYS A 79 -2.15 -42.75 61.86
N PHE A 80 -1.70 -42.92 60.63
CA PHE A 80 -1.70 -41.79 59.70
C PHE A 80 -3.04 -41.11 59.59
N GLY A 81 -2.99 -39.77 59.52
CA GLY A 81 -4.17 -38.93 59.46
C GLY A 81 -5.26 -39.52 60.34
N ASP A 82 -4.93 -39.72 61.61
CA ASP A 82 -5.88 -40.30 62.57
C ASP A 82 -6.81 -39.22 63.14
N THR A 83 -7.63 -39.64 64.10
CA THR A 83 -8.70 -38.79 64.58
C THR A 83 -8.38 -38.28 65.99
N GLU A 84 -7.70 -39.12 66.76
CA GLU A 84 -7.31 -38.76 68.14
C GLU A 84 -5.87 -38.19 68.23
N ASP A 85 -4.90 -38.94 67.69
CA ASP A 85 -3.54 -38.42 67.53
C ASP A 85 -3.05 -38.77 66.11
N PRO A 86 -3.42 -37.91 65.13
CA PRO A 86 -3.19 -38.14 63.70
C PRO A 86 -1.74 -37.97 63.26
N LEU A 87 -1.40 -38.58 62.13
CA LEU A 87 -0.13 -38.34 61.44
C LEU A 87 -0.34 -37.41 60.25
N LEU A 88 0.24 -36.22 60.32
CA LEU A 88 0.10 -35.20 59.27
C LEU A 88 1.35 -35.09 58.42
N VAL A 89 1.21 -35.24 57.10
CA VAL A 89 2.37 -35.30 56.21
C VAL A 89 2.54 -34.12 55.25
N SER A 90 3.77 -33.90 54.80
CA SER A 90 4.05 -32.98 53.70
C SER A 90 4.26 -33.80 52.44
N VAL A 91 3.55 -33.47 51.38
CA VAL A 91 3.75 -34.14 50.10
C VAL A 91 4.55 -33.21 49.18
N ARG A 92 5.84 -33.51 49.01
CA ARG A 92 6.76 -32.58 48.33
C ARG A 92 7.37 -33.06 47.01
N SER A 93 7.59 -32.10 46.11
CA SER A 93 8.10 -32.37 44.77
C SER A 93 9.46 -31.71 44.53
N GLY A 94 10.37 -32.45 43.91
CA GLY A 94 11.72 -31.97 43.63
C GLY A 94 12.45 -32.86 42.63
N ALA A 95 12.46 -32.42 41.38
CA ALA A 95 13.02 -33.21 40.29
C ALA A 95 14.50 -33.43 40.50
N ARG A 96 15.11 -34.22 39.61
CA ARG A 96 16.55 -34.41 39.64
C ARG A 96 17.21 -33.05 39.42
N ALA A 97 16.47 -32.17 38.77
CA ALA A 97 16.86 -30.78 38.59
C ALA A 97 16.22 -29.86 39.62
N SER A 98 16.96 -28.85 40.05
CA SER A 98 16.38 -27.84 40.95
C SER A 98 15.63 -26.75 40.22
N MET A 99 14.32 -26.91 40.14
CA MET A 99 13.49 -25.88 39.55
C MET A 99 12.70 -25.23 40.66
N PRO A 100 13.34 -24.29 41.40
CA PRO A 100 12.74 -23.78 42.64
C PRO A 100 11.32 -23.23 42.44
N GLY A 101 10.38 -23.82 43.16
CA GLY A 101 9.00 -23.36 43.17
C GLY A 101 8.31 -23.39 41.83
N MET A 102 8.88 -24.15 40.90
CA MET A 102 8.24 -24.37 39.62
C MET A 102 7.38 -25.60 39.84
N MET A 103 7.58 -26.21 41.00
CA MET A 103 6.91 -27.45 41.35
C MET A 103 6.01 -27.29 42.58
N ASP A 104 4.91 -28.05 42.62
CA ASP A 104 4.00 -27.97 43.76
C ASP A 104 4.42 -28.88 44.95
N THR A 105 4.01 -28.51 46.16
CA THR A 105 4.16 -29.40 47.32
C THR A 105 3.00 -29.07 48.26
N ILE A 106 2.51 -30.08 48.98
CA ILE A 106 1.42 -29.83 49.92
C ILE A 106 1.80 -30.14 51.36
N LEU A 107 1.54 -29.15 52.22
CA LEU A 107 1.77 -29.26 53.67
C LEU A 107 0.52 -29.75 54.40
N ASN A 108 0.74 -30.58 55.42
CA ASN A 108 -0.32 -30.98 56.36
C ASN A 108 -1.39 -31.93 55.82
N LEU A 109 -1.03 -32.80 54.88
CA LEU A 109 -1.98 -33.79 54.41
C LEU A 109 -2.24 -34.88 55.45
N GLY A 110 -3.52 -35.13 55.74
CA GLY A 110 -3.93 -36.12 56.73
C GLY A 110 -4.92 -35.55 57.74
N LEU A 111 -5.47 -34.36 57.42
CA LEU A 111 -6.38 -33.61 58.29
C LEU A 111 -7.81 -33.52 57.74
N ASN A 112 -8.80 -33.50 58.64
CA ASN A 112 -10.20 -33.28 58.26
C ASN A 112 -11.01 -32.74 59.44
N ASP A 113 -12.28 -32.42 59.20
CA ASP A 113 -13.13 -31.86 60.25
C ASP A 113 -12.89 -32.57 61.59
N VAL A 114 -12.89 -33.90 61.53
CA VAL A 114 -12.72 -34.76 62.71
C VAL A 114 -11.30 -34.72 63.26
N ALA A 115 -10.34 -35.21 62.45
CA ALA A 115 -8.92 -35.30 62.82
C ALA A 115 -8.36 -34.00 63.35
N VAL A 116 -8.82 -32.87 62.79
CA VAL A 116 -8.43 -31.55 63.25
C VAL A 116 -8.75 -31.35 64.72
N GLU A 117 -9.91 -31.85 65.13
CA GLU A 117 -10.38 -31.74 66.52
C GLU A 117 -9.51 -32.56 67.45
N GLY A 118 -9.26 -33.82 67.08
CA GLY A 118 -8.39 -34.70 67.84
C GLY A 118 -7.00 -34.14 68.05
N PHE A 119 -6.53 -33.41 67.05
CA PHE A 119 -5.27 -32.67 67.07
C PHE A 119 -5.26 -31.60 68.17
N ALA A 120 -6.28 -30.73 68.18
CA ALA A 120 -6.34 -29.63 69.14
C ALA A 120 -6.47 -30.15 70.58
N LYS A 121 -7.13 -31.29 70.74
CA LYS A 121 -7.19 -31.98 72.03
C LYS A 121 -5.82 -32.54 72.43
N LYS A 122 -5.15 -33.15 71.45
CA LYS A 122 -3.79 -33.65 71.59
C LYS A 122 -2.81 -32.50 71.83
N THR A 123 -2.61 -31.71 70.77
CA THR A 123 -1.72 -30.55 70.80
C THR A 123 -2.25 -29.52 71.79
N GLY A 124 -3.51 -29.65 72.17
CA GLY A 124 -4.09 -28.76 73.16
C GLY A 124 -3.98 -27.32 72.72
N ASN A 125 -3.97 -27.10 71.40
CA ASN A 125 -3.83 -25.76 70.82
C ASN A 125 -4.69 -25.61 69.55
N PRO A 126 -5.97 -25.25 69.71
CA PRO A 126 -6.95 -25.10 68.62
C PRO A 126 -6.63 -23.99 67.58
N ARG A 127 -6.03 -22.86 67.98
CA ARG A 127 -5.70 -21.84 67.00
C ARG A 127 -4.70 -22.42 66.02
N PHE A 128 -3.76 -23.21 66.53
CA PHE A 128 -2.80 -23.87 65.67
C PHE A 128 -3.46 -25.06 64.98
N ALA A 129 -4.09 -25.93 65.77
CA ALA A 129 -4.74 -27.10 65.20
C ALA A 129 -5.50 -26.69 63.96
N TYR A 130 -6.29 -25.62 64.07
CA TYR A 130 -7.20 -25.22 62.99
C TYR A 130 -6.54 -24.45 61.83
N ASP A 131 -5.52 -23.66 62.15
CA ASP A 131 -4.72 -22.98 61.14
C ASP A 131 -4.16 -23.97 60.13
N SER A 132 -3.60 -25.07 60.63
CA SER A 132 -2.97 -26.05 59.78
C SER A 132 -3.96 -26.90 58.99
N TYR A 133 -5.25 -26.81 59.32
CA TYR A 133 -6.30 -27.51 58.57
C TYR A 133 -6.88 -26.65 57.45
N ARG A 134 -6.82 -25.34 57.63
CA ARG A 134 -7.11 -24.39 56.57
C ARG A 134 -5.91 -24.29 55.62
N ARG A 135 -4.71 -24.50 56.16
CA ARG A 135 -3.52 -24.56 55.34
C ARG A 135 -3.60 -25.74 54.39
N PHE A 136 -3.75 -26.94 54.94
CA PHE A 136 -3.86 -28.14 54.12
C PHE A 136 -5.06 -28.04 53.16
N ILE A 137 -6.14 -27.46 53.65
CA ILE A 137 -7.36 -27.30 52.87
C ILE A 137 -7.08 -26.40 51.65
N GLN A 138 -6.44 -25.27 51.94
CA GLN A 138 -5.86 -24.38 50.96
C GLN A 138 -4.96 -25.13 49.98
N MET A 139 -3.75 -25.44 50.42
CA MET A 139 -2.70 -26.01 49.57
C MET A 139 -3.11 -27.27 48.82
N TYR A 140 -4.18 -27.92 49.29
CA TYR A 140 -4.72 -29.07 48.57
C TYR A 140 -5.65 -28.62 47.44
N SER A 141 -6.63 -27.79 47.80
CA SER A 141 -7.66 -27.37 46.87
C SER A 141 -7.02 -26.78 45.62
N ASP A 142 -5.96 -26.01 45.83
CA ASP A 142 -5.21 -25.36 44.76
C ASP A 142 -4.46 -26.35 43.86
N VAL A 143 -3.60 -27.16 44.47
CA VAL A 143 -2.70 -28.03 43.72
C VAL A 143 -3.41 -29.16 42.96
N VAL A 144 -4.25 -29.95 43.65
CA VAL A 144 -4.91 -31.12 43.04
C VAL A 144 -6.07 -30.70 42.15
N MET A 145 -6.95 -29.88 42.70
CA MET A 145 -7.96 -29.25 41.87
C MET A 145 -7.35 -28.02 41.22
N GLU A 146 -8.18 -27.13 40.70
CA GLU A 146 -7.70 -25.80 40.33
C GLU A 146 -8.59 -24.70 40.88
N VAL A 147 -8.28 -24.29 42.11
CA VAL A 147 -8.91 -23.15 42.75
C VAL A 147 -7.77 -22.17 43.01
N PRO A 148 -7.99 -20.88 42.74
CA PRO A 148 -6.86 -19.93 42.76
C PRO A 148 -6.70 -19.25 44.10
N LYS A 149 -5.51 -18.76 44.40
CA LYS A 149 -5.24 -18.01 45.63
C LYS A 149 -5.95 -16.66 45.62
N SER A 150 -6.30 -16.19 44.42
CA SER A 150 -7.13 -15.00 44.29
C SER A 150 -8.35 -15.11 45.19
N HIS A 151 -8.98 -16.29 45.17
CA HIS A 151 -10.13 -16.60 46.02
C HIS A 151 -9.74 -16.65 47.48
N PHE A 152 -9.22 -17.80 47.90
CA PHE A 152 -8.86 -18.04 49.30
C PHE A 152 -8.27 -16.80 49.98
N GLU A 153 -7.25 -16.20 49.34
CA GLU A 153 -6.56 -15.00 49.83
C GLU A 153 -7.45 -13.75 49.95
N LYS A 154 -8.71 -13.87 49.55
CA LYS A 154 -9.62 -12.74 49.74
C LYS A 154 -10.56 -12.95 50.93
N ILE A 155 -11.11 -14.16 51.04
CA ILE A 155 -11.99 -14.47 52.15
C ILE A 155 -11.21 -14.39 53.45
N ILE A 156 -9.91 -14.68 53.35
CA ILE A 156 -8.95 -14.49 54.42
C ILE A 156 -8.86 -12.99 54.74
N ASP A 157 -8.81 -12.14 53.70
CA ASP A 157 -8.74 -10.69 53.89
C ASP A 157 -10.09 -10.09 54.25
N ALA A 158 -11.16 -10.66 53.71
CA ALA A 158 -12.51 -10.29 54.10
C ALA A 158 -12.76 -10.67 55.57
N MET A 159 -11.80 -11.37 56.17
CA MET A 159 -11.89 -11.75 57.57
C MET A 159 -10.98 -10.89 58.43
N LYS A 160 -9.79 -10.59 57.91
CA LYS A 160 -8.84 -9.72 58.60
C LYS A 160 -9.30 -8.26 58.51
N GLU A 161 -10.47 -8.08 57.90
CA GLU A 161 -11.12 -6.78 57.89
C GLU A 161 -12.40 -6.79 58.75
N GLU A 162 -13.24 -7.81 58.55
CA GLU A 162 -14.44 -7.96 59.38
C GLU A 162 -14.07 -8.23 60.83
N LYS A 163 -12.99 -8.98 61.04
CA LYS A 163 -12.54 -9.28 62.39
C LYS A 163 -11.57 -8.21 62.85
N GLY A 164 -11.24 -7.31 61.92
CA GLY A 164 -10.44 -6.13 62.20
C GLY A 164 -9.06 -6.38 62.76
N VAL A 165 -8.40 -7.40 62.21
CA VAL A 165 -7.00 -7.68 62.57
C VAL A 165 -6.09 -7.31 61.40
N HIS A 166 -4.82 -7.01 61.68
CA HIS A 166 -3.87 -6.76 60.59
C HIS A 166 -2.98 -7.97 60.26
N PHE A 167 -2.83 -8.91 61.20
CA PHE A 167 -2.06 -10.13 60.91
C PHE A 167 -2.84 -11.44 60.81
N ASP A 168 -2.24 -12.40 60.12
CA ASP A 168 -2.75 -13.76 60.09
C ASP A 168 -2.66 -14.39 61.48
N THR A 169 -1.64 -14.01 62.22
CA THR A 169 -1.46 -14.50 63.58
C THR A 169 -2.68 -14.13 64.44
N ASP A 170 -3.08 -12.86 64.33
CA ASP A 170 -4.18 -12.28 65.13
C ASP A 170 -5.50 -13.02 65.10
N LEU A 171 -5.58 -14.08 64.32
CA LEU A 171 -6.87 -14.70 64.04
C LEU A 171 -7.19 -15.86 64.98
N THR A 172 -8.23 -15.67 65.79
CA THR A 172 -8.66 -16.66 66.79
C THR A 172 -9.05 -17.98 66.12
N ALA A 173 -8.92 -19.08 66.87
CA ALA A 173 -9.14 -20.41 66.33
C ALA A 173 -10.49 -20.52 65.64
N ASP A 174 -11.41 -19.62 66.00
CA ASP A 174 -12.76 -19.63 65.44
C ASP A 174 -12.87 -18.91 64.11
N ASP A 175 -12.09 -17.85 63.94
CA ASP A 175 -11.94 -17.26 62.61
C ASP A 175 -11.42 -18.36 61.69
N LEU A 176 -10.54 -19.19 62.25
CA LEU A 176 -9.99 -20.36 61.56
C LEU A 176 -11.03 -21.45 61.40
N LYS A 177 -11.79 -21.73 62.47
CA LYS A 177 -12.97 -22.57 62.35
C LYS A 177 -13.81 -21.94 61.26
N GLU A 178 -13.78 -20.61 61.19
CA GLU A 178 -14.49 -19.87 60.15
C GLU A 178 -13.76 -19.99 58.81
N LEU A 179 -12.52 -19.51 58.78
CA LEU A 179 -11.74 -19.52 57.55
C LEU A 179 -11.68 -20.92 56.93
N ALA A 180 -11.71 -21.94 57.77
CA ALA A 180 -11.61 -23.33 57.32
C ALA A 180 -12.74 -23.71 56.35
N GLU A 181 -13.98 -23.66 56.85
CA GLU A 181 -15.16 -24.08 56.09
C GLU A 181 -15.39 -23.32 54.78
N LYS A 182 -15.41 -21.99 54.86
CA LYS A 182 -15.56 -21.17 53.65
C LYS A 182 -14.63 -21.70 52.57
N PHE A 183 -13.44 -22.12 52.97
CA PHE A 183 -12.49 -22.74 52.04
C PHE A 183 -13.10 -23.97 51.37
N LYS A 184 -13.67 -24.86 52.17
CA LYS A 184 -14.36 -26.04 51.65
C LYS A 184 -15.54 -25.60 50.78
N ALA A 185 -16.18 -24.50 51.17
CA ALA A 185 -17.25 -23.89 50.40
C ALA A 185 -16.70 -23.46 49.04
N VAL A 186 -15.50 -22.88 49.06
CA VAL A 186 -14.78 -22.50 47.84
C VAL A 186 -14.45 -23.72 46.97
N TYR A 187 -13.88 -24.76 47.60
CA TYR A 187 -13.52 -26.01 46.92
C TYR A 187 -14.72 -26.68 46.23
N LYS A 188 -15.75 -27.01 47.01
CA LYS A 188 -16.93 -27.68 46.48
C LYS A 188 -17.59 -26.91 45.32
N GLU A 189 -17.70 -25.59 45.48
CA GLU A 189 -18.29 -24.72 44.47
C GLU A 189 -17.84 -25.06 43.06
N ALA A 190 -16.54 -25.29 42.91
CA ALA A 190 -15.95 -25.57 41.60
C ALA A 190 -15.84 -27.06 41.32
N MET A 191 -16.24 -27.89 42.29
CA MET A 191 -16.14 -29.33 42.11
C MET A 191 -17.45 -30.07 41.82
N ASN A 192 -18.44 -29.33 41.32
CA ASN A 192 -19.70 -29.90 40.83
C ASN A 192 -20.60 -30.46 41.97
N GLY A 193 -20.47 -29.87 43.15
CA GLY A 193 -21.22 -30.34 44.30
C GLY A 193 -20.44 -31.43 45.01
N GLU A 194 -19.15 -31.48 44.72
CA GLU A 194 -18.23 -32.40 45.38
C GLU A 194 -17.39 -31.64 46.42
N GLU A 195 -17.32 -32.18 47.64
CA GLU A 195 -16.62 -31.49 48.71
C GLU A 195 -15.16 -31.94 48.90
N PHE A 196 -14.51 -31.38 49.91
CA PHE A 196 -13.13 -31.76 50.26
C PHE A 196 -13.06 -33.22 50.74
N PRO A 197 -11.99 -33.94 50.39
CA PRO A 197 -11.76 -35.32 50.84
C PRO A 197 -11.25 -35.44 52.28
N GLN A 198 -11.96 -36.19 53.12
CA GLN A 198 -11.57 -36.43 54.51
C GLN A 198 -10.97 -37.82 54.65
N GLU A 199 -10.33 -38.29 53.60
CA GLU A 199 -9.83 -39.65 53.56
C GLU A 199 -8.32 -39.64 53.66
N PRO A 200 -7.79 -39.92 54.84
CA PRO A 200 -6.33 -39.85 55.01
C PRO A 200 -5.64 -40.75 53.98
N LYS A 201 -6.43 -41.64 53.40
CA LYS A 201 -5.95 -42.44 52.29
C LYS A 201 -6.19 -41.73 50.96
N ASP A 202 -7.46 -41.55 50.60
CA ASP A 202 -7.84 -40.96 49.30
C ASP A 202 -7.14 -39.61 49.07
N GLN A 203 -6.95 -38.87 50.16
CA GLN A 203 -6.24 -37.61 50.13
C GLN A 203 -4.82 -37.83 49.64
N LEU A 204 -4.25 -38.97 50.02
CA LEU A 204 -2.87 -39.27 49.67
C LEU A 204 -2.76 -39.55 48.18
N MET A 205 -3.50 -40.53 47.69
CA MET A 205 -3.39 -40.87 46.29
C MET A 205 -3.71 -39.68 45.38
N GLY A 206 -4.85 -39.04 45.62
CA GLY A 206 -5.20 -37.81 44.92
C GLY A 206 -4.11 -36.75 45.00
N ALA A 207 -3.38 -36.70 46.11
CA ALA A 207 -2.30 -35.73 46.27
C ALA A 207 -1.08 -36.10 45.41
N VAL A 208 -0.70 -37.38 45.45
CA VAL A 208 0.44 -37.86 44.66
C VAL A 208 0.21 -37.59 43.17
N LYS A 209 -0.78 -38.28 42.60
CA LYS A 209 -1.24 -38.01 41.24
C LYS A 209 -0.94 -36.58 40.86
N ALA A 210 -1.39 -35.64 41.70
CA ALA A 210 -1.20 -34.21 41.47
C ALA A 210 0.28 -33.82 41.43
N VAL A 211 1.01 -34.16 42.50
CA VAL A 211 2.45 -33.88 42.58
C VAL A 211 3.26 -34.43 41.41
N PHE A 212 2.76 -35.51 40.79
CA PHE A 212 3.41 -36.04 39.60
C PHE A 212 3.05 -35.18 38.39
N ARG A 213 1.78 -34.78 38.33
CA ARG A 213 1.31 -33.83 37.33
C ARG A 213 2.08 -32.49 37.34
N SER A 214 2.62 -32.10 38.51
CA SER A 214 3.30 -30.79 38.69
C SER A 214 4.40 -30.53 37.67
N TRP A 215 5.18 -31.58 37.40
CA TRP A 215 6.35 -31.52 36.52
C TRP A 215 6.03 -30.75 35.24
N ASP A 216 4.80 -30.89 34.77
CA ASP A 216 4.32 -30.15 33.61
C ASP A 216 3.61 -28.85 33.98
N ASN A 217 4.01 -28.26 35.12
CA ASN A 217 3.46 -26.97 35.54
C ASN A 217 3.88 -25.83 34.61
N PRO A 218 2.94 -24.90 34.37
CA PRO A 218 3.18 -24.01 33.23
C PRO A 218 4.43 -23.20 33.49
N ARG A 219 4.58 -22.72 34.72
CA ARG A 219 5.80 -22.01 35.06
C ARG A 219 6.94 -22.98 34.80
N ALA A 220 6.81 -24.21 35.32
CA ALA A 220 7.87 -25.23 35.17
C ALA A 220 8.37 -25.27 33.73
N ILE A 221 7.52 -25.74 32.82
CA ILE A 221 7.80 -25.75 31.38
C ILE A 221 8.64 -24.57 30.91
N VAL A 222 8.18 -23.36 31.22
CA VAL A 222 8.94 -22.16 30.88
C VAL A 222 10.36 -22.24 31.47
N TYR A 223 10.45 -22.71 32.71
CA TYR A 223 11.72 -22.77 33.41
C TYR A 223 12.59 -23.85 32.82
N ARG A 224 11.95 -24.84 32.22
CA ARG A 224 12.75 -25.93 31.68
C ARG A 224 13.25 -25.53 30.31
N ARG A 225 12.66 -24.48 29.75
CA ARG A 225 13.06 -24.00 28.43
C ARG A 225 14.25 -23.07 28.56
N MET A 226 14.35 -22.44 29.73
CA MET A 226 15.45 -21.53 30.06
C MET A 226 16.75 -22.25 30.43
N ASN A 227 16.65 -23.24 31.29
CA ASN A 227 17.86 -23.90 31.82
C ASN A 227 18.09 -25.27 31.18
N ASP A 228 17.56 -25.43 29.97
CA ASP A 228 17.80 -26.60 29.12
C ASP A 228 17.48 -27.97 29.76
N ILE A 229 16.63 -27.99 30.78
CA ILE A 229 16.24 -29.27 31.40
C ILE A 229 15.39 -30.12 30.43
N PRO A 230 15.71 -31.43 30.34
CA PRO A 230 14.97 -32.34 29.44
C PRO A 230 13.56 -32.62 29.93
N GLY A 231 12.59 -32.59 29.01
CA GLY A 231 11.18 -32.66 29.37
C GLY A 231 10.62 -34.01 29.75
N ASP A 232 11.49 -35.02 29.89
CA ASP A 232 11.06 -36.41 30.11
C ASP A 232 11.49 -36.96 31.47
N TRP A 233 12.23 -36.14 32.22
CA TRP A 233 12.79 -36.56 33.51
C TRP A 233 11.71 -36.74 34.56
N GLY A 234 10.82 -35.76 34.64
CA GLY A 234 9.69 -35.82 35.55
C GLY A 234 10.11 -35.51 36.97
N THR A 235 9.36 -36.07 37.91
CA THR A 235 9.55 -35.70 39.29
C THR A 235 9.35 -36.91 40.22
N ALA A 236 10.17 -36.96 41.26
CA ALA A 236 9.99 -37.91 42.33
C ALA A 236 9.10 -37.20 43.33
N VAL A 237 8.48 -37.96 44.21
CA VAL A 237 7.54 -37.39 45.17
C VAL A 237 7.83 -37.82 46.60
N ASN A 238 7.73 -36.86 47.52
CA ASN A 238 8.11 -37.11 48.89
C ASN A 238 6.97 -36.87 49.87
N VAL A 239 6.71 -37.88 50.70
CA VAL A 239 5.77 -37.73 51.78
C VAL A 239 6.54 -37.80 53.10
N GLN A 240 6.65 -36.66 53.76
CA GLN A 240 7.50 -36.51 54.92
C GLN A 240 6.68 -36.14 56.15
N THR A 241 7.17 -36.54 57.32
CA THR A 241 6.49 -36.18 58.54
C THR A 241 6.57 -34.65 58.70
N MET A 242 5.46 -34.05 59.14
CA MET A 242 5.40 -32.60 59.30
C MET A 242 5.86 -32.12 60.68
N VAL A 243 6.77 -31.14 60.70
CA VAL A 243 7.06 -30.40 61.94
C VAL A 243 6.44 -29.00 61.78
N PHE A 244 6.33 -28.25 62.89
CA PHE A 244 5.38 -27.13 62.88
C PHE A 244 5.93 -25.74 63.27
N GLY A 245 6.16 -24.91 62.26
CA GLY A 245 6.60 -23.54 62.47
C GLY A 245 5.48 -22.63 62.97
N ASN A 246 4.24 -23.09 62.81
CA ASN A 246 3.06 -22.32 63.19
C ASN A 246 2.46 -22.73 64.54
N LYS A 247 3.27 -23.29 65.42
CA LYS A 247 2.77 -23.64 66.75
C LYS A 247 2.68 -22.41 67.66
N GLY A 248 3.82 -21.77 67.92
CA GLY A 248 3.85 -20.65 68.84
C GLY A 248 4.99 -19.65 68.74
N GLU A 249 5.23 -18.96 69.86
CA GLU A 249 6.25 -17.91 69.93
C GLU A 249 7.64 -18.49 70.02
N THR A 250 7.72 -19.81 70.17
CA THR A 250 9.00 -20.52 70.12
C THR A 250 9.17 -21.34 68.83
N SER A 251 8.16 -21.29 67.95
CA SER A 251 8.21 -21.98 66.67
C SER A 251 8.27 -20.98 65.53
N GLY A 252 8.48 -21.48 64.33
CA GLY A 252 8.70 -20.62 63.17
C GLY A 252 9.54 -21.31 62.12
N THR A 253 9.65 -20.69 60.95
CA THR A 253 10.22 -21.34 59.76
C THR A 253 11.16 -20.35 59.08
N GLY A 254 11.86 -20.79 58.05
CA GLY A 254 12.74 -19.89 57.30
C GLY A 254 13.66 -20.58 56.30
N VAL A 255 14.48 -19.76 55.64
CA VAL A 255 15.51 -20.20 54.68
C VAL A 255 16.69 -19.21 54.61
N ALA A 256 17.92 -19.73 54.50
CA ALA A 256 19.15 -18.90 54.53
C ALA A 256 20.31 -19.43 53.66
N PHE A 257 20.79 -18.62 52.73
CA PHE A 257 21.94 -19.00 51.92
C PHE A 257 23.25 -19.00 52.73
N THR A 258 24.17 -19.91 52.39
CA THR A 258 25.49 -19.93 53.02
C THR A 258 26.45 -18.92 52.38
N ARG A 259 25.90 -18.01 51.58
CA ARG A 259 26.62 -16.82 51.09
C ARG A 259 25.66 -15.90 50.39
N ASN A 260 26.00 -14.62 50.32
CA ASN A 260 25.15 -13.71 49.58
C ASN A 260 25.01 -14.23 48.14
N PRO A 261 23.78 -14.64 47.75
CA PRO A 261 23.60 -15.29 46.45
C PRO A 261 23.62 -14.33 45.26
N SER A 262 23.60 -13.02 45.53
CA SER A 262 23.59 -12.03 44.47
C SER A 262 25.00 -11.47 44.29
N THR A 263 25.56 -10.99 45.40
CA THR A 263 26.85 -10.35 45.38
C THR A 263 27.96 -11.31 45.81
N GLY A 264 27.62 -12.59 45.97
CA GLY A 264 28.59 -13.61 46.30
C GLY A 264 29.32 -13.40 47.63
N GLU A 265 28.98 -12.34 48.35
CA GLU A 265 29.58 -12.07 49.65
C GLU A 265 29.53 -13.33 50.53
N LYS A 266 30.57 -13.51 51.34
CA LYS A 266 30.75 -14.71 52.17
C LYS A 266 30.06 -14.56 53.52
N GLY A 267 29.46 -15.65 53.99
CA GLY A 267 28.80 -15.70 55.29
C GLY A 267 27.33 -16.00 55.15
N ILE A 268 26.60 -16.05 56.26
CA ILE A 268 25.19 -16.41 56.18
C ILE A 268 24.36 -15.24 55.64
N TYR A 269 23.27 -15.60 54.97
CA TYR A 269 22.37 -14.68 54.30
C TYR A 269 21.05 -15.42 54.16
N GLY A 270 19.97 -14.83 54.63
CA GLY A 270 18.67 -15.49 54.61
C GLY A 270 17.79 -14.90 55.67
N GLU A 271 16.48 -15.16 55.55
CA GLU A 271 15.48 -14.57 56.45
C GLU A 271 14.74 -15.63 57.32
N TYR A 272 13.78 -15.16 58.13
CA TYR A 272 13.07 -15.98 59.12
C TYR A 272 11.74 -15.37 59.56
N LEU A 273 10.79 -16.25 59.95
CA LEU A 273 9.42 -15.85 60.31
C LEU A 273 8.80 -16.77 61.38
N ILE A 274 8.60 -16.27 62.60
CA ILE A 274 7.97 -17.05 63.68
C ILE A 274 6.49 -17.28 63.46
N ASN A 275 6.04 -18.50 63.75
CA ASN A 275 4.60 -18.86 63.75
C ASN A 275 3.97 -19.15 62.38
N ALA A 276 4.78 -19.63 61.45
CA ALA A 276 4.29 -19.95 60.12
C ALA A 276 5.04 -21.18 59.63
N GLN A 277 4.40 -21.88 58.68
CA GLN A 277 5.07 -22.97 57.96
C GLN A 277 5.80 -22.37 56.75
N GLY A 278 6.92 -22.98 56.36
CA GLY A 278 7.75 -22.49 55.26
C GLY A 278 7.05 -21.71 54.15
N GLU A 279 6.08 -22.35 53.47
CA GLU A 279 5.39 -21.78 52.30
C GLU A 279 5.13 -20.27 52.37
N ASP A 280 4.93 -19.76 53.58
CA ASP A 280 4.77 -18.32 53.78
C ASP A 280 5.93 -17.53 53.15
N VAL A 281 7.14 -17.82 53.58
CA VAL A 281 8.31 -17.14 53.02
C VAL A 281 8.54 -17.56 51.57
N VAL A 282 8.46 -18.87 51.35
CA VAL A 282 8.82 -19.51 50.10
C VAL A 282 7.99 -19.03 48.90
N ALA A 283 6.67 -18.93 49.11
CA ALA A 283 5.76 -18.58 48.03
C ALA A 283 5.66 -17.08 47.84
N GLY A 284 6.51 -16.34 48.55
CA GLY A 284 6.55 -14.88 48.43
C GLY A 284 5.19 -14.27 48.73
N VAL A 285 4.52 -14.89 49.69
CA VAL A 285 3.17 -14.50 50.08
C VAL A 285 3.19 -13.63 51.35
N ARG A 286 4.21 -13.80 52.19
CA ARG A 286 4.45 -12.83 53.25
C ARG A 286 5.88 -12.31 53.14
N THR A 287 6.16 -11.22 53.84
CA THR A 287 7.52 -10.69 53.95
C THR A 287 8.16 -11.17 55.27
N PRO A 288 9.30 -11.86 55.18
CA PRO A 288 9.98 -12.37 56.38
C PRO A 288 10.88 -11.31 56.98
N GLN A 289 11.45 -11.57 58.15
CA GLN A 289 12.43 -10.65 58.73
C GLN A 289 13.80 -11.30 58.52
N PRO A 290 14.88 -10.52 58.66
CA PRO A 290 16.22 -11.12 58.61
C PRO A 290 16.40 -12.27 59.63
N ILE A 291 17.32 -13.19 59.33
CA ILE A 291 17.59 -14.31 60.23
C ILE A 291 18.25 -13.79 61.51
N THR A 292 18.75 -12.55 61.43
CA THR A 292 19.20 -11.82 62.62
C THR A 292 18.14 -11.93 63.71
N GLN A 293 16.90 -12.01 63.28
CA GLN A 293 15.80 -12.20 64.22
C GLN A 293 15.93 -13.48 65.03
N LEU A 294 16.07 -14.59 64.32
CA LEU A 294 16.18 -15.89 64.97
C LEU A 294 17.37 -15.93 65.91
N GLU A 295 18.28 -14.96 65.71
CA GLU A 295 19.49 -14.82 66.51
C GLU A 295 19.22 -14.22 67.88
N ASN A 296 18.34 -13.23 67.96
CA ASN A 296 17.95 -12.77 69.28
C ASN A 296 16.91 -13.68 69.92
N ASP A 297 15.83 -13.99 69.21
CA ASP A 297 14.78 -14.82 69.80
C ASP A 297 15.24 -16.11 70.51
N MET A 298 15.98 -16.91 69.74
CA MET A 298 16.33 -18.25 70.14
C MET A 298 17.66 -18.56 69.51
N PRO A 299 18.74 -18.10 70.15
CA PRO A 299 20.14 -18.16 69.70
C PRO A 299 20.81 -19.54 69.81
N ASP A 300 20.11 -20.53 70.40
CA ASP A 300 20.55 -21.91 70.40
C ASP A 300 20.19 -22.46 69.04
N CYS A 301 18.99 -22.11 68.60
CA CYS A 301 18.46 -22.52 67.31
C CYS A 301 19.22 -21.81 66.20
N TYR A 302 19.52 -20.54 66.43
CA TYR A 302 20.45 -19.85 65.56
C TYR A 302 21.74 -20.68 65.50
N LYS A 303 22.50 -20.65 66.60
CA LYS A 303 23.76 -21.41 66.68
C LYS A 303 23.67 -22.89 66.23
N GLN A 304 22.55 -23.57 66.53
CA GLN A 304 22.34 -24.90 65.96
C GLN A 304 22.40 -24.78 64.43
N PHE A 305 21.51 -23.97 63.88
CA PHE A 305 21.43 -23.74 62.44
C PHE A 305 22.75 -23.40 61.74
N MET A 306 23.41 -22.37 62.24
CA MET A 306 24.68 -21.90 61.67
C MET A 306 25.65 -23.06 61.42
N ASP A 307 26.01 -23.74 62.50
CA ASP A 307 26.95 -24.85 62.42
C ASP A 307 26.67 -25.74 61.20
N LEU A 308 25.45 -26.27 61.15
CA LEU A 308 25.00 -27.19 60.10
C LEU A 308 25.03 -26.62 58.68
N ALA A 309 24.88 -25.29 58.58
CA ALA A 309 25.04 -24.58 57.30
C ALA A 309 26.49 -24.64 56.81
N MET A 310 27.42 -24.49 57.75
CA MET A 310 28.84 -24.55 57.48
C MET A 310 29.31 -25.99 57.16
N LYS A 311 28.75 -26.94 57.89
CA LYS A 311 28.94 -28.37 57.63
C LYS A 311 28.31 -28.73 56.28
N LEU A 312 27.31 -27.95 55.88
CA LEU A 312 26.55 -28.23 54.68
C LEU A 312 27.27 -27.78 53.41
N GLU A 313 27.83 -26.57 53.46
CA GLU A 313 28.65 -26.07 52.39
C GLU A 313 29.82 -27.02 52.21
N LYS A 314 30.49 -27.33 53.32
CA LYS A 314 31.66 -28.22 53.32
C LYS A 314 31.39 -29.55 52.61
N HIS A 315 30.24 -30.14 52.93
CA HIS A 315 29.90 -31.46 52.40
C HIS A 315 29.62 -31.46 50.88
N PHE A 316 29.14 -30.32 50.39
CA PHE A 316 28.80 -30.22 48.98
C PHE A 316 29.79 -29.34 48.22
N ARG A 317 30.75 -28.76 48.94
CA ARG A 317 31.77 -27.91 48.33
C ARG A 317 31.11 -26.84 47.45
N ASP A 318 30.00 -26.30 47.95
CA ASP A 318 29.24 -25.33 47.18
C ASP A 318 28.31 -24.54 48.07
N MET A 319 28.23 -23.24 47.82
CA MET A 319 27.30 -22.36 48.50
C MET A 319 25.86 -22.94 48.53
N GLN A 320 25.52 -23.53 49.67
CA GLN A 320 24.23 -24.22 49.86
C GLN A 320 23.04 -23.25 50.02
N ASP A 321 21.86 -23.73 49.59
CA ASP A 321 20.58 -23.03 49.79
C ASP A 321 19.64 -23.86 50.65
N MET A 322 19.57 -23.49 51.93
CA MET A 322 19.00 -24.32 53.00
C MET A 322 17.68 -23.81 53.55
N GLU A 323 16.81 -24.77 53.88
CA GLU A 323 15.49 -24.52 54.48
C GLU A 323 15.34 -25.15 55.88
N PHE A 324 14.81 -24.39 56.83
CA PHE A 324 14.66 -24.84 58.21
C PHE A 324 13.31 -24.43 58.81
N THR A 325 12.88 -25.18 59.82
CA THR A 325 11.63 -24.94 60.50
C THR A 325 11.78 -25.30 61.96
N ILE A 326 11.68 -24.28 62.81
CA ILE A 326 11.68 -24.48 64.25
C ILE A 326 10.29 -24.87 64.72
N GLU A 327 10.19 -26.08 65.26
CA GLU A 327 8.99 -26.43 66.00
C GLU A 327 9.31 -26.35 67.50
N GLU A 328 8.88 -25.25 68.12
CA GLU A 328 9.07 -25.00 69.55
C GLU A 328 10.51 -25.23 70.08
N GLY A 329 11.44 -24.33 69.79
CA GLY A 329 12.80 -24.45 70.32
C GLY A 329 13.68 -25.51 69.67
N LYS A 330 13.05 -26.52 69.08
CA LYS A 330 13.77 -27.49 68.26
C LYS A 330 13.96 -26.97 66.83
N LEU A 331 15.08 -27.29 66.21
CA LEU A 331 15.28 -27.03 64.78
C LEU A 331 15.14 -28.29 63.91
N TYR A 332 14.68 -28.10 62.68
CA TYR A 332 14.48 -29.19 61.74
C TYR A 332 14.86 -28.84 60.32
N PHE A 333 15.97 -29.39 59.85
CA PHE A 333 16.36 -29.18 58.45
C PHE A 333 15.37 -29.91 57.52
N LEU A 334 14.88 -29.17 56.52
CA LEU A 334 13.92 -29.68 55.52
C LEU A 334 14.59 -29.79 54.16
N GLN A 335 15.53 -28.90 53.87
CA GLN A 335 16.00 -28.77 52.49
C GLN A 335 17.40 -28.20 52.31
N THR A 336 17.96 -28.48 51.15
CA THR A 336 19.27 -28.01 50.80
C THR A 336 19.58 -28.22 49.31
N ARG A 337 20.36 -27.29 48.76
CA ARG A 337 20.73 -27.28 47.34
C ARG A 337 21.83 -26.23 47.05
N ASN A 338 22.55 -26.41 45.93
CA ASN A 338 23.54 -25.41 45.53
C ASN A 338 22.80 -24.15 45.20
N GLY A 339 23.24 -23.03 45.77
CA GLY A 339 22.41 -21.85 45.80
C GLY A 339 22.39 -21.06 44.52
N LYS A 340 21.29 -21.14 43.79
CA LYS A 340 21.16 -20.30 42.60
C LYS A 340 21.62 -18.89 43.00
N ARG A 341 22.54 -18.37 42.19
CA ARG A 341 23.16 -17.07 42.45
C ARG A 341 23.08 -16.23 41.17
N THR A 342 23.66 -15.03 41.20
CA THR A 342 23.79 -14.22 39.99
C THR A 342 25.11 -14.57 39.31
N ALA A 343 25.37 -14.00 38.12
CA ALA A 343 26.67 -14.19 37.48
C ALA A 343 27.80 -13.60 38.35
N PRO A 344 27.61 -12.36 38.87
CA PRO A 344 28.51 -11.83 39.90
C PRO A 344 28.85 -12.88 40.96
N ALA A 345 27.90 -13.20 41.83
CA ALA A 345 28.13 -14.14 42.92
C ALA A 345 28.77 -15.46 42.44
N ALA A 346 28.21 -16.04 41.38
CA ALA A 346 28.67 -17.33 40.86
C ALA A 346 30.17 -17.35 40.47
N LEU A 347 30.71 -16.19 40.11
CA LEU A 347 32.15 -16.02 39.90
C LEU A 347 32.89 -15.89 41.24
N GLN A 348 32.39 -15.00 42.10
CA GLN A 348 32.89 -14.79 43.44
C GLN A 348 33.18 -16.13 44.15
N ILE A 349 32.11 -16.84 44.47
CA ILE A 349 32.20 -18.03 45.31
C ILE A 349 33.27 -18.97 44.83
N ALA A 350 33.23 -19.28 43.53
CA ALA A 350 34.17 -20.20 42.91
C ALA A 350 35.61 -19.80 43.19
N CYS A 351 35.93 -18.54 42.93
CA CYS A 351 37.26 -18.01 43.22
C CYS A 351 37.60 -18.18 44.71
N ASP A 352 36.63 -17.86 45.56
CA ASP A 352 36.75 -18.02 47.01
C ASP A 352 36.93 -19.50 47.34
N LEU A 353 36.01 -20.32 46.86
CA LEU A 353 36.09 -21.75 47.10
C LEU A 353 37.42 -22.31 46.61
N VAL A 354 37.89 -21.78 45.48
CA VAL A 354 39.17 -22.19 44.90
C VAL A 354 40.35 -21.68 45.72
N ASP A 355 40.26 -20.44 46.21
CA ASP A 355 41.21 -19.97 47.22
C ASP A 355 41.18 -20.93 48.42
N GLU A 356 40.30 -20.64 49.38
CA GLU A 356 40.05 -21.44 50.57
C GLU A 356 40.68 -22.82 50.56
N GLY A 357 40.50 -23.55 49.46
CA GLY A 357 41.25 -24.77 49.20
C GLY A 357 40.35 -25.98 49.08
N MET A 358 39.19 -25.76 48.47
CA MET A 358 38.10 -26.72 48.55
C MET A 358 37.55 -27.20 47.21
N ILE A 359 37.74 -26.39 46.17
CA ILE A 359 37.45 -26.84 44.81
C ILE A 359 38.62 -26.56 43.88
N THR A 360 38.77 -27.42 42.88
CA THR A 360 39.86 -27.31 41.91
C THR A 360 39.59 -26.16 40.96
N GLU A 361 40.67 -25.61 40.42
CA GLU A 361 40.61 -24.61 39.37
C GLU A 361 39.72 -25.06 38.23
N GLU A 362 39.94 -26.29 37.77
CA GLU A 362 39.03 -26.93 36.83
C GLU A 362 37.60 -26.75 37.33
N GLU A 363 37.27 -27.42 38.43
CA GLU A 363 35.91 -27.40 38.98
C GLU A 363 35.28 -26.01 38.91
N ALA A 364 35.94 -25.04 39.54
CA ALA A 364 35.50 -23.64 39.53
C ALA A 364 34.77 -23.29 38.25
N VAL A 365 35.36 -23.69 37.12
CA VAL A 365 34.85 -23.44 35.78
C VAL A 365 33.57 -24.21 35.46
N VAL A 366 33.65 -25.53 35.52
CA VAL A 366 32.58 -26.39 35.00
C VAL A 366 31.20 -26.03 35.58
N ARG A 367 31.19 -25.53 36.81
CA ARG A 367 29.94 -25.29 37.55
C ARG A 367 29.52 -23.81 37.65
N ILE A 368 30.03 -22.97 36.74
CA ILE A 368 29.48 -21.61 36.56
C ILE A 368 28.55 -21.59 35.35
N GLU A 369 27.28 -21.26 35.56
CA GLU A 369 26.30 -21.30 34.49
C GLU A 369 26.74 -20.32 33.43
N ALA A 370 27.51 -20.81 32.47
CA ALA A 370 28.15 -19.97 31.46
C ALA A 370 27.21 -18.91 30.89
N LYS A 371 26.00 -19.31 30.52
CA LYS A 371 25.03 -18.42 29.91
C LYS A 371 24.73 -17.18 30.77
N SER A 372 24.99 -17.28 32.08
CA SER A 372 24.65 -16.22 33.02
C SER A 372 25.50 -14.97 32.88
N LEU A 373 26.69 -15.14 32.32
CA LEU A 373 27.64 -14.04 32.18
C LEU A 373 27.04 -12.92 31.33
N ASP A 374 25.77 -13.05 31.00
CA ASP A 374 25.07 -12.06 30.18
C ASP A 374 24.68 -10.87 31.06
N GLN A 375 24.22 -11.18 32.28
CA GLN A 375 24.03 -10.18 33.31
C GLN A 375 25.28 -9.31 33.46
N LEU A 376 26.45 -9.96 33.48
CA LEU A 376 27.75 -9.28 33.60
C LEU A 376 27.88 -7.96 32.83
N LEU A 377 27.43 -7.94 31.59
CA LEU A 377 27.59 -6.75 30.75
C LEU A 377 26.38 -5.81 30.78
N HIS A 378 25.39 -6.13 31.60
CA HIS A 378 24.23 -5.26 31.79
C HIS A 378 24.69 -3.86 32.21
N PRO A 379 24.11 -2.82 31.60
CA PRO A 379 24.49 -1.41 31.84
C PRO A 379 24.17 -0.89 33.26
N THR A 380 25.12 -0.17 33.84
CA THR A 380 25.00 0.38 35.21
C THR A 380 24.36 1.77 35.26
N PHE A 381 23.37 1.95 36.14
CA PHE A 381 22.68 3.24 36.33
C PHE A 381 23.69 4.38 36.26
N ASN A 382 23.51 5.31 35.32
CA ASN A 382 24.35 6.50 35.29
C ASN A 382 24.40 7.18 36.67
N PRO A 383 25.58 7.17 37.33
CA PRO A 383 25.76 7.63 38.72
C PRO A 383 25.29 9.07 38.97
N ALA A 384 25.66 9.97 38.07
CA ALA A 384 25.19 11.35 38.13
C ALA A 384 23.66 11.38 37.98
N ALA A 385 23.15 10.61 37.00
CA ALA A 385 21.72 10.52 36.73
C ALA A 385 20.95 9.83 37.87
N LEU A 386 21.69 9.08 38.70
CA LEU A 386 21.12 8.37 39.84
C LEU A 386 21.16 9.26 41.08
N LYS A 387 22.21 10.06 41.18
CA LYS A 387 22.30 11.03 42.26
C LYS A 387 21.12 12.02 42.22
N ALA A 388 20.52 12.14 41.03
CA ALA A 388 19.35 12.98 40.82
C ALA A 388 18.07 12.19 41.11
N GLY A 389 18.09 10.90 40.80
CA GLY A 389 16.92 10.03 40.82
C GLY A 389 15.94 10.25 41.97
N GLU A 390 14.70 10.60 41.62
CA GLU A 390 13.68 10.88 42.62
C GLU A 390 13.28 9.59 43.33
N VAL A 391 14.01 9.23 44.39
CA VAL A 391 13.65 8.05 45.20
C VAL A 391 12.28 8.26 45.84
N ILE A 392 11.33 7.36 45.59
CA ILE A 392 10.02 7.48 46.24
C ILE A 392 9.89 6.59 47.47
N GLY A 393 10.23 5.31 47.33
CA GLY A 393 10.17 4.37 48.43
C GLY A 393 11.35 3.42 48.32
N SER A 394 11.32 2.34 49.09
CA SER A 394 12.37 1.33 48.98
C SER A 394 12.08 0.04 49.77
N ALA A 395 12.58 -1.08 49.29
CA ALA A 395 12.45 -2.33 50.02
C ALA A 395 13.59 -3.31 49.75
N LEU A 396 13.36 -4.58 50.10
CA LEU A 396 14.33 -5.65 49.93
C LEU A 396 14.99 -5.67 48.55
N PRO A 397 16.33 -5.60 48.53
CA PRO A 397 17.08 -5.76 47.27
C PRO A 397 17.25 -7.26 46.95
N ALA A 398 16.14 -7.94 46.68
CA ALA A 398 16.11 -9.41 46.56
C ALA A 398 16.90 -9.93 45.37
N SER A 399 17.10 -9.08 44.37
CA SER A 399 17.93 -9.38 43.20
C SER A 399 18.50 -8.06 42.70
N PRO A 400 19.77 -8.08 42.27
CA PRO A 400 20.49 -6.87 41.85
C PRO A 400 20.19 -6.40 40.42
N GLY A 401 20.69 -5.21 40.11
CA GLY A 401 20.65 -4.66 38.77
C GLY A 401 19.90 -3.34 38.67
N ALA A 402 20.22 -2.61 37.60
CA ALA A 402 19.47 -1.41 37.18
C ALA A 402 18.28 -1.89 36.34
N ALA A 403 17.08 -1.91 36.93
CA ALA A 403 15.86 -2.21 36.19
C ALA A 403 15.12 -0.91 35.89
N ALA A 404 14.79 -0.71 34.62
CA ALA A 404 14.10 0.51 34.19
C ALA A 404 13.21 0.29 32.97
N GLY A 405 12.03 0.90 33.00
CA GLY A 405 11.05 0.71 31.94
C GLY A 405 9.62 0.91 32.38
N LYS A 406 8.71 0.75 31.43
CA LYS A 406 7.30 1.01 31.63
C LYS A 406 6.60 -0.17 32.33
N VAL A 407 5.78 0.12 33.32
CA VAL A 407 5.16 -0.90 34.19
C VAL A 407 3.81 -1.44 33.72
N TYR A 408 3.60 -2.74 33.98
CA TYR A 408 2.33 -3.44 33.72
C TYR A 408 2.01 -4.29 34.94
N PHE A 409 0.74 -4.68 35.10
CA PHE A 409 0.31 -5.31 36.36
C PHE A 409 0.29 -6.85 36.37
N THR A 410 0.31 -7.46 35.18
CA THR A 410 0.27 -8.91 35.08
C THR A 410 1.41 -9.38 34.18
N ALA A 411 1.88 -10.60 34.45
CA ALA A 411 3.03 -11.14 33.71
C ALA A 411 2.91 -10.89 32.21
N ASP A 412 1.74 -11.24 31.64
CA ASP A 412 1.53 -11.18 30.19
C ASP A 412 1.44 -9.78 29.62
N GLU A 413 0.74 -8.89 30.34
CA GLU A 413 0.74 -7.47 29.98
C GLU A 413 2.18 -6.97 29.92
N ALA A 414 3.02 -7.52 30.79
CA ALA A 414 4.43 -7.16 30.84
C ALA A 414 5.21 -7.75 29.65
N LYS A 415 4.96 -9.03 29.38
CA LYS A 415 5.62 -9.72 28.27
C LYS A 415 5.12 -9.22 26.92
N ALA A 416 3.81 -9.05 26.81
CA ALA A 416 3.20 -8.58 25.57
C ALA A 416 3.66 -7.15 25.22
N ALA A 417 4.23 -6.48 26.21
CA ALA A 417 4.77 -5.13 26.04
C ALA A 417 6.23 -5.20 25.57
N HIS A 418 6.89 -6.27 25.98
CA HIS A 418 8.27 -6.52 25.59
C HIS A 418 8.35 -7.20 24.21
N GLU A 419 7.20 -7.63 23.70
CA GLU A 419 7.10 -8.20 22.36
C GLU A 419 7.20 -7.08 21.38
N LYS A 420 6.30 -6.12 21.55
CA LYS A 420 6.30 -4.90 20.77
C LYS A 420 7.71 -4.27 20.83
N GLY A 421 8.37 -4.45 21.97
CA GLY A 421 9.75 -4.07 22.12
C GLY A 421 9.99 -3.11 23.27
N GLU A 422 9.04 -3.06 24.20
CA GLU A 422 9.19 -2.20 25.37
C GLU A 422 10.17 -2.77 26.39
N ARG A 423 10.69 -1.90 27.26
CA ARG A 423 11.50 -2.30 28.40
C ARG A 423 10.62 -2.21 29.63
N VAL A 424 10.21 -3.37 30.14
CA VAL A 424 9.10 -3.43 31.08
C VAL A 424 9.60 -3.58 32.52
N ILE A 425 8.77 -3.14 33.48
CA ILE A 425 8.98 -3.39 34.93
C ILE A 425 7.72 -4.02 35.53
N LEU A 426 7.85 -5.18 36.15
CA LEU A 426 6.68 -5.88 36.67
C LEU A 426 6.34 -5.40 38.07
N VAL A 427 5.04 -5.25 38.35
CA VAL A 427 4.58 -4.73 39.64
C VAL A 427 3.53 -5.64 40.29
N ARG A 428 3.91 -6.31 41.38
CA ARG A 428 3.09 -7.38 41.95
C ARG A 428 2.83 -7.24 43.45
N LEU A 429 1.64 -7.66 43.85
CA LEU A 429 1.31 -7.86 45.26
C LEU A 429 2.43 -8.59 45.97
N GLU A 430 2.95 -9.63 45.33
CA GLU A 430 3.97 -10.48 45.92
C GLU A 430 4.97 -10.96 44.88
N THR A 431 6.11 -11.51 45.35
CA THR A 431 7.00 -12.26 44.46
C THR A 431 6.61 -13.74 44.46
N SER A 432 6.12 -14.21 43.31
CA SER A 432 5.66 -15.58 43.17
C SER A 432 6.24 -16.22 41.91
N PRO A 433 6.56 -17.52 42.01
CA PRO A 433 7.15 -18.30 40.93
C PRO A 433 6.18 -18.49 39.76
N GLU A 434 4.93 -18.08 39.93
CA GLU A 434 3.95 -18.15 38.84
C GLU A 434 4.15 -17.00 37.87
N ASP A 435 4.60 -15.86 38.40
CA ASP A 435 4.80 -14.69 37.56
C ASP A 435 6.19 -14.75 36.91
N ILE A 436 6.32 -15.60 35.89
CA ILE A 436 7.63 -15.94 35.30
C ILE A 436 7.89 -15.35 33.89
N GLU A 437 6.94 -15.53 32.98
CA GLU A 437 6.98 -14.87 31.68
C GLU A 437 7.36 -13.41 31.91
N GLY A 438 6.93 -12.88 33.05
CA GLY A 438 7.21 -11.50 33.42
C GLY A 438 8.62 -11.32 33.91
N MET A 439 9.01 -12.16 34.88
CA MET A 439 10.35 -12.08 35.45
C MET A 439 11.41 -12.17 34.36
N HIS A 440 11.02 -12.72 33.22
CA HIS A 440 11.94 -12.97 32.10
C HIS A 440 12.01 -11.73 31.22
N ALA A 441 10.83 -11.22 30.88
CA ALA A 441 10.68 -10.04 30.03
C ALA A 441 10.81 -8.73 30.82
N ALA A 442 10.71 -8.80 32.15
CA ALA A 442 10.84 -7.59 32.98
C ALA A 442 12.30 -7.19 33.19
N GLU A 443 12.58 -5.90 33.02
CA GLU A 443 13.90 -5.33 33.26
C GLU A 443 14.22 -5.42 34.74
N GLY A 444 13.19 -5.77 35.51
CA GLY A 444 13.26 -5.90 36.95
C GLY A 444 11.84 -6.05 37.45
N ILE A 445 11.67 -6.23 38.76
CA ILE A 445 10.35 -6.47 39.32
C ILE A 445 10.15 -5.72 40.64
N LEU A 446 8.90 -5.33 40.90
CA LEU A 446 8.55 -4.62 42.13
C LEU A 446 7.29 -5.19 42.80
N THR A 447 7.50 -5.87 43.92
CA THR A 447 6.38 -6.45 44.64
C THR A 447 6.19 -5.84 46.03
N VAL A 448 4.93 -5.58 46.36
CA VAL A 448 4.55 -5.13 47.69
C VAL A 448 5.02 -6.12 48.78
N ARG A 449 4.74 -7.41 48.60
CA ARG A 449 5.10 -8.42 49.62
C ARG A 449 5.90 -9.63 49.08
N GLY A 450 6.75 -10.20 49.95
CA GLY A 450 7.70 -11.24 49.58
C GLY A 450 9.13 -10.98 50.08
N GLY A 451 9.89 -12.06 50.27
CA GLY A 451 11.25 -11.98 50.80
C GLY A 451 12.37 -12.21 49.79
N MET A 452 13.60 -12.13 50.30
CA MET A 452 14.79 -12.30 49.47
C MET A 452 15.21 -13.77 49.50
N THR A 453 14.60 -14.50 50.41
CA THR A 453 14.76 -15.93 50.52
C THR A 453 13.46 -16.48 49.98
N SER A 454 12.92 -15.85 48.94
CA SER A 454 11.70 -16.36 48.34
C SER A 454 11.99 -17.16 47.08
N HIS A 455 10.96 -17.89 46.64
CA HIS A 455 10.97 -18.67 45.40
C HIS A 455 11.34 -17.84 44.19
N ALA A 456 10.40 -16.95 43.83
CA ALA A 456 10.58 -16.07 42.70
C ALA A 456 11.87 -15.28 42.90
N ALA A 457 12.08 -14.79 44.11
CA ALA A 457 13.28 -14.01 44.43
C ALA A 457 14.50 -14.66 43.85
N VAL A 458 14.70 -15.94 44.17
CA VAL A 458 15.86 -16.71 43.73
C VAL A 458 15.92 -16.84 42.22
N VAL A 459 14.81 -17.23 41.63
CA VAL A 459 14.69 -17.34 40.19
C VAL A 459 15.01 -16.00 39.51
N ALA A 460 14.65 -14.90 40.17
CA ALA A 460 15.00 -13.57 39.68
C ALA A 460 16.51 -13.41 39.60
N ARG A 461 17.21 -13.88 40.63
CA ARG A 461 18.66 -13.71 40.73
C ARG A 461 19.41 -14.55 39.70
N GLY A 462 19.05 -15.82 39.60
CA GLY A 462 19.64 -16.70 38.60
C GLY A 462 19.51 -16.18 37.16
N MET A 463 18.32 -15.71 36.79
CA MET A 463 18.08 -15.14 35.46
C MET A 463 19.00 -13.96 35.17
N GLY A 464 19.38 -13.25 36.24
CA GLY A 464 20.10 -12.00 36.12
C GLY A 464 19.10 -10.87 36.13
N THR A 465 17.85 -11.20 36.44
CA THR A 465 16.75 -10.24 36.45
C THR A 465 16.66 -9.53 37.82
N CYS A 466 16.57 -8.19 37.78
CA CYS A 466 16.52 -7.40 39.01
C CYS A 466 15.17 -7.50 39.72
N CYS A 467 15.18 -7.55 41.05
CA CYS A 467 13.93 -7.64 41.83
C CYS A 467 13.96 -6.87 43.16
N VAL A 468 13.11 -5.86 43.28
CA VAL A 468 12.94 -5.19 44.56
C VAL A 468 11.65 -5.71 45.17
N SER A 469 11.79 -6.50 46.23
CA SER A 469 10.64 -7.17 46.81
C SER A 469 10.16 -6.50 48.09
N GLY A 470 8.97 -6.90 48.53
CA GLY A 470 8.47 -6.49 49.83
C GLY A 470 8.56 -5.01 50.12
N CYS A 471 7.87 -4.20 49.31
CA CYS A 471 7.74 -2.76 49.55
C CYS A 471 6.35 -2.47 50.14
N GLY A 472 6.23 -2.62 51.46
CA GLY A 472 4.97 -2.48 52.16
C GLY A 472 4.14 -1.26 51.78
N GLU A 473 4.83 -0.17 51.44
CA GLU A 473 4.18 1.08 51.08
C GLU A 473 3.15 0.95 49.94
N ILE A 474 3.61 0.53 48.77
CA ILE A 474 2.76 0.42 47.58
C ILE A 474 1.34 -0.08 47.84
N LYS A 475 0.38 0.45 47.08
CA LYS A 475 -0.96 -0.13 47.02
C LYS A 475 -1.41 -0.25 45.57
N ILE A 476 -1.47 -1.49 45.09
CA ILE A 476 -1.91 -1.76 43.73
C ILE A 476 -3.42 -1.63 43.64
N ASN A 477 -3.88 -0.82 42.68
CA ASN A 477 -5.29 -0.77 42.32
C ASN A 477 -5.44 -1.49 40.99
N GLU A 478 -5.65 -2.80 41.05
CA GLU A 478 -5.58 -3.65 39.86
C GLU A 478 -6.66 -3.29 38.85
N GLU A 479 -7.79 -2.80 39.35
CA GLU A 479 -8.86 -2.31 38.48
C GLU A 479 -8.34 -1.23 37.52
N ALA A 480 -8.15 -0.04 38.07
CA ALA A 480 -7.61 1.11 37.34
C ALA A 480 -6.17 0.89 36.86
N LYS A 481 -5.54 -0.18 37.33
CA LYS A 481 -4.16 -0.47 36.96
C LYS A 481 -3.25 0.68 37.40
N THR A 482 -3.47 1.16 38.62
CA THR A 482 -2.55 2.10 39.24
C THR A 482 -1.92 1.52 40.51
N PHE A 483 -0.80 2.09 40.96
CA PHE A 483 -0.36 1.88 42.36
C PHE A 483 0.10 3.18 42.99
N GLU A 484 -0.30 3.38 44.24
CA GLU A 484 0.09 4.56 45.01
C GLU A 484 1.36 4.34 45.84
N LEU A 485 2.43 5.03 45.47
CA LEU A 485 3.71 4.87 46.16
C LEU A 485 4.36 6.22 46.49
N GLY A 486 4.57 6.48 47.78
CA GLY A 486 5.20 7.72 48.24
C GLY A 486 4.77 8.92 47.40
N GLY A 487 5.56 9.22 46.37
CA GLY A 487 5.22 10.26 45.41
C GLY A 487 3.77 10.28 44.90
N HIS A 488 3.47 9.46 43.90
CA HIS A 488 2.13 9.47 43.31
C HIS A 488 1.54 8.11 42.97
N THR A 489 0.39 8.15 42.32
CA THR A 489 -0.21 6.95 41.75
C THR A 489 0.28 6.76 40.30
N PHE A 490 0.54 5.51 39.92
CA PHE A 490 1.14 5.20 38.61
C PHE A 490 0.17 4.49 37.65
N ALA A 491 0.34 4.75 36.35
CA ALA A 491 -0.55 4.20 35.32
C ALA A 491 0.16 3.17 34.42
N GLU A 492 -0.55 2.08 34.12
CA GLU A 492 -0.01 1.04 33.22
C GLU A 492 0.86 1.65 32.11
N GLY A 493 2.18 1.61 32.30
CA GLY A 493 3.11 2.13 31.30
C GLY A 493 4.04 3.21 31.83
N ASP A 494 3.74 3.71 33.03
CA ASP A 494 4.57 4.76 33.61
C ASP A 494 6.01 4.28 33.87
N TYR A 495 6.98 5.07 33.38
CA TYR A 495 8.42 4.82 33.60
C TYR A 495 8.87 4.97 35.06
N ILE A 496 9.53 3.94 35.58
CA ILE A 496 10.25 4.07 36.85
C ILE A 496 11.49 3.20 36.77
N SER A 497 12.41 3.39 37.70
CA SER A 497 13.63 2.59 37.72
C SER A 497 13.76 1.83 39.04
N LEU A 498 14.63 0.83 39.07
CA LEU A 498 14.81 0.01 40.27
C LEU A 498 16.27 -0.36 40.55
N ASP A 499 16.88 0.29 41.53
CA ASP A 499 18.21 -0.12 41.96
C ASP A 499 18.08 -1.38 42.80
N GLY A 500 18.21 -2.53 42.15
CA GLY A 500 18.07 -3.81 42.82
C GLY A 500 19.19 -4.08 43.83
N SER A 501 20.17 -3.18 43.86
CA SER A 501 21.36 -3.34 44.70
C SER A 501 21.25 -2.53 46.00
N THR A 502 20.08 -1.94 46.21
CA THR A 502 19.82 -1.10 47.36
C THR A 502 18.33 -1.22 47.67
N GLY A 503 17.59 -1.69 46.68
CA GLY A 503 16.15 -1.72 46.79
C GLY A 503 15.60 -0.32 46.93
N LYS A 504 16.30 0.68 46.40
CA LYS A 504 15.78 2.05 46.36
C LYS A 504 14.99 2.24 45.07
N ILE A 505 13.76 2.73 45.19
CA ILE A 505 12.92 2.95 44.02
C ILE A 505 13.14 4.36 43.49
N TYR A 506 12.87 4.56 42.20
CA TYR A 506 13.03 5.87 41.57
C TYR A 506 11.90 6.22 40.61
N LYS A 507 11.25 7.35 40.85
CA LYS A 507 10.29 7.93 39.91
C LYS A 507 11.04 8.51 38.70
N GLY A 508 10.73 7.99 37.50
CA GLY A 508 11.42 8.41 36.29
C GLY A 508 12.23 7.29 35.66
N ASP A 509 12.65 7.49 34.41
CA ASP A 509 13.43 6.49 33.67
C ASP A 509 14.92 6.82 33.70
N ILE A 510 15.60 6.41 34.77
CA ILE A 510 17.00 6.78 34.98
C ILE A 510 17.92 6.37 33.83
N GLU A 511 18.83 7.28 33.49
CA GLU A 511 19.80 7.08 32.40
C GLU A 511 20.84 6.04 32.78
N THR A 512 21.25 5.23 31.82
CA THR A 512 22.23 4.17 32.06
C THR A 512 23.52 4.37 31.26
N GLN A 513 24.47 3.47 31.46
CA GLN A 513 25.79 3.54 30.84
C GLN A 513 26.48 2.17 30.82
N GLU A 514 27.56 2.05 30.05
CA GLU A 514 28.30 0.79 30.00
C GLU A 514 28.72 0.29 31.39
N ALA A 515 28.96 -1.02 31.49
CA ALA A 515 29.47 -1.60 32.73
C ALA A 515 30.85 -2.27 32.54
N SER A 516 31.55 -2.49 33.64
CA SER A 516 32.85 -3.15 33.59
C SER A 516 32.82 -4.59 34.13
N VAL A 517 33.97 -5.25 34.07
CA VAL A 517 34.07 -6.63 34.53
C VAL A 517 35.04 -6.72 35.70
N SER A 518 34.58 -7.37 36.77
CA SER A 518 35.39 -7.55 37.97
C SER A 518 36.69 -8.29 37.66
N GLY A 519 37.67 -8.16 38.56
CA GLY A 519 38.88 -8.95 38.48
C GLY A 519 38.60 -10.44 38.66
N SER A 520 37.42 -10.72 39.22
CA SER A 520 36.92 -12.09 39.39
C SER A 520 36.55 -12.75 38.05
N PHE A 521 35.87 -11.98 37.21
CA PHE A 521 35.59 -12.43 35.86
C PHE A 521 36.92 -12.69 35.16
N GLU A 522 37.85 -11.75 35.31
CA GLU A 522 39.14 -11.79 34.61
C GLU A 522 39.99 -13.00 35.01
N ARG A 523 39.84 -13.40 36.27
CA ARG A 523 40.54 -14.54 36.83
C ARG A 523 39.98 -15.80 36.18
N ILE A 524 38.66 -15.90 36.16
CA ILE A 524 38.04 -17.08 35.58
C ILE A 524 38.38 -17.17 34.10
N MET A 525 38.38 -16.04 33.41
CA MET A 525 38.63 -16.05 31.99
C MET A 525 39.96 -16.72 31.70
N VAL A 526 40.90 -16.59 32.63
CA VAL A 526 42.22 -17.23 32.49
C VAL A 526 42.07 -18.76 32.51
N TRP A 527 41.37 -19.22 33.53
CA TRP A 527 41.13 -20.64 33.72
C TRP A 527 40.31 -21.21 32.56
N ALA A 528 39.57 -20.33 31.89
CA ALA A 528 38.86 -20.73 30.68
C ALA A 528 39.90 -21.16 29.64
N ASP A 529 40.64 -20.17 29.14
CA ASP A 529 41.63 -20.39 28.09
C ASP A 529 42.59 -21.54 28.41
N LYS A 530 43.24 -21.50 29.56
CA LYS A 530 44.12 -22.59 29.96
C LYS A 530 43.55 -23.95 29.60
N PHE A 531 42.22 -24.05 29.60
CA PHE A 531 41.56 -25.35 29.53
C PHE A 531 40.78 -25.65 28.24
N ARG A 532 40.41 -24.62 27.48
CA ARG A 532 39.58 -24.84 26.28
C ARG A 532 40.40 -25.23 25.06
N THR A 533 39.83 -26.07 24.20
CA THR A 533 40.45 -26.37 22.91
C THR A 533 40.00 -25.38 21.83
N LEU A 534 38.71 -25.07 21.79
CA LEU A 534 38.18 -24.07 20.85
C LEU A 534 38.91 -22.72 20.87
N LYS A 535 38.95 -22.10 19.70
CA LYS A 535 39.31 -20.69 19.61
C LYS A 535 37.98 -19.91 19.55
N VAL A 536 38.04 -18.61 19.87
CA VAL A 536 36.81 -17.82 19.89
C VAL A 536 36.96 -16.48 19.18
N ARG A 537 36.09 -16.28 18.21
CA ARG A 537 36.06 -15.03 17.46
C ARG A 537 34.71 -14.38 17.64
N THR A 538 34.47 -13.34 16.85
CA THR A 538 33.34 -12.50 17.12
C THR A 538 32.56 -12.14 15.86
N ASN A 539 31.31 -11.79 16.07
CA ASN A 539 30.52 -11.21 15.00
C ASN A 539 30.64 -9.69 15.08
N ALA A 540 31.57 -9.13 14.29
CA ALA A 540 31.95 -7.71 14.40
C ALA A 540 32.07 -7.02 13.05
N ASP A 541 31.47 -5.81 12.93
CA ASP A 541 31.50 -5.08 11.65
C ASP A 541 32.40 -3.87 11.66
N THR A 542 32.80 -3.42 12.86
CA THR A 542 33.52 -2.15 12.99
C THR A 542 34.71 -2.23 13.94
N PRO A 543 35.62 -1.25 13.83
CA PRO A 543 36.82 -1.33 14.68
C PRO A 543 36.38 -1.20 16.12
N GLU A 544 35.34 -0.40 16.38
CA GLU A 544 34.86 -0.26 17.75
C GLU A 544 34.50 -1.63 18.30
N ASP A 545 33.89 -2.45 17.46
CA ASP A 545 33.31 -3.71 17.91
C ASP A 545 34.29 -4.87 17.84
N THR A 546 35.36 -4.70 17.07
CA THR A 546 36.50 -5.61 17.17
C THR A 546 37.19 -5.38 18.53
N LEU A 547 37.82 -4.21 18.64
CA LEU A 547 38.44 -3.73 19.88
C LEU A 547 37.66 -4.20 21.10
N ASN A 548 36.33 -4.08 21.01
CA ASN A 548 35.46 -4.53 22.08
C ASN A 548 35.53 -6.04 22.23
N ALA A 549 35.25 -6.73 21.13
CA ALA A 549 35.28 -8.18 21.15
C ALA A 549 36.65 -8.62 21.64
N VAL A 550 37.69 -8.15 20.97
CA VAL A 550 39.07 -8.47 21.37
C VAL A 550 39.20 -8.52 22.90
N LYS A 551 39.15 -7.34 23.51
CA LYS A 551 39.37 -7.15 24.95
C LYS A 551 38.53 -8.08 25.85
N LEU A 552 37.46 -8.66 25.29
CA LEU A 552 36.61 -9.59 26.04
C LEU A 552 37.15 -11.01 25.97
N GLY A 553 37.97 -11.26 24.96
CA GLY A 553 38.69 -12.52 24.88
C GLY A 553 38.84 -12.88 23.43
N ALA A 554 37.92 -12.34 22.63
CA ALA A 554 37.86 -12.60 21.20
C ALA A 554 39.26 -12.61 20.57
N GLU A 555 39.59 -13.73 19.94
CA GLU A 555 40.86 -13.87 19.24
C GLU A 555 40.86 -13.15 17.89
N GLY A 556 40.23 -13.69 16.85
CA GLY A 556 40.05 -12.90 15.64
C GLY A 556 38.58 -12.55 15.43
N ILE A 557 38.22 -12.14 14.20
CA ILE A 557 36.81 -12.03 13.76
C ILE A 557 36.39 -13.21 12.88
N GLY A 558 35.26 -13.82 13.26
CA GLY A 558 34.68 -14.91 12.53
C GLY A 558 33.63 -14.47 11.52
N LEU A 559 33.06 -13.28 11.70
CA LEU A 559 32.12 -12.76 10.70
C LEU A 559 31.92 -11.24 10.68
N CYS A 560 32.63 -10.63 9.74
CA CYS A 560 32.49 -9.23 9.34
C CYS A 560 31.45 -9.09 8.21
N ARG A 561 30.35 -8.38 8.47
CA ARG A 561 29.34 -8.14 7.43
C ARG A 561 29.72 -6.96 6.52
N THR A 562 29.36 -7.06 5.24
CA THR A 562 29.80 -6.08 4.25
C THR A 562 28.73 -5.01 3.92
N GLU A 563 27.51 -5.29 4.39
CA GLU A 563 26.29 -4.58 3.98
C GLU A 563 26.27 -3.06 4.18
N HIS A 564 26.61 -2.62 5.38
CA HIS A 564 26.67 -1.19 5.68
C HIS A 564 27.52 -0.42 4.66
N MET A 565 28.45 -1.12 4.00
CA MET A 565 29.34 -0.46 3.05
C MET A 565 28.56 0.03 1.85
N PHE A 566 27.25 -0.17 1.92
CA PHE A 566 26.33 0.30 0.91
C PHE A 566 25.18 0.96 1.66
N PHE A 567 24.64 0.27 2.67
CA PHE A 567 23.69 0.85 3.61
C PHE A 567 23.90 2.36 3.79
N GLU A 568 25.14 2.71 4.11
CA GLU A 568 25.47 4.03 4.63
C GLU A 568 25.26 5.19 3.65
N ALA A 569 25.22 6.39 4.24
CA ALA A 569 24.94 7.63 3.50
C ALA A 569 25.72 7.75 2.19
N ASP A 570 27.01 8.02 2.32
CA ASP A 570 27.89 8.25 1.16
C ASP A 570 28.06 7.03 0.26
N ARG A 571 27.39 5.94 0.61
CA ARG A 571 27.59 4.65 -0.06
C ARG A 571 26.46 4.34 -1.02
N ILE A 572 25.23 4.56 -0.55
CA ILE A 572 24.04 4.05 -1.20
C ILE A 572 23.79 4.57 -2.62
N MET A 573 24.10 5.84 -2.88
CA MET A 573 23.92 6.39 -4.23
C MET A 573 24.66 5.54 -5.24
N LYS A 574 25.82 5.03 -4.82
CA LYS A 574 26.69 4.27 -5.70
C LYS A 574 26.08 2.91 -6.11
N ILE A 575 25.57 2.18 -5.13
CA ILE A 575 24.89 0.91 -5.41
C ILE A 575 23.55 1.22 -6.09
N ARG A 576 22.96 2.37 -5.71
CA ARG A 576 21.75 2.85 -6.35
C ARG A 576 22.07 3.29 -7.78
N LYS A 577 23.22 3.94 -7.95
CA LYS A 577 23.74 4.27 -9.28
C LYS A 577 23.96 2.98 -10.08
N MET A 578 24.41 1.95 -9.37
CA MET A 578 24.79 0.66 -9.94
C MET A 578 23.59 -0.21 -10.36
N ILE A 579 22.64 -0.40 -9.44
CA ILE A 579 21.43 -1.14 -9.78
C ILE A 579 20.84 -0.63 -11.10
N LEU A 580 20.65 0.69 -11.18
CA LEU A 580 20.01 1.33 -12.33
C LEU A 580 20.92 1.41 -13.55
N SER A 581 22.13 0.88 -13.44
CA SER A 581 23.09 0.85 -14.54
C SER A 581 22.55 0.01 -15.69
N ASP A 582 22.59 0.59 -16.89
CA ASP A 582 22.02 -0.08 -18.06
C ASP A 582 23.00 -1.08 -18.69
N SER A 583 24.27 -0.94 -18.33
CA SER A 583 25.34 -1.74 -18.93
C SER A 583 26.22 -2.32 -17.81
N VAL A 584 26.86 -3.45 -18.08
CA VAL A 584 27.86 -3.98 -17.18
C VAL A 584 28.89 -2.87 -16.96
N GLU A 585 29.18 -2.15 -18.05
CA GLU A 585 30.12 -1.03 -18.04
C GLU A 585 29.66 0.07 -17.10
N ALA A 586 28.38 0.43 -17.21
CA ALA A 586 27.76 1.37 -16.29
C ALA A 586 28.01 0.92 -14.85
N ARG A 587 28.10 -0.40 -14.68
CA ARG A 587 28.31 -1.01 -13.36
C ARG A 587 29.73 -0.78 -12.86
N GLU A 588 30.63 -1.68 -13.26
CA GLU A 588 32.05 -1.51 -13.03
C GLU A 588 32.37 -0.05 -12.75
N GLU A 589 31.98 0.83 -13.67
CA GLU A 589 32.09 2.26 -13.43
C GLU A 589 31.53 2.61 -12.05
N ALA A 590 30.21 2.55 -11.90
CA ALA A 590 29.56 2.96 -10.65
C ALA A 590 30.21 2.26 -9.46
N LEU A 591 30.61 1.02 -9.71
CA LEU A 591 31.13 0.13 -8.66
C LEU A 591 32.48 0.57 -8.11
N ASN A 592 33.40 0.88 -9.02
CA ASN A 592 34.77 1.20 -8.63
C ASN A 592 34.83 2.39 -7.68
N GLU A 593 33.74 3.16 -7.64
CA GLU A 593 33.69 4.37 -6.83
C GLU A 593 33.57 4.05 -5.33
N LEU A 594 33.14 2.83 -5.01
CA LEU A 594 33.01 2.39 -3.62
C LEU A 594 34.34 1.86 -3.07
N ILE A 595 35.10 1.21 -3.95
CA ILE A 595 36.42 0.68 -3.61
C ILE A 595 37.21 1.58 -2.65
N PRO A 596 37.35 2.88 -2.99
CA PRO A 596 37.93 3.83 -2.02
C PRO A 596 37.23 3.82 -0.65
N PHE A 597 35.90 3.94 -0.63
CA PHE A 597 35.16 3.90 0.64
C PHE A 597 35.43 2.62 1.40
N GLN A 598 35.21 1.49 0.74
CA GLN A 598 35.35 0.18 1.35
C GLN A 598 36.81 -0.13 1.68
N LYS A 599 37.74 0.32 0.84
CA LYS A 599 39.15 -0.04 1.01
C LYS A 599 39.68 0.37 2.37
N GLY A 600 39.33 1.58 2.79
CA GLY A 600 39.68 2.09 4.09
C GLY A 600 38.89 1.33 5.13
N ASP A 601 37.60 1.09 4.84
CA ASP A 601 36.73 0.36 5.77
C ASP A 601 37.36 -0.95 6.20
N PHE A 602 38.31 -1.45 5.39
CA PHE A 602 39.07 -2.66 5.72
C PHE A 602 40.43 -2.36 6.34
N LYS A 603 41.18 -1.44 5.73
CA LYS A 603 42.43 -0.97 6.33
C LYS A 603 42.13 -0.57 7.78
N ALA A 604 40.91 -0.05 7.97
CA ALA A 604 40.38 0.29 9.28
C ALA A 604 40.39 -0.95 10.18
N MET A 605 39.67 -1.99 9.75
CA MET A 605 39.56 -3.22 10.54
C MET A 605 40.92 -3.94 10.67
N TYR A 606 41.83 -3.67 9.73
CA TYR A 606 43.12 -4.35 9.71
C TYR A 606 44.18 -3.78 10.69
N LYS A 607 44.00 -2.53 11.10
CA LYS A 607 44.82 -1.93 12.15
C LYS A 607 44.18 -2.27 13.49
N ALA A 608 42.96 -2.80 13.41
CA ALA A 608 42.19 -3.08 14.61
C ALA A 608 42.36 -4.52 15.04
N LEU A 609 42.54 -5.40 14.06
CA LEU A 609 42.72 -6.82 14.37
C LEU A 609 44.13 -7.09 14.86
N GLU A 610 45.05 -6.18 14.55
CA GLU A 610 46.45 -6.33 14.93
C GLU A 610 47.00 -7.73 14.56
N GLY A 611 46.52 -8.27 13.43
CA GLY A 611 46.92 -9.58 12.95
C GLY A 611 45.86 -10.65 13.16
N ARG A 612 44.89 -10.35 14.00
CA ARG A 612 43.78 -11.26 14.25
C ARG A 612 43.07 -11.59 12.94
N PRO A 613 42.72 -12.88 12.73
CA PRO A 613 42.10 -13.19 11.44
C PRO A 613 40.65 -12.71 11.40
N MET A 614 40.22 -12.31 10.21
CA MET A 614 38.87 -11.81 10.00
C MET A 614 38.16 -12.63 8.92
N THR A 615 36.91 -13.04 9.16
CA THR A 615 36.13 -13.65 8.06
C THR A 615 35.21 -12.64 7.37
N VAL A 616 35.47 -12.41 6.09
CA VAL A 616 34.77 -11.38 5.36
C VAL A 616 33.68 -12.00 4.48
N ARG A 617 32.43 -11.85 4.92
CA ARG A 617 31.29 -12.24 4.11
C ARG A 617 31.17 -11.21 3.02
N TYR A 618 30.99 -11.67 1.78
CA TYR A 618 30.64 -10.73 0.72
C TYR A 618 29.16 -10.35 0.86
N LEU A 619 28.68 -9.49 -0.04
CA LEU A 619 27.29 -9.02 0.00
C LEU A 619 26.28 -10.17 -0.05
N ASP A 620 25.24 -10.06 0.79
CA ASP A 620 24.28 -11.13 1.02
C ASP A 620 22.84 -10.84 0.53
N PRO A 621 22.29 -9.63 0.83
CA PRO A 621 20.87 -9.36 0.55
C PRO A 621 20.54 -9.15 -0.93
N PRO A 622 19.24 -9.08 -1.25
CA PRO A 622 18.83 -8.70 -2.62
C PRO A 622 18.84 -7.18 -2.83
N LEU A 623 19.08 -6.77 -4.07
CA LEU A 623 19.19 -5.35 -4.40
C LEU A 623 17.98 -4.53 -3.94
N HIS A 624 16.79 -5.13 -3.99
CA HIS A 624 15.56 -4.47 -3.51
C HIS A 624 15.72 -3.92 -2.07
N GLU A 625 16.77 -4.32 -1.39
CA GLU A 625 17.02 -3.72 -0.08
C GLU A 625 17.76 -2.42 -0.27
N PHE A 626 18.70 -2.40 -1.20
CA PHE A 626 19.45 -1.19 -1.50
C PHE A 626 18.67 -0.24 -2.43
N VAL A 627 17.37 -0.08 -2.17
CA VAL A 627 16.56 0.91 -2.87
C VAL A 627 15.50 1.55 -1.95
N PRO A 628 14.98 2.73 -2.35
CA PRO A 628 13.92 3.46 -1.63
C PRO A 628 12.54 2.81 -1.82
N HIS A 629 11.95 2.35 -0.72
CA HIS A 629 10.70 1.58 -0.77
C HIS A 629 9.47 2.49 -0.69
N THR A 630 9.72 3.79 -0.62
CA THR A 630 8.65 4.79 -0.65
C THR A 630 8.58 5.45 -2.03
N GLU A 631 7.38 5.90 -2.41
CA GLU A 631 7.14 6.50 -3.72
C GLU A 631 7.63 7.96 -3.83
N GLU A 632 7.71 8.65 -2.69
CA GLU A 632 8.42 9.92 -2.63
C GLU A 632 9.91 9.62 -2.76
N GLU A 633 10.37 8.73 -1.89
CA GLU A 633 11.71 8.18 -1.95
C GLU A 633 12.14 7.88 -3.39
N GLN A 634 11.34 7.07 -4.08
CA GLN A 634 11.63 6.61 -5.44
C GLN A 634 12.05 7.75 -6.38
N ALA A 635 11.11 8.61 -6.78
CA ALA A 635 11.43 9.72 -7.70
C ALA A 635 12.73 10.53 -7.43
N GLU A 636 13.02 10.84 -6.17
CA GLU A 636 14.13 11.75 -5.85
C GLU A 636 15.51 11.33 -6.41
N LEU A 637 15.73 10.02 -6.48
CA LEU A 637 16.95 9.44 -7.05
C LEU A 637 17.03 9.55 -8.59
N ALA A 638 15.86 9.55 -9.23
CA ALA A 638 15.74 9.61 -10.71
C ALA A 638 16.24 10.94 -11.25
N LYS A 639 15.74 12.01 -10.66
CA LYS A 639 16.18 13.36 -11.00
C LYS A 639 17.70 13.43 -10.98
N ASN A 640 18.33 12.57 -10.17
CA ASN A 640 19.78 12.59 -9.98
C ASN A 640 20.57 11.70 -10.95
N MET A 641 19.85 10.91 -11.77
CA MET A 641 20.48 9.99 -12.70
C MET A 641 19.73 9.96 -14.03
N GLY A 642 19.06 11.07 -14.35
CA GLY A 642 18.44 11.27 -15.66
C GLY A 642 17.09 10.62 -15.88
N LEU A 643 16.58 9.95 -14.85
CA LEU A 643 15.38 9.09 -15.00
C LEU A 643 14.10 9.70 -14.40
N THR A 644 13.01 8.92 -14.42
CA THR A 644 11.73 9.35 -13.88
C THR A 644 11.05 8.25 -13.06
N LEU A 645 10.02 8.61 -12.29
CA LEU A 645 9.32 7.65 -11.44
C LEU A 645 9.03 6.38 -12.22
N ALA A 646 8.62 6.56 -13.47
CA ALA A 646 8.28 5.44 -14.34
C ALA A 646 9.46 4.47 -14.51
N GLU A 647 10.68 5.02 -14.51
CA GLU A 647 11.91 4.22 -14.68
C GLU A 647 12.42 3.63 -13.35
N VAL A 648 12.39 4.44 -12.30
CA VAL A 648 12.69 3.96 -10.95
C VAL A 648 11.77 2.79 -10.57
N LYS A 649 10.47 3.05 -10.52
CA LYS A 649 9.50 2.02 -10.10
C LYS A 649 9.64 0.79 -11.00
N ALA A 650 9.88 1.02 -12.28
CA ALA A 650 10.15 -0.06 -13.22
C ALA A 650 11.19 -1.03 -12.64
N LYS A 651 12.25 -0.47 -12.05
CA LYS A 651 13.21 -1.30 -11.35
C LYS A 651 12.64 -1.72 -10.01
N VAL A 652 12.45 -0.76 -9.10
CA VAL A 652 12.02 -1.08 -7.72
C VAL A 652 10.84 -2.05 -7.69
N ASP A 653 9.97 -1.96 -8.69
CA ASP A 653 8.91 -2.95 -8.85
C ASP A 653 9.51 -4.32 -9.13
N GLU A 654 10.27 -4.38 -10.22
CA GLU A 654 10.86 -5.64 -10.68
C GLU A 654 11.69 -6.34 -9.60
N LEU A 655 12.52 -5.58 -8.89
CA LEU A 655 13.40 -6.14 -7.85
C LEU A 655 12.64 -6.87 -6.75
N HIS A 656 11.32 -6.86 -6.83
CA HIS A 656 10.48 -7.40 -5.75
C HIS A 656 10.39 -8.93 -5.74
N GLU A 657 10.57 -9.50 -4.54
CA GLU A 657 10.41 -10.94 -4.32
C GLU A 657 9.32 -11.26 -3.26
N PHE A 658 8.53 -12.29 -3.54
CA PHE A 658 7.61 -12.84 -2.53
C PHE A 658 8.36 -13.26 -1.26
N ASN A 659 9.33 -14.16 -1.42
CA ASN A 659 10.23 -14.58 -0.34
C ASN A 659 11.68 -14.23 -0.63
N PRO A 660 12.18 -13.12 -0.06
CA PRO A 660 13.54 -12.58 -0.30
C PRO A 660 14.59 -13.27 0.58
N MET A 661 14.11 -14.14 1.47
CA MET A 661 15.01 -14.96 2.27
C MET A 661 15.57 -16.06 1.34
N MET A 662 14.72 -16.48 0.41
CA MET A 662 15.06 -17.52 -0.54
C MET A 662 15.17 -16.87 -1.93
N GLY A 663 15.84 -15.71 -2.00
CA GLY A 663 15.81 -14.88 -3.19
C GLY A 663 17.08 -14.81 -4.00
N HIS A 664 17.07 -14.00 -5.05
CA HIS A 664 18.26 -13.81 -5.88
C HIS A 664 19.18 -12.86 -5.11
N ARG A 665 20.02 -13.46 -4.28
CA ARG A 665 20.81 -12.74 -3.28
C ARG A 665 22.00 -13.58 -2.93
N GLY A 666 22.95 -12.99 -2.21
CA GLY A 666 24.11 -13.72 -1.76
C GLY A 666 25.04 -14.15 -2.88
N CYS A 667 25.37 -15.44 -2.87
CA CYS A 667 26.27 -16.06 -3.85
C CYS A 667 25.68 -16.00 -5.24
N ARG A 668 24.35 -16.06 -5.32
CA ARG A 668 23.62 -16.08 -6.57
C ARG A 668 23.69 -14.74 -7.32
N LEU A 669 24.08 -13.69 -6.59
CA LEU A 669 24.23 -12.35 -7.15
C LEU A 669 25.49 -12.26 -7.97
N ALA A 670 26.58 -12.75 -7.40
CA ALA A 670 27.90 -12.64 -8.02
C ALA A 670 27.97 -13.48 -9.29
N VAL A 671 27.08 -14.47 -9.38
CA VAL A 671 26.93 -15.30 -10.57
C VAL A 671 26.53 -14.49 -11.79
N THR A 672 25.58 -13.57 -11.59
CA THR A 672 25.09 -12.70 -12.65
C THR A 672 25.74 -11.31 -12.62
N TYR A 673 26.31 -10.92 -11.46
CA TYR A 673 27.05 -9.66 -11.31
C TYR A 673 28.36 -9.86 -10.56
N PRO A 674 29.34 -10.52 -11.21
CA PRO A 674 30.66 -10.80 -10.62
C PRO A 674 31.46 -9.53 -10.41
N GLU A 675 30.95 -8.44 -10.99
CA GLU A 675 31.55 -7.11 -10.91
C GLU A 675 31.71 -6.66 -9.47
N ILE A 676 30.81 -7.13 -8.61
CA ILE A 676 30.89 -6.84 -7.19
C ILE A 676 32.00 -7.65 -6.55
N ALA A 677 31.90 -8.99 -6.66
CA ALA A 677 32.94 -9.90 -6.19
C ALA A 677 34.33 -9.29 -6.45
N LYS A 678 34.57 -8.88 -7.69
CA LYS A 678 35.80 -8.18 -8.02
C LYS A 678 35.97 -6.95 -7.14
N MET A 679 35.04 -6.01 -7.25
CA MET A 679 35.06 -4.80 -6.44
C MET A 679 35.40 -5.11 -4.97
N GLN A 680 34.59 -5.97 -4.36
CA GLN A 680 34.85 -6.41 -3.00
C GLN A 680 36.21 -7.06 -2.83
N THR A 681 36.60 -7.95 -3.75
CA THR A 681 37.95 -8.55 -3.70
C THR A 681 39.06 -7.48 -3.80
N ARG A 682 38.78 -6.40 -4.53
CA ARG A 682 39.73 -5.31 -4.67
C ARG A 682 39.85 -4.45 -3.38
N ALA A 683 38.70 -4.10 -2.80
CA ALA A 683 38.66 -3.24 -1.61
C ALA A 683 39.42 -3.88 -0.45
N VAL A 684 39.41 -5.22 -0.44
CA VAL A 684 40.00 -6.02 0.64
C VAL A 684 41.49 -6.22 0.38
N MET A 685 41.77 -6.84 -0.76
CA MET A 685 43.14 -7.16 -1.15
C MET A 685 44.08 -5.95 -1.12
N GLU A 686 43.63 -4.80 -1.61
CA GLU A 686 44.46 -3.60 -1.61
C GLU A 686 44.73 -3.13 -0.18
N ALA A 687 43.65 -2.99 0.59
CA ALA A 687 43.74 -2.53 1.99
C ALA A 687 44.67 -3.39 2.87
N ALA A 688 44.50 -4.72 2.74
CA ALA A 688 45.29 -5.70 3.48
C ALA A 688 46.77 -5.42 3.42
N ILE A 689 47.34 -5.57 2.21
CA ILE A 689 48.78 -5.38 2.02
C ILE A 689 49.24 -4.02 2.56
N GLU A 690 48.57 -2.96 2.12
CA GLU A 690 48.94 -1.64 2.56
C GLU A 690 49.13 -1.62 4.07
N VAL A 691 48.07 -1.96 4.81
CA VAL A 691 48.18 -2.09 6.27
C VAL A 691 49.25 -3.12 6.70
N LYS A 692 49.35 -4.23 5.97
CA LYS A 692 50.35 -5.24 6.30
C LYS A 692 51.77 -4.69 6.15
N GLU A 693 51.91 -3.79 5.18
CA GLU A 693 53.19 -3.19 4.83
C GLU A 693 53.56 -2.04 5.76
N GLU A 694 52.54 -1.32 6.23
CA GLU A 694 52.75 -0.17 7.12
C GLU A 694 53.14 -0.62 8.53
N THR A 695 52.16 -1.16 9.26
CA THR A 695 52.33 -1.65 10.63
C THR A 695 53.46 -2.68 10.71
N GLY A 696 53.60 -3.45 9.63
CA GLY A 696 54.52 -4.55 9.57
C GLY A 696 53.97 -5.74 10.32
N ILE A 697 52.65 -5.86 10.36
CA ILE A 697 52.02 -7.02 11.00
C ILE A 697 51.49 -7.87 9.88
N ASP A 698 51.59 -9.18 10.04
CA ASP A 698 51.21 -10.08 8.95
C ASP A 698 49.70 -10.28 8.92
N ILE A 699 49.12 -10.22 7.72
CA ILE A 699 47.65 -10.34 7.53
C ILE A 699 47.25 -11.31 6.42
N VAL A 700 46.43 -12.30 6.74
CA VAL A 700 46.05 -13.33 5.77
C VAL A 700 44.53 -13.49 5.61
N PRO A 701 43.97 -12.80 4.61
CA PRO A 701 42.51 -12.60 4.48
C PRO A 701 41.71 -13.89 4.29
N GLU A 702 40.70 -14.06 5.13
CA GLU A 702 39.66 -15.04 4.82
C GLU A 702 38.52 -14.30 4.12
N ILE A 703 37.97 -14.95 3.09
CA ILE A 703 36.90 -14.40 2.28
C ILE A 703 35.84 -15.47 2.21
N MET A 704 34.61 -15.13 2.55
CA MET A 704 33.57 -16.15 2.62
C MET A 704 32.34 -15.86 1.76
N ILE A 705 32.05 -16.79 0.88
CA ILE A 705 30.91 -16.65 0.00
C ILE A 705 29.69 -17.24 0.70
N PRO A 706 28.58 -16.47 0.70
CA PRO A 706 27.28 -16.88 1.28
C PRO A 706 26.35 -17.60 0.32
N LEU A 707 25.35 -18.28 0.88
CA LEU A 707 24.33 -18.99 0.13
C LEU A 707 24.86 -19.87 -1.02
N VAL A 708 25.92 -20.58 -0.70
CA VAL A 708 26.49 -21.64 -1.54
C VAL A 708 25.87 -23.00 -1.17
N GLY A 709 25.37 -23.71 -2.19
CA GLY A 709 24.76 -25.03 -2.04
C GLY A 709 25.20 -26.03 -3.11
N GLU A 710 26.07 -25.56 -3.99
CA GLU A 710 26.66 -26.34 -5.07
C GLU A 710 28.19 -26.11 -5.13
N LYS A 711 28.94 -27.10 -5.56
CA LYS A 711 30.38 -26.94 -5.70
C LYS A 711 30.79 -26.00 -6.89
N LYS A 712 30.34 -26.35 -8.10
CA LYS A 712 30.58 -25.54 -9.30
C LYS A 712 30.21 -24.07 -9.08
N GLU A 713 29.11 -23.87 -8.34
CA GLU A 713 28.58 -22.56 -7.94
C GLU A 713 29.60 -21.68 -7.18
N LEU A 714 30.29 -22.26 -6.22
CA LEU A 714 31.25 -21.49 -5.45
C LEU A 714 32.57 -21.28 -6.21
N LYS A 715 32.89 -22.16 -7.16
CA LYS A 715 34.16 -21.99 -7.89
C LYS A 715 34.12 -20.80 -8.85
N PHE A 716 32.96 -20.58 -9.46
CA PHE A 716 32.70 -19.48 -10.41
C PHE A 716 32.89 -18.14 -9.72
N VAL A 717 32.16 -17.93 -8.64
CA VAL A 717 32.42 -16.83 -7.73
C VAL A 717 33.87 -16.80 -7.24
N LYS A 718 34.41 -17.95 -6.87
CA LYS A 718 35.78 -18.04 -6.40
C LYS A 718 36.79 -17.69 -7.50
N ASP A 719 36.54 -18.18 -8.71
CA ASP A 719 37.43 -17.88 -9.83
C ASP A 719 37.52 -16.38 -10.07
N VAL A 720 36.36 -15.71 -10.03
CA VAL A 720 36.29 -14.25 -10.14
C VAL A 720 37.18 -13.61 -9.09
N VAL A 721 37.05 -14.10 -7.86
CA VAL A 721 37.82 -13.64 -6.71
C VAL A 721 39.34 -13.79 -6.96
N VAL A 722 39.77 -15.00 -7.35
CA VAL A 722 41.19 -15.35 -7.49
C VAL A 722 41.96 -14.58 -8.57
N GLU A 723 41.24 -13.91 -9.45
CA GLU A 723 41.86 -13.14 -10.51
C GLU A 723 42.14 -11.74 -10.03
N VAL A 724 41.10 -11.10 -9.51
CA VAL A 724 41.23 -9.77 -8.92
C VAL A 724 42.29 -9.81 -7.83
N ALA A 725 42.32 -10.90 -7.08
CA ALA A 725 43.25 -11.00 -5.95
C ALA A 725 44.71 -11.02 -6.41
N GLU A 726 44.96 -11.71 -7.53
CA GLU A 726 46.32 -11.86 -8.05
C GLU A 726 46.71 -10.67 -8.91
N GLN A 727 45.69 -9.89 -9.26
CA GLN A 727 45.85 -8.67 -10.05
C GLN A 727 46.32 -7.54 -9.16
N VAL A 728 45.92 -7.60 -7.89
CA VAL A 728 46.32 -6.58 -6.92
C VAL A 728 47.69 -6.92 -6.41
N LYS A 729 47.92 -8.23 -6.28
CA LYS A 729 49.16 -8.78 -5.74
C LYS A 729 50.29 -8.57 -6.72
N LYS A 730 49.97 -8.63 -8.00
CA LYS A 730 50.93 -8.29 -9.04
C LYS A 730 51.20 -6.80 -9.01
N GLU A 731 50.13 -6.00 -8.97
CA GLU A 731 50.25 -4.56 -8.88
C GLU A 731 51.23 -4.16 -7.77
N LYS A 732 50.98 -4.69 -6.57
CA LYS A 732 51.68 -4.24 -5.38
C LYS A 732 52.96 -5.04 -5.09
N GLY A 733 53.27 -5.96 -6.00
CA GLY A 733 54.43 -6.83 -5.87
C GLY A 733 54.30 -7.66 -4.61
N SER A 734 53.06 -8.04 -4.31
CA SER A 734 52.71 -8.66 -3.05
C SER A 734 52.71 -10.19 -3.06
N ASP A 735 53.29 -10.77 -2.03
CA ASP A 735 53.05 -12.16 -1.67
C ASP A 735 52.18 -12.07 -0.41
N MET A 736 50.88 -11.97 -0.61
CA MET A 736 49.94 -12.05 0.50
C MET A 736 48.96 -13.19 0.24
N GLN A 737 49.16 -14.26 1.00
CA GLN A 737 48.28 -15.42 0.90
C GLN A 737 46.89 -15.03 1.40
N TYR A 738 45.88 -15.70 0.87
CA TYR A 738 44.51 -15.41 1.28
C TYR A 738 43.73 -16.73 1.29
N HIS A 739 42.54 -16.75 1.86
CA HIS A 739 41.77 -17.99 1.87
C HIS A 739 40.32 -17.75 1.46
N ILE A 740 39.87 -18.53 0.49
CA ILE A 740 38.50 -18.43 0.03
C ILE A 740 37.66 -19.57 0.61
N GLY A 741 36.80 -19.25 1.56
CA GLY A 741 35.89 -20.25 2.09
C GLY A 741 34.45 -19.96 1.72
N THR A 742 33.55 -20.67 2.37
CA THR A 742 32.13 -20.57 2.09
C THR A 742 31.36 -20.70 3.38
N MET A 743 30.30 -19.91 3.52
CA MET A 743 29.35 -20.16 4.60
C MET A 743 28.79 -21.55 4.34
N ILE A 744 28.20 -22.17 5.36
CA ILE A 744 27.31 -23.30 5.09
C ILE A 744 25.97 -22.98 5.73
N GLU A 745 25.04 -22.46 4.94
CA GLU A 745 23.76 -22.01 5.49
C GLU A 745 22.57 -22.48 4.68
N ILE A 746 22.85 -22.94 3.46
CA ILE A 746 21.93 -23.73 2.65
C ILE A 746 22.17 -25.21 3.00
N PRO A 747 21.08 -26.00 3.17
CA PRO A 747 21.27 -27.40 3.60
C PRO A 747 21.96 -28.24 2.53
N ARG A 748 21.81 -27.86 1.25
CA ARG A 748 22.39 -28.64 0.16
C ARG A 748 23.92 -28.55 0.11
N ALA A 749 24.51 -27.69 0.94
CA ALA A 749 25.96 -27.56 1.04
C ALA A 749 26.54 -28.57 2.03
N ALA A 750 25.92 -28.68 3.21
CA ALA A 750 26.35 -29.64 4.24
C ALA A 750 26.07 -31.06 3.79
N LEU A 751 25.08 -31.21 2.91
CA LEU A 751 24.80 -32.51 2.31
C LEU A 751 25.96 -32.95 1.43
N THR A 752 26.44 -32.03 0.61
CA THR A 752 27.41 -32.34 -0.42
C THR A 752 28.76 -31.84 0.03
N ALA A 753 28.92 -31.72 1.34
CA ALA A 753 30.14 -31.22 1.94
C ALA A 753 31.38 -31.66 1.16
N ASP A 754 31.55 -32.97 1.02
CA ASP A 754 32.66 -33.56 0.26
C ASP A 754 32.98 -32.88 -1.07
N ALA A 755 31.94 -32.44 -1.78
CA ALA A 755 32.12 -31.72 -3.06
C ALA A 755 32.57 -30.27 -2.84
N ILE A 756 31.90 -29.61 -1.90
CA ILE A 756 32.19 -28.21 -1.59
C ILE A 756 33.64 -27.99 -1.12
N ALA A 757 34.10 -28.75 -0.12
CA ALA A 757 35.43 -28.51 0.45
C ALA A 757 36.55 -28.58 -0.61
N GLU A 758 36.30 -29.29 -1.71
CA GLU A 758 37.25 -29.31 -2.81
C GLU A 758 37.53 -27.90 -3.35
N GLU A 759 36.50 -27.06 -3.42
CA GLU A 759 36.72 -25.65 -3.80
C GLU A 759 36.92 -24.71 -2.60
N ALA A 760 36.14 -24.85 -1.53
CA ALA A 760 36.27 -23.95 -0.35
C ALA A 760 37.36 -24.33 0.69
N GLU A 761 38.23 -23.38 1.02
CA GLU A 761 39.32 -23.61 1.97
C GLU A 761 38.88 -23.62 3.45
N PHE A 762 37.65 -23.19 3.69
CA PHE A 762 37.05 -23.32 5.03
C PHE A 762 35.52 -23.45 4.97
N PHE A 763 34.99 -24.12 5.98
CA PHE A 763 33.55 -24.10 6.18
C PHE A 763 33.33 -23.15 7.31
N SER A 764 32.30 -22.32 7.19
CA SER A 764 31.88 -21.53 8.32
C SER A 764 30.40 -21.76 8.49
N PHE A 765 30.01 -22.16 9.67
CA PHE A 765 28.62 -22.55 9.90
C PHE A 765 27.76 -21.37 10.32
N GLY A 766 27.03 -20.81 9.35
CA GLY A 766 26.06 -19.77 9.66
C GLY A 766 24.77 -20.46 10.06
N THR A 767 24.70 -20.84 11.35
CA THR A 767 23.69 -21.79 11.84
C THR A 767 22.24 -21.37 11.64
N ASN A 768 22.06 -20.11 11.27
CA ASN A 768 20.79 -19.44 11.43
C ASN A 768 19.81 -19.63 10.27
N ASP A 769 20.24 -19.38 9.04
CA ASP A 769 19.40 -19.71 7.91
C ASP A 769 19.31 -21.22 7.75
N LEU A 770 20.41 -21.90 8.07
CA LEU A 770 20.42 -23.35 8.07
C LEU A 770 19.26 -23.89 8.91
N THR A 771 19.20 -23.46 10.18
CA THR A 771 18.04 -23.74 11.04
C THR A 771 16.72 -23.41 10.34
N GLN A 772 16.59 -22.14 9.95
CA GLN A 772 15.42 -21.63 9.24
C GLN A 772 15.01 -22.47 8.02
N MET A 773 15.97 -23.21 7.45
CA MET A 773 15.71 -24.03 6.28
C MET A 773 15.63 -25.52 6.58
N THR A 774 16.40 -25.97 7.56
CA THR A 774 16.21 -27.30 8.13
C THR A 774 14.81 -27.40 8.77
N PHE A 775 14.33 -26.30 9.34
CA PHE A 775 12.97 -26.25 9.90
C PHE A 775 11.88 -25.84 8.90
N GLY A 776 12.26 -25.29 7.74
CA GLY A 776 11.31 -24.83 6.76
C GLY A 776 10.53 -23.56 7.15
N PHE A 777 11.07 -22.82 8.13
CA PHE A 777 10.42 -21.57 8.56
C PHE A 777 11.35 -20.44 9.02
N SER A 778 10.77 -19.23 9.01
CA SER A 778 11.49 -18.01 9.36
C SER A 778 11.46 -17.69 10.86
N ARG A 779 12.43 -16.90 11.30
CA ARG A 779 12.48 -16.43 12.68
C ARG A 779 11.71 -15.11 12.78
N ASP A 780 11.95 -14.20 11.84
CA ASP A 780 11.17 -12.97 11.71
C ASP A 780 9.66 -13.18 11.77
N ASP A 781 9.25 -14.45 11.64
CA ASP A 781 7.83 -14.82 11.52
C ASP A 781 7.39 -15.95 12.48
N ALA A 782 8.28 -16.40 13.36
CA ALA A 782 7.96 -17.60 14.14
C ALA A 782 7.26 -17.32 15.47
N GLY A 783 6.92 -16.06 15.69
CA GLY A 783 6.18 -15.67 16.88
C GLY A 783 4.84 -16.39 16.93
N LYS A 784 4.18 -16.48 15.78
CA LYS A 784 2.75 -16.82 15.73
C LYS A 784 2.36 -18.26 16.15
N PHE A 785 3.36 -19.13 16.35
CA PHE A 785 3.11 -20.52 16.73
C PHE A 785 4.05 -21.06 17.80
N LEU A 786 5.30 -20.59 17.78
CA LEU A 786 6.28 -21.00 18.78
C LEU A 786 5.67 -21.08 20.18
N ASP A 787 4.78 -20.14 20.50
CA ASP A 787 4.27 -20.15 21.86
C ASP A 787 3.50 -21.44 22.11
N SER A 788 2.55 -21.73 21.23
CA SER A 788 1.85 -22.98 21.32
C SER A 788 2.84 -24.12 21.49
N TYR A 789 3.83 -24.17 20.60
CA TYR A 789 4.77 -25.29 20.55
C TYR A 789 5.51 -25.58 21.86
N TYR A 790 5.99 -24.53 22.52
CA TYR A 790 6.63 -24.68 23.83
C TYR A 790 5.60 -25.15 24.85
N LYS A 791 4.46 -24.47 24.87
CA LYS A 791 3.41 -24.75 25.85
C LYS A 791 2.90 -26.17 25.67
N ALA A 792 2.67 -26.54 24.42
CA ALA A 792 2.23 -27.89 24.07
C ALA A 792 3.37 -28.92 24.14
N LYS A 793 4.57 -28.47 24.51
CA LYS A 793 5.75 -29.33 24.57
C LYS A 793 6.23 -29.85 23.21
N ILE A 794 5.69 -29.30 22.12
CA ILE A 794 6.10 -29.71 20.78
C ILE A 794 7.60 -29.48 20.64
N TYR A 795 8.00 -28.23 20.83
CA TYR A 795 9.40 -27.86 20.88
C TYR A 795 9.76 -27.66 22.34
N GLU A 796 10.85 -28.28 22.79
CA GLU A 796 11.34 -28.10 24.16
C GLU A 796 12.17 -26.81 24.27
N SER A 797 13.09 -26.65 23.32
CA SER A 797 13.94 -25.47 23.29
C SER A 797 13.62 -24.54 22.12
N ASP A 798 14.16 -23.33 22.20
CA ASP A 798 14.09 -22.38 21.10
C ASP A 798 15.16 -22.66 20.04
N PRO A 799 14.74 -23.04 18.82
CA PRO A 799 15.66 -23.50 17.76
C PRO A 799 16.46 -22.36 17.14
N PHE A 800 16.14 -21.13 17.54
CA PHE A 800 16.88 -20.00 17.00
C PHE A 800 17.89 -19.45 18.01
N ALA A 801 17.93 -20.10 19.18
CA ALA A 801 18.91 -19.76 20.20
C ALA A 801 19.79 -20.96 20.59
N ARG A 802 19.18 -22.09 20.93
CA ARG A 802 19.91 -23.32 21.24
C ARG A 802 20.07 -24.16 19.99
N LEU A 803 21.32 -24.49 19.65
CA LEU A 803 21.59 -25.31 18.46
C LEU A 803 20.88 -26.64 18.60
N ASP A 804 20.04 -26.95 17.60
CA ASP A 804 19.25 -28.19 17.54
C ASP A 804 20.12 -29.38 17.11
N GLN A 805 20.77 -30.01 18.10
CA GLN A 805 21.71 -31.10 17.86
C GLN A 805 21.03 -32.25 17.11
N THR A 806 19.78 -32.52 17.47
CA THR A 806 19.02 -33.64 16.91
C THR A 806 18.85 -33.56 15.40
N GLY A 807 18.26 -32.46 14.94
CA GLY A 807 17.98 -32.31 13.53
C GLY A 807 19.08 -31.58 12.81
N VAL A 808 19.26 -30.31 13.15
CA VAL A 808 20.20 -29.45 12.44
C VAL A 808 21.64 -29.90 12.66
N GLY A 809 21.97 -30.24 13.90
CA GLY A 809 23.28 -30.80 14.24
C GLY A 809 23.73 -31.91 13.30
N GLN A 810 22.77 -32.68 12.78
CA GLN A 810 23.04 -33.78 11.85
C GLN A 810 23.78 -33.29 10.60
N LEU A 811 23.32 -32.19 10.04
CA LEU A 811 23.93 -31.65 8.85
C LEU A 811 25.31 -31.12 9.17
N VAL A 812 25.48 -30.63 10.40
CA VAL A 812 26.73 -30.01 10.85
C VAL A 812 27.83 -31.07 10.86
N GLU A 813 27.63 -32.09 11.68
CA GLU A 813 28.52 -33.24 11.71
C GLU A 813 28.82 -33.66 10.28
N MET A 814 27.77 -34.04 9.56
CA MET A 814 27.86 -34.50 8.17
C MET A 814 28.67 -33.56 7.31
N ALA A 815 28.62 -32.27 7.64
CA ALA A 815 29.33 -31.26 6.89
C ALA A 815 30.83 -31.34 7.17
N VAL A 816 31.18 -31.49 8.45
CA VAL A 816 32.57 -31.54 8.89
C VAL A 816 33.21 -32.89 8.52
N LYS A 817 32.40 -33.95 8.60
CA LYS A 817 32.81 -35.26 8.09
C LYS A 817 33.07 -35.21 6.57
N LYS A 818 32.01 -35.28 5.76
CA LYS A 818 32.13 -35.25 4.29
C LYS A 818 33.09 -34.16 3.81
N GLY A 819 33.12 -33.05 4.53
CA GLY A 819 33.97 -31.92 4.20
C GLY A 819 35.42 -32.25 4.44
N ARG A 820 35.72 -32.78 5.61
CA ARG A 820 37.12 -33.08 5.93
C ARG A 820 37.65 -34.34 5.24
N GLN A 821 36.75 -35.09 4.60
CA GLN A 821 37.13 -36.29 3.87
C GLN A 821 37.85 -35.97 2.57
N THR A 822 37.84 -34.69 2.19
CA THR A 822 38.47 -34.27 0.95
C THR A 822 39.48 -33.15 1.22
N ARG A 823 39.39 -32.54 2.41
CA ARG A 823 40.35 -31.52 2.81
C ARG A 823 40.70 -31.64 4.29
N PRO A 824 41.42 -32.73 4.65
CA PRO A 824 41.82 -33.02 6.03
C PRO A 824 42.15 -31.78 6.87
N GLY A 825 42.95 -30.87 6.31
CA GLY A 825 43.39 -29.69 7.05
C GLY A 825 42.26 -28.69 7.28
N LEU A 826 41.09 -29.00 6.73
CA LEU A 826 39.93 -28.10 6.63
C LEU A 826 39.49 -27.45 7.92
N LYS A 827 39.65 -26.13 7.98
CA LYS A 827 39.21 -25.35 9.13
C LYS A 827 37.74 -25.03 8.96
N CYS A 828 36.97 -25.26 10.01
CA CYS A 828 35.58 -24.85 9.98
C CYS A 828 35.17 -24.21 11.28
N GLY A 829 34.49 -23.08 11.18
CA GLY A 829 34.00 -22.36 12.33
C GLY A 829 32.52 -22.07 12.20
N ILE A 830 31.88 -21.77 13.33
CA ILE A 830 30.45 -21.46 13.32
C ILE A 830 30.15 -20.02 13.74
N CYS A 831 29.42 -19.32 12.87
CA CYS A 831 28.87 -18.02 13.21
C CYS A 831 27.34 -18.02 13.12
N GLY A 832 26.67 -18.34 14.21
CA GLY A 832 25.25 -18.06 14.29
C GLY A 832 24.97 -17.18 15.51
N GLU A 833 23.74 -17.24 16.02
CA GLU A 833 23.53 -16.79 17.40
C GLU A 833 23.67 -17.99 18.33
N HIS A 834 23.88 -19.18 17.73
CA HIS A 834 24.24 -20.40 18.46
C HIS A 834 25.74 -20.46 18.81
N GLY A 835 26.50 -19.42 18.46
CA GLY A 835 27.92 -19.34 18.82
C GLY A 835 28.23 -18.77 20.22
N GLY A 836 27.15 -18.44 20.96
CA GLY A 836 27.23 -17.85 22.29
C GLY A 836 26.23 -18.57 23.19
N ASP A 837 25.67 -19.65 22.66
CA ASP A 837 24.95 -20.63 23.47
C ASP A 837 25.92 -21.77 23.86
N PRO A 838 26.17 -21.90 25.18
CA PRO A 838 26.98 -22.98 25.77
C PRO A 838 26.60 -24.37 25.22
N SER A 839 25.36 -24.79 25.43
CA SER A 839 24.87 -26.05 24.88
C SER A 839 25.28 -26.24 23.41
N SER A 840 25.19 -25.16 22.63
CA SER A 840 25.47 -25.23 21.19
C SER A 840 26.96 -25.41 21.01
N VAL A 841 27.71 -24.60 21.76
CA VAL A 841 29.17 -24.60 21.77
C VAL A 841 29.75 -25.99 22.06
N GLU A 842 29.16 -26.70 23.02
CA GLU A 842 29.64 -28.05 23.33
C GLU A 842 29.57 -28.94 22.11
N PHE A 843 28.37 -29.12 21.57
CA PHE A 843 28.21 -29.92 20.36
C PHE A 843 29.25 -29.52 19.30
N CYS A 844 29.60 -28.24 19.26
CA CYS A 844 30.58 -27.76 18.29
C CYS A 844 31.97 -28.24 18.68
N HIS A 845 32.26 -28.09 19.97
CA HIS A 845 33.48 -28.59 20.53
C HIS A 845 33.59 -30.05 20.12
N LYS A 846 32.64 -30.84 20.61
CA LYS A 846 32.62 -32.28 20.41
C LYS A 846 32.76 -32.74 18.95
N VAL A 847 32.22 -31.99 17.99
CA VAL A 847 32.27 -32.47 16.58
C VAL A 847 33.54 -32.08 15.82
N GLY A 848 34.14 -30.94 16.17
CA GLY A 848 35.45 -30.63 15.63
C GLY A 848 35.63 -29.26 14.99
N LEU A 849 34.74 -28.33 15.30
CA LEU A 849 34.88 -26.97 14.80
C LEU A 849 36.09 -26.24 15.42
N ASN A 850 37.10 -26.01 14.59
CA ASN A 850 38.27 -25.20 14.92
C ASN A 850 38.02 -24.04 15.87
N TYR A 851 36.84 -23.43 15.77
CA TYR A 851 36.50 -22.32 16.66
C TYR A 851 35.00 -22.07 16.78
N VAL A 852 34.67 -21.06 17.59
CA VAL A 852 33.33 -20.50 17.69
C VAL A 852 33.46 -18.99 17.61
N SER A 853 32.44 -18.35 17.05
CA SER A 853 32.38 -16.90 16.94
C SER A 853 31.02 -16.43 17.39
N CYS A 854 31.01 -15.59 18.43
CA CYS A 854 29.76 -15.01 18.95
C CYS A 854 29.92 -13.48 19.06
N SER A 855 28.79 -12.77 19.05
CA SER A 855 28.79 -11.32 19.19
C SER A 855 29.72 -10.87 20.32
N PRO A 856 30.29 -9.66 20.18
CA PRO A 856 31.31 -9.16 21.10
C PRO A 856 30.91 -9.23 22.58
N PHE A 857 29.64 -8.97 22.91
CA PHE A 857 29.18 -9.02 24.30
C PHE A 857 28.76 -10.42 24.75
N ARG A 858 29.01 -11.43 23.93
CA ARG A 858 28.72 -12.80 24.34
C ARG A 858 29.98 -13.64 24.32
N VAL A 859 31.12 -12.97 24.12
CA VAL A 859 32.42 -13.64 24.01
C VAL A 859 32.84 -14.35 25.30
N PRO A 860 32.63 -13.70 26.46
CA PRO A 860 32.84 -14.35 27.76
C PRO A 860 31.98 -15.62 27.99
N ILE A 861 30.84 -15.75 27.29
CA ILE A 861 30.03 -16.96 27.36
C ILE A 861 30.61 -18.10 26.50
N ALA A 862 30.94 -17.77 25.25
CA ALA A 862 31.66 -18.69 24.36
C ALA A 862 32.92 -19.20 25.08
N ARG A 863 33.78 -18.25 25.49
CA ARG A 863 35.01 -18.55 26.22
C ARG A 863 34.83 -19.63 27.29
N LEU A 864 34.13 -19.27 28.37
CA LEU A 864 33.77 -20.19 29.45
C LEU A 864 33.18 -21.52 28.97
N ALA A 865 32.21 -21.43 28.05
CA ALA A 865 31.52 -22.59 27.49
C ALA A 865 32.43 -23.48 26.65
N ALA A 866 33.26 -22.87 25.79
CA ALA A 866 34.30 -23.62 25.07
C ALA A 866 35.29 -24.23 26.08
N ALA A 867 35.45 -23.55 27.23
CA ALA A 867 36.27 -24.07 28.32
C ALA A 867 35.57 -25.20 29.07
N GLN A 868 34.30 -25.01 29.42
CA GLN A 868 33.56 -26.07 30.11
C GLN A 868 33.47 -27.33 29.25
N ALA A 869 33.15 -27.16 27.97
CA ALA A 869 32.90 -28.29 27.07
C ALA A 869 34.19 -29.02 26.71
N ALA A 870 35.31 -28.31 26.81
CA ALA A 870 36.62 -28.93 26.62
C ALA A 870 36.79 -29.94 27.74
N LEU A 871 36.51 -29.48 28.96
CA LEU A 871 36.65 -30.33 30.14
C LEU A 871 35.58 -31.42 30.11
N ASN A 872 34.33 -31.04 30.37
CA ASN A 872 33.23 -32.00 30.49
C ASN A 872 33.05 -32.97 29.31
N ASN A 873 34.14 -33.15 28.55
CA ASN A 873 34.15 -34.07 27.40
C ASN A 873 35.40 -34.95 27.20
N ALA B 2 50.11 -43.71 -23.07
CA ALA B 2 49.62 -44.83 -23.85
C ALA B 2 48.77 -44.37 -25.07
N LYS B 3 47.94 -45.27 -25.60
CA LYS B 3 47.17 -45.00 -26.81
C LYS B 3 46.10 -43.92 -26.62
N TRP B 4 46.36 -42.74 -27.17
CA TRP B 4 45.36 -41.68 -27.28
C TRP B 4 44.61 -41.79 -28.64
N VAL B 5 45.23 -42.42 -29.62
CA VAL B 5 44.65 -42.50 -30.96
C VAL B 5 44.29 -43.92 -31.43
N TYR B 6 43.07 -44.07 -31.94
CA TYR B 6 42.57 -45.36 -32.37
C TYR B 6 42.21 -45.35 -33.86
N LYS B 7 42.25 -46.51 -34.50
CA LYS B 7 41.84 -46.60 -35.89
C LYS B 7 40.51 -47.32 -35.98
N PHE B 8 39.64 -46.84 -36.86
CA PHE B 8 38.29 -47.39 -36.97
C PHE B 8 38.33 -48.91 -36.84
N GLU B 9 39.17 -49.54 -37.66
CA GLU B 9 39.33 -50.98 -37.62
C GLU B 9 39.69 -51.46 -36.21
N GLU B 10 40.49 -50.67 -35.50
CA GLU B 10 40.89 -50.99 -34.12
C GLU B 10 39.75 -50.91 -33.09
N GLY B 11 38.51 -50.65 -33.54
CA GLY B 11 37.43 -50.36 -32.60
C GLY B 11 36.14 -51.13 -32.87
N ASN B 12 35.17 -50.99 -31.97
CA ASN B 12 33.83 -51.54 -32.19
C ASN B 12 32.70 -50.87 -31.38
N ALA B 13 31.46 -51.10 -31.80
CA ALA B 13 30.30 -50.46 -31.20
C ALA B 13 30.36 -50.53 -29.67
N SER B 14 30.97 -51.59 -29.16
CA SER B 14 31.06 -51.79 -27.72
C SER B 14 32.23 -50.99 -27.13
N MET B 15 32.64 -49.93 -27.82
CA MET B 15 33.78 -49.12 -27.41
C MET B 15 33.36 -47.65 -27.47
N ARG B 16 32.06 -47.46 -27.28
CA ARG B 16 31.38 -46.19 -27.39
C ARG B 16 31.90 -45.11 -26.42
N ASN B 17 32.23 -45.50 -25.19
CA ASN B 17 32.67 -44.52 -24.21
C ASN B 17 34.08 -44.01 -24.51
N LEU B 18 34.79 -44.73 -25.38
CA LEU B 18 36.15 -44.33 -25.73
C LEU B 18 36.17 -43.43 -26.98
N LEU B 19 35.37 -43.80 -27.98
CA LEU B 19 35.41 -43.17 -29.31
C LEU B 19 34.12 -42.46 -29.72
N GLY B 20 33.12 -42.57 -28.85
CA GLY B 20 31.79 -42.02 -29.12
C GLY B 20 30.82 -43.00 -29.76
N GLY B 21 29.59 -42.53 -29.99
CA GLY B 21 28.65 -43.28 -30.80
C GLY B 21 29.10 -43.22 -32.25
N LYS B 22 29.83 -42.16 -32.60
CA LYS B 22 30.26 -41.98 -33.98
C LYS B 22 31.40 -42.92 -34.39
N GLY B 23 32.54 -42.80 -33.72
CA GLY B 23 33.67 -43.64 -34.05
C GLY B 23 33.49 -45.08 -33.60
N CYS B 24 32.47 -45.33 -32.80
CA CYS B 24 32.18 -46.69 -32.36
C CYS B 24 31.26 -47.39 -33.39
N ASN B 25 30.42 -46.61 -34.07
CA ASN B 25 29.65 -47.10 -35.21
C ASN B 25 30.43 -46.93 -36.50
N LEU B 26 31.37 -45.99 -36.50
CA LEU B 26 32.27 -45.79 -37.62
C LEU B 26 33.17 -47.01 -37.75
N ALA B 27 33.92 -47.28 -36.69
CA ALA B 27 34.65 -48.53 -36.54
C ALA B 27 33.74 -49.74 -36.87
N GLU B 28 32.56 -49.77 -36.24
CA GLU B 28 31.64 -50.87 -36.44
C GLU B 28 31.35 -51.05 -37.94
N MET B 29 31.07 -49.94 -38.63
CA MET B 29 30.72 -50.01 -40.05
C MET B 29 31.87 -50.58 -40.84
N THR B 30 33.07 -50.08 -40.54
CA THR B 30 34.30 -50.61 -41.13
C THR B 30 34.37 -52.11 -40.90
N ILE B 31 34.49 -52.53 -39.64
CA ILE B 31 34.59 -53.95 -39.30
C ILE B 31 33.47 -54.79 -39.93
N LEU B 32 32.37 -54.13 -40.33
CA LEU B 32 31.32 -54.81 -41.09
C LEU B 32 31.72 -54.96 -42.57
N GLY B 33 32.87 -54.40 -42.92
CA GLY B 33 33.39 -54.47 -44.28
C GLY B 33 32.86 -53.36 -45.16
N MET B 34 31.89 -52.62 -44.66
CA MET B 34 31.20 -51.56 -45.43
C MET B 34 32.12 -50.43 -45.93
N PRO B 35 31.71 -49.78 -47.04
CA PRO B 35 32.43 -48.72 -47.75
C PRO B 35 32.47 -47.46 -46.91
N ILE B 36 33.35 -47.45 -45.91
CA ILE B 36 33.43 -46.37 -44.95
C ILE B 36 34.81 -45.75 -45.05
N PRO B 37 34.86 -44.48 -45.49
CA PRO B 37 36.12 -43.75 -45.66
C PRO B 37 37.03 -43.89 -44.43
N GLN B 38 38.30 -44.23 -44.64
CA GLN B 38 39.17 -44.58 -43.51
C GLN B 38 39.66 -43.39 -42.68
N GLY B 39 39.63 -43.55 -41.36
CA GLY B 39 40.10 -42.52 -40.47
C GLY B 39 40.48 -43.02 -39.09
N PHE B 40 40.74 -42.09 -38.17
CA PHE B 40 40.97 -42.49 -36.79
C PHE B 40 40.10 -41.68 -35.80
N THR B 41 40.24 -41.98 -34.51
CA THR B 41 39.54 -41.26 -33.47
C THR B 41 40.45 -40.96 -32.31
N VAL B 42 40.44 -39.70 -31.90
CA VAL B 42 41.01 -39.32 -30.63
C VAL B 42 39.89 -39.51 -29.64
N THR B 43 40.21 -40.21 -28.56
CA THR B 43 39.21 -40.67 -27.60
C THR B 43 38.84 -39.54 -26.63
N THR B 44 37.68 -39.70 -26.02
CA THR B 44 37.09 -38.68 -25.12
C THR B 44 37.99 -38.44 -23.91
N GLU B 45 38.96 -39.34 -23.73
CA GLU B 45 40.02 -39.18 -22.74
C GLU B 45 40.88 -37.94 -23.06
N ALA B 46 41.29 -37.83 -24.33
CA ALA B 46 42.02 -36.65 -24.80
C ALA B 46 41.23 -35.39 -24.48
N CYS B 47 39.97 -35.33 -24.93
CA CYS B 47 39.08 -34.20 -24.64
C CYS B 47 39.27 -33.77 -23.20
N THR B 48 39.23 -34.75 -22.30
CA THR B 48 39.44 -34.52 -20.89
C THR B 48 40.87 -34.00 -20.61
N GLU B 49 41.86 -34.76 -21.06
CA GLU B 49 43.27 -34.35 -20.97
C GLU B 49 43.45 -32.88 -21.37
N TYR B 50 42.86 -32.52 -22.51
CA TYR B 50 42.79 -31.14 -23.00
C TYR B 50 42.43 -30.12 -21.90
N TYR B 51 41.25 -30.26 -21.31
CA TYR B 51 40.78 -29.32 -20.29
C TYR B 51 41.71 -29.30 -19.10
N ASN B 52 42.39 -30.42 -18.85
CA ASN B 52 43.35 -30.54 -17.75
C ASN B 52 44.79 -30.34 -18.24
N SER B 53 44.99 -30.46 -19.55
CA SER B 53 46.17 -29.90 -20.19
C SER B 53 45.87 -28.42 -20.44
N GLY B 54 44.91 -27.89 -19.67
CA GLY B 54 44.51 -26.49 -19.73
C GLY B 54 44.15 -26.03 -21.13
N LYS B 55 43.11 -26.65 -21.69
CA LYS B 55 42.72 -26.43 -23.09
C LYS B 55 43.89 -26.63 -24.03
N GLN B 56 44.72 -27.64 -23.77
CA GLN B 56 45.87 -27.91 -24.64
C GLN B 56 46.12 -29.39 -24.88
N ILE B 57 46.98 -29.67 -25.85
CA ILE B 57 47.35 -31.04 -26.18
C ILE B 57 48.81 -31.33 -25.83
N THR B 58 48.99 -32.30 -24.95
CA THR B 58 50.31 -32.77 -24.57
C THR B 58 51.10 -33.21 -25.80
N GLN B 59 52.39 -32.87 -25.78
CA GLN B 59 53.33 -33.26 -26.83
C GLN B 59 53.11 -34.72 -27.25
N GLU B 60 52.69 -35.52 -26.29
CA GLU B 60 52.46 -36.92 -26.52
C GLU B 60 51.22 -37.13 -27.41
N ILE B 61 50.06 -36.67 -26.94
CA ILE B 61 48.80 -36.84 -27.69
C ILE B 61 48.86 -36.24 -29.10
N GLN B 62 49.74 -35.25 -29.30
CA GLN B 62 49.87 -34.58 -30.59
C GLN B 62 50.69 -35.36 -31.62
N ASP B 63 51.69 -36.10 -31.12
CA ASP B 63 52.53 -36.92 -31.97
C ASP B 63 51.73 -38.09 -32.48
N GLN B 64 50.90 -38.65 -31.59
CA GLN B 64 50.03 -39.75 -31.96
C GLN B 64 49.03 -39.35 -33.04
N ILE B 65 48.43 -38.16 -32.90
CA ILE B 65 47.58 -37.61 -33.96
C ILE B 65 48.31 -37.67 -35.31
N PHE B 66 49.45 -36.97 -35.35
CA PHE B 66 50.26 -36.79 -36.56
C PHE B 66 50.85 -38.09 -37.03
N GLU B 67 51.19 -38.95 -36.06
CA GLU B 67 51.70 -40.27 -36.36
C GLU B 67 50.62 -41.08 -37.08
N ALA B 68 49.39 -40.91 -36.62
CA ALA B 68 48.26 -41.62 -37.19
C ALA B 68 47.96 -41.04 -38.58
N ILE B 69 48.08 -39.71 -38.71
CA ILE B 69 47.79 -39.06 -39.98
C ILE B 69 48.60 -39.72 -41.08
N THR B 70 49.92 -39.67 -40.88
CA THR B 70 50.87 -40.38 -41.71
C THR B 70 50.29 -41.72 -42.19
N TRP B 71 49.74 -42.49 -41.25
CA TRP B 71 49.12 -43.77 -41.56
C TRP B 71 48.02 -43.68 -42.61
N LEU B 72 47.20 -42.62 -42.52
CA LEU B 72 46.15 -42.37 -43.51
C LEU B 72 46.73 -42.02 -44.88
N GLU B 73 47.72 -41.13 -44.91
CA GLU B 73 48.47 -40.86 -46.14
C GLU B 73 48.86 -42.15 -46.84
N GLU B 74 49.62 -42.97 -46.12
CA GLU B 74 50.14 -44.23 -46.66
C GLU B 74 49.04 -45.04 -47.33
N LEU B 75 47.97 -45.29 -46.59
CA LEU B 75 46.83 -46.03 -47.12
C LEU B 75 46.25 -45.35 -48.35
N ASN B 76 46.01 -44.05 -48.28
CA ASN B 76 45.43 -43.35 -49.41
C ASN B 76 46.39 -43.20 -50.59
N GLY B 77 47.66 -42.96 -50.30
CA GLY B 77 48.64 -42.67 -51.35
C GLY B 77 48.85 -41.18 -51.58
N LYS B 78 48.40 -40.36 -50.63
CA LYS B 78 48.61 -38.93 -50.72
C LYS B 78 49.02 -38.37 -49.37
N LYS B 79 49.83 -37.30 -49.39
CA LYS B 79 50.26 -36.65 -48.16
C LYS B 79 49.28 -35.56 -47.68
N PHE B 80 49.42 -35.20 -46.42
CA PHE B 80 48.49 -34.28 -45.77
C PHE B 80 48.75 -32.81 -46.14
N GLY B 81 47.70 -32.15 -46.66
CA GLY B 81 47.76 -30.78 -47.12
C GLY B 81 48.96 -30.59 -48.03
N ASP B 82 49.29 -31.65 -48.76
CA ASP B 82 50.44 -31.67 -49.67
C ASP B 82 50.22 -30.73 -50.87
N THR B 83 51.30 -30.45 -51.60
CA THR B 83 51.29 -29.42 -52.63
C THR B 83 50.58 -29.79 -53.93
N GLU B 84 50.82 -31.00 -54.44
CA GLU B 84 50.27 -31.41 -55.74
C GLU B 84 49.09 -32.37 -55.61
N ASP B 85 49.35 -33.56 -55.07
CA ASP B 85 48.31 -34.57 -54.89
C ASP B 85 48.05 -34.80 -53.40
N PRO B 86 47.29 -33.87 -52.79
CA PRO B 86 47.14 -33.74 -51.34
C PRO B 86 46.07 -34.64 -50.75
N LEU B 87 46.34 -35.14 -49.55
CA LEU B 87 45.34 -35.85 -48.76
C LEU B 87 44.42 -34.82 -48.12
N LEU B 88 43.11 -35.01 -48.30
CA LEU B 88 42.09 -34.15 -47.69
C LEU B 88 41.24 -34.85 -46.60
N VAL B 89 41.24 -34.27 -45.40
CA VAL B 89 40.51 -34.84 -44.26
C VAL B 89 39.26 -34.03 -43.79
N SER B 90 38.42 -34.67 -42.98
CA SER B 90 37.32 -34.00 -42.27
C SER B 90 37.57 -34.16 -40.76
N VAL B 91 37.35 -33.10 -39.97
CA VAL B 91 37.51 -33.16 -38.51
C VAL B 91 36.20 -33.15 -37.73
N ARG B 92 35.70 -34.34 -37.39
CA ARG B 92 34.35 -34.54 -36.88
C ARG B 92 34.28 -34.69 -35.36
N SER B 93 33.23 -34.16 -34.76
CA SER B 93 33.01 -34.36 -33.33
C SER B 93 32.04 -35.49 -33.03
N GLY B 94 31.76 -35.67 -31.75
CA GLY B 94 30.81 -36.66 -31.28
C GLY B 94 30.98 -37.02 -29.81
N ALA B 95 29.91 -36.88 -29.02
CA ALA B 95 30.00 -37.24 -27.60
C ALA B 95 29.77 -38.74 -27.38
N ARG B 96 29.63 -39.15 -26.12
CA ARG B 96 29.33 -40.54 -25.81
C ARG B 96 27.92 -40.80 -26.31
N ALA B 97 27.10 -39.74 -26.23
CA ALA B 97 25.70 -39.78 -26.67
C ALA B 97 25.43 -38.92 -27.91
N SER B 98 24.24 -39.09 -28.50
CA SER B 98 23.83 -38.31 -29.66
C SER B 98 23.27 -36.93 -29.27
N MET B 99 23.81 -35.89 -29.88
CA MET B 99 23.30 -34.55 -29.69
C MET B 99 23.35 -33.90 -31.04
N PRO B 100 22.46 -34.35 -31.95
CA PRO B 100 22.50 -33.91 -33.35
C PRO B 100 22.88 -32.43 -33.54
N GLY B 101 23.68 -32.14 -34.57
CA GLY B 101 24.15 -30.79 -34.87
C GLY B 101 24.57 -29.86 -33.75
N MET B 102 24.63 -30.33 -32.51
CA MET B 102 25.03 -29.50 -31.38
C MET B 102 26.52 -29.15 -31.37
N MET B 103 27.38 -30.15 -31.54
CA MET B 103 28.81 -29.86 -31.66
C MET B 103 29.13 -29.64 -33.12
N ASP B 104 30.40 -29.32 -33.39
CA ASP B 104 30.80 -28.89 -34.72
C ASP B 104 31.71 -29.89 -35.45
N THR B 105 31.83 -29.71 -36.75
CA THR B 105 32.74 -30.51 -37.54
C THR B 105 33.31 -29.63 -38.64
N ILE B 106 34.55 -29.85 -39.06
CA ILE B 106 35.12 -29.07 -40.17
C ILE B 106 35.46 -29.98 -41.37
N LEU B 107 35.18 -29.50 -42.59
CA LEU B 107 35.33 -30.30 -43.81
C LEU B 107 36.42 -29.78 -44.76
N ASN B 108 37.06 -30.70 -45.50
CA ASN B 108 38.13 -30.37 -46.45
C ASN B 108 39.36 -29.73 -45.79
N LEU B 109 39.88 -30.37 -44.75
CA LEU B 109 40.95 -29.79 -43.94
C LEU B 109 42.34 -30.14 -44.45
N GLY B 110 43.08 -29.10 -44.84
CA GLY B 110 44.38 -29.26 -45.46
C GLY B 110 44.44 -28.81 -46.91
N LEU B 111 43.57 -27.89 -47.28
CA LEU B 111 43.71 -27.14 -48.52
C LEU B 111 44.34 -25.77 -48.19
N ASN B 112 45.56 -25.53 -48.65
CA ASN B 112 46.18 -24.22 -48.45
C ASN B 112 46.05 -23.37 -49.70
N ASP B 113 46.96 -22.43 -49.90
CA ASP B 113 46.88 -21.58 -51.09
C ASP B 113 47.48 -22.26 -52.32
N VAL B 114 48.31 -23.27 -52.05
CA VAL B 114 48.99 -24.00 -53.12
C VAL B 114 48.24 -25.28 -53.50
N ALA B 115 47.89 -26.06 -52.49
CA ALA B 115 47.27 -27.37 -52.63
C ALA B 115 45.97 -27.30 -53.42
N VAL B 116 45.31 -26.14 -53.39
CA VAL B 116 44.07 -25.96 -54.15
C VAL B 116 44.42 -25.95 -55.63
N GLU B 117 45.61 -25.48 -55.93
CA GLU B 117 46.04 -25.52 -57.30
C GLU B 117 46.47 -26.92 -57.72
N GLY B 118 47.23 -27.60 -56.86
CA GLY B 118 47.45 -29.02 -57.03
C GLY B 118 46.10 -29.74 -57.24
N PHE B 119 45.20 -29.58 -56.28
CA PHE B 119 43.89 -30.23 -56.29
C PHE B 119 43.19 -30.00 -57.60
N ALA B 120 43.08 -28.72 -57.95
CA ALA B 120 42.39 -28.33 -59.17
C ALA B 120 42.94 -29.13 -60.34
N LYS B 121 44.26 -29.17 -60.45
CA LYS B 121 44.94 -29.81 -61.58
C LYS B 121 44.83 -31.34 -61.56
N LYS B 122 44.98 -31.92 -60.36
CA LYS B 122 44.95 -33.37 -60.20
C LYS B 122 43.57 -33.93 -60.53
N THR B 123 42.51 -33.19 -60.19
CA THR B 123 41.16 -33.63 -60.52
C THR B 123 40.68 -33.08 -61.87
N GLY B 124 41.46 -32.19 -62.47
CA GLY B 124 41.05 -31.52 -63.68
C GLY B 124 39.69 -30.88 -63.50
N ASN B 125 39.43 -30.35 -62.31
CA ASN B 125 38.11 -29.81 -61.94
C ASN B 125 38.17 -28.63 -60.95
N PRO B 126 38.49 -27.43 -61.47
CA PRO B 126 38.68 -26.21 -60.68
C PRO B 126 37.39 -25.67 -60.01
N ARG B 127 36.24 -25.83 -60.66
CA ARG B 127 34.98 -25.46 -60.03
C ARG B 127 34.93 -26.13 -58.66
N PHE B 128 35.12 -27.45 -58.69
CA PHE B 128 35.19 -28.30 -57.51
C PHE B 128 36.28 -27.90 -56.46
N ALA B 129 37.50 -27.63 -56.89
CA ALA B 129 38.57 -27.29 -55.92
C ALA B 129 38.18 -26.18 -54.97
N TYR B 130 37.70 -25.07 -55.52
CA TYR B 130 37.48 -23.88 -54.72
C TYR B 130 36.23 -23.94 -53.89
N ASP B 131 35.14 -24.45 -54.47
CA ASP B 131 33.94 -24.82 -53.72
C ASP B 131 34.35 -25.51 -52.42
N SER B 132 35.28 -26.46 -52.51
CA SER B 132 35.84 -27.15 -51.34
C SER B 132 36.78 -26.28 -50.48
N TYR B 133 37.26 -25.19 -51.07
CA TYR B 133 38.20 -24.31 -50.37
C TYR B 133 37.43 -23.16 -49.70
N ARG B 134 36.47 -22.60 -50.42
CA ARG B 134 35.56 -21.64 -49.79
C ARG B 134 34.92 -22.35 -48.60
N ARG B 135 34.54 -23.61 -48.83
CA ARG B 135 33.96 -24.48 -47.80
C ARG B 135 34.85 -24.67 -46.58
N PHE B 136 36.17 -24.67 -46.76
CA PHE B 136 37.09 -24.82 -45.63
C PHE B 136 37.13 -23.53 -44.83
N ILE B 137 37.48 -22.44 -45.51
CA ILE B 137 37.55 -21.13 -44.85
C ILE B 137 36.20 -20.84 -44.16
N GLN B 138 35.12 -21.09 -44.91
CA GLN B 138 33.77 -21.04 -44.37
C GLN B 138 33.68 -21.76 -43.00
N MET B 139 33.67 -23.09 -43.03
CA MET B 139 33.43 -23.92 -41.85
C MET B 139 34.47 -23.75 -40.78
N TYR B 140 35.73 -23.75 -41.20
CA TYR B 140 36.85 -23.64 -40.27
C TYR B 140 36.78 -22.34 -39.46
N SER B 141 36.66 -21.23 -40.19
CA SER B 141 36.66 -19.90 -39.57
C SER B 141 35.41 -19.64 -38.74
N ASP B 142 34.31 -20.22 -39.17
CA ASP B 142 33.06 -20.11 -38.45
C ASP B 142 33.14 -20.78 -37.09
N VAL B 143 33.87 -21.91 -37.05
CA VAL B 143 33.97 -22.79 -35.89
C VAL B 143 35.26 -22.59 -35.06
N VAL B 144 36.42 -22.61 -35.72
CA VAL B 144 37.70 -22.46 -35.01
C VAL B 144 37.85 -21.06 -34.43
N MET B 145 37.46 -20.08 -35.22
CA MET B 145 37.33 -18.72 -34.74
C MET B 145 35.85 -18.46 -34.53
N GLU B 146 35.47 -17.21 -34.48
CA GLU B 146 34.10 -16.89 -34.15
C GLU B 146 33.31 -16.28 -35.31
N VAL B 147 34.02 -15.94 -36.38
CA VAL B 147 33.44 -15.34 -37.57
C VAL B 147 32.14 -16.05 -38.01
N PRO B 148 30.98 -15.39 -37.82
CA PRO B 148 29.65 -15.99 -38.07
C PRO B 148 29.29 -16.26 -39.54
N LYS B 149 28.25 -17.09 -39.75
CA LYS B 149 27.87 -17.57 -41.09
C LYS B 149 27.35 -16.47 -42.02
N SER B 150 26.37 -15.70 -41.52
CA SER B 150 25.73 -14.66 -42.30
C SER B 150 26.74 -14.01 -43.25
N HIS B 151 27.85 -13.52 -42.69
CA HIS B 151 28.95 -12.98 -43.49
C HIS B 151 29.13 -13.85 -44.73
N PHE B 152 29.67 -15.05 -44.52
CA PHE B 152 29.88 -16.00 -45.60
C PHE B 152 28.56 -16.30 -46.30
N GLU B 153 27.48 -16.42 -45.51
CA GLU B 153 26.16 -16.65 -46.09
C GLU B 153 25.70 -15.53 -46.99
N LYS B 154 25.92 -14.29 -46.57
CA LYS B 154 25.56 -13.13 -47.38
C LYS B 154 26.54 -12.94 -48.55
N ILE B 155 27.84 -13.17 -48.31
CA ILE B 155 28.82 -12.93 -49.37
C ILE B 155 28.54 -13.90 -50.49
N ILE B 156 28.40 -15.17 -50.13
CA ILE B 156 28.01 -16.19 -51.08
C ILE B 156 26.62 -15.84 -51.66
N ASP B 157 25.88 -15.02 -50.92
CA ASP B 157 24.64 -14.43 -51.44
C ASP B 157 24.95 -13.30 -52.44
N ALA B 158 25.29 -12.14 -51.90
CA ALA B 158 25.52 -10.95 -52.72
C ALA B 158 26.17 -11.27 -54.07
N MET B 159 26.93 -12.36 -54.11
CA MET B 159 27.73 -12.70 -55.29
C MET B 159 26.93 -13.42 -56.38
N LYS B 160 26.03 -14.32 -55.96
CA LYS B 160 25.09 -14.96 -56.86
C LYS B 160 24.05 -13.95 -57.37
N GLU B 161 23.79 -12.92 -56.57
CA GLU B 161 22.95 -11.81 -57.01
C GLU B 161 23.72 -11.09 -58.11
N GLU B 162 24.76 -10.36 -57.70
CA GLU B 162 25.60 -9.64 -58.66
C GLU B 162 25.85 -10.47 -59.92
N LYS B 163 26.14 -11.77 -59.72
CA LYS B 163 26.40 -12.67 -60.86
C LYS B 163 25.11 -13.18 -61.51
N GLY B 164 23.96 -12.86 -60.94
CA GLY B 164 22.68 -13.28 -61.50
C GLY B 164 22.45 -14.78 -61.57
N VAL B 165 22.95 -15.50 -60.56
CA VAL B 165 22.76 -16.96 -60.47
C VAL B 165 21.94 -17.35 -59.23
N HIS B 166 21.29 -18.52 -59.29
CA HIS B 166 20.41 -18.97 -58.21
C HIS B 166 21.03 -20.11 -57.38
N PHE B 167 21.83 -20.95 -58.04
CA PHE B 167 22.40 -22.14 -57.40
C PHE B 167 23.91 -22.07 -57.19
N ASP B 168 24.39 -22.80 -56.20
CA ASP B 168 25.81 -22.83 -55.89
C ASP B 168 26.55 -23.49 -57.06
N THR B 169 25.92 -24.50 -57.64
CA THR B 169 26.48 -25.25 -58.76
C THR B 169 26.71 -24.34 -59.99
N ASP B 170 26.31 -23.06 -59.86
CA ASP B 170 26.34 -22.11 -60.98
C ASP B 170 27.51 -21.12 -60.95
N LEU B 171 28.19 -21.04 -59.81
CA LEU B 171 29.34 -20.17 -59.70
C LEU B 171 30.52 -20.74 -60.50
N THR B 172 31.23 -19.87 -61.22
CA THR B 172 32.45 -20.28 -61.91
C THR B 172 33.55 -20.52 -60.90
N ALA B 173 34.56 -21.28 -61.34
CA ALA B 173 35.81 -21.39 -60.58
C ALA B 173 36.37 -19.99 -60.35
N ASP B 174 35.97 -19.05 -61.22
CA ASP B 174 36.25 -17.63 -61.04
C ASP B 174 35.70 -17.18 -59.69
N ASP B 175 34.38 -17.28 -59.58
CA ASP B 175 33.63 -16.80 -58.43
C ASP B 175 34.08 -17.49 -57.14
N LEU B 176 34.40 -18.77 -57.25
CA LEU B 176 34.88 -19.56 -56.12
C LEU B 176 36.30 -19.18 -55.67
N LYS B 177 37.23 -19.04 -56.61
CA LYS B 177 38.59 -18.50 -56.31
C LYS B 177 38.48 -17.11 -55.70
N GLU B 178 37.64 -16.29 -56.32
CA GLU B 178 37.24 -14.99 -55.80
C GLU B 178 36.77 -15.19 -54.36
N LEU B 179 35.67 -15.92 -54.23
CA LEU B 179 35.03 -16.20 -52.95
C LEU B 179 36.07 -16.70 -51.96
N ALA B 180 36.99 -17.51 -52.48
CA ALA B 180 38.12 -18.00 -51.69
C ALA B 180 38.86 -16.81 -51.08
N GLU B 181 39.22 -15.86 -51.94
CA GLU B 181 39.90 -14.62 -51.54
C GLU B 181 39.13 -13.84 -50.47
N LYS B 182 37.86 -13.57 -50.75
CA LYS B 182 36.96 -12.89 -49.79
C LYS B 182 36.81 -13.62 -48.45
N PHE B 183 36.57 -14.93 -48.49
CA PHE B 183 36.51 -15.73 -47.28
C PHE B 183 37.77 -15.60 -46.39
N LYS B 184 38.95 -15.44 -46.99
CA LYS B 184 40.17 -15.24 -46.22
C LYS B 184 40.35 -13.77 -45.81
N ALA B 185 39.70 -12.90 -46.58
CA ALA B 185 39.56 -11.48 -46.25
C ALA B 185 38.69 -11.35 -45.00
N VAL B 186 37.57 -12.08 -45.01
CA VAL B 186 36.69 -12.22 -43.87
C VAL B 186 37.48 -12.60 -42.63
N TYR B 187 38.39 -13.55 -42.82
CA TYR B 187 39.17 -14.10 -41.72
C TYR B 187 40.18 -13.06 -41.26
N LYS B 188 41.15 -12.79 -42.14
CA LYS B 188 42.21 -11.82 -41.87
C LYS B 188 41.65 -10.57 -41.21
N GLU B 189 40.54 -10.08 -41.76
CA GLU B 189 39.75 -9.04 -41.10
C GLU B 189 39.40 -9.39 -39.66
N ALA B 190 38.49 -10.35 -39.51
CA ALA B 190 37.84 -10.65 -38.22
C ALA B 190 38.80 -10.78 -37.03
N MET B 191 40.09 -10.95 -37.30
CA MET B 191 41.07 -11.28 -36.26
C MET B 191 42.32 -10.36 -36.16
N ASN B 192 42.12 -9.06 -36.37
CA ASN B 192 43.18 -8.03 -36.36
C ASN B 192 44.52 -8.49 -36.96
N GLY B 193 44.51 -8.61 -38.28
CA GLY B 193 45.72 -8.90 -39.04
C GLY B 193 45.83 -10.34 -39.49
N GLU B 194 45.89 -11.24 -38.51
CA GLU B 194 46.12 -12.66 -38.78
C GLU B 194 45.44 -13.17 -40.04
N GLU B 195 46.20 -13.94 -40.82
CA GLU B 195 45.66 -14.56 -42.04
C GLU B 195 45.45 -16.09 -41.93
N PHE B 196 44.51 -16.63 -42.71
CA PHE B 196 44.09 -18.04 -42.62
C PHE B 196 45.25 -19.04 -42.68
N PRO B 197 45.31 -19.94 -41.68
CA PRO B 197 46.43 -20.87 -41.45
C PRO B 197 46.78 -21.71 -42.67
N GLN B 198 48.00 -21.56 -43.18
CA GLN B 198 48.37 -22.25 -44.42
C GLN B 198 48.90 -23.69 -44.24
N GLU B 199 49.50 -23.97 -43.08
CA GLU B 199 50.08 -25.28 -42.80
C GLU B 199 49.06 -26.25 -42.20
N PRO B 200 48.77 -27.35 -42.91
CA PRO B 200 47.77 -28.31 -42.43
C PRO B 200 48.03 -28.84 -41.01
N LYS B 201 49.28 -28.84 -40.58
CA LYS B 201 49.58 -29.25 -39.20
C LYS B 201 49.05 -28.19 -38.22
N ASP B 202 48.90 -26.96 -38.70
CA ASP B 202 48.22 -25.89 -37.97
C ASP B 202 46.73 -26.12 -38.03
N GLN B 203 46.21 -26.21 -39.25
CA GLN B 203 44.79 -26.46 -39.49
C GLN B 203 44.31 -27.61 -38.64
N LEU B 204 45.01 -28.73 -38.75
CA LEU B 204 44.67 -29.97 -38.05
C LEU B 204 44.53 -29.80 -36.53
N MET B 205 45.62 -29.42 -35.88
CA MET B 205 45.61 -29.18 -34.45
C MET B 205 44.55 -28.16 -34.05
N GLY B 206 44.44 -27.12 -34.87
CA GLY B 206 43.46 -26.07 -34.64
C GLY B 206 42.05 -26.61 -34.56
N ALA B 207 41.69 -27.51 -35.48
CA ALA B 207 40.36 -28.12 -35.51
C ALA B 207 40.13 -29.04 -34.33
N VAL B 208 41.01 -30.02 -34.16
CA VAL B 208 40.89 -30.98 -33.06
C VAL B 208 40.52 -30.27 -31.75
N LYS B 209 41.36 -29.31 -31.37
CA LYS B 209 41.12 -28.48 -30.19
C LYS B 209 39.71 -27.86 -30.17
N ALA B 210 39.36 -27.12 -31.22
CA ALA B 210 38.10 -26.37 -31.28
C ALA B 210 36.89 -27.28 -31.33
N VAL B 211 37.14 -28.54 -31.66
CA VAL B 211 36.07 -29.55 -31.69
C VAL B 211 35.89 -30.13 -30.29
N PHE B 212 36.99 -30.29 -29.56
CA PHE B 212 36.90 -30.55 -28.12
C PHE B 212 36.07 -29.43 -27.52
N ARG B 213 36.35 -28.19 -27.94
CA ARG B 213 35.70 -27.01 -27.40
C ARG B 213 34.20 -27.10 -27.66
N SER B 214 33.84 -27.60 -28.85
CA SER B 214 32.44 -27.79 -29.26
C SER B 214 31.64 -28.29 -28.08
N TRP B 215 32.20 -29.26 -27.39
CA TRP B 215 31.60 -29.80 -26.17
C TRP B 215 30.75 -28.74 -25.45
N ASP B 216 31.34 -27.56 -25.24
CA ASP B 216 30.63 -26.52 -24.52
C ASP B 216 30.08 -25.37 -25.36
N ASN B 217 29.62 -25.68 -26.58
CA ASN B 217 28.85 -24.68 -27.34
C ASN B 217 27.66 -24.34 -26.46
N PRO B 218 27.20 -23.08 -26.51
CA PRO B 218 25.91 -22.69 -25.90
C PRO B 218 24.78 -23.68 -26.20
N ARG B 219 24.52 -23.96 -27.49
CA ARG B 219 23.42 -24.85 -27.93
C ARG B 219 23.59 -26.26 -27.39
N ALA B 220 24.84 -26.68 -27.23
CA ALA B 220 25.12 -28.01 -26.69
C ALA B 220 24.71 -28.09 -25.21
N ILE B 221 24.95 -27.01 -24.48
CA ILE B 221 24.53 -26.99 -23.09
C ILE B 221 22.96 -27.03 -23.00
N VAL B 222 22.30 -26.65 -24.08
CA VAL B 222 20.83 -26.68 -24.11
C VAL B 222 20.26 -28.09 -24.34
N TYR B 223 20.79 -28.76 -25.36
CA TYR B 223 20.35 -30.12 -25.71
C TYR B 223 20.62 -31.11 -24.58
N ARG B 224 21.72 -30.87 -23.84
CA ARG B 224 22.15 -31.70 -22.70
C ARG B 224 21.24 -31.56 -21.49
N ARG B 225 20.71 -30.37 -21.28
CA ARG B 225 19.79 -30.16 -20.17
C ARG B 225 18.48 -30.79 -20.59
N MET B 226 18.08 -30.54 -21.83
CA MET B 226 16.84 -31.09 -22.33
C MET B 226 16.81 -32.62 -22.17
N ASN B 227 17.97 -33.26 -22.16
CA ASN B 227 17.99 -34.71 -22.22
C ASN B 227 18.82 -35.41 -21.15
N ASP B 228 19.07 -34.70 -20.05
CA ASP B 228 19.76 -35.24 -18.88
C ASP B 228 21.12 -35.83 -19.24
N ILE B 229 21.96 -35.03 -19.88
CA ILE B 229 23.30 -35.47 -20.25
C ILE B 229 24.36 -34.72 -19.42
N PRO B 230 25.17 -35.48 -18.65
CA PRO B 230 26.16 -34.88 -17.76
C PRO B 230 27.13 -34.08 -18.62
N GLY B 231 27.27 -32.79 -18.32
CA GLY B 231 28.10 -31.89 -19.10
C GLY B 231 29.58 -32.22 -19.01
N ASP B 232 29.90 -33.37 -18.41
CA ASP B 232 31.31 -33.70 -18.16
C ASP B 232 31.84 -34.83 -19.05
N TRP B 233 30.92 -35.60 -19.65
CA TRP B 233 31.29 -36.69 -20.55
C TRP B 233 32.42 -36.38 -21.54
N GLY B 234 32.39 -35.18 -22.13
CA GLY B 234 33.35 -34.81 -23.16
C GLY B 234 32.92 -35.32 -24.54
N THR B 235 33.76 -35.08 -25.53
CA THR B 235 33.51 -35.56 -26.89
C THR B 235 34.81 -36.07 -27.53
N ALA B 236 34.70 -37.11 -28.36
CA ALA B 236 35.86 -37.52 -29.13
C ALA B 236 35.94 -36.72 -30.44
N VAL B 237 37.14 -36.57 -30.98
CA VAL B 237 37.29 -35.94 -32.30
C VAL B 237 37.69 -36.96 -33.36
N ASN B 238 36.81 -37.12 -34.35
CA ASN B 238 37.09 -38.01 -35.45
C ASN B 238 37.82 -37.31 -36.58
N VAL B 239 38.88 -37.95 -37.06
CA VAL B 239 39.65 -37.45 -38.19
C VAL B 239 39.51 -38.49 -39.29
N GLN B 240 38.77 -38.12 -40.34
CA GLN B 240 38.36 -39.06 -41.39
C GLN B 240 38.70 -38.54 -42.78
N THR B 241 39.24 -39.42 -43.62
CA THR B 241 39.64 -39.01 -44.96
C THR B 241 38.41 -38.73 -45.83
N MET B 242 38.37 -37.53 -46.39
CA MET B 242 37.23 -37.02 -47.17
C MET B 242 36.79 -37.87 -48.35
N VAL B 243 35.50 -37.79 -48.67
CA VAL B 243 34.95 -38.28 -49.94
C VAL B 243 34.00 -37.21 -50.46
N PHE B 244 34.25 -36.76 -51.69
CA PHE B 244 33.69 -35.52 -52.23
C PHE B 244 32.43 -35.65 -53.07
N GLY B 245 31.39 -34.92 -52.68
CA GLY B 245 30.12 -34.93 -53.37
C GLY B 245 29.96 -33.73 -54.28
N ASN B 246 30.76 -32.69 -54.04
CA ASN B 246 30.75 -31.48 -54.87
C ASN B 246 31.45 -31.66 -56.24
N LYS B 247 31.54 -32.91 -56.68
CA LYS B 247 32.33 -33.27 -57.84
C LYS B 247 31.48 -33.46 -59.09
N GLY B 248 30.22 -33.05 -59.05
CA GLY B 248 29.37 -33.19 -60.23
C GLY B 248 28.07 -34.00 -60.06
N GLU B 249 27.34 -34.13 -61.18
CA GLU B 249 25.97 -34.68 -61.23
C GLU B 249 25.80 -36.11 -60.72
N THR B 250 26.78 -36.93 -61.03
CA THR B 250 26.81 -38.31 -60.60
C THR B 250 27.45 -38.43 -59.21
N SER B 251 27.68 -37.27 -58.59
CA SER B 251 28.18 -37.14 -57.21
C SER B 251 27.14 -36.33 -56.38
N GLY B 252 27.13 -36.51 -55.06
CA GLY B 252 26.07 -35.93 -54.22
C GLY B 252 25.93 -36.59 -52.87
N THR B 253 25.15 -36.00 -51.98
CA THR B 253 25.16 -36.35 -50.55
C THR B 253 23.74 -36.55 -50.05
N GLY B 254 23.50 -37.51 -49.15
CA GLY B 254 22.18 -37.70 -48.58
C GLY B 254 22.16 -38.08 -47.10
N VAL B 255 21.00 -37.96 -46.46
CA VAL B 255 20.78 -38.62 -45.17
C VAL B 255 19.40 -39.28 -45.15
N ALA B 256 19.23 -40.34 -44.36
CA ALA B 256 18.02 -41.16 -44.42
C ALA B 256 17.68 -41.90 -43.12
N PHE B 257 16.38 -42.23 -42.96
CA PHE B 257 15.89 -43.06 -41.86
C PHE B 257 15.16 -44.28 -42.43
N THR B 258 15.68 -45.47 -42.15
CA THR B 258 15.18 -46.76 -42.67
C THR B 258 13.69 -46.93 -42.45
N ARG B 259 13.11 -45.97 -41.74
CA ARG B 259 11.68 -45.98 -41.43
C ARG B 259 11.28 -44.53 -41.15
N ASN B 260 10.00 -44.22 -41.27
CA ASN B 260 9.53 -42.86 -41.03
C ASN B 260 9.77 -42.39 -39.58
N PRO B 261 10.43 -41.22 -39.40
CA PRO B 261 10.59 -40.74 -38.02
C PRO B 261 9.48 -39.77 -37.58
N SER B 262 8.53 -39.48 -38.46
CA SER B 262 7.32 -38.78 -38.04
C SER B 262 6.20 -39.79 -37.79
N THR B 263 5.96 -40.62 -38.79
CA THR B 263 4.79 -41.47 -38.80
C THR B 263 5.03 -42.81 -38.12
N GLY B 264 6.28 -43.26 -38.19
CA GLY B 264 6.70 -44.55 -37.66
C GLY B 264 6.76 -45.62 -38.73
N GLU B 265 6.57 -45.22 -39.99
CA GLU B 265 6.30 -46.21 -41.03
C GLU B 265 7.49 -46.87 -41.72
N LYS B 266 7.37 -48.18 -41.95
CA LYS B 266 8.40 -48.98 -42.61
C LYS B 266 8.74 -48.48 -44.02
N GLY B 267 10.00 -48.61 -44.39
CA GLY B 267 10.43 -48.18 -45.70
C GLY B 267 11.27 -46.92 -45.63
N ILE B 268 12.28 -46.81 -46.50
CA ILE B 268 13.20 -45.66 -46.52
C ILE B 268 12.54 -44.28 -46.46
N TYR B 269 13.25 -43.35 -45.83
CA TYR B 269 12.77 -42.00 -45.65
C TYR B 269 14.01 -41.16 -45.64
N GLY B 270 14.03 -40.11 -46.46
CA GLY B 270 15.16 -39.20 -46.44
C GLY B 270 15.27 -38.32 -47.67
N GLU B 271 16.43 -37.68 -47.79
CA GLU B 271 16.72 -36.78 -48.90
C GLU B 271 18.11 -37.03 -49.48
N TYR B 272 18.38 -36.36 -50.58
CA TYR B 272 19.69 -36.42 -51.26
C TYR B 272 19.90 -35.09 -51.98
N LEU B 273 21.15 -34.70 -52.22
CA LEU B 273 21.41 -33.43 -52.89
C LEU B 273 22.49 -33.63 -53.98
N ILE B 274 22.06 -33.49 -55.23
CA ILE B 274 22.94 -33.67 -56.41
C ILE B 274 24.16 -32.70 -56.34
N ASN B 275 25.36 -33.26 -56.28
CA ASN B 275 26.59 -32.46 -56.27
C ASN B 275 26.70 -31.48 -55.09
N ALA B 276 27.04 -32.00 -53.92
CA ALA B 276 27.00 -31.19 -52.71
C ALA B 276 27.70 -31.91 -51.56
N GLN B 277 28.31 -31.15 -50.65
CA GLN B 277 28.83 -31.77 -49.44
C GLN B 277 27.74 -31.93 -48.36
N GLY B 278 27.98 -32.85 -47.41
CA GLY B 278 27.05 -33.18 -46.35
C GLY B 278 26.42 -32.04 -45.57
N GLU B 279 27.19 -30.96 -45.35
CA GLU B 279 26.73 -29.80 -44.57
C GLU B 279 25.40 -29.21 -45.04
N ASP B 280 25.40 -28.66 -46.24
CA ASP B 280 24.21 -28.11 -46.87
C ASP B 280 22.93 -28.89 -46.48
N VAL B 281 23.05 -30.21 -46.37
CA VAL B 281 21.92 -31.06 -46.05
C VAL B 281 21.65 -31.16 -44.54
N VAL B 282 22.65 -31.53 -43.77
CA VAL B 282 22.46 -31.67 -42.32
C VAL B 282 22.23 -30.32 -41.66
N ALA B 283 23.01 -29.33 -42.11
CA ALA B 283 23.06 -28.01 -41.49
C ALA B 283 21.92 -27.04 -41.88
N GLY B 284 20.84 -27.59 -42.45
CA GLY B 284 19.69 -26.78 -42.80
C GLY B 284 19.96 -25.55 -43.64
N VAL B 285 21.09 -25.54 -44.34
CA VAL B 285 21.49 -24.41 -45.18
C VAL B 285 20.89 -24.41 -46.60
N ARG B 286 20.79 -25.58 -47.24
CA ARG B 286 20.17 -25.65 -48.57
C ARG B 286 19.11 -26.73 -48.57
N THR B 287 17.95 -26.40 -49.13
CA THR B 287 16.83 -27.34 -49.22
C THR B 287 17.11 -28.42 -50.28
N PRO B 288 17.24 -29.70 -49.84
CA PRO B 288 17.43 -30.83 -50.75
C PRO B 288 16.10 -31.50 -51.15
N GLN B 289 16.18 -32.32 -52.19
CA GLN B 289 15.02 -33.01 -52.75
C GLN B 289 14.74 -34.37 -52.07
N PRO B 290 13.61 -35.00 -52.43
CA PRO B 290 13.22 -36.34 -51.92
C PRO B 290 14.21 -37.43 -52.31
N ILE B 291 14.31 -38.46 -51.47
CA ILE B 291 15.23 -39.55 -51.72
C ILE B 291 14.81 -40.28 -52.99
N THR B 292 13.52 -40.21 -53.36
CA THR B 292 13.05 -40.96 -54.54
C THR B 292 13.85 -40.57 -55.79
N GLN B 293 14.31 -39.33 -55.84
CA GLN B 293 15.24 -38.88 -56.86
C GLN B 293 16.38 -39.89 -57.03
N LEU B 294 17.30 -39.92 -56.07
CA LEU B 294 18.41 -40.89 -56.08
C LEU B 294 17.98 -42.32 -56.46
N GLU B 295 16.79 -42.74 -56.01
CA GLU B 295 16.23 -44.00 -56.49
C GLU B 295 15.98 -43.98 -58.00
N ASN B 296 15.25 -42.96 -58.48
CA ASN B 296 14.91 -42.85 -59.88
C ASN B 296 16.17 -42.83 -60.75
N ASP B 297 16.99 -41.80 -60.49
CA ASP B 297 18.01 -41.35 -61.42
C ASP B 297 19.38 -41.97 -61.12
N MET B 298 19.41 -42.87 -60.16
CA MET B 298 20.61 -43.66 -59.87
C MET B 298 20.17 -45.01 -59.34
N PRO B 299 19.44 -45.79 -60.17
CA PRO B 299 18.78 -47.02 -59.67
C PRO B 299 19.75 -48.00 -58.98
N ASP B 300 21.04 -47.88 -59.27
CA ASP B 300 22.02 -48.81 -58.74
C ASP B 300 22.59 -48.42 -57.37
N CYS B 301 23.21 -47.25 -57.30
CA CYS B 301 23.75 -46.73 -56.05
C CYS B 301 22.71 -46.74 -54.93
N TYR B 302 21.42 -46.65 -55.33
CA TYR B 302 20.32 -46.70 -54.36
C TYR B 302 19.98 -48.11 -53.91
N LYS B 303 20.12 -49.08 -54.82
CA LYS B 303 19.83 -50.48 -54.51
C LYS B 303 20.85 -50.96 -53.48
N GLN B 304 22.08 -50.49 -53.69
CA GLN B 304 23.24 -50.73 -52.84
C GLN B 304 23.02 -50.12 -51.47
N PHE B 305 22.71 -48.82 -51.48
CA PHE B 305 22.30 -48.09 -50.29
C PHE B 305 21.12 -48.78 -49.60
N MET B 306 20.16 -49.21 -50.40
CA MET B 306 18.98 -49.91 -49.95
C MET B 306 19.34 -51.12 -49.09
N ASP B 307 20.18 -52.00 -49.64
CA ASP B 307 20.63 -53.20 -48.91
C ASP B 307 21.31 -52.83 -47.59
N LEU B 308 22.37 -52.03 -47.71
CA LEU B 308 23.24 -51.69 -46.57
C LEU B 308 22.48 -51.04 -45.41
N ALA B 309 21.41 -50.33 -45.75
CA ALA B 309 20.49 -49.73 -44.77
C ALA B 309 19.71 -50.78 -43.96
N MET B 310 19.26 -51.82 -44.64
CA MET B 310 18.52 -52.88 -43.98
C MET B 310 19.51 -53.80 -43.29
N LYS B 311 20.76 -53.72 -43.72
CA LYS B 311 21.77 -54.43 -42.97
C LYS B 311 21.80 -53.77 -41.59
N LEU B 312 22.30 -52.52 -41.57
CA LEU B 312 22.51 -51.72 -40.36
C LEU B 312 21.30 -51.75 -39.45
N GLU B 313 20.10 -51.77 -40.07
CA GLU B 313 18.86 -51.88 -39.32
C GLU B 313 18.91 -53.17 -38.50
N LYS B 314 19.32 -54.25 -39.15
CA LYS B 314 19.39 -55.55 -38.50
C LYS B 314 20.55 -55.61 -37.52
N HIS B 315 21.73 -55.24 -38.01
CA HIS B 315 22.92 -55.27 -37.16
C HIS B 315 22.69 -54.51 -35.85
N PHE B 316 21.93 -53.42 -35.91
CA PHE B 316 21.69 -52.63 -34.72
C PHE B 316 20.31 -52.87 -34.13
N ARG B 317 19.49 -53.61 -34.87
CA ARG B 317 18.20 -54.01 -34.36
C ARG B 317 17.31 -52.80 -34.04
N ASP B 318 17.62 -51.65 -34.64
CA ASP B 318 16.80 -50.42 -34.49
C ASP B 318 16.88 -49.50 -35.71
N MET B 319 15.79 -48.77 -35.99
CA MET B 319 15.72 -47.85 -37.15
C MET B 319 16.86 -46.81 -37.13
N GLN B 320 17.59 -46.73 -38.24
CA GLN B 320 18.81 -45.93 -38.25
C GLN B 320 18.73 -44.65 -39.10
N ASP B 321 19.30 -43.56 -38.57
CA ASP B 321 19.57 -42.35 -39.36
C ASP B 321 20.98 -42.48 -39.93
N MET B 322 21.13 -42.21 -41.22
CA MET B 322 22.37 -42.55 -41.90
C MET B 322 22.87 -41.41 -42.79
N GLU B 323 24.10 -40.96 -42.56
CA GLU B 323 24.74 -39.98 -43.43
C GLU B 323 25.58 -40.71 -44.49
N PHE B 324 25.42 -40.32 -45.74
CA PHE B 324 26.16 -40.96 -46.83
C PHE B 324 26.51 -39.98 -47.97
N THR B 325 27.57 -40.29 -48.69
CA THR B 325 27.97 -39.51 -49.86
C THR B 325 28.33 -40.47 -50.99
N ILE B 326 27.87 -40.13 -52.20
CA ILE B 326 28.31 -40.77 -53.44
C ILE B 326 29.33 -39.85 -54.11
N GLU B 327 30.55 -40.35 -54.29
CA GLU B 327 31.59 -39.60 -55.05
C GLU B 327 31.84 -40.19 -56.45
N GLU B 328 31.14 -39.64 -57.44
CA GLU B 328 31.22 -40.08 -58.85
C GLU B 328 30.56 -41.43 -59.18
N GLY B 329 29.50 -41.77 -58.45
CA GLY B 329 28.80 -43.01 -58.66
C GLY B 329 29.23 -44.09 -57.69
N LYS B 330 30.19 -43.76 -56.83
CA LYS B 330 30.64 -44.67 -55.80
C LYS B 330 30.12 -44.22 -54.44
N LEU B 331 29.04 -44.87 -53.99
CA LEU B 331 28.40 -44.62 -52.71
C LEU B 331 29.31 -44.87 -51.49
N TYR B 332 29.21 -43.98 -50.49
CA TYR B 332 29.98 -44.14 -49.26
C TYR B 332 29.12 -43.86 -48.04
N PHE B 333 29.20 -44.72 -47.03
CA PHE B 333 28.54 -44.46 -45.75
C PHE B 333 29.42 -43.75 -44.73
N LEU B 334 29.06 -42.50 -44.40
CA LEU B 334 29.80 -41.79 -43.36
C LEU B 334 29.21 -42.09 -41.98
N GLN B 335 27.93 -41.83 -41.74
CA GLN B 335 27.38 -42.10 -40.41
C GLN B 335 26.16 -43.02 -40.33
N THR B 336 25.94 -43.57 -39.14
CA THR B 336 24.70 -44.25 -38.79
C THR B 336 24.42 -44.12 -37.27
N ARG B 337 23.13 -44.03 -36.93
CA ARG B 337 22.71 -44.05 -35.53
C ARG B 337 21.23 -44.38 -35.43
N ASN B 338 20.74 -44.56 -34.21
CA ASN B 338 19.31 -44.73 -34.00
C ASN B 338 18.60 -43.37 -34.15
N GLY B 339 17.89 -43.21 -35.25
CA GLY B 339 17.26 -41.94 -35.56
C GLY B 339 16.42 -41.39 -34.42
N LYS B 340 16.59 -40.10 -34.14
CA LYS B 340 15.69 -39.43 -33.21
C LYS B 340 14.39 -39.21 -33.98
N ARG B 341 13.29 -39.59 -33.35
CA ARG B 341 12.00 -39.78 -33.99
C ARG B 341 10.91 -39.09 -33.17
N THR B 342 9.68 -39.05 -33.68
CA THR B 342 8.58 -38.55 -32.88
C THR B 342 8.22 -39.65 -31.89
N ALA B 343 7.42 -39.31 -30.88
CA ALA B 343 6.92 -40.30 -29.93
C ALA B 343 5.95 -41.25 -30.62
N PRO B 344 4.99 -40.70 -31.38
CA PRO B 344 4.12 -41.46 -32.31
C PRO B 344 4.94 -42.43 -33.14
N ALA B 345 5.96 -41.90 -33.82
CA ALA B 345 6.96 -42.76 -34.47
C ALA B 345 7.59 -43.69 -33.42
N ALA B 346 8.26 -43.11 -32.41
CA ALA B 346 8.94 -43.88 -31.36
C ALA B 346 8.25 -45.20 -31.09
N LEU B 347 6.94 -45.12 -30.92
CA LEU B 347 6.14 -46.26 -30.47
C LEU B 347 5.89 -47.28 -31.61
N GLN B 348 5.44 -46.75 -32.74
CA GLN B 348 5.14 -47.54 -33.94
C GLN B 348 6.29 -48.49 -34.28
N ILE B 349 7.50 -47.94 -34.36
CA ILE B 349 8.69 -48.72 -34.66
C ILE B 349 8.83 -49.89 -33.69
N ALA B 350 8.70 -49.59 -32.39
CA ALA B 350 8.92 -50.60 -31.37
C ALA B 350 7.99 -51.79 -31.60
N CYS B 351 6.68 -51.56 -31.54
CA CYS B 351 5.69 -52.59 -31.85
C CYS B 351 6.03 -53.36 -33.12
N ASP B 352 6.39 -52.60 -34.16
CA ASP B 352 6.86 -53.15 -35.43
C ASP B 352 8.01 -54.15 -35.25
N LEU B 353 9.16 -53.65 -34.78
CA LEU B 353 10.35 -54.49 -34.56
C LEU B 353 10.06 -55.74 -33.71
N VAL B 354 9.31 -55.54 -32.63
CA VAL B 354 8.82 -56.65 -31.80
C VAL B 354 7.95 -57.62 -32.59
N ASP B 355 6.96 -57.06 -33.29
CA ASP B 355 6.06 -57.83 -34.17
C ASP B 355 6.82 -58.68 -35.17
N GLU B 356 7.74 -58.06 -35.89
CA GLU B 356 8.62 -58.74 -36.85
C GLU B 356 9.44 -59.81 -36.17
N GLY B 357 10.22 -59.43 -35.17
CA GLY B 357 10.66 -60.44 -34.22
C GLY B 357 12.08 -60.18 -33.85
N MET B 358 12.49 -58.96 -34.19
CA MET B 358 13.87 -58.55 -34.03
C MET B 358 14.14 -58.07 -32.61
N ILE B 359 13.13 -57.47 -32.02
CA ILE B 359 13.23 -57.08 -30.61
C ILE B 359 12.09 -57.68 -29.76
N THR B 360 12.35 -57.81 -28.47
CA THR B 360 11.38 -58.37 -27.52
C THR B 360 10.45 -57.27 -27.04
N GLU B 361 9.44 -57.62 -26.26
CA GLU B 361 8.56 -56.61 -25.65
C GLU B 361 9.30 -55.80 -24.58
N GLU B 362 10.41 -56.34 -24.09
CA GLU B 362 11.21 -55.72 -23.02
C GLU B 362 12.12 -54.64 -23.61
N GLU B 363 12.72 -54.96 -24.76
CA GLU B 363 13.61 -54.05 -25.48
C GLU B 363 12.85 -52.82 -25.96
N ALA B 364 11.60 -53.03 -26.35
CA ALA B 364 10.72 -51.94 -26.76
C ALA B 364 10.53 -50.92 -25.63
N VAL B 365 9.81 -51.32 -24.59
CA VAL B 365 9.54 -50.45 -23.44
C VAL B 365 10.79 -49.70 -23.05
N VAL B 366 11.93 -50.39 -23.10
CA VAL B 366 13.20 -49.82 -22.70
C VAL B 366 13.73 -48.71 -23.62
N ARG B 367 13.75 -48.94 -24.93
CA ARG B 367 14.33 -47.94 -25.82
C ARG B 367 13.54 -46.63 -25.84
N ILE B 368 12.21 -46.72 -25.73
CA ILE B 368 11.38 -45.51 -25.89
C ILE B 368 11.80 -44.39 -24.91
N GLU B 369 11.97 -43.18 -25.46
CA GLU B 369 12.27 -42.00 -24.68
C GLU B 369 11.07 -41.53 -23.87
N ALA B 370 10.96 -42.04 -22.65
CA ALA B 370 9.83 -41.79 -21.75
C ALA B 370 9.17 -40.42 -21.90
N LYS B 371 9.96 -39.37 -22.03
CA LYS B 371 9.40 -38.02 -22.02
C LYS B 371 8.58 -37.65 -23.28
N SER B 372 8.98 -38.16 -24.45
CA SER B 372 8.36 -37.74 -25.71
C SER B 372 6.86 -38.02 -25.72
N LEU B 373 6.41 -38.80 -24.75
CA LEU B 373 4.99 -39.15 -24.64
C LEU B 373 4.07 -37.93 -24.49
N ASP B 374 4.60 -36.83 -23.94
CA ASP B 374 3.85 -35.58 -23.81
C ASP B 374 3.29 -35.15 -25.17
N GLN B 375 4.08 -35.36 -26.21
CA GLN B 375 3.64 -35.10 -27.57
C GLN B 375 2.27 -35.70 -27.91
N LEU B 376 2.03 -36.95 -27.48
CA LEU B 376 0.82 -37.70 -27.83
C LEU B 376 -0.49 -37.04 -27.37
N LEU B 377 -0.38 -36.06 -26.50
CA LEU B 377 -1.57 -35.34 -26.06
C LEU B 377 -1.60 -33.87 -26.48
N HIS B 378 -0.58 -33.44 -27.24
CA HIS B 378 -0.63 -32.11 -27.83
C HIS B 378 -1.92 -31.97 -28.66
N PRO B 379 -2.64 -30.84 -28.49
CA PRO B 379 -3.88 -30.60 -29.26
C PRO B 379 -3.60 -30.49 -30.76
N THR B 380 -4.49 -31.11 -31.53
CA THR B 380 -4.39 -31.07 -32.98
C THR B 380 -5.48 -30.14 -33.49
N PHE B 381 -5.43 -29.83 -34.78
CA PHE B 381 -6.38 -28.88 -35.33
C PHE B 381 -7.80 -29.45 -35.40
N ASN B 382 -8.74 -28.52 -35.44
CA ASN B 382 -10.13 -28.79 -35.72
C ASN B 382 -10.26 -28.85 -37.22
N PRO B 383 -10.79 -29.98 -37.74
CA PRO B 383 -10.86 -30.29 -39.17
C PRO B 383 -11.53 -29.17 -39.95
N ALA B 384 -12.79 -28.88 -39.64
CA ALA B 384 -13.50 -27.73 -40.20
C ALA B 384 -12.71 -26.39 -40.20
N ALA B 385 -12.15 -26.02 -39.04
CA ALA B 385 -11.31 -24.82 -38.93
C ALA B 385 -10.09 -24.90 -39.84
N LEU B 386 -9.39 -26.02 -39.77
CA LEU B 386 -8.29 -26.31 -40.68
C LEU B 386 -8.75 -26.11 -42.12
N LYS B 387 -9.83 -26.83 -42.48
CA LYS B 387 -10.44 -26.79 -43.82
C LYS B 387 -10.95 -25.42 -44.24
N ALA B 388 -10.93 -24.46 -43.31
CA ALA B 388 -11.34 -23.09 -43.65
C ALA B 388 -10.21 -22.06 -43.43
N GLY B 389 -9.18 -22.45 -42.68
CA GLY B 389 -8.00 -21.62 -42.56
C GLY B 389 -7.49 -21.09 -43.90
N GLU B 390 -6.82 -19.94 -43.89
CA GLU B 390 -6.38 -19.31 -45.14
C GLU B 390 -4.99 -19.77 -45.52
N VAL B 391 -4.90 -20.74 -46.43
CA VAL B 391 -3.58 -21.16 -46.88
C VAL B 391 -2.81 -19.97 -47.46
N ILE B 392 -1.58 -19.81 -47.03
CA ILE B 392 -0.68 -18.83 -47.64
C ILE B 392 0.50 -19.53 -48.35
N GLY B 393 0.86 -20.72 -47.87
CA GLY B 393 1.93 -21.48 -48.48
C GLY B 393 2.01 -22.90 -47.93
N SER B 394 2.96 -23.67 -48.45
CA SER B 394 3.20 -25.04 -47.99
C SER B 394 4.61 -25.58 -48.30
N ALA B 395 5.41 -25.80 -47.26
CA ALA B 395 6.79 -26.32 -47.40
C ALA B 395 6.91 -27.80 -46.97
N LEU B 396 7.97 -28.13 -46.24
CA LEU B 396 8.21 -29.51 -45.81
C LEU B 396 7.58 -29.88 -44.45
N PRO B 397 7.02 -31.09 -44.34
CA PRO B 397 6.50 -31.60 -43.06
C PRO B 397 7.58 -32.10 -42.09
N ALA B 398 8.69 -31.36 -41.97
CA ALA B 398 9.82 -31.72 -41.11
C ALA B 398 9.40 -32.37 -39.78
N SER B 399 8.60 -31.67 -39.00
CA SER B 399 8.04 -32.25 -37.79
C SER B 399 6.53 -32.07 -37.70
N PRO B 400 5.82 -33.13 -37.28
CA PRO B 400 4.37 -33.16 -37.10
C PRO B 400 3.93 -32.19 -36.00
N GLY B 401 2.63 -31.89 -35.94
CA GLY B 401 2.10 -30.98 -34.94
C GLY B 401 1.25 -29.86 -35.51
N ALA B 402 0.21 -29.47 -34.76
CA ALA B 402 -0.60 -28.29 -35.05
C ALA B 402 -0.11 -27.08 -34.23
N ALA B 403 0.57 -26.16 -34.91
CA ALA B 403 1.21 -25.06 -34.21
C ALA B 403 0.58 -23.74 -34.61
N ALA B 404 -0.25 -23.18 -33.73
CA ALA B 404 -0.78 -21.85 -33.96
C ALA B 404 -0.15 -20.88 -32.97
N GLY B 405 0.49 -19.83 -33.48
CA GLY B 405 1.15 -18.87 -32.61
C GLY B 405 1.51 -17.55 -33.27
N LYS B 406 2.19 -16.69 -32.49
CA LYS B 406 2.65 -15.35 -32.92
C LYS B 406 4.13 -15.37 -33.26
N VAL B 407 4.47 -14.88 -34.45
CA VAL B 407 5.83 -14.98 -34.98
C VAL B 407 6.94 -14.14 -34.29
N TYR B 408 8.09 -14.77 -34.03
CA TYR B 408 9.32 -14.04 -33.74
C TYR B 408 10.45 -14.43 -34.68
N PHE B 409 11.42 -13.55 -34.87
CA PHE B 409 12.37 -13.72 -35.96
C PHE B 409 13.71 -14.21 -35.46
N THR B 410 13.86 -14.26 -34.14
CA THR B 410 15.00 -14.96 -33.52
C THR B 410 14.51 -15.87 -32.39
N ALA B 411 15.46 -16.48 -31.70
CA ALA B 411 15.10 -17.43 -30.64
C ALA B 411 14.88 -16.70 -29.33
N ASP B 412 15.91 -16.00 -28.87
CA ASP B 412 15.86 -15.31 -27.59
C ASP B 412 14.53 -14.60 -27.40
N GLU B 413 13.98 -14.06 -28.48
CA GLU B 413 12.72 -13.36 -28.43
C GLU B 413 11.55 -14.32 -28.28
N ALA B 414 11.36 -15.20 -29.27
CA ALA B 414 10.37 -16.28 -29.18
C ALA B 414 10.32 -16.93 -27.77
N LYS B 415 11.50 -17.18 -27.19
CA LYS B 415 11.60 -17.79 -25.86
C LYS B 415 10.99 -16.85 -24.85
N ALA B 416 11.41 -15.58 -24.91
CA ALA B 416 10.88 -14.56 -24.02
C ALA B 416 9.37 -14.39 -24.21
N ALA B 417 8.93 -14.35 -25.46
CA ALA B 417 7.50 -14.23 -25.75
C ALA B 417 6.74 -15.41 -25.16
N HIS B 418 7.33 -16.59 -25.25
CA HIS B 418 6.67 -17.77 -24.73
C HIS B 418 6.72 -17.76 -23.22
N GLU B 419 7.85 -17.31 -22.69
CA GLU B 419 7.99 -17.15 -21.25
C GLU B 419 7.24 -15.94 -20.71
N LYS B 420 6.55 -15.22 -21.58
CA LYS B 420 5.56 -14.26 -21.11
C LYS B 420 4.20 -14.97 -20.92
N GLY B 421 3.60 -15.46 -22.00
CA GLY B 421 2.42 -16.30 -21.88
C GLY B 421 2.06 -16.60 -23.31
N GLU B 422 2.86 -16.01 -24.17
CA GLU B 422 2.60 -16.01 -25.60
C GLU B 422 2.80 -17.36 -26.23
N ARG B 423 1.97 -17.64 -27.24
CA ARG B 423 2.07 -18.83 -28.07
C ARG B 423 2.85 -18.41 -29.31
N VAL B 424 4.12 -18.83 -29.38
CA VAL B 424 5.07 -18.34 -30.38
C VAL B 424 5.32 -19.26 -31.58
N ILE B 425 5.35 -18.67 -32.78
CA ILE B 425 5.88 -19.33 -33.99
C ILE B 425 7.13 -18.60 -34.45
N LEU B 426 8.26 -19.29 -34.46
CA LEU B 426 9.51 -18.64 -34.87
C LEU B 426 9.77 -18.78 -36.38
N VAL B 427 10.17 -17.68 -37.01
CA VAL B 427 10.43 -17.65 -38.46
C VAL B 427 11.90 -17.31 -38.79
N ARG B 428 12.51 -18.23 -39.53
CA ARG B 428 13.98 -18.23 -39.69
C ARG B 428 14.45 -18.60 -41.10
N LEU B 429 15.49 -17.91 -41.55
CA LEU B 429 16.10 -18.18 -42.86
C LEU B 429 16.40 -19.68 -43.00
N GLU B 430 17.19 -20.20 -42.05
CA GLU B 430 17.65 -21.59 -42.06
C GLU B 430 17.20 -22.41 -40.85
N THR B 431 17.15 -23.73 -41.05
CA THR B 431 16.81 -24.70 -40.00
C THR B 431 18.06 -25.07 -39.21
N SER B 432 18.18 -24.46 -38.03
CA SER B 432 19.44 -24.45 -37.30
C SER B 432 19.34 -25.00 -35.87
N PRO B 433 20.42 -25.67 -35.40
CA PRO B 433 20.55 -26.11 -34.01
C PRO B 433 21.11 -24.96 -33.13
N GLU B 434 21.40 -23.84 -33.79
CA GLU B 434 21.77 -22.63 -33.08
C GLU B 434 20.50 -22.04 -32.46
N ASP B 435 19.36 -22.35 -33.06
CA ASP B 435 18.09 -21.79 -32.57
C ASP B 435 17.33 -22.68 -31.58
N ILE B 436 18.03 -23.61 -30.92
CA ILE B 436 17.39 -24.63 -30.09
C ILE B 436 16.61 -24.01 -28.88
N GLU B 437 17.13 -22.91 -28.34
CA GLU B 437 16.41 -22.06 -27.37
C GLU B 437 15.02 -21.65 -27.91
N GLY B 438 14.97 -21.37 -29.20
CA GLY B 438 13.70 -21.04 -29.83
C GLY B 438 12.83 -22.27 -30.03
N MET B 439 13.32 -23.21 -30.85
CA MET B 439 12.56 -24.40 -31.26
C MET B 439 11.81 -25.03 -30.08
N HIS B 440 12.47 -25.02 -28.92
CA HIS B 440 11.85 -25.56 -27.73
C HIS B 440 10.71 -24.67 -27.21
N ALA B 441 10.99 -23.38 -27.05
CA ALA B 441 9.98 -22.39 -26.68
C ALA B 441 8.73 -22.48 -27.57
N ALA B 442 8.95 -22.34 -28.88
CA ALA B 442 7.88 -22.23 -29.87
C ALA B 442 6.92 -23.41 -29.93
N GLU B 443 5.67 -23.10 -30.22
CA GLU B 443 4.65 -24.08 -30.55
C GLU B 443 4.98 -24.68 -31.92
N GLY B 444 5.70 -23.90 -32.73
CA GLY B 444 5.98 -24.28 -34.12
C GLY B 444 7.14 -23.52 -34.75
N ILE B 445 7.65 -24.05 -35.87
CA ILE B 445 8.82 -23.46 -36.55
C ILE B 445 8.68 -23.41 -38.08
N LEU B 446 8.90 -22.22 -38.64
CA LEU B 446 8.79 -21.97 -40.07
C LEU B 446 10.10 -21.44 -40.65
N THR B 447 10.61 -22.14 -41.66
CA THR B 447 11.88 -21.77 -42.28
C THR B 447 11.83 -21.73 -43.82
N VAL B 448 12.77 -20.98 -44.40
CA VAL B 448 12.81 -20.75 -45.82
C VAL B 448 13.59 -21.89 -46.48
N ARG B 449 14.50 -22.49 -45.73
CA ARG B 449 15.43 -23.44 -46.32
C ARG B 449 15.91 -24.47 -45.29
N GLY B 450 16.40 -25.60 -45.80
CA GLY B 450 16.72 -26.74 -44.95
C GLY B 450 15.65 -27.79 -45.13
N GLY B 451 16.06 -29.06 -45.10
CA GLY B 451 15.16 -30.20 -45.25
C GLY B 451 14.78 -30.99 -44.00
N MET B 452 13.93 -31.99 -44.17
CA MET B 452 13.50 -32.81 -43.04
C MET B 452 14.68 -33.63 -42.46
N THR B 453 15.67 -33.84 -43.29
CA THR B 453 16.89 -34.56 -42.95
C THR B 453 17.87 -33.60 -42.22
N SER B 454 17.59 -32.31 -42.29
CA SER B 454 18.42 -31.36 -41.57
C SER B 454 18.44 -31.75 -40.10
N HIS B 455 19.56 -31.48 -39.45
CA HIS B 455 19.71 -31.67 -38.02
C HIS B 455 18.44 -31.25 -37.29
N ALA B 456 18.25 -29.94 -37.14
CA ALA B 456 17.07 -29.38 -36.47
C ALA B 456 15.84 -30.29 -36.56
N ALA B 457 15.52 -30.74 -37.78
CA ALA B 457 14.33 -31.57 -38.02
C ALA B 457 14.31 -32.86 -37.18
N VAL B 458 15.42 -33.61 -37.26
CA VAL B 458 15.56 -34.85 -36.51
C VAL B 458 15.30 -34.56 -35.04
N VAL B 459 15.94 -33.47 -34.61
CA VAL B 459 15.83 -32.92 -33.26
C VAL B 459 14.43 -32.31 -32.93
N ALA B 460 13.78 -31.70 -33.92
CA ALA B 460 12.45 -31.13 -33.72
C ALA B 460 11.42 -32.25 -33.60
N ARG B 461 11.55 -33.26 -34.47
CA ARG B 461 10.74 -34.47 -34.38
C ARG B 461 10.97 -35.05 -32.99
N GLY B 462 12.20 -34.88 -32.51
CA GLY B 462 12.61 -35.34 -31.19
C GLY B 462 11.86 -34.71 -30.03
N MET B 463 12.04 -33.39 -29.85
CA MET B 463 11.43 -32.61 -28.76
C MET B 463 9.93 -32.75 -28.79
N GLY B 464 9.37 -32.66 -29.98
CA GLY B 464 7.94 -32.54 -30.13
C GLY B 464 7.62 -31.09 -30.48
N THR B 465 8.27 -30.61 -31.54
CA THR B 465 7.95 -29.32 -32.11
C THR B 465 7.59 -29.49 -33.57
N CYS B 466 6.39 -29.04 -33.93
CA CYS B 466 6.03 -29.00 -35.34
C CYS B 466 7.14 -28.30 -36.12
N CYS B 467 7.43 -28.82 -37.31
CA CYS B 467 8.25 -28.05 -38.23
C CYS B 467 7.77 -28.10 -39.68
N VAL B 468 8.04 -27.00 -40.39
CA VAL B 468 7.76 -26.86 -41.83
C VAL B 468 8.89 -26.13 -42.49
N SER B 469 9.73 -26.82 -43.23
CA SER B 469 10.98 -26.22 -43.62
C SER B 469 11.13 -26.07 -45.13
N GLY B 470 12.20 -25.39 -45.53
CA GLY B 470 12.47 -25.13 -46.92
C GLY B 470 11.31 -24.43 -47.60
N CYS B 471 10.75 -23.39 -46.99
CA CYS B 471 9.74 -22.58 -47.70
C CYS B 471 10.44 -21.43 -48.42
N GLY B 472 10.99 -21.75 -49.59
CA GLY B 472 11.72 -20.77 -50.37
C GLY B 472 10.90 -19.62 -50.92
N GLU B 473 9.58 -19.65 -50.68
CA GLU B 473 8.72 -18.54 -51.07
C GLU B 473 8.65 -17.47 -49.97
N ILE B 474 9.43 -17.64 -48.91
CA ILE B 474 9.46 -16.63 -47.85
C ILE B 474 10.53 -15.57 -48.13
N LYS B 475 10.18 -14.31 -47.90
CA LYS B 475 11.18 -13.25 -47.80
C LYS B 475 11.21 -12.85 -46.33
N ILE B 476 12.40 -12.59 -45.82
CA ILE B 476 12.57 -12.18 -44.43
C ILE B 476 13.13 -10.77 -44.37
N ASN B 477 12.35 -9.84 -43.85
CA ASN B 477 12.73 -8.44 -43.84
C ASN B 477 13.25 -8.06 -42.47
N GLU B 478 14.56 -8.23 -42.27
CA GLU B 478 15.10 -8.32 -40.92
C GLU B 478 15.36 -7.01 -40.18
N GLU B 479 15.50 -5.91 -40.91
CA GLU B 479 15.42 -4.59 -40.29
C GLU B 479 13.94 -4.32 -39.91
N ALA B 480 13.04 -4.57 -40.87
CA ALA B 480 11.60 -4.32 -40.67
C ALA B 480 10.91 -5.26 -39.67
N LYS B 481 11.60 -6.35 -39.33
CA LYS B 481 11.00 -7.45 -38.55
C LYS B 481 9.62 -7.86 -39.09
N THR B 482 9.62 -8.17 -40.38
CA THR B 482 8.46 -8.68 -41.07
C THR B 482 8.90 -9.83 -41.97
N PHE B 483 7.95 -10.53 -42.59
CA PHE B 483 8.26 -11.51 -43.64
C PHE B 483 7.11 -11.65 -44.65
N GLU B 484 7.47 -12.04 -45.88
CA GLU B 484 6.49 -12.09 -46.97
C GLU B 484 6.23 -13.51 -47.48
N LEU B 485 4.95 -13.84 -47.61
CA LEU B 485 4.53 -15.12 -48.14
C LEU B 485 3.07 -15.00 -48.49
N GLY B 486 2.61 -15.84 -49.43
CA GLY B 486 1.26 -15.72 -49.96
C GLY B 486 1.23 -14.34 -50.57
N GLY B 487 0.22 -13.55 -50.21
CA GLY B 487 0.15 -12.17 -50.70
C GLY B 487 0.63 -11.13 -49.71
N HIS B 488 0.69 -11.50 -48.44
CA HIS B 488 0.91 -10.48 -47.42
C HIS B 488 2.31 -10.46 -46.83
N THR B 489 2.52 -9.55 -45.87
CA THR B 489 3.75 -9.40 -45.11
C THR B 489 3.34 -9.61 -43.67
N PHE B 490 4.02 -10.50 -42.97
CA PHE B 490 3.67 -10.73 -41.56
C PHE B 490 4.54 -9.97 -40.57
N ALA B 491 3.85 -9.26 -39.68
CA ALA B 491 4.51 -8.48 -38.64
C ALA B 491 4.81 -9.33 -37.42
N GLU B 492 5.92 -9.04 -36.75
CA GLU B 492 6.24 -9.74 -35.52
C GLU B 492 4.97 -9.76 -34.65
N GLY B 493 4.75 -10.87 -33.96
CA GLY B 493 3.57 -11.03 -33.13
C GLY B 493 2.33 -11.55 -33.85
N ASP B 494 2.23 -11.39 -35.17
CA ASP B 494 1.04 -11.84 -35.89
C ASP B 494 0.88 -13.35 -35.81
N TYR B 495 -0.37 -13.79 -35.87
CA TYR B 495 -0.64 -15.20 -35.85
C TYR B 495 -0.47 -15.84 -37.23
N ILE B 496 0.51 -16.74 -37.33
CA ILE B 496 0.50 -17.76 -38.37
C ILE B 496 0.19 -19.10 -37.70
N SER B 497 -0.17 -20.09 -38.52
CA SER B 497 -0.39 -21.44 -38.03
C SER B 497 0.13 -22.43 -39.05
N LEU B 498 0.78 -23.48 -38.56
CA LEU B 498 1.38 -24.50 -39.41
C LEU B 498 0.75 -25.85 -39.15
N ASP B 499 1.09 -26.79 -40.00
CA ASP B 499 0.65 -28.16 -39.87
C ASP B 499 1.85 -29.01 -40.32
N GLY B 500 2.63 -29.51 -39.34
CA GLY B 500 3.75 -30.40 -39.60
C GLY B 500 3.37 -31.79 -40.12
N SER B 501 2.16 -31.89 -40.65
CA SER B 501 1.66 -33.12 -41.24
C SER B 501 1.25 -32.94 -42.72
N THR B 502 0.32 -32.03 -42.99
CA THR B 502 0.04 -31.67 -44.38
C THR B 502 1.30 -31.04 -44.94
N GLY B 503 1.80 -30.03 -44.23
CA GLY B 503 2.85 -29.19 -44.77
C GLY B 503 2.29 -27.80 -45.06
N LYS B 504 0.99 -27.72 -45.31
CA LYS B 504 0.32 -26.46 -45.67
C LYS B 504 0.40 -25.46 -44.51
N ILE B 505 0.74 -24.22 -44.85
CA ILE B 505 0.96 -23.15 -43.88
C ILE B 505 -0.27 -22.24 -43.88
N TYR B 506 -0.53 -21.54 -42.77
CA TYR B 506 -1.70 -20.66 -42.69
C TYR B 506 -1.52 -19.29 -42.02
N LYS B 507 -1.98 -18.24 -42.71
CA LYS B 507 -2.24 -16.93 -42.09
C LYS B 507 -3.34 -17.10 -41.06
N GLY B 508 -3.18 -16.48 -39.89
CA GLY B 508 -4.19 -16.58 -38.86
C GLY B 508 -3.80 -17.52 -37.75
N ASP B 509 -4.76 -17.91 -36.93
CA ASP B 509 -4.49 -18.78 -35.78
C ASP B 509 -5.60 -19.82 -35.70
N ILE B 510 -5.29 -21.06 -36.07
CA ILE B 510 -6.33 -22.09 -36.25
C ILE B 510 -6.76 -22.83 -34.98
N GLU B 511 -8.07 -23.07 -34.85
CA GLU B 511 -8.63 -23.77 -33.68
C GLU B 511 -8.03 -25.17 -33.45
N THR B 512 -7.93 -25.57 -32.19
CA THR B 512 -7.42 -26.91 -31.85
C THR B 512 -8.35 -27.65 -30.87
N GLN B 513 -8.72 -28.87 -31.20
CA GLN B 513 -9.50 -29.72 -30.26
C GLN B 513 -8.57 -30.63 -29.42
N GLU B 514 -9.14 -31.46 -28.55
CA GLU B 514 -8.34 -32.47 -27.85
C GLU B 514 -7.82 -33.50 -28.85
N ALA B 515 -6.85 -34.31 -28.42
CA ALA B 515 -6.27 -35.33 -29.32
C ALA B 515 -6.56 -36.77 -28.88
N SER B 516 -6.66 -37.64 -29.89
CA SER B 516 -6.91 -39.08 -29.73
C SER B 516 -5.64 -39.86 -29.39
N VAL B 517 -5.76 -40.85 -28.51
CA VAL B 517 -4.63 -41.75 -28.20
C VAL B 517 -4.68 -43.05 -29.04
N SER B 518 -3.69 -43.22 -29.92
CA SER B 518 -3.66 -44.30 -30.91
C SER B 518 -3.31 -45.68 -30.38
N GLY B 519 -3.40 -46.65 -31.30
CA GLY B 519 -3.24 -48.07 -30.99
C GLY B 519 -1.91 -48.46 -30.37
N SER B 520 -0.85 -48.42 -31.18
CA SER B 520 0.44 -48.91 -30.72
C SER B 520 0.70 -48.34 -29.32
N PHE B 521 0.31 -47.09 -29.10
CA PHE B 521 0.48 -46.46 -27.78
C PHE B 521 0.01 -47.42 -26.73
N GLU B 522 -1.20 -47.93 -26.96
CA GLU B 522 -1.90 -48.84 -26.04
C GLU B 522 -1.26 -50.21 -25.91
N ARG B 523 -0.76 -50.74 -27.03
CA ARG B 523 0.04 -51.96 -27.03
C ARG B 523 1.25 -51.78 -26.15
N ILE B 524 2.04 -50.77 -26.48
CA ILE B 524 3.17 -50.39 -25.66
C ILE B 524 2.73 -50.30 -24.20
N MET B 525 1.54 -49.76 -23.98
CA MET B 525 1.11 -49.48 -22.63
C MET B 525 0.77 -50.70 -21.80
N VAL B 526 0.53 -51.85 -22.45
CA VAL B 526 0.25 -53.07 -21.71
C VAL B 526 1.55 -53.71 -21.20
N TRP B 527 2.63 -53.53 -21.94
CA TRP B 527 3.92 -54.08 -21.55
C TRP B 527 4.53 -53.39 -20.31
N ALA B 528 4.74 -52.08 -20.38
CA ALA B 528 5.18 -51.30 -19.22
C ALA B 528 4.32 -51.68 -18.04
N ASP B 529 3.01 -51.52 -18.21
CA ASP B 529 2.03 -51.81 -17.17
C ASP B 529 2.27 -53.18 -16.57
N LYS B 530 2.76 -54.09 -17.40
CA LYS B 530 3.07 -55.45 -16.97
C LYS B 530 4.43 -55.56 -16.29
N PHE B 531 5.47 -54.94 -16.86
CA PHE B 531 6.82 -55.02 -16.31
C PHE B 531 7.06 -54.07 -15.12
N ARG B 532 6.28 -53.00 -15.01
CA ARG B 532 6.51 -52.07 -13.92
C ARG B 532 6.07 -52.64 -12.56
N THR B 533 6.62 -52.06 -11.47
CA THR B 533 6.22 -52.45 -10.10
C THR B 533 5.81 -51.26 -9.23
N LEU B 534 6.07 -50.04 -9.71
CA LEU B 534 5.58 -48.83 -9.05
C LEU B 534 4.19 -48.47 -9.57
N LYS B 535 3.33 -48.05 -8.66
CA LYS B 535 1.99 -47.66 -9.07
C LYS B 535 2.01 -46.20 -9.49
N VAL B 536 1.20 -45.86 -10.49
CA VAL B 536 1.19 -44.50 -11.01
C VAL B 536 -0.04 -43.78 -10.51
N ARG B 537 0.21 -42.79 -9.66
CA ARG B 537 -0.86 -42.03 -9.04
C ARG B 537 -1.18 -40.81 -9.90
N THR B 538 -1.92 -39.84 -9.38
CA THR B 538 -2.11 -38.61 -10.12
C THR B 538 -2.40 -37.41 -9.23
N ASN B 539 -1.63 -36.34 -9.40
CA ASN B 539 -1.91 -35.09 -8.70
C ASN B 539 -3.19 -34.51 -9.30
N ALA B 540 -4.23 -34.39 -8.49
CA ALA B 540 -5.54 -34.03 -9.04
C ALA B 540 -6.51 -33.55 -7.96
N ASP B 541 -7.11 -32.38 -8.20
CA ASP B 541 -7.92 -31.72 -7.19
C ASP B 541 -9.43 -31.67 -7.49
N THR B 542 -9.87 -32.25 -8.61
CA THR B 542 -11.28 -32.20 -9.03
C THR B 542 -11.70 -33.47 -9.75
N PRO B 543 -12.97 -33.92 -9.55
CA PRO B 543 -13.42 -35.19 -10.14
C PRO B 543 -13.07 -35.23 -11.62
N GLU B 544 -13.10 -34.04 -12.22
CA GLU B 544 -12.89 -33.89 -13.66
C GLU B 544 -11.44 -34.12 -14.07
N ASP B 545 -10.52 -33.53 -13.32
CA ASP B 545 -9.08 -33.82 -13.41
C ASP B 545 -8.91 -35.31 -13.20
N THR B 546 -9.71 -35.84 -12.28
CA THR B 546 -9.72 -37.25 -11.92
C THR B 546 -10.01 -38.12 -13.13
N LEU B 547 -11.21 -38.00 -13.69
CA LEU B 547 -11.62 -38.82 -14.83
C LEU B 547 -10.57 -38.83 -15.93
N ASN B 548 -9.93 -37.69 -16.16
CA ASN B 548 -8.88 -37.58 -17.17
C ASN B 548 -7.67 -38.50 -16.93
N ALA B 549 -7.12 -38.47 -15.70
CA ALA B 549 -6.00 -39.34 -15.32
C ALA B 549 -6.40 -40.81 -15.32
N VAL B 550 -7.47 -41.10 -14.59
CA VAL B 550 -8.11 -42.42 -14.62
C VAL B 550 -8.24 -42.94 -16.06
N LYS B 551 -8.67 -42.08 -16.98
CA LYS B 551 -8.76 -42.47 -18.39
C LYS B 551 -7.41 -42.80 -19.02
N LEU B 552 -6.39 -42.00 -18.70
CA LEU B 552 -5.07 -42.26 -19.24
C LEU B 552 -4.55 -43.58 -18.68
N GLY B 553 -4.91 -43.88 -17.43
CA GLY B 553 -4.67 -45.19 -16.86
C GLY B 553 -4.03 -45.13 -15.48
N ALA B 554 -4.31 -44.04 -14.77
CA ALA B 554 -3.74 -43.77 -13.44
C ALA B 554 -4.56 -44.46 -12.32
N GLU B 555 -3.89 -44.70 -11.20
CA GLU B 555 -4.36 -45.66 -10.22
C GLU B 555 -4.91 -44.99 -8.96
N GLY B 556 -4.46 -43.77 -8.67
CA GLY B 556 -5.14 -43.04 -7.61
C GLY B 556 -4.76 -41.58 -7.70
N ILE B 557 -5.35 -40.77 -6.84
CA ILE B 557 -4.78 -39.46 -6.55
C ILE B 557 -3.77 -39.59 -5.43
N GLY B 558 -2.57 -39.10 -5.73
CA GLY B 558 -1.49 -39.01 -4.75
C GLY B 558 -1.69 -37.74 -3.95
N LEU B 559 -1.49 -36.60 -4.59
CA LEU B 559 -1.80 -35.33 -3.96
C LEU B 559 -3.17 -34.80 -4.43
N CYS B 560 -4.10 -34.64 -3.49
CA CYS B 560 -5.31 -33.88 -3.74
C CYS B 560 -5.37 -32.69 -2.79
N ARG B 561 -5.09 -31.50 -3.35
CA ARG B 561 -4.99 -30.27 -2.59
C ARG B 561 -6.39 -29.74 -2.28
N THR B 562 -6.54 -29.11 -1.13
CA THR B 562 -7.87 -28.73 -0.66
C THR B 562 -8.04 -27.23 -0.41
N GLU B 563 -7.24 -26.43 -1.11
CA GLU B 563 -7.29 -24.99 -0.90
C GLU B 563 -8.44 -24.30 -1.65
N HIS B 564 -8.76 -24.78 -2.85
CA HIS B 564 -9.92 -24.30 -3.61
C HIS B 564 -11.27 -24.50 -2.89
N MET B 565 -11.39 -25.52 -2.06
CA MET B 565 -12.63 -25.69 -1.29
C MET B 565 -12.88 -24.49 -0.38
N PHE B 566 -11.80 -23.78 -0.02
CA PHE B 566 -11.85 -22.62 0.88
C PHE B 566 -11.96 -21.29 0.14
N PHE B 567 -11.48 -21.26 -1.10
CA PHE B 567 -11.38 -20.04 -1.90
C PHE B 567 -12.70 -19.50 -2.47
N GLU B 568 -13.56 -20.41 -2.91
CA GLU B 568 -14.63 -20.09 -3.84
C GLU B 568 -15.78 -19.29 -3.22
N ALA B 569 -16.43 -18.42 -4.00
CA ALA B 569 -17.41 -17.47 -3.47
C ALA B 569 -18.27 -18.06 -2.36
N ASP B 570 -18.93 -19.17 -2.67
CA ASP B 570 -19.69 -19.92 -1.66
C ASP B 570 -18.83 -20.39 -0.47
N ARG B 571 -17.52 -20.19 -0.57
CA ARG B 571 -16.56 -20.73 0.39
C ARG B 571 -15.88 -19.63 1.18
N ILE B 572 -15.27 -18.72 0.43
CA ILE B 572 -14.37 -17.69 0.96
C ILE B 572 -14.94 -16.83 2.10
N MET B 573 -16.25 -16.63 2.10
CA MET B 573 -16.86 -15.91 3.24
C MET B 573 -16.71 -16.69 4.54
N LYS B 574 -17.21 -17.93 4.55
CA LYS B 574 -17.15 -18.79 5.73
C LYS B 574 -15.77 -18.80 6.43
N ILE B 575 -14.69 -18.90 5.64
CA ILE B 575 -13.34 -18.93 6.20
C ILE B 575 -12.91 -17.55 6.69
N ARG B 576 -13.15 -16.53 5.86
CA ARG B 576 -12.94 -15.11 6.21
C ARG B 576 -13.60 -14.78 7.56
N LYS B 577 -14.87 -15.17 7.70
CA LYS B 577 -15.54 -15.06 8.99
C LYS B 577 -14.68 -15.63 10.13
N MET B 578 -14.26 -16.89 10.03
CA MET B 578 -13.46 -17.57 11.06
C MET B 578 -12.21 -16.79 11.45
N ILE B 579 -11.48 -16.33 10.44
CA ILE B 579 -10.27 -15.59 10.70
C ILE B 579 -10.51 -14.35 11.58
N LEU B 580 -11.61 -13.63 11.31
CA LEU B 580 -11.96 -12.45 12.11
C LEU B 580 -12.72 -12.76 13.41
N SER B 581 -12.91 -14.05 13.68
CA SER B 581 -13.58 -14.50 14.90
C SER B 581 -12.62 -14.49 16.08
N ASP B 582 -13.04 -13.83 17.17
CA ASP B 582 -12.19 -13.67 18.36
C ASP B 582 -12.32 -14.88 19.30
N SER B 583 -13.50 -15.47 19.31
CA SER B 583 -13.78 -16.66 20.09
C SER B 583 -13.27 -17.86 19.31
N VAL B 584 -12.85 -18.91 20.00
CA VAL B 584 -12.50 -20.16 19.32
C VAL B 584 -13.74 -20.85 18.76
N GLU B 585 -14.85 -20.78 19.51
CA GLU B 585 -16.12 -21.37 19.07
C GLU B 585 -16.58 -20.59 17.85
N ALA B 586 -16.28 -19.29 17.87
CA ALA B 586 -16.53 -18.40 16.76
C ALA B 586 -15.82 -18.90 15.49
N ARG B 587 -14.54 -19.23 15.62
CA ARG B 587 -13.79 -19.85 14.54
C ARG B 587 -14.35 -21.22 14.12
N GLU B 588 -14.64 -22.08 15.09
CA GLU B 588 -15.32 -23.35 14.82
C GLU B 588 -16.59 -23.12 13.98
N GLU B 589 -17.57 -22.51 14.65
CA GLU B 589 -18.82 -22.02 14.07
C GLU B 589 -18.82 -21.60 12.60
N ALA B 590 -17.81 -20.81 12.18
CA ALA B 590 -17.80 -20.27 10.82
C ALA B 590 -17.22 -21.23 9.80
N LEU B 591 -16.26 -22.06 10.22
CA LEU B 591 -15.65 -23.08 9.36
C LEU B 591 -16.66 -24.20 9.10
N ASN B 592 -17.44 -24.46 10.14
CA ASN B 592 -18.53 -25.43 10.10
C ASN B 592 -19.46 -25.21 8.90
N GLU B 593 -19.88 -23.94 8.72
CA GLU B 593 -20.69 -23.53 7.59
C GLU B 593 -20.02 -23.87 6.26
N LEU B 594 -18.79 -24.38 6.33
CA LEU B 594 -18.14 -24.93 5.13
C LEU B 594 -18.47 -26.40 4.90
N ILE B 595 -18.82 -27.11 5.97
CA ILE B 595 -18.81 -28.56 5.95
C ILE B 595 -19.70 -29.23 4.89
N PRO B 596 -20.94 -28.76 4.74
CA PRO B 596 -21.82 -29.30 3.69
C PRO B 596 -21.20 -29.12 2.29
N PHE B 597 -20.48 -28.02 2.12
CA PHE B 597 -19.84 -27.69 0.85
C PHE B 597 -18.70 -28.63 0.47
N GLN B 598 -17.73 -28.78 1.37
CA GLN B 598 -16.54 -29.60 1.14
C GLN B 598 -16.87 -31.11 1.14
N LYS B 599 -17.79 -31.54 2.03
CA LYS B 599 -18.29 -32.92 2.01
C LYS B 599 -18.92 -33.28 0.66
N GLY B 600 -19.60 -32.30 0.04
CA GLY B 600 -20.18 -32.48 -1.27
C GLY B 600 -19.12 -32.52 -2.35
N ASP B 601 -18.02 -31.82 -2.12
CA ASP B 601 -16.82 -31.96 -2.94
C ASP B 601 -16.26 -33.37 -2.81
N PHE B 602 -16.02 -33.80 -1.57
CA PHE B 602 -15.40 -35.10 -1.31
C PHE B 602 -16.23 -36.25 -1.90
N LYS B 603 -17.55 -36.12 -1.89
CA LYS B 603 -18.44 -37.12 -2.50
C LYS B 603 -18.29 -37.16 -4.04
N ALA B 604 -18.23 -35.97 -4.64
CA ALA B 604 -18.09 -35.81 -6.09
C ALA B 604 -16.80 -36.45 -6.60
N MET B 605 -15.75 -36.32 -5.78
CA MET B 605 -14.45 -36.94 -5.98
C MET B 605 -14.52 -38.45 -5.84
N TYR B 606 -15.00 -38.89 -4.69
CA TYR B 606 -15.08 -40.32 -4.38
C TYR B 606 -15.90 -41.03 -5.45
N LYS B 607 -17.00 -40.39 -5.87
CA LYS B 607 -17.79 -40.89 -7.01
C LYS B 607 -16.87 -41.08 -8.24
N ALA B 608 -16.08 -40.06 -8.56
CA ALA B 608 -15.20 -40.16 -9.71
C ALA B 608 -14.11 -41.19 -9.43
N LEU B 609 -13.92 -41.49 -8.16
CA LEU B 609 -12.71 -42.19 -7.73
C LEU B 609 -12.84 -43.69 -7.88
N GLU B 610 -13.87 -44.27 -7.29
CA GLU B 610 -14.20 -45.67 -7.49
C GLU B 610 -13.26 -46.65 -6.78
N GLY B 611 -12.73 -46.26 -5.62
CA GLY B 611 -12.05 -47.22 -4.78
C GLY B 611 -10.54 -47.14 -4.91
N ARG B 612 -10.07 -46.35 -5.87
CA ARG B 612 -8.66 -45.98 -5.93
C ARG B 612 -8.38 -45.11 -4.74
N PRO B 613 -7.13 -45.19 -4.21
CA PRO B 613 -6.65 -44.40 -3.07
C PRO B 613 -6.58 -42.91 -3.38
N MET B 614 -6.78 -42.06 -2.37
CA MET B 614 -6.54 -40.62 -2.50
C MET B 614 -5.84 -40.05 -1.26
N THR B 615 -4.70 -39.40 -1.46
CA THR B 615 -4.05 -38.68 -0.37
C THR B 615 -4.60 -37.26 -0.33
N VAL B 616 -5.54 -37.00 0.59
CA VAL B 616 -6.12 -35.66 0.70
C VAL B 616 -5.19 -34.72 1.47
N ARG B 617 -4.93 -33.53 0.93
CA ARG B 617 -3.97 -32.61 1.58
C ARG B 617 -4.61 -31.51 2.43
N TYR B 618 -4.63 -31.70 3.76
CA TYR B 618 -5.17 -30.68 4.67
C TYR B 618 -4.56 -29.29 4.44
N LEU B 619 -5.32 -28.26 4.81
CA LEU B 619 -5.00 -26.85 4.51
C LEU B 619 -3.51 -26.49 4.59
N ASP B 620 -2.97 -26.09 3.44
CA ASP B 620 -1.54 -25.86 3.28
C ASP B 620 -1.12 -24.45 3.70
N PRO B 621 -1.57 -23.42 2.94
CA PRO B 621 -0.98 -22.09 3.00
C PRO B 621 -1.54 -21.31 4.18
N PRO B 622 -0.96 -20.12 4.42
CA PRO B 622 -1.31 -19.21 5.53
C PRO B 622 -2.62 -18.40 5.31
N LEU B 623 -3.39 -18.22 6.37
CA LEU B 623 -4.62 -17.42 6.36
C LEU B 623 -4.60 -16.18 5.46
N HIS B 624 -3.49 -15.46 5.47
CA HIS B 624 -3.41 -14.19 4.74
C HIS B 624 -3.59 -14.35 3.22
N GLU B 625 -3.64 -15.60 2.78
CA GLU B 625 -3.90 -15.94 1.39
C GLU B 625 -5.41 -15.92 1.13
N PHE B 626 -6.17 -15.71 2.20
CA PHE B 626 -7.65 -15.84 2.21
C PHE B 626 -8.37 -14.58 2.73
N VAL B 627 -7.59 -13.52 2.89
CA VAL B 627 -8.08 -12.26 3.45
C VAL B 627 -8.16 -11.26 2.30
N PRO B 628 -8.92 -10.17 2.49
CA PRO B 628 -8.97 -9.22 1.39
C PRO B 628 -7.83 -8.22 1.51
N HIS B 629 -7.06 -8.09 0.46
CA HIS B 629 -5.99 -7.11 0.40
C HIS B 629 -6.52 -5.82 -0.28
N THR B 630 -7.71 -5.96 -0.88
CA THR B 630 -8.49 -4.84 -1.42
C THR B 630 -9.47 -4.28 -0.37
N GLU B 631 -9.38 -2.96 -0.18
CA GLU B 631 -10.21 -2.26 0.79
C GLU B 631 -11.70 -2.34 0.48
N GLU B 632 -12.04 -2.29 -0.81
CA GLU B 632 -13.40 -2.54 -1.29
C GLU B 632 -14.01 -3.75 -0.58
N GLU B 633 -13.31 -4.89 -0.65
CA GLU B 633 -13.79 -6.16 -0.14
C GLU B 633 -13.49 -6.33 1.35
N GLN B 634 -12.73 -5.37 1.90
CA GLN B 634 -12.46 -5.32 3.35
C GLN B 634 -13.62 -4.61 4.06
N ALA B 635 -14.07 -3.51 3.45
CA ALA B 635 -15.21 -2.75 3.97
C ALA B 635 -16.44 -3.61 3.84
N GLU B 636 -16.60 -4.25 2.69
CA GLU B 636 -17.74 -5.11 2.52
C GLU B 636 -17.76 -6.13 3.64
N LEU B 637 -16.62 -6.82 3.78
CA LEU B 637 -16.41 -7.87 4.80
C LEU B 637 -16.73 -7.36 6.22
N ALA B 638 -16.19 -6.19 6.55
CA ALA B 638 -16.38 -5.57 7.85
C ALA B 638 -17.86 -5.31 8.17
N LYS B 639 -18.68 -5.10 7.14
CA LYS B 639 -20.13 -5.00 7.31
C LYS B 639 -20.77 -6.38 7.42
N ASN B 640 -20.33 -7.29 6.54
CA ASN B 640 -20.83 -8.65 6.54
C ASN B 640 -20.89 -9.29 7.93
N MET B 641 -20.15 -8.71 8.87
CA MET B 641 -20.07 -9.21 10.24
C MET B 641 -20.40 -8.09 11.22
N GLY B 642 -20.03 -6.87 10.83
CA GLY B 642 -20.30 -5.72 11.66
C GLY B 642 -19.08 -5.20 12.39
N LEU B 643 -17.99 -4.94 11.66
CA LEU B 643 -16.78 -4.37 12.29
C LEU B 643 -16.31 -3.10 11.61
N THR B 644 -15.47 -2.32 12.30
CA THR B 644 -14.81 -1.22 11.64
C THR B 644 -13.78 -1.76 10.65
N LEU B 645 -13.79 -1.19 9.44
CA LEU B 645 -12.79 -1.50 8.42
C LEU B 645 -11.37 -1.45 8.99
N ALA B 646 -11.20 -0.75 10.11
CA ALA B 646 -9.89 -0.59 10.74
C ALA B 646 -9.58 -1.75 11.69
N GLU B 647 -10.45 -2.75 11.71
CA GLU B 647 -10.18 -3.99 12.41
C GLU B 647 -9.76 -5.02 11.37
N VAL B 648 -10.54 -5.12 10.30
CA VAL B 648 -10.23 -6.04 9.22
C VAL B 648 -8.91 -5.67 8.56
N LYS B 649 -8.68 -4.37 8.39
CA LYS B 649 -7.39 -3.93 7.87
C LYS B 649 -6.26 -4.28 8.86
N ALA B 650 -6.55 -4.12 10.16
CA ALA B 650 -5.62 -4.49 11.23
C ALA B 650 -5.33 -6.00 11.30
N LYS B 651 -6.32 -6.81 10.96
CA LYS B 651 -6.18 -8.27 10.95
C LYS B 651 -5.20 -8.68 9.86
N VAL B 652 -5.50 -8.31 8.62
CA VAL B 652 -4.60 -8.58 7.50
C VAL B 652 -3.16 -8.13 7.86
N ASP B 653 -2.95 -6.82 7.93
CA ASP B 653 -1.71 -6.27 8.48
C ASP B 653 -1.03 -7.24 9.46
N GLU B 654 -1.85 -7.76 10.40
CA GLU B 654 -1.41 -8.70 11.42
C GLU B 654 -0.98 -10.05 10.81
N LEU B 655 -1.80 -10.59 9.92
CA LEU B 655 -1.53 -11.87 9.27
C LEU B 655 -0.49 -11.77 8.14
N HIS B 656 -0.04 -10.55 7.84
CA HIS B 656 0.85 -10.34 6.71
C HIS B 656 2.24 -10.89 7.02
N GLU B 657 3.02 -11.18 5.97
CA GLU B 657 4.30 -11.88 6.15
C GLU B 657 5.46 -11.47 5.24
N PHE B 658 6.61 -11.25 5.89
CA PHE B 658 7.89 -11.05 5.20
C PHE B 658 8.10 -12.16 4.17
N ASN B 659 8.18 -13.40 4.67
CA ASN B 659 8.25 -14.61 3.84
C ASN B 659 7.04 -15.54 4.02
N PRO B 660 6.13 -15.51 3.04
CA PRO B 660 4.96 -16.40 2.94
C PRO B 660 5.32 -17.89 2.90
N MET B 661 6.38 -18.24 2.17
CA MET B 661 6.89 -19.63 2.06
C MET B 661 7.09 -20.33 3.40
N MET B 662 7.06 -19.57 4.49
CA MET B 662 7.51 -20.03 5.81
C MET B 662 6.79 -19.34 6.98
N GLY B 663 5.48 -19.13 6.83
CA GLY B 663 4.73 -18.43 7.85
C GLY B 663 4.10 -19.35 8.86
N HIS B 664 3.07 -18.88 9.56
CA HIS B 664 2.34 -19.71 10.50
C HIS B 664 1.50 -20.75 9.75
N ARG B 665 1.96 -21.12 8.55
CA ARG B 665 1.18 -21.97 7.66
C ARG B 665 1.29 -23.49 7.90
N GLY B 666 0.37 -24.23 7.28
CA GLY B 666 0.36 -25.69 7.26
C GLY B 666 0.13 -26.40 8.59
N CYS B 667 1.08 -27.26 8.93
CA CYS B 667 1.03 -27.99 10.19
C CYS B 667 1.17 -27.06 11.40
N ARG B 668 1.84 -25.92 11.20
CA ARG B 668 1.98 -24.86 12.22
C ARG B 668 0.66 -24.11 12.44
N LEU B 669 -0.16 -24.13 11.39
CA LEU B 669 -1.48 -23.53 11.39
C LEU B 669 -2.42 -24.48 12.11
N ALA B 670 -2.46 -25.71 11.62
CA ALA B 670 -3.32 -26.72 12.21
C ALA B 670 -3.18 -26.74 13.72
N VAL B 671 -1.99 -26.42 14.22
CA VAL B 671 -1.73 -26.54 15.65
C VAL B 671 -2.48 -25.48 16.45
N THR B 672 -2.25 -24.21 16.11
CA THR B 672 -2.89 -23.10 16.80
C THR B 672 -4.38 -23.07 16.52
N TYR B 673 -4.76 -23.64 15.37
CA TYR B 673 -6.17 -23.72 15.00
C TYR B 673 -6.64 -25.14 14.66
N PRO B 674 -6.58 -26.04 15.67
CA PRO B 674 -6.95 -27.44 15.44
C PRO B 674 -8.34 -27.55 14.80
N GLU B 675 -9.09 -26.45 14.78
CA GLU B 675 -10.45 -26.45 14.22
C GLU B 675 -10.54 -26.80 12.72
N ILE B 676 -9.62 -26.25 11.91
CA ILE B 676 -9.61 -26.53 10.46
C ILE B 676 -9.32 -28.02 10.17
N ALA B 677 -8.36 -28.56 10.94
CA ALA B 677 -8.02 -29.98 10.95
C ALA B 677 -9.27 -30.84 11.11
N LYS B 678 -10.00 -30.58 12.21
CA LYS B 678 -11.23 -31.28 12.54
C LYS B 678 -12.32 -31.12 11.47
N MET B 679 -12.40 -29.94 10.87
CA MET B 679 -13.46 -29.68 9.92
C MET B 679 -13.27 -30.54 8.68
N GLN B 680 -12.05 -30.55 8.18
CA GLN B 680 -11.72 -31.33 7.00
C GLN B 680 -11.83 -32.85 7.27
N THR B 681 -11.50 -33.26 8.49
CA THR B 681 -11.70 -34.64 8.90
C THR B 681 -13.16 -35.05 8.67
N ARG B 682 -14.09 -34.22 9.13
CA ARG B 682 -15.50 -34.59 9.05
C ARG B 682 -15.97 -34.71 7.61
N ALA B 683 -15.62 -33.73 6.78
CA ALA B 683 -16.08 -33.71 5.39
C ALA B 683 -15.61 -34.97 4.68
N VAL B 684 -14.29 -35.20 4.70
CA VAL B 684 -13.68 -36.38 4.11
C VAL B 684 -14.43 -37.63 4.54
N MET B 685 -14.51 -37.82 5.86
CA MET B 685 -15.11 -39.00 6.46
C MET B 685 -16.59 -39.22 6.10
N GLU B 686 -17.41 -38.22 6.38
CA GLU B 686 -18.83 -38.25 5.99
C GLU B 686 -19.06 -38.39 4.48
N ALA B 687 -18.14 -37.89 3.66
CA ALA B 687 -18.26 -38.01 2.19
C ALA B 687 -17.84 -39.41 1.77
N ALA B 688 -16.70 -39.85 2.33
CA ALA B 688 -16.25 -41.22 2.16
C ALA B 688 -17.37 -42.19 2.59
N ILE B 689 -17.75 -42.15 3.87
CA ILE B 689 -18.65 -43.19 4.41
C ILE B 689 -19.88 -43.46 3.53
N GLU B 690 -20.61 -42.39 3.18
CA GLU B 690 -21.81 -42.46 2.35
C GLU B 690 -21.53 -42.94 0.92
N VAL B 691 -20.56 -42.33 0.25
CA VAL B 691 -20.20 -42.78 -1.10
C VAL B 691 -19.79 -44.25 -1.13
N LYS B 692 -19.28 -44.78 -0.03
CA LYS B 692 -19.12 -46.22 0.03
C LYS B 692 -20.50 -46.83 0.24
N GLU B 693 -21.21 -46.37 1.27
CA GLU B 693 -22.58 -46.85 1.53
C GLU B 693 -23.43 -46.68 0.27
N GLU B 694 -23.07 -45.70 -0.56
CA GLU B 694 -23.87 -45.37 -1.74
C GLU B 694 -23.50 -46.23 -2.96
N THR B 695 -22.20 -46.48 -3.13
CA THR B 695 -21.74 -47.18 -4.32
C THR B 695 -21.43 -48.67 -4.09
N GLY B 696 -21.21 -49.04 -2.82
CA GLY B 696 -20.86 -50.41 -2.45
C GLY B 696 -19.37 -50.68 -2.52
N ILE B 697 -18.66 -49.92 -3.34
CA ILE B 697 -17.22 -50.02 -3.45
C ILE B 697 -16.58 -49.41 -2.23
N ASP B 698 -15.58 -50.09 -1.70
CA ASP B 698 -15.00 -49.76 -0.40
C ASP B 698 -14.00 -48.58 -0.48
N ILE B 699 -13.91 -47.80 0.58
CA ILE B 699 -12.95 -46.69 0.63
C ILE B 699 -12.12 -46.68 1.91
N VAL B 700 -10.82 -46.43 1.75
CA VAL B 700 -9.92 -46.32 2.89
C VAL B 700 -9.18 -44.96 2.89
N PRO B 701 -9.84 -43.90 3.38
CA PRO B 701 -9.34 -42.53 3.28
C PRO B 701 -7.90 -42.44 3.74
N GLU B 702 -7.09 -41.71 2.98
CA GLU B 702 -5.78 -41.28 3.44
C GLU B 702 -5.94 -39.80 3.76
N ILE B 703 -5.31 -39.35 4.84
CA ILE B 703 -5.32 -37.95 5.24
C ILE B 703 -3.87 -37.50 5.38
N MET B 704 -3.50 -36.47 4.63
CA MET B 704 -2.10 -36.01 4.55
C MET B 704 -1.94 -34.63 5.16
N ILE B 705 -0.92 -34.48 6.02
CA ILE B 705 -0.65 -33.23 6.71
C ILE B 705 0.61 -32.53 6.20
N PRO B 706 0.47 -31.29 5.68
CA PRO B 706 1.60 -30.63 5.00
C PRO B 706 2.57 -29.89 5.95
N LEU B 707 3.79 -29.65 5.48
CA LEU B 707 4.81 -28.83 6.16
C LEU B 707 5.21 -29.27 7.58
N VAL B 708 5.26 -30.58 7.81
CA VAL B 708 5.76 -31.13 9.10
C VAL B 708 7.30 -31.20 9.13
N GLY B 709 7.86 -31.25 10.33
CA GLY B 709 9.31 -31.29 10.49
C GLY B 709 9.77 -31.77 11.87
N GLU B 710 8.80 -31.94 12.77
CA GLU B 710 9.04 -32.47 14.12
C GLU B 710 7.96 -33.50 14.48
N LYS B 711 8.39 -34.69 14.87
CA LYS B 711 7.45 -35.77 15.18
C LYS B 711 6.30 -35.34 16.12
N LYS B 712 6.67 -34.77 17.26
CA LYS B 712 5.69 -34.33 18.24
C LYS B 712 4.67 -33.36 17.65
N GLU B 713 5.13 -32.53 16.73
CA GLU B 713 4.24 -31.65 15.98
C GLU B 713 3.12 -32.45 15.30
N LEU B 714 3.46 -33.22 14.26
CA LEU B 714 2.47 -34.04 13.60
C LEU B 714 1.67 -34.86 14.64
N LYS B 715 2.33 -35.26 15.72
CA LYS B 715 1.69 -36.00 16.81
C LYS B 715 0.41 -35.32 17.26
N PHE B 716 0.59 -34.13 17.83
CA PHE B 716 -0.47 -33.20 18.24
C PHE B 716 -1.63 -33.12 17.23
N VAL B 717 -1.26 -32.88 15.96
CA VAL B 717 -2.20 -32.75 14.85
C VAL B 717 -3.00 -34.04 14.55
N LYS B 718 -2.32 -35.17 14.35
CA LYS B 718 -2.98 -36.44 14.03
C LYS B 718 -3.92 -36.87 15.15
N ASP B 719 -3.59 -36.45 16.37
CA ASP B 719 -4.42 -36.77 17.53
C ASP B 719 -5.79 -36.14 17.38
N VAL B 720 -5.81 -34.94 16.80
CA VAL B 720 -7.06 -34.26 16.52
C VAL B 720 -7.87 -35.05 15.49
N VAL B 721 -7.30 -35.16 14.28
CA VAL B 721 -7.95 -35.85 13.15
C VAL B 721 -8.65 -37.14 13.56
N VAL B 722 -7.87 -38.03 14.19
CA VAL B 722 -8.39 -39.33 14.64
C VAL B 722 -9.71 -39.18 15.37
N GLU B 723 -9.65 -38.47 16.50
CA GLU B 723 -10.84 -38.17 17.28
C GLU B 723 -12.01 -37.84 16.35
N VAL B 724 -11.81 -36.89 15.45
CA VAL B 724 -12.90 -36.49 14.55
C VAL B 724 -13.35 -37.65 13.65
N ALA B 725 -12.38 -38.34 13.03
CA ALA B 725 -12.64 -39.59 12.30
C ALA B 725 -13.33 -40.64 13.19
N GLU B 726 -12.89 -40.75 14.45
CA GLU B 726 -13.50 -41.71 15.37
C GLU B 726 -14.96 -41.38 15.71
N GLN B 727 -15.24 -40.11 15.97
CA GLN B 727 -16.62 -39.68 16.21
C GLN B 727 -17.51 -39.83 14.97
N VAL B 728 -17.07 -39.31 13.83
CA VAL B 728 -17.85 -39.43 12.60
C VAL B 728 -18.16 -40.90 12.36
N LYS B 729 -17.20 -41.76 12.67
CA LYS B 729 -17.41 -43.20 12.64
C LYS B 729 -18.53 -43.64 13.61
N LYS B 730 -18.33 -43.38 14.89
CA LYS B 730 -19.33 -43.79 15.90
C LYS B 730 -20.75 -43.34 15.53
N GLU B 731 -20.90 -42.04 15.24
CA GLU B 731 -22.14 -41.48 14.71
C GLU B 731 -22.72 -42.37 13.63
N LYS B 732 -22.18 -42.21 12.42
CA LYS B 732 -22.53 -43.03 11.25
C LYS B 732 -22.71 -44.47 11.66
N GLY B 733 -21.82 -44.94 12.53
CA GLY B 733 -21.74 -46.36 12.86
C GLY B 733 -21.00 -47.08 11.75
N SER B 734 -19.93 -46.42 11.28
CA SER B 734 -19.09 -46.89 10.20
C SER B 734 -17.88 -47.58 10.79
N ASP B 735 -17.61 -48.83 10.41
CA ASP B 735 -16.23 -49.29 10.56
C ASP B 735 -15.60 -48.95 9.24
N MET B 736 -14.71 -47.97 9.29
CA MET B 736 -14.03 -47.50 8.12
C MET B 736 -12.56 -47.32 8.43
N GLN B 737 -11.72 -48.02 7.67
CA GLN B 737 -10.30 -47.79 7.78
C GLN B 737 -9.92 -46.47 7.11
N TYR B 738 -8.91 -45.83 7.65
CA TYR B 738 -8.51 -44.54 7.15
C TYR B 738 -7.10 -44.27 7.64
N HIS B 739 -6.25 -43.70 6.79
CA HIS B 739 -4.87 -43.49 7.19
C HIS B 739 -4.58 -42.05 7.41
N ILE B 740 -3.70 -41.81 8.39
CA ILE B 740 -3.17 -40.49 8.64
C ILE B 740 -1.68 -40.64 8.44
N GLY B 741 -1.12 -39.75 7.63
CA GLY B 741 0.28 -39.74 7.33
C GLY B 741 0.81 -38.32 7.11
N THR B 742 1.95 -38.20 6.46
CA THR B 742 2.54 -36.88 6.37
C THR B 742 3.12 -36.56 5.01
N MET B 743 3.35 -35.26 4.83
CA MET B 743 4.20 -34.71 3.80
C MET B 743 5.60 -34.61 4.40
N ILE B 744 6.56 -35.25 3.75
CA ILE B 744 7.98 -35.03 4.04
C ILE B 744 8.49 -33.91 3.12
N GLU B 745 8.22 -32.65 3.47
CA GLU B 745 8.67 -31.55 2.62
C GLU B 745 9.77 -30.67 3.21
N ILE B 746 9.96 -30.77 4.51
CA ILE B 746 10.99 -30.01 5.21
C ILE B 746 12.09 -30.97 5.66
N PRO B 747 13.34 -30.68 5.30
CA PRO B 747 14.49 -31.54 5.59
C PRO B 747 14.43 -32.23 6.95
N ARG B 748 14.22 -31.46 8.01
CA ARG B 748 14.24 -32.03 9.35
C ARG B 748 13.19 -33.14 9.44
N ALA B 749 12.09 -32.97 8.71
CA ALA B 749 11.09 -34.04 8.64
C ALA B 749 11.76 -35.32 8.11
N ALA B 750 12.58 -35.16 7.08
CA ALA B 750 13.33 -36.26 6.47
C ALA B 750 14.45 -36.75 7.38
N LEU B 751 15.36 -35.85 7.76
CA LEU B 751 16.48 -36.13 8.68
C LEU B 751 16.10 -36.96 9.90
N THR B 752 14.84 -36.82 10.35
CA THR B 752 14.33 -37.48 11.55
C THR B 752 13.19 -38.43 11.21
N ALA B 753 13.13 -38.81 9.94
CA ALA B 753 12.09 -39.69 9.40
C ALA B 753 11.76 -40.86 10.33
N ASP B 754 12.73 -41.25 11.14
CA ASP B 754 12.53 -42.36 12.08
C ASP B 754 11.66 -41.96 13.27
N ALA B 755 11.77 -40.70 13.69
CA ALA B 755 10.84 -40.12 14.66
C ALA B 755 9.46 -39.93 14.02
N ILE B 756 9.42 -39.20 12.92
CA ILE B 756 8.14 -38.90 12.26
C ILE B 756 7.35 -40.19 12.02
N ALA B 757 8.03 -41.22 11.52
CA ALA B 757 7.42 -42.53 11.22
C ALA B 757 6.75 -43.25 12.42
N GLU B 758 7.11 -42.84 13.64
CA GLU B 758 6.43 -43.32 14.83
C GLU B 758 4.95 -42.96 14.75
N GLU B 759 4.63 -41.94 13.94
CA GLU B 759 3.28 -41.37 13.86
C GLU B 759 2.64 -41.57 12.47
N ALA B 760 3.38 -41.15 11.44
CA ALA B 760 2.94 -41.24 10.06
C ALA B 760 2.73 -42.68 9.64
N GLU B 761 1.49 -42.98 9.28
CA GLU B 761 1.15 -44.25 8.69
C GLU B 761 1.68 -44.30 7.25
N PHE B 762 1.68 -43.14 6.59
CA PHE B 762 2.40 -43.00 5.33
C PHE B 762 3.33 -41.78 5.26
N PHE B 763 4.15 -41.76 4.22
CA PHE B 763 5.03 -40.65 3.88
C PHE B 763 4.66 -40.21 2.47
N SER B 764 4.50 -38.91 2.25
CA SER B 764 4.36 -38.37 0.89
C SER B 764 5.45 -37.32 0.61
N PHE B 765 6.34 -37.64 -0.33
CA PHE B 765 7.44 -36.75 -0.68
C PHE B 765 7.01 -35.69 -1.69
N GLY B 766 6.97 -34.45 -1.22
CA GLY B 766 6.78 -33.31 -2.10
C GLY B 766 8.10 -32.62 -2.28
N THR B 767 8.88 -33.09 -3.26
CA THR B 767 10.22 -32.58 -3.44
C THR B 767 10.19 -31.19 -4.07
N ASN B 768 9.08 -30.87 -4.73
CA ASN B 768 8.76 -29.50 -5.13
C ASN B 768 9.13 -28.56 -3.99
N ASP B 769 8.60 -28.89 -2.80
CA ASP B 769 8.85 -28.10 -1.59
C ASP B 769 10.16 -28.46 -0.87
N LEU B 770 10.51 -29.75 -0.83
CA LEU B 770 11.78 -30.16 -0.25
C LEU B 770 12.98 -29.59 -1.05
N THR B 771 12.83 -29.49 -2.37
CA THR B 771 13.88 -28.88 -3.19
C THR B 771 14.07 -27.36 -2.95
N GLN B 772 12.98 -26.66 -2.63
CA GLN B 772 13.10 -25.25 -2.26
C GLN B 772 13.90 -25.12 -0.96
N MET B 773 13.48 -25.89 0.04
CA MET B 773 14.08 -25.83 1.35
C MET B 773 15.54 -26.27 1.28
N THR B 774 15.81 -27.31 0.51
CA THR B 774 17.17 -27.88 0.45
C THR B 774 18.13 -26.94 -0.27
N PHE B 775 17.67 -26.41 -1.39
CA PHE B 775 18.47 -25.50 -2.20
C PHE B 775 18.61 -24.08 -1.62
N GLY B 776 17.59 -23.63 -0.89
CA GLY B 776 17.52 -22.24 -0.43
C GLY B 776 16.88 -21.23 -1.39
N PHE B 777 16.52 -21.64 -2.60
CA PHE B 777 15.79 -20.71 -3.47
C PHE B 777 14.37 -21.20 -3.59
N SER B 778 13.46 -20.26 -3.80
CA SER B 778 12.06 -20.51 -4.07
C SER B 778 11.87 -20.52 -5.57
N ARG B 779 10.96 -21.38 -6.04
CA ARG B 779 10.69 -21.54 -7.45
C ARG B 779 10.68 -20.21 -8.20
N ASP B 780 9.75 -19.33 -7.83
CA ASP B 780 9.54 -18.03 -8.51
C ASP B 780 10.75 -17.09 -8.64
N ASP B 781 11.13 -16.48 -7.52
CA ASP B 781 12.23 -15.53 -7.50
C ASP B 781 13.48 -16.14 -8.13
N ALA B 782 13.55 -17.48 -8.09
CA ALA B 782 14.71 -18.22 -8.61
C ALA B 782 15.07 -17.90 -10.08
N GLY B 783 14.14 -18.15 -11.02
CA GLY B 783 14.33 -17.80 -12.42
C GLY B 783 15.31 -16.64 -12.68
N LYS B 784 15.46 -15.76 -11.67
CA LYS B 784 16.29 -14.56 -11.76
C LYS B 784 17.77 -14.86 -12.00
N PHE B 785 18.26 -15.91 -11.36
CA PHE B 785 19.60 -16.42 -11.61
C PHE B 785 19.55 -17.64 -12.51
N LEU B 786 18.47 -18.41 -12.39
CA LEU B 786 18.49 -19.79 -12.87
C LEU B 786 19.05 -19.97 -14.28
N ASP B 787 18.63 -19.13 -15.23
CA ASP B 787 19.12 -19.28 -16.60
C ASP B 787 20.61 -18.94 -16.71
N SER B 788 21.02 -17.88 -16.01
CA SER B 788 22.41 -17.46 -15.96
C SER B 788 23.28 -18.60 -15.44
N TYR B 789 22.62 -19.58 -14.79
CA TYR B 789 23.27 -20.78 -14.27
C TYR B 789 23.49 -21.85 -15.33
N TYR B 790 22.42 -22.18 -16.05
CA TYR B 790 22.48 -23.18 -17.12
C TYR B 790 23.60 -22.84 -18.12
N LYS B 791 23.44 -21.70 -18.78
CA LYS B 791 24.48 -21.14 -19.69
C LYS B 791 25.90 -21.16 -19.10
N ALA B 792 26.02 -21.27 -17.78
CA ALA B 792 27.34 -21.21 -17.15
C ALA B 792 27.79 -22.58 -16.62
N LYS B 793 26.92 -23.57 -16.81
CA LYS B 793 27.15 -24.94 -16.32
C LYS B 793 27.43 -24.94 -14.82
N ILE B 794 26.36 -24.82 -14.03
CA ILE B 794 26.46 -24.82 -12.58
C ILE B 794 25.35 -25.74 -12.05
N TYR B 795 24.23 -25.69 -12.76
CA TYR B 795 23.10 -26.61 -12.58
C TYR B 795 22.76 -27.12 -13.98
N GLU B 796 23.02 -28.40 -14.23
CA GLU B 796 22.76 -29.01 -15.53
C GLU B 796 21.38 -29.65 -15.62
N SER B 797 20.44 -29.17 -14.79
CA SER B 797 19.04 -29.63 -14.78
C SER B 797 18.22 -28.63 -13.98
N ASP B 798 16.91 -28.57 -14.26
CA ASP B 798 15.96 -27.72 -13.50
C ASP B 798 15.55 -28.44 -12.21
N PRO B 799 16.19 -28.09 -11.07
CA PRO B 799 15.85 -28.70 -9.77
C PRO B 799 14.35 -28.81 -9.47
N PHE B 800 13.54 -27.94 -10.06
CA PHE B 800 12.08 -28.01 -9.89
C PHE B 800 11.42 -28.87 -10.97
N ALA B 801 12.19 -29.19 -12.01
CA ALA B 801 11.70 -29.98 -13.12
C ALA B 801 12.20 -31.40 -12.98
N ARG B 802 13.36 -31.54 -12.32
CA ARG B 802 14.04 -32.83 -12.15
C ARG B 802 14.64 -32.97 -10.75
N LEU B 803 14.25 -34.06 -10.08
CA LEU B 803 14.70 -34.34 -8.72
C LEU B 803 16.22 -34.41 -8.65
N ASP B 804 16.79 -33.49 -7.89
CA ASP B 804 18.23 -33.43 -7.75
C ASP B 804 18.66 -34.55 -6.85
N GLN B 805 18.90 -35.72 -7.44
CA GLN B 805 19.26 -36.90 -6.67
C GLN B 805 20.44 -36.68 -5.74
N THR B 806 21.49 -36.02 -6.24
CA THR B 806 22.73 -35.87 -5.48
C THR B 806 22.58 -35.18 -4.13
N GLY B 807 21.63 -34.26 -4.04
CA GLY B 807 21.38 -33.52 -2.82
C GLY B 807 20.00 -33.78 -2.26
N VAL B 808 18.99 -33.21 -2.91
CA VAL B 808 17.63 -33.35 -2.41
C VAL B 808 17.37 -34.84 -2.23
N GLY B 809 17.84 -35.62 -3.21
CA GLY B 809 17.73 -37.08 -3.23
C GLY B 809 18.26 -37.80 -1.99
N GLN B 810 19.37 -37.33 -1.44
CA GLN B 810 19.92 -37.94 -0.23
C GLN B 810 18.86 -37.92 0.87
N LEU B 811 18.21 -36.78 1.03
CA LEU B 811 17.08 -36.64 1.96
C LEU B 811 15.92 -37.62 1.66
N VAL B 812 15.54 -37.72 0.39
CA VAL B 812 14.49 -38.64 0.02
C VAL B 812 14.83 -40.06 0.50
N GLU B 813 16.01 -40.57 0.14
CA GLU B 813 16.46 -41.88 0.62
C GLU B 813 16.50 -42.00 2.16
N MET B 814 17.32 -41.17 2.82
CA MET B 814 17.35 -41.10 4.29
C MET B 814 15.96 -41.18 4.97
N ALA B 815 14.97 -40.49 4.39
CA ALA B 815 13.63 -40.45 4.97
C ALA B 815 12.90 -41.77 4.75
N VAL B 816 13.42 -42.55 3.80
CA VAL B 816 12.90 -43.89 3.56
C VAL B 816 13.61 -44.90 4.45
N LYS B 817 14.93 -45.00 4.27
CA LYS B 817 15.80 -45.79 5.15
C LYS B 817 15.47 -45.57 6.64
N LYS B 818 15.20 -44.32 7.03
CA LYS B 818 14.86 -44.09 8.43
C LYS B 818 13.38 -44.39 8.75
N GLY B 819 12.47 -43.87 7.93
CA GLY B 819 11.06 -43.99 8.22
C GLY B 819 10.65 -45.44 8.37
N ARG B 820 11.28 -46.27 7.53
CA ARG B 820 10.94 -47.69 7.44
C ARG B 820 11.62 -48.52 8.53
N GLN B 821 12.72 -48.02 9.08
CA GLN B 821 13.43 -48.71 10.15
C GLN B 821 12.50 -48.81 11.35
N THR B 822 11.69 -47.77 11.55
CA THR B 822 10.76 -47.74 12.68
C THR B 822 9.43 -48.39 12.28
N ARG B 823 9.10 -48.31 11.00
CA ARG B 823 7.85 -48.86 10.47
C ARG B 823 8.13 -49.42 9.06
N PRO B 824 8.43 -50.71 9.00
CA PRO B 824 8.81 -51.48 7.79
C PRO B 824 7.73 -51.61 6.70
N GLY B 825 6.46 -51.70 7.09
CA GLY B 825 5.36 -51.78 6.15
C GLY B 825 4.85 -50.39 5.82
N LEU B 826 5.76 -49.42 5.82
CA LEU B 826 5.44 -48.02 5.54
C LEU B 826 5.38 -47.81 4.02
N LYS B 827 4.25 -47.28 3.55
CA LYS B 827 4.11 -46.84 2.15
C LYS B 827 4.74 -45.47 1.98
N CYS B 828 5.37 -45.27 0.82
CA CYS B 828 5.88 -43.97 0.43
C CYS B 828 5.49 -43.62 -1.00
N GLY B 829 5.21 -42.35 -1.24
CA GLY B 829 4.93 -41.89 -2.58
C GLY B 829 5.77 -40.67 -2.90
N ILE B 830 5.84 -40.37 -4.19
CA ILE B 830 6.31 -39.08 -4.58
C ILE B 830 5.18 -38.35 -5.29
N CYS B 831 5.11 -37.04 -5.10
CA CYS B 831 4.10 -36.21 -5.72
C CYS B 831 4.68 -34.84 -5.75
N GLY B 832 5.24 -34.47 -6.88
CA GLY B 832 5.74 -33.12 -7.06
C GLY B 832 5.49 -32.89 -8.53
N GLU B 833 6.32 -32.06 -9.14
CA GLU B 833 6.37 -32.08 -10.58
C GLU B 833 7.39 -33.15 -10.97
N HIS B 834 8.25 -33.49 -10.00
CA HIS B 834 9.25 -34.53 -10.16
C HIS B 834 8.60 -35.89 -10.36
N GLY B 835 7.40 -36.04 -9.82
CA GLY B 835 6.70 -37.31 -9.83
C GLY B 835 6.43 -37.82 -11.24
N GLY B 836 6.71 -36.96 -12.24
CA GLY B 836 6.44 -37.26 -13.64
C GLY B 836 7.65 -37.12 -14.57
N ASP B 837 8.79 -36.72 -13.98
CA ASP B 837 10.10 -36.75 -14.64
C ASP B 837 10.72 -38.14 -14.47
N PRO B 838 11.05 -38.81 -15.60
CA PRO B 838 11.42 -40.24 -15.59
C PRO B 838 12.75 -40.52 -14.89
N SER B 839 13.64 -39.52 -14.81
CA SER B 839 14.84 -39.68 -13.98
C SER B 839 14.38 -39.83 -12.52
N SER B 840 13.58 -38.87 -12.07
CA SER B 840 12.93 -38.92 -10.76
C SER B 840 12.15 -40.22 -10.57
N VAL B 841 11.29 -40.55 -11.53
CA VAL B 841 10.55 -41.81 -11.48
C VAL B 841 11.41 -43.06 -11.31
N GLU B 842 12.44 -43.24 -12.14
CA GLU B 842 13.34 -44.37 -11.91
C GLU B 842 13.83 -44.29 -10.47
N PHE B 843 14.66 -43.28 -10.17
CA PHE B 843 15.24 -43.12 -8.83
C PHE B 843 14.24 -43.47 -7.73
N CYS B 844 12.97 -43.26 -7.97
CA CYS B 844 11.99 -43.45 -6.92
C CYS B 844 11.70 -44.92 -6.83
N HIS B 845 11.94 -45.62 -7.93
CA HIS B 845 11.73 -47.06 -8.01
C HIS B 845 12.89 -47.73 -7.34
N LYS B 846 13.99 -47.00 -7.28
CA LYS B 846 15.28 -47.49 -6.79
C LYS B 846 15.54 -47.31 -5.29
N VAL B 847 15.13 -46.18 -4.71
CA VAL B 847 15.26 -45.99 -3.25
C VAL B 847 14.06 -46.54 -2.48
N GLY B 848 13.15 -47.19 -3.20
CA GLY B 848 12.11 -48.03 -2.62
C GLY B 848 10.72 -47.44 -2.46
N LEU B 849 10.31 -46.58 -3.39
CA LEU B 849 8.97 -45.99 -3.31
C LEU B 849 7.81 -46.96 -3.65
N ASN B 850 6.66 -46.70 -3.05
CA ASN B 850 5.45 -47.44 -3.39
C ASN B 850 4.88 -46.85 -4.67
N TYR B 851 5.01 -45.53 -4.82
CA TYR B 851 4.40 -44.85 -5.95
C TYR B 851 4.93 -43.48 -6.26
N VAL B 852 4.64 -43.07 -7.49
CA VAL B 852 4.82 -41.69 -7.89
C VAL B 852 3.46 -41.12 -8.31
N SER B 853 3.29 -39.83 -8.11
CA SER B 853 2.06 -39.17 -8.56
C SER B 853 2.44 -38.07 -9.53
N CYS B 854 1.64 -37.96 -10.59
CA CYS B 854 1.85 -36.93 -11.60
C CYS B 854 0.53 -36.29 -12.09
N SER B 855 0.69 -35.15 -12.75
CA SER B 855 -0.39 -34.50 -13.48
C SER B 855 -1.08 -35.51 -14.39
N PRO B 856 -2.41 -35.47 -14.45
CA PRO B 856 -3.20 -36.32 -15.33
C PRO B 856 -2.49 -36.64 -16.65
N PHE B 857 -2.10 -35.61 -17.39
CA PHE B 857 -1.56 -35.83 -18.74
C PHE B 857 -0.11 -36.32 -18.77
N ARG B 858 0.42 -36.65 -17.60
CA ARG B 858 1.78 -37.17 -17.50
C ARG B 858 1.81 -38.62 -17.04
N VAL B 859 0.65 -39.12 -16.62
CA VAL B 859 0.53 -40.49 -16.14
C VAL B 859 1.30 -41.48 -17.00
N PRO B 860 1.25 -41.32 -18.35
CA PRO B 860 1.92 -42.30 -19.23
C PRO B 860 3.45 -42.13 -19.26
N ILE B 861 3.92 -40.90 -19.03
CA ILE B 861 5.36 -40.74 -18.87
C ILE B 861 5.76 -41.47 -17.60
N ALA B 862 4.91 -41.41 -16.59
CA ALA B 862 5.15 -42.10 -15.32
C ALA B 862 5.05 -43.63 -15.45
N ARG B 863 4.09 -44.10 -16.26
CA ARG B 863 3.91 -45.53 -16.45
C ARG B 863 5.02 -46.19 -17.25
N LEU B 864 5.34 -45.65 -18.42
CA LEU B 864 6.50 -46.15 -19.16
C LEU B 864 7.79 -45.92 -18.35
N ALA B 865 7.92 -44.76 -17.73
CA ALA B 865 9.09 -44.49 -16.90
C ALA B 865 9.17 -45.46 -15.71
N ALA B 866 8.03 -46.06 -15.37
CA ALA B 866 8.04 -47.11 -14.37
C ALA B 866 8.55 -48.40 -15.00
N ALA B 867 7.90 -48.82 -16.09
CA ALA B 867 8.29 -49.95 -16.92
C ALA B 867 9.80 -50.10 -17.03
N GLN B 868 10.44 -49.03 -17.47
CA GLN B 868 11.88 -48.98 -17.62
C GLN B 868 12.70 -48.92 -16.29
N ALA B 869 12.14 -48.30 -15.23
CA ALA B 869 12.84 -48.28 -13.93
C ALA B 869 13.06 -49.70 -13.42
N ALA B 870 12.11 -50.58 -13.74
CA ALA B 870 12.14 -51.95 -13.27
C ALA B 870 13.11 -52.78 -14.12
N LEU B 871 12.81 -52.90 -15.41
CA LEU B 871 13.67 -53.63 -16.35
C LEU B 871 15.17 -53.29 -16.19
N ASN B 872 15.47 -52.03 -15.85
CA ASN B 872 16.84 -51.54 -15.83
C ASN B 872 17.60 -51.81 -14.54
N ASN B 873 17.11 -52.78 -13.75
CA ASN B 873 17.63 -53.00 -12.40
C ASN B 873 17.55 -54.47 -11.92
N ALA C 2 -21.49 -4.66 34.11
CA ALA C 2 -20.24 -4.27 34.75
C ALA C 2 -20.46 -3.30 35.93
N LYS C 3 -19.56 -2.33 36.09
CA LYS C 3 -19.66 -1.33 37.15
C LYS C 3 -20.00 0.07 36.64
N TRP C 4 -21.14 0.59 37.08
CA TRP C 4 -21.64 1.87 36.62
C TRP C 4 -21.70 2.98 37.69
N VAL C 5 -21.15 2.70 38.88
CA VAL C 5 -21.23 3.62 40.00
C VAL C 5 -20.04 3.41 40.93
N TYR C 6 -19.36 4.49 41.29
CA TYR C 6 -18.18 4.38 42.13
C TYR C 6 -18.33 5.08 43.48
N LYS C 7 -17.36 4.83 44.35
CA LYS C 7 -17.28 5.50 45.64
C LYS C 7 -16.12 6.49 45.57
N PHE C 8 -16.19 7.55 46.36
CA PHE C 8 -15.11 8.52 46.35
C PHE C 8 -13.77 7.81 46.59
N GLU C 9 -13.59 7.24 47.78
CA GLU C 9 -12.39 6.46 48.15
C GLU C 9 -11.79 5.64 46.99
N GLU C 10 -12.64 4.87 46.32
CA GLU C 10 -12.19 4.00 45.24
C GLU C 10 -11.43 4.75 44.14
N GLY C 11 -12.02 5.83 43.66
CA GLY C 11 -11.43 6.61 42.58
C GLY C 11 -10.22 7.44 42.98
N ASN C 12 -9.55 7.96 41.94
CA ASN C 12 -8.42 8.89 42.10
C ASN C 12 -8.30 9.84 40.91
N ALA C 13 -7.69 10.99 41.14
CA ALA C 13 -7.57 12.06 40.15
C ALA C 13 -7.18 11.56 38.76
N SER C 14 -6.41 10.48 38.71
CA SER C 14 -6.00 9.94 37.41
C SER C 14 -7.20 9.45 36.61
N MET C 15 -8.16 8.83 37.31
CA MET C 15 -9.35 8.23 36.68
C MET C 15 -10.39 9.28 36.26
N ARG C 16 -9.90 10.41 35.79
CA ARG C 16 -10.74 11.54 35.45
C ARG C 16 -11.82 11.26 34.39
N ASN C 17 -11.40 10.69 33.26
CA ASN C 17 -12.32 10.50 32.15
C ASN C 17 -13.50 9.58 32.51
N LEU C 18 -13.37 8.90 33.64
CA LEU C 18 -14.40 8.00 34.12
C LEU C 18 -15.32 8.66 35.16
N LEU C 19 -14.74 9.56 35.97
CA LEU C 19 -15.45 10.16 37.10
C LEU C 19 -15.69 11.65 36.87
N GLY C 20 -14.88 12.23 36.00
CA GLY C 20 -14.99 13.63 35.61
C GLY C 20 -14.04 14.56 36.36
N GLY C 21 -14.26 15.88 36.19
CA GLY C 21 -13.50 16.91 36.88
C GLY C 21 -13.67 16.74 38.37
N LYS C 22 -14.81 17.21 38.89
CA LYS C 22 -15.13 17.10 40.33
C LYS C 22 -14.96 15.64 40.76
N GLY C 23 -15.58 14.74 40.00
CA GLY C 23 -15.58 13.32 40.32
C GLY C 23 -14.22 12.78 40.71
N CYS C 24 -13.29 12.78 39.76
CA CYS C 24 -11.95 12.24 39.99
C CYS C 24 -11.22 13.05 41.08
N ASN C 25 -11.49 14.36 41.11
CA ASN C 25 -10.90 15.24 42.12
C ASN C 25 -11.52 15.06 43.53
N LEU C 26 -12.85 14.98 43.62
CA LEU C 26 -13.49 14.69 44.91
C LEU C 26 -12.92 13.42 45.48
N ALA C 27 -12.85 12.41 44.62
CA ALA C 27 -12.20 11.14 44.91
C ALA C 27 -10.79 11.38 45.48
N GLU C 28 -10.02 12.19 44.74
CA GLU C 28 -8.66 12.56 45.13
C GLU C 28 -8.59 13.27 46.48
N MET C 29 -9.60 14.09 46.78
CA MET C 29 -9.70 14.76 48.08
C MET C 29 -9.80 13.70 49.17
N THR C 30 -10.83 12.86 49.04
CA THR C 30 -11.09 11.75 49.94
C THR C 30 -9.82 10.95 50.24
N ILE C 31 -9.32 10.26 49.22
CA ILE C 31 -8.03 9.54 49.24
C ILE C 31 -6.97 10.24 50.13
N LEU C 32 -7.11 11.55 50.32
CA LEU C 32 -6.16 12.32 51.10
C LEU C 32 -6.77 12.80 52.42
N GLY C 33 -7.59 11.93 53.02
CA GLY C 33 -8.19 12.23 54.31
C GLY C 33 -8.52 13.70 54.49
N MET C 34 -9.48 14.17 53.70
CA MET C 34 -9.96 15.54 53.83
C MET C 34 -11.44 15.53 54.24
N PRO C 35 -11.92 16.68 54.79
CA PRO C 35 -13.32 16.86 55.21
C PRO C 35 -14.25 17.05 54.01
N ILE C 36 -14.26 16.05 53.13
CA ILE C 36 -15.10 16.04 51.91
C ILE C 36 -16.31 15.12 52.06
N PRO C 37 -17.45 15.69 52.46
CA PRO C 37 -18.66 14.89 52.76
C PRO C 37 -18.86 13.75 51.77
N GLN C 38 -18.78 12.51 52.24
CA GLN C 38 -18.75 11.35 51.36
C GLN C 38 -19.93 11.22 50.40
N GLY C 39 -19.67 10.62 49.25
CA GLY C 39 -20.69 10.41 48.23
C GLY C 39 -20.19 9.40 47.20
N PHE C 40 -20.84 9.37 46.04
CA PHE C 40 -20.42 8.45 45.00
C PHE C 40 -20.64 9.05 43.61
N THR C 41 -19.87 8.59 42.63
CA THR C 41 -19.88 9.19 41.30
C THR C 41 -20.38 8.23 40.25
N VAL C 42 -21.43 8.62 39.54
CA VAL C 42 -21.96 7.82 38.43
C VAL C 42 -21.12 8.07 37.20
N THR C 43 -20.42 7.05 36.73
CA THR C 43 -19.42 7.26 35.68
C THR C 43 -20.04 7.74 34.37
N THR C 44 -19.22 8.43 33.57
CA THR C 44 -19.67 9.07 32.35
C THR C 44 -20.14 8.07 31.32
N GLU C 45 -19.83 6.80 31.58
CA GLU C 45 -20.21 5.69 30.71
C GLU C 45 -21.69 5.44 30.84
N ALA C 46 -22.16 5.40 32.08
CA ALA C 46 -23.59 5.38 32.38
C ALA C 46 -24.30 6.52 31.65
N CYS C 47 -23.58 7.62 31.43
CA CYS C 47 -24.12 8.78 30.72
C CYS C 47 -24.40 8.42 29.26
N THR C 48 -23.39 7.92 28.58
CA THR C 48 -23.54 7.59 27.18
C THR C 48 -24.45 6.41 27.07
N GLU C 49 -24.40 5.53 28.07
CA GLU C 49 -25.27 4.37 28.14
C GLU C 49 -26.75 4.83 28.25
N TYR C 50 -26.97 5.81 29.11
CA TYR C 50 -28.25 6.50 29.22
C TYR C 50 -28.59 7.16 27.88
N TYR C 51 -27.63 7.90 27.33
CA TYR C 51 -27.80 8.58 26.06
C TYR C 51 -28.20 7.71 24.87
N ASN C 52 -27.75 6.46 24.84
CA ASN C 52 -28.02 5.55 23.71
C ASN C 52 -29.39 4.85 23.76
N SER C 53 -29.82 4.54 24.99
CA SER C 53 -31.14 3.99 25.25
C SER C 53 -32.15 5.14 25.39
N GLY C 54 -32.10 6.08 24.44
CA GLY C 54 -33.00 7.22 24.39
C GLY C 54 -33.24 7.90 25.74
N LYS C 55 -32.18 8.51 26.28
CA LYS C 55 -32.28 9.30 27.51
C LYS C 55 -33.08 8.59 28.63
N GLN C 56 -32.64 7.38 28.95
CA GLN C 56 -33.28 6.56 29.98
C GLN C 56 -32.23 5.81 30.79
N ILE C 57 -32.63 5.33 31.95
CA ILE C 57 -31.73 4.55 32.80
C ILE C 57 -32.03 3.07 32.59
N THR C 58 -31.00 2.25 32.45
CA THR C 58 -31.22 0.80 32.42
C THR C 58 -31.71 0.39 33.80
N GLN C 59 -31.82 -0.92 34.03
CA GLN C 59 -32.19 -1.40 35.37
C GLN C 59 -30.93 -1.81 36.14
N GLU C 60 -29.91 -2.28 35.41
CA GLU C 60 -28.64 -2.67 36.01
C GLU C 60 -27.90 -1.47 36.60
N ILE C 61 -27.99 -0.33 35.90
CA ILE C 61 -27.35 0.89 36.39
C ILE C 61 -28.19 1.48 37.51
N GLN C 62 -29.49 1.61 37.25
CA GLN C 62 -30.42 2.21 38.19
C GLN C 62 -30.28 1.62 39.59
N ASP C 63 -30.04 0.32 39.68
CA ASP C 63 -30.00 -0.38 40.97
C ASP C 63 -28.68 -0.26 41.68
N GLN C 64 -27.60 -0.07 40.92
CA GLN C 64 -26.28 0.20 41.49
C GLN C 64 -26.30 1.54 42.25
N ILE C 65 -27.15 2.46 41.80
CA ILE C 65 -27.37 3.76 42.46
C ILE C 65 -27.95 3.51 43.83
N PHE C 66 -29.11 2.87 43.85
CA PHE C 66 -29.84 2.57 45.08
C PHE C 66 -29.05 1.65 46.00
N GLU C 67 -28.22 0.80 45.41
CA GLU C 67 -27.22 0.07 46.18
C GLU C 67 -26.37 1.05 46.99
N ALA C 68 -25.68 1.95 46.27
CA ALA C 68 -24.74 2.91 46.87
C ALA C 68 -25.40 3.91 47.83
N ILE C 69 -26.66 4.25 47.53
CA ILE C 69 -27.48 5.07 48.41
C ILE C 69 -27.68 4.39 49.78
N THR C 70 -27.68 3.06 49.76
CA THR C 70 -27.71 2.28 50.98
C THR C 70 -26.37 2.41 51.72
N TRP C 71 -25.30 1.92 51.08
CA TRP C 71 -23.97 1.97 51.67
C TRP C 71 -23.75 3.33 52.31
N LEU C 72 -24.29 4.35 51.65
CA LEU C 72 -24.23 5.71 52.14
C LEU C 72 -25.18 5.85 53.31
N GLU C 73 -26.45 5.54 53.06
CA GLU C 73 -27.45 5.52 54.11
C GLU C 73 -26.89 4.91 55.37
N GLU C 74 -26.44 3.66 55.23
CA GLU C 74 -25.88 2.91 56.34
C GLU C 74 -24.73 3.66 56.97
N LEU C 75 -23.79 4.10 56.15
CA LEU C 75 -22.64 4.88 56.59
C LEU C 75 -23.04 5.95 57.62
N ASN C 76 -23.88 6.91 57.19
CA ASN C 76 -24.33 7.99 58.07
C ASN C 76 -25.31 7.56 59.15
N GLY C 77 -26.09 6.52 58.90
CA GLY C 77 -27.18 6.17 59.78
C GLY C 77 -28.51 6.47 59.10
N LYS C 78 -28.79 7.77 58.92
CA LYS C 78 -30.01 8.24 58.26
C LYS C 78 -30.45 7.39 57.07
N LYS C 79 -31.76 7.38 56.81
CA LYS C 79 -32.32 6.78 55.58
C LYS C 79 -32.63 7.87 54.54
N PHE C 80 -32.66 7.50 53.26
CA PHE C 80 -32.86 8.46 52.17
C PHE C 80 -34.29 8.99 52.12
N GLY C 81 -34.44 10.30 52.37
CA GLY C 81 -35.73 10.98 52.36
C GLY C 81 -36.64 10.56 53.51
N ASP C 82 -36.04 10.01 54.57
CA ASP C 82 -36.77 9.44 55.71
C ASP C 82 -37.65 10.45 56.44
N THR C 83 -38.93 10.12 56.56
CA THR C 83 -39.92 11.01 57.16
C THR C 83 -39.53 11.54 58.56
N GLU C 84 -38.62 10.84 59.24
CA GLU C 84 -38.12 11.20 60.59
C GLU C 84 -36.80 11.97 60.51
N ASP C 85 -35.72 11.20 60.53
CA ASP C 85 -34.38 11.71 60.33
C ASP C 85 -33.92 11.41 58.90
N PRO C 86 -34.26 12.29 57.96
CA PRO C 86 -33.89 12.17 56.55
C PRO C 86 -32.38 12.23 56.27
N LEU C 87 -31.92 11.35 55.38
CA LEU C 87 -30.63 11.51 54.74
C LEU C 87 -30.86 12.38 53.50
N LEU C 88 -30.08 13.45 53.34
CA LEU C 88 -30.23 14.37 52.21
C LEU C 88 -28.95 14.49 51.38
N VAL C 89 -29.12 14.72 50.07
CA VAL C 89 -27.99 14.86 49.17
C VAL C 89 -28.15 15.94 48.09
N SER C 90 -27.06 16.17 47.36
CA SER C 90 -27.04 16.99 46.16
C SER C 90 -26.82 16.08 44.95
N VAL C 91 -27.17 16.54 43.75
CA VAL C 91 -26.96 15.78 42.52
C VAL C 91 -26.06 16.58 41.55
N ARG C 92 -24.76 16.25 41.53
CA ARG C 92 -23.78 17.09 40.83
C ARG C 92 -23.36 16.58 39.44
N SER C 93 -23.16 17.53 38.52
CA SER C 93 -22.64 17.25 37.18
C SER C 93 -21.11 17.35 37.19
N GLY C 94 -20.45 16.43 36.50
CA GLY C 94 -19.00 16.45 36.47
C GLY C 94 -18.41 15.91 35.19
N ALA C 95 -18.24 16.76 34.18
CA ALA C 95 -17.72 16.32 32.89
C ALA C 95 -16.20 16.17 32.89
N ARG C 96 -15.66 15.55 31.84
CA ARG C 96 -14.20 15.39 31.67
C ARG C 96 -13.49 16.74 31.64
N ALA C 97 -14.15 17.75 31.07
CA ALA C 97 -13.58 19.09 31.03
C ALA C 97 -14.15 19.90 32.17
N SER C 98 -13.86 21.19 32.16
CA SER C 98 -14.22 22.04 33.27
C SER C 98 -15.07 23.18 32.76
N MET C 99 -16.40 23.00 32.79
CA MET C 99 -17.31 24.07 32.42
C MET C 99 -17.90 24.70 33.69
N PRO C 100 -17.34 25.84 34.10
CA PRO C 100 -17.67 26.43 35.41
C PRO C 100 -19.10 26.99 35.48
N GLY C 101 -20.09 26.09 35.58
CA GLY C 101 -21.48 26.47 35.79
C GLY C 101 -22.36 26.46 34.55
N MET C 102 -22.00 25.65 33.56
CA MET C 102 -22.88 25.49 32.41
C MET C 102 -23.95 24.43 32.74
N MET C 103 -23.55 23.19 33.03
CA MET C 103 -24.51 22.19 33.47
C MET C 103 -25.22 22.54 34.79
N ASP C 104 -26.09 21.64 35.25
CA ASP C 104 -26.90 21.93 36.44
C ASP C 104 -26.59 21.07 37.65
N THR C 105 -27.09 21.49 38.81
CA THR C 105 -27.00 20.71 40.04
C THR C 105 -28.23 20.99 40.92
N ILE C 106 -28.54 20.03 41.80
CA ILE C 106 -29.59 20.17 42.80
C ILE C 106 -28.97 20.02 44.19
N LEU C 107 -29.52 20.73 45.16
CA LEU C 107 -29.20 20.48 46.56
C LEU C 107 -30.48 20.30 47.32
N ASN C 108 -30.38 19.62 48.46
CA ASN C 108 -31.52 19.38 49.33
C ASN C 108 -32.47 18.29 48.78
N LEU C 109 -31.88 17.24 48.20
CA LEU C 109 -32.65 16.11 47.67
C LEU C 109 -33.10 15.22 48.86
N GLY C 110 -34.28 14.60 48.73
CA GLY C 110 -34.88 13.85 49.82
C GLY C 110 -36.10 14.54 50.45
N LEU C 111 -35.88 15.76 50.95
CA LEU C 111 -36.97 16.64 51.41
C LEU C 111 -38.26 16.48 50.60
N ASN C 112 -39.29 16.03 51.29
CA ASN C 112 -40.64 15.91 50.79
C ASN C 112 -41.53 16.45 51.93
N ASP C 113 -42.69 17.01 51.61
CA ASP C 113 -43.59 17.58 52.63
C ASP C 113 -43.43 16.98 54.04
N VAL C 114 -43.46 15.66 54.15
CA VAL C 114 -43.40 15.04 55.49
C VAL C 114 -42.02 15.06 56.17
N ALA C 115 -40.95 14.90 55.39
CA ALA C 115 -39.63 14.92 55.99
C ALA C 115 -39.33 16.32 56.57
N VAL C 116 -39.74 17.37 55.84
CA VAL C 116 -39.52 18.75 56.25
C VAL C 116 -39.94 18.97 57.68
N GLU C 117 -41.05 18.35 58.02
CA GLU C 117 -41.62 18.49 59.34
C GLU C 117 -40.89 17.63 60.37
N GLY C 118 -40.46 16.45 59.95
CA GLY C 118 -39.66 15.58 60.79
C GLY C 118 -38.24 16.09 60.84
N PHE C 119 -37.90 16.96 59.90
CA PHE C 119 -36.54 17.48 59.72
C PHE C 119 -36.35 18.74 60.55
N ALA C 120 -37.42 19.55 60.59
CA ALA C 120 -37.43 20.76 61.38
C ALA C 120 -37.28 20.43 62.87
N LYS C 121 -37.71 19.23 63.25
CA LYS C 121 -37.68 18.82 64.65
C LYS C 121 -36.31 18.27 65.07
N LYS C 122 -35.63 17.61 64.13
CA LYS C 122 -34.38 16.91 64.43
C LYS C 122 -33.26 17.90 64.63
N THR C 123 -33.40 19.07 64.01
CA THR C 123 -32.47 20.17 64.28
C THR C 123 -32.82 20.88 65.59
N GLY C 124 -33.97 21.55 65.57
CA GLY C 124 -34.34 22.47 66.62
C GLY C 124 -34.64 23.83 66.03
N ASN C 125 -34.95 23.82 64.72
CA ASN C 125 -35.32 25.03 63.99
C ASN C 125 -35.74 24.73 62.56
N PRO C 126 -36.99 25.08 62.21
CA PRO C 126 -37.57 24.88 60.87
C PRO C 126 -37.18 25.94 59.83
N ARG C 127 -36.98 27.18 60.23
CA ARG C 127 -36.56 28.20 59.28
C ARG C 127 -35.44 27.66 58.38
N PHE C 128 -34.53 26.89 58.98
CA PHE C 128 -33.43 26.28 58.25
C PHE C 128 -33.87 25.11 57.37
N ALA C 129 -34.67 24.22 57.94
CA ALA C 129 -35.14 23.02 57.23
C ALA C 129 -36.29 23.31 56.22
N TYR C 130 -37.00 24.40 56.41
CA TYR C 130 -38.01 24.80 55.44
C TYR C 130 -37.37 25.68 54.36
N ASP C 131 -36.28 26.37 54.75
CA ASP C 131 -35.47 27.13 53.79
C ASP C 131 -34.66 26.22 52.87
N SER C 132 -34.50 24.96 53.26
CA SER C 132 -33.76 23.97 52.47
C SER C 132 -34.71 23.16 51.61
N TYR C 133 -35.91 22.96 52.13
CA TYR C 133 -36.93 22.32 51.32
C TYR C 133 -37.21 23.28 50.16
N ARG C 134 -37.52 24.54 50.47
CA ARG C 134 -37.77 25.50 49.40
C ARG C 134 -36.61 25.45 48.39
N ARG C 135 -35.38 25.62 48.86
CA ARG C 135 -34.19 25.56 47.99
C ARG C 135 -34.21 24.35 47.05
N PHE C 136 -34.66 23.20 47.55
CA PHE C 136 -34.72 21.98 46.74
C PHE C 136 -35.66 22.13 45.51
N ILE C 137 -36.89 22.58 45.77
CA ILE C 137 -37.90 22.87 44.73
C ILE C 137 -37.39 23.95 43.77
N GLN C 138 -36.77 24.97 44.36
CA GLN C 138 -36.16 26.06 43.63
C GLN C 138 -35.21 25.58 42.53
N MET C 139 -34.70 24.37 42.70
CA MET C 139 -33.61 23.84 41.87
C MET C 139 -34.02 22.62 41.11
N TYR C 140 -34.81 21.74 41.74
CA TYR C 140 -35.31 20.55 41.06
C TYR C 140 -36.32 20.92 39.98
N SER C 141 -37.25 21.79 40.34
CA SER C 141 -38.25 22.27 39.40
C SER C 141 -37.56 22.91 38.20
N ASP C 142 -36.44 23.59 38.46
CA ASP C 142 -35.76 24.35 37.44
C ASP C 142 -34.76 23.57 36.54
N VAL C 143 -34.31 22.40 37.01
CA VAL C 143 -33.33 21.61 36.26
C VAL C 143 -33.99 20.38 35.67
N VAL C 144 -34.83 19.74 36.49
CA VAL C 144 -35.59 18.59 36.04
C VAL C 144 -36.70 19.10 35.12
N MET C 145 -37.81 19.58 35.69
CA MET C 145 -38.84 20.22 34.88
C MET C 145 -38.37 21.60 34.34
N GLU C 146 -39.19 22.25 33.51
CA GLU C 146 -38.73 23.47 32.85
C GLU C 146 -39.16 24.79 33.54
N VAL C 147 -39.68 24.68 34.77
CA VAL C 147 -40.14 25.85 35.50
C VAL C 147 -39.04 26.94 35.60
N PRO C 148 -39.41 28.23 35.46
CA PRO C 148 -38.39 29.27 35.35
C PRO C 148 -37.93 29.85 36.70
N LYS C 149 -36.68 30.34 36.75
CA LYS C 149 -36.12 31.02 37.92
C LYS C 149 -36.87 32.32 38.21
N SER C 150 -37.38 32.93 37.14
CA SER C 150 -38.16 34.17 37.24
C SER C 150 -39.24 34.01 38.30
N HIS C 151 -40.13 33.04 38.09
CA HIS C 151 -41.22 32.70 39.02
C HIS C 151 -40.75 32.37 40.43
N PHE C 152 -39.43 32.38 40.64
CA PHE C 152 -38.86 31.94 41.91
C PHE C 152 -38.43 33.06 42.84
N GLU C 153 -37.68 34.04 42.33
CA GLU C 153 -37.36 35.19 43.17
C GLU C 153 -38.52 36.20 43.23
N LYS C 154 -39.28 36.30 42.15
CA LYS C 154 -40.42 37.21 42.11
C LYS C 154 -41.26 37.07 43.38
N ILE C 155 -41.60 35.83 43.72
CA ILE C 155 -42.35 35.54 44.94
C ILE C 155 -41.44 35.60 46.18
N ILE C 156 -40.14 35.44 45.95
CA ILE C 156 -39.12 35.54 47.00
C ILE C 156 -38.75 37.00 47.26
N ASP C 157 -39.26 37.88 46.40
CA ASP C 157 -39.12 39.32 46.57
C ASP C 157 -40.49 39.88 46.92
N ALA C 158 -41.54 39.18 46.49
CA ALA C 158 -42.89 39.48 46.92
C ALA C 158 -43.04 39.16 48.40
N MET C 159 -42.43 38.06 48.82
CA MET C 159 -42.49 37.64 50.23
C MET C 159 -41.75 38.62 51.14
N LYS C 160 -40.68 39.22 50.62
CA LYS C 160 -39.90 40.20 51.38
C LYS C 160 -40.44 41.63 51.19
N GLU C 161 -41.59 41.73 50.53
CA GLU C 161 -42.27 43.01 50.32
C GLU C 161 -43.67 43.05 50.96
N GLU C 162 -44.25 41.88 51.16
CA GLU C 162 -45.56 41.73 51.80
C GLU C 162 -45.37 41.58 53.32
N LYS C 163 -44.18 41.17 53.72
CA LYS C 163 -43.80 41.13 55.14
C LYS C 163 -42.79 42.24 55.47
N GLY C 164 -42.36 42.96 54.44
CA GLY C 164 -41.47 44.09 54.60
C GLY C 164 -40.16 43.76 55.28
N VAL C 165 -39.72 42.50 55.12
CA VAL C 165 -38.47 42.05 55.73
C VAL C 165 -37.28 42.53 54.89
N HIS C 166 -36.38 43.27 55.54
CA HIS C 166 -35.30 43.92 54.82
C HIS C 166 -34.59 42.95 53.86
N PHE C 167 -33.93 41.93 54.40
CA PHE C 167 -33.06 41.07 53.57
C PHE C 167 -33.36 39.57 53.69
N ASP C 168 -32.39 38.74 53.29
CA ASP C 168 -32.65 37.32 53.00
C ASP C 168 -32.67 36.40 54.22
N THR C 169 -31.85 36.72 55.21
CA THR C 169 -31.79 35.97 56.47
C THR C 169 -32.85 36.50 57.43
N ASP C 170 -34.06 36.69 56.92
CA ASP C 170 -35.13 37.39 57.64
C ASP C 170 -36.53 36.95 57.20
N LEU C 171 -36.74 35.66 56.95
CA LEU C 171 -38.11 35.15 56.69
C LEU C 171 -38.60 34.24 57.83
N THR C 172 -39.85 34.43 58.25
CA THR C 172 -40.44 33.56 59.26
C THR C 172 -40.36 32.10 58.82
N ALA C 173 -40.28 31.18 59.78
CA ALA C 173 -40.36 29.76 59.48
C ALA C 173 -41.51 29.55 58.51
N ASP C 174 -42.58 30.33 58.74
CA ASP C 174 -43.81 30.20 57.98
C ASP C 174 -43.75 31.05 56.72
N ASP C 175 -42.84 32.02 56.71
CA ASP C 175 -42.53 32.68 55.45
C ASP C 175 -42.01 31.62 54.47
N LEU C 176 -41.13 30.74 54.96
CA LEU C 176 -40.46 29.74 54.15
C LEU C 176 -41.37 28.52 53.82
N LYS C 177 -42.25 28.18 54.75
CA LYS C 177 -43.26 27.15 54.50
C LYS C 177 -44.16 27.66 53.37
N GLU C 178 -44.77 28.82 53.60
CA GLU C 178 -45.51 29.56 52.59
C GLU C 178 -44.77 29.49 51.27
N LEU C 179 -43.54 29.96 51.28
CA LEU C 179 -42.72 29.99 50.06
C LEU C 179 -42.75 28.64 49.37
N ALA C 180 -42.45 27.58 50.12
CA ALA C 180 -42.43 26.22 49.58
C ALA C 180 -43.78 25.81 48.97
N GLU C 181 -44.87 26.21 49.63
CA GLU C 181 -46.21 25.97 49.10
C GLU C 181 -46.29 26.53 47.68
N LYS C 182 -45.81 27.77 47.53
CA LYS C 182 -45.87 28.50 46.28
C LYS C 182 -44.93 27.93 45.21
N PHE C 183 -43.78 27.40 45.63
CA PHE C 183 -42.87 26.69 44.72
C PHE C 183 -43.53 25.40 44.20
N LYS C 184 -44.03 24.56 45.11
CA LYS C 184 -44.80 23.37 44.74
C LYS C 184 -46.01 23.76 43.88
N ALA C 185 -46.31 25.06 43.86
CA ALA C 185 -47.44 25.62 43.13
C ALA C 185 -47.06 25.86 41.67
N VAL C 186 -46.10 26.75 41.47
CA VAL C 186 -45.58 27.02 40.14
C VAL C 186 -45.22 25.70 39.44
N TYR C 187 -44.79 24.72 40.22
CA TYR C 187 -44.41 23.43 39.65
C TYR C 187 -45.67 22.76 39.12
N LYS C 188 -46.67 22.67 39.99
CA LYS C 188 -47.97 22.07 39.65
C LYS C 188 -48.70 22.96 38.64
N GLU C 189 -48.45 24.27 38.74
CA GLU C 189 -48.83 25.24 37.72
C GLU C 189 -48.68 24.67 36.30
N ALA C 190 -47.46 24.71 35.77
CA ALA C 190 -47.19 24.55 34.34
C ALA C 190 -47.14 23.11 33.80
N MET C 191 -47.06 22.12 34.69
CA MET C 191 -46.74 20.75 34.26
C MET C 191 -47.94 19.84 34.05
N ASN C 192 -49.12 20.47 33.95
CA ASN C 192 -50.39 19.79 33.64
C ASN C 192 -51.12 19.18 34.85
N GLY C 193 -50.84 19.75 36.02
CA GLY C 193 -51.45 19.30 37.27
C GLY C 193 -50.45 18.50 38.06
N GLU C 194 -49.35 18.12 37.41
CA GLU C 194 -48.36 17.22 37.99
C GLU C 194 -47.70 17.75 39.26
N GLU C 195 -47.88 17.01 40.37
CA GLU C 195 -47.33 17.44 41.63
C GLU C 195 -45.82 17.22 41.66
N PHE C 196 -45.17 17.87 42.61
CA PHE C 196 -43.75 17.67 42.83
C PHE C 196 -43.54 16.30 43.49
N PRO C 197 -42.65 15.49 42.91
CA PRO C 197 -42.46 14.09 43.34
C PRO C 197 -42.13 13.97 44.83
N GLN C 198 -43.11 13.51 45.61
CA GLN C 198 -42.96 13.44 47.07
C GLN C 198 -42.29 12.15 47.49
N GLU C 199 -41.54 11.57 46.55
CA GLU C 199 -40.83 10.32 46.78
C GLU C 199 -39.35 10.56 46.53
N PRO C 200 -38.52 10.38 47.57
CA PRO C 200 -37.07 10.57 47.38
C PRO C 200 -36.49 9.69 46.28
N LYS C 201 -36.99 8.47 46.18
CA LYS C 201 -36.51 7.54 45.17
C LYS C 201 -37.00 7.91 43.76
N ASP C 202 -37.79 8.97 43.66
CA ASP C 202 -38.21 9.56 42.39
C ASP C 202 -37.45 10.86 42.16
N GLN C 203 -37.06 11.47 43.27
CA GLN C 203 -36.34 12.73 43.28
C GLN C 203 -34.93 12.50 42.76
N LEU C 204 -34.39 11.33 43.11
CA LEU C 204 -33.05 10.97 42.69
C LEU C 204 -33.02 10.75 41.19
N MET C 205 -33.63 9.65 40.75
CA MET C 205 -33.64 9.28 39.33
C MET C 205 -34.21 10.38 38.45
N GLY C 206 -35.00 11.28 39.04
CA GLY C 206 -35.48 12.45 38.32
C GLY C 206 -34.32 13.36 37.92
N ALA C 207 -33.43 13.59 38.88
CA ALA C 207 -32.30 14.51 38.73
C ALA C 207 -31.09 13.85 38.08
N VAL C 208 -30.74 12.65 38.53
CA VAL C 208 -29.67 11.88 37.91
C VAL C 208 -29.84 11.86 36.39
N LYS C 209 -31.07 11.99 35.91
CA LYS C 209 -31.30 12.13 34.47
C LYS C 209 -31.13 13.60 34.04
N ALA C 210 -31.75 14.51 34.79
CA ALA C 210 -31.74 15.93 34.46
C ALA C 210 -30.32 16.44 34.37
N VAL C 211 -29.42 15.76 35.09
CA VAL C 211 -28.02 16.15 35.11
C VAL C 211 -27.27 15.57 33.90
N PHE C 212 -27.47 14.28 33.63
CA PHE C 212 -26.95 13.69 32.39
C PHE C 212 -27.31 14.61 31.21
N ARG C 213 -28.50 15.21 31.29
CA ARG C 213 -28.97 16.14 30.27
C ARG C 213 -28.19 17.46 30.28
N SER C 214 -27.82 17.93 31.47
CA SER C 214 -27.05 19.17 31.61
C SER C 214 -25.95 19.28 30.56
N TRP C 215 -25.43 18.13 30.14
CA TRP C 215 -24.42 18.10 29.07
C TRP C 215 -24.81 19.03 27.92
N ASP C 216 -26.05 18.95 27.48
CA ASP C 216 -26.47 19.70 26.29
C ASP C 216 -27.30 20.95 26.56
N ASN C 217 -27.19 21.51 27.77
CA ASN C 217 -27.69 22.86 28.00
C ASN C 217 -27.22 23.76 26.85
N PRO C 218 -28.11 24.65 26.38
CA PRO C 218 -27.72 25.67 25.39
C PRO C 218 -26.40 26.40 25.73
N ARG C 219 -26.18 26.70 27.02
CA ARG C 219 -25.01 27.51 27.42
C ARG C 219 -23.68 26.74 27.39
N ALA C 220 -23.71 25.49 27.84
CA ALA C 220 -22.56 24.58 27.68
C ALA C 220 -22.11 24.49 26.19
N ILE C 221 -23.09 24.27 25.30
CA ILE C 221 -22.93 24.31 23.83
C ILE C 221 -22.16 25.55 23.32
N VAL C 222 -22.44 26.72 23.91
CA VAL C 222 -21.64 27.91 23.65
C VAL C 222 -20.25 27.76 24.30
N TYR C 223 -20.21 27.12 25.46
CA TYR C 223 -18.97 27.07 26.22
C TYR C 223 -18.00 26.05 25.61
N ARG C 224 -18.54 24.96 25.07
CA ARG C 224 -17.67 23.93 24.51
C ARG C 224 -16.95 24.46 23.26
N ARG C 225 -17.66 25.28 22.49
CA ARG C 225 -17.14 25.78 21.24
C ARG C 225 -16.18 26.92 21.50
N MET C 226 -16.48 27.71 22.53
CA MET C 226 -15.60 28.82 22.92
C MET C 226 -14.30 28.32 23.54
N ASN C 227 -14.34 27.09 24.04
CA ASN C 227 -13.18 26.45 24.67
C ASN C 227 -12.81 25.15 23.93
N ASP C 228 -13.29 25.04 22.71
CA ASP C 228 -12.97 23.91 21.82
C ASP C 228 -13.18 22.54 22.47
N ILE C 229 -14.38 22.31 23.01
CA ILE C 229 -14.65 21.08 23.71
C ILE C 229 -15.56 20.11 22.94
N PRO C 230 -15.10 18.86 22.81
CA PRO C 230 -15.85 17.75 22.24
C PRO C 230 -17.25 17.65 22.85
N GLY C 231 -18.20 17.16 22.07
CA GLY C 231 -19.59 17.15 22.49
C GLY C 231 -20.09 15.84 23.06
N ASP C 232 -19.30 14.78 22.92
CA ASP C 232 -19.78 13.47 23.32
C ASP C 232 -19.16 12.97 24.63
N TRP C 233 -18.27 13.76 25.20
CA TRP C 233 -17.70 13.43 26.49
C TRP C 233 -18.74 13.02 27.55
N GLY C 234 -19.81 13.79 27.66
CA GLY C 234 -20.81 13.56 28.68
C GLY C 234 -20.35 13.99 30.06
N THR C 235 -21.30 14.06 30.98
CA THR C 235 -21.02 14.35 32.39
C THR C 235 -21.26 13.11 33.25
N ALA C 236 -20.65 13.11 34.43
CA ALA C 236 -20.96 12.13 35.45
C ALA C 236 -22.10 12.68 36.32
N VAL C 237 -22.52 11.89 37.30
CA VAL C 237 -23.47 12.35 38.31
C VAL C 237 -22.87 12.03 39.67
N ASN C 238 -22.28 13.06 40.28
CA ASN C 238 -21.72 12.93 41.62
C ASN C 238 -22.83 13.11 42.62
N VAL C 239 -23.02 12.09 43.46
CA VAL C 239 -24.13 12.03 44.41
C VAL C 239 -23.59 12.11 45.84
N GLN C 240 -23.81 13.25 46.47
CA GLN C 240 -23.08 13.64 47.65
C GLN C 240 -23.99 14.13 48.77
N THR C 241 -23.76 13.61 49.98
CA THR C 241 -24.47 14.08 51.16
C THR C 241 -24.22 15.57 51.45
N MET C 242 -25.29 16.24 51.90
CA MET C 242 -25.34 17.69 52.09
C MET C 242 -24.69 18.13 53.37
N VAL C 243 -24.01 19.27 53.33
CA VAL C 243 -23.64 20.00 54.53
C VAL C 243 -24.43 21.33 54.53
N PHE C 244 -24.39 22.10 55.62
CA PHE C 244 -25.31 23.24 55.68
C PHE C 244 -24.78 24.59 56.21
N GLY C 245 -24.55 25.51 55.28
CA GLY C 245 -24.20 26.87 55.63
C GLY C 245 -25.42 27.75 55.81
N ASN C 246 -26.58 27.13 55.99
CA ASN C 246 -27.78 27.90 56.27
C ASN C 246 -28.48 27.50 57.59
N LYS C 247 -27.79 26.73 58.42
CA LYS C 247 -28.24 26.44 59.79
C LYS C 247 -28.24 27.68 60.70
N GLY C 248 -27.05 28.27 60.92
CA GLY C 248 -26.87 29.42 61.78
C GLY C 248 -25.83 30.45 61.35
N GLU C 249 -25.44 31.29 62.29
CA GLU C 249 -24.40 32.30 62.05
C GLU C 249 -22.99 31.69 62.09
N THR C 250 -22.82 30.60 62.84
CA THR C 250 -21.57 29.84 62.87
C THR C 250 -21.51 28.83 61.72
N SER C 251 -22.42 29.02 60.76
CA SER C 251 -22.55 28.19 59.55
C SER C 251 -22.55 29.09 58.31
N GLY C 252 -21.62 28.84 57.38
CA GLY C 252 -21.52 29.61 56.15
C GLY C 252 -20.94 28.86 54.97
N THR C 253 -20.78 29.55 53.84
CA THR C 253 -20.18 28.96 52.66
C THR C 253 -19.31 30.00 51.93
N GLY C 254 -18.63 29.59 50.87
CA GLY C 254 -17.77 30.51 50.13
C GLY C 254 -16.90 29.81 49.10
N VAL C 255 -16.18 30.61 48.32
CA VAL C 255 -15.31 30.08 47.28
C VAL C 255 -13.99 30.88 47.22
N ALA C 256 -13.03 30.40 46.43
CA ALA C 256 -11.70 30.96 46.55
C ALA C 256 -10.67 30.35 45.61
N PHE C 257 -9.85 31.20 45.00
CA PHE C 257 -8.64 30.71 44.34
C PHE C 257 -7.40 30.92 45.21
N THR C 258 -6.44 30.01 45.11
CA THR C 258 -5.21 30.10 45.90
C THR C 258 -4.38 31.32 45.48
N ARG C 259 -4.56 31.75 44.24
CA ARG C 259 -3.98 33.02 43.78
C ARG C 259 -4.96 33.80 42.91
N ASN C 260 -5.03 35.11 43.18
CA ASN C 260 -5.78 36.04 42.35
C ASN C 260 -5.79 35.64 40.87
N PRO C 261 -6.98 35.29 40.35
CA PRO C 261 -7.11 34.72 39.02
C PRO C 261 -7.18 35.80 37.95
N SER C 262 -7.32 37.05 38.38
CA SER C 262 -7.36 38.20 37.47
C SER C 262 -5.97 38.77 37.31
N THR C 263 -5.31 39.04 38.44
CA THR C 263 -3.99 39.70 38.46
C THR C 263 -2.81 38.73 38.40
N GLY C 264 -2.93 37.60 39.11
CA GLY C 264 -1.84 36.64 39.23
C GLY C 264 -1.12 36.85 40.54
N GLU C 265 -1.57 37.87 41.26
CA GLU C 265 -0.96 38.24 42.52
C GLU C 265 -1.15 37.14 43.58
N LYS C 266 -0.22 37.09 44.54
CA LYS C 266 -0.05 35.95 45.45
C LYS C 266 -1.00 35.89 46.66
N GLY C 267 -1.07 34.72 47.30
CA GLY C 267 -1.86 34.54 48.51
C GLY C 267 -3.36 34.40 48.28
N ILE C 268 -4.11 34.01 49.31
CA ILE C 268 -5.54 33.73 49.13
C ILE C 268 -6.32 34.80 48.31
N TYR C 269 -7.47 34.40 47.78
CA TYR C 269 -8.36 35.25 46.98
C TYR C 269 -9.75 34.66 47.01
N GLY C 270 -10.70 35.34 47.64
CA GLY C 270 -12.01 34.73 47.80
C GLY C 270 -13.18 35.58 48.28
N GLU C 271 -14.33 34.90 48.42
CA GLU C 271 -15.56 35.47 48.95
C GLU C 271 -16.24 34.46 49.86
N TYR C 272 -17.07 34.95 50.80
CA TYR C 272 -17.76 34.10 51.78
C TYR C 272 -19.15 34.64 52.10
N LEU C 273 -20.09 33.72 52.32
CA LEU C 273 -21.42 34.07 52.82
C LEU C 273 -21.71 33.51 54.20
N ILE C 274 -21.84 34.39 55.19
CA ILE C 274 -22.41 34.02 56.48
C ILE C 274 -23.90 33.70 56.29
N ASN C 275 -24.31 32.48 56.69
CA ASN C 275 -25.72 32.05 56.66
C ASN C 275 -26.35 31.92 55.27
N ALA C 276 -25.89 30.93 54.51
CA ALA C 276 -26.38 30.68 53.16
C ALA C 276 -25.71 29.44 52.57
N GLN C 277 -26.34 28.88 51.55
CA GLN C 277 -25.81 27.67 50.89
C GLN C 277 -24.98 27.99 49.64
N GLY C 278 -24.71 26.96 48.85
CA GLY C 278 -23.79 27.04 47.71
C GLY C 278 -24.11 27.96 46.54
N GLU C 279 -25.35 27.91 46.05
CA GLU C 279 -25.79 28.71 44.90
C GLU C 279 -25.71 30.23 45.09
N ASP C 280 -26.08 30.70 46.28
CA ASP C 280 -26.22 32.14 46.49
C ASP C 280 -24.91 32.83 46.17
N VAL C 281 -23.81 32.09 46.31
CA VAL C 281 -22.49 32.64 46.06
C VAL C 281 -22.03 32.25 44.67
N VAL C 282 -22.01 30.95 44.40
CA VAL C 282 -21.46 30.42 43.16
C VAL C 282 -22.25 30.82 41.90
N ALA C 283 -23.56 30.94 42.05
CA ALA C 283 -24.44 31.29 40.94
C ALA C 283 -24.58 32.80 40.77
N GLY C 284 -23.78 33.55 41.50
CA GLY C 284 -23.84 35.01 41.41
C GLY C 284 -25.24 35.58 41.59
N VAL C 285 -26.02 34.99 42.48
CA VAL C 285 -27.33 35.53 42.82
C VAL C 285 -27.26 36.60 43.93
N ARG C 286 -26.53 36.29 45.00
CA ARG C 286 -26.28 37.25 46.05
C ARG C 286 -24.88 37.79 45.89
N THR C 287 -24.68 39.01 46.39
CA THR C 287 -23.35 39.61 46.44
C THR C 287 -22.74 39.34 47.81
N PRO C 288 -21.76 38.41 47.87
CA PRO C 288 -21.09 38.03 49.13
C PRO C 288 -19.89 38.91 49.54
N GLN C 289 -19.39 38.70 50.76
CA GLN C 289 -18.32 39.53 51.32
C GLN C 289 -16.99 38.83 51.14
N PRO C 290 -15.89 39.57 51.38
CA PRO C 290 -14.49 39.11 51.39
C PRO C 290 -14.23 37.89 52.27
N ILE C 291 -13.48 36.92 51.74
CA ILE C 291 -13.13 35.71 52.46
C ILE C 291 -12.63 36.01 53.87
N THR C 292 -11.67 36.91 53.97
CA THR C 292 -10.96 37.15 55.22
C THR C 292 -11.90 37.60 56.34
N GLN C 293 -13.11 38.01 55.97
CA GLN C 293 -14.17 38.25 56.95
C GLN C 293 -14.50 37.00 57.78
N LEU C 294 -14.51 35.83 57.12
CA LEU C 294 -14.51 34.52 57.79
C LEU C 294 -13.37 34.43 58.79
N GLU C 295 -12.25 35.09 58.51
CA GLU C 295 -11.16 35.17 59.48
C GLU C 295 -11.53 36.11 60.65
N ASN C 296 -12.24 37.20 60.37
CA ASN C 296 -12.73 38.08 61.43
C ASN C 296 -13.58 37.30 62.43
N ASP C 297 -14.44 36.43 61.88
CA ASP C 297 -15.38 35.59 62.62
C ASP C 297 -14.76 34.36 63.27
N MET C 298 -14.43 33.37 62.44
CA MET C 298 -13.93 32.09 62.93
C MET C 298 -12.56 31.77 62.31
N PRO C 299 -11.50 32.40 62.83
CA PRO C 299 -10.14 32.24 62.30
C PRO C 299 -9.62 30.80 62.37
N ASP C 300 -9.95 30.10 63.45
CA ASP C 300 -9.59 28.70 63.59
C ASP C 300 -9.87 27.92 62.31
N CYS C 301 -11.04 28.18 61.75
CA CYS C 301 -11.49 27.53 60.53
C CYS C 301 -10.81 28.16 59.32
N TYR C 302 -10.81 29.50 59.26
CA TYR C 302 -10.15 30.20 58.17
C TYR C 302 -8.71 29.75 58.02
N LYS C 303 -8.13 29.23 59.09
CA LYS C 303 -6.79 28.68 58.95
C LYS C 303 -6.79 27.32 58.28
N GLN C 304 -7.66 26.42 58.74
CA GLN C 304 -7.75 25.05 58.22
C GLN C 304 -7.84 25.14 56.71
N PHE C 305 -8.76 26.01 56.29
CA PHE C 305 -8.94 26.37 54.90
C PHE C 305 -7.59 26.71 54.25
N MET C 306 -6.94 27.77 54.77
CA MET C 306 -5.61 28.20 54.33
C MET C 306 -4.59 27.10 54.14
N ASP C 307 -4.55 26.20 55.10
CA ASP C 307 -3.65 25.07 55.09
C ASP C 307 -4.06 24.08 54.01
N LEU C 308 -5.32 23.69 54.09
CA LEU C 308 -5.87 22.72 53.13
C LEU C 308 -5.70 23.28 51.74
N ALA C 309 -6.02 24.57 51.58
CA ALA C 309 -5.87 25.28 50.30
C ALA C 309 -4.44 25.25 49.76
N MET C 310 -3.49 25.63 50.60
CA MET C 310 -2.11 25.66 50.19
C MET C 310 -1.52 24.26 50.12
N LYS C 311 -2.27 23.28 50.63
CA LYS C 311 -1.95 21.87 50.49
C LYS C 311 -2.36 21.42 49.10
N LEU C 312 -3.38 22.09 48.58
CA LEU C 312 -3.97 21.79 47.26
C LEU C 312 -3.07 22.26 46.13
N GLU C 313 -2.93 23.58 45.99
CA GLU C 313 -1.99 24.18 45.05
C GLU C 313 -0.76 23.28 44.92
N LYS C 314 -0.19 22.85 46.06
CA LYS C 314 0.94 21.92 46.06
C LYS C 314 0.65 20.73 45.17
N HIS C 315 -0.31 19.92 45.62
CA HIS C 315 -0.63 18.62 45.05
C HIS C 315 -0.84 18.66 43.53
N PHE C 316 -1.75 19.54 43.11
CA PHE C 316 -2.08 19.70 41.68
C PHE C 316 -1.10 20.63 40.95
N ARG C 317 -0.21 21.24 41.72
CA ARG C 317 0.89 22.10 41.21
C ARG C 317 0.41 23.30 40.38
N ASP C 318 -0.70 23.90 40.83
CA ASP C 318 -1.36 24.97 40.10
C ASP C 318 -2.35 25.69 41.01
N MET C 319 -2.51 26.99 40.77
CA MET C 319 -3.50 27.83 41.44
C MET C 319 -4.90 27.17 41.41
N GLN C 320 -5.42 26.79 42.58
CA GLN C 320 -6.72 26.10 42.68
C GLN C 320 -7.87 27.01 43.02
N ASP C 321 -9.05 26.57 42.60
CA ASP C 321 -10.33 27.18 42.96
C ASP C 321 -11.03 26.18 43.87
N MET C 322 -11.73 26.68 44.89
CA MET C 322 -12.23 25.77 45.90
C MET C 322 -13.58 26.18 46.43
N GLU C 323 -14.57 25.32 46.23
CA GLU C 323 -15.89 25.55 46.79
C GLU C 323 -15.99 24.85 48.17
N PHE C 324 -16.13 25.65 49.22
CA PHE C 324 -16.13 25.14 50.59
C PHE C 324 -17.37 25.55 51.38
N THR C 325 -17.84 24.69 52.28
CA THR C 325 -19.00 25.00 53.12
C THR C 325 -18.63 24.76 54.57
N ILE C 326 -19.20 25.57 55.45
CA ILE C 326 -18.89 25.51 56.89
C ILE C 326 -20.17 25.33 57.73
N GLU C 327 -20.49 24.08 58.08
CA GLU C 327 -21.76 23.75 58.74
C GLU C 327 -21.69 23.77 60.26
N GLU C 328 -22.37 24.74 60.87
CA GLU C 328 -22.25 24.99 62.31
C GLU C 328 -20.82 24.75 62.84
N GLY C 329 -19.91 25.67 62.50
CA GLY C 329 -18.51 25.55 62.88
C GLY C 329 -17.67 24.69 61.93
N LYS C 330 -18.07 23.45 61.70
CA LYS C 330 -17.21 22.47 61.02
C LYS C 330 -17.03 22.67 59.49
N LEU C 331 -15.77 22.86 59.10
CA LEU C 331 -15.41 23.06 57.69
C LEU C 331 -15.43 21.75 56.90
N TYR C 332 -15.92 21.86 55.66
CA TYR C 332 -15.89 20.79 54.67
C TYR C 332 -15.52 21.40 53.32
N PHE C 333 -14.69 20.69 52.56
CA PHE C 333 -14.34 21.11 51.21
C PHE C 333 -15.26 20.35 50.28
N LEU C 334 -15.80 21.04 49.27
CA LEU C 334 -16.79 20.43 48.36
C LEU C 334 -16.31 20.40 46.91
N GLN C 335 -15.17 21.04 46.66
CA GLN C 335 -14.59 21.16 45.32
C GLN C 335 -13.24 21.86 45.34
N THR C 336 -12.33 21.37 44.48
CA THR C 336 -11.11 22.09 44.11
C THR C 336 -10.83 21.78 42.64
N ARG C 337 -10.43 22.81 41.88
CA ARG C 337 -9.96 22.65 40.50
C ARG C 337 -8.88 23.68 40.19
N ASN C 338 -8.18 23.50 39.08
CA ASN C 338 -7.21 24.49 38.61
C ASN C 338 -7.92 25.73 38.03
N GLY C 339 -8.38 26.62 38.90
CA GLY C 339 -9.25 27.72 38.49
C GLY C 339 -8.97 28.33 37.12
N LYS C 340 -9.96 29.05 36.58
CA LYS C 340 -9.79 29.73 35.31
C LYS C 340 -9.29 31.17 35.53
N ARG C 341 -8.21 31.50 34.82
CA ARG C 341 -7.45 32.75 35.01
C ARG C 341 -7.37 33.59 33.73
N THR C 342 -7.12 34.90 33.89
CA THR C 342 -6.99 35.81 32.77
C THR C 342 -5.65 35.63 32.10
N ALA C 343 -5.41 36.43 31.06
CA ALA C 343 -4.15 36.35 30.33
C ALA C 343 -3.05 36.77 31.28
N PRO C 344 -3.09 38.04 31.75
CA PRO C 344 -2.08 38.48 32.72
C PRO C 344 -1.90 37.44 33.85
N ALA C 345 -2.96 37.20 34.61
CA ALA C 345 -2.92 36.25 35.72
C ALA C 345 -2.37 34.87 35.31
N ALA C 346 -2.67 34.45 34.09
CA ALA C 346 -2.17 33.18 33.56
C ALA C 346 -0.66 33.19 33.48
N LEU C 347 -0.11 34.25 32.90
CA LEU C 347 1.33 34.36 32.68
C LEU C 347 2.04 34.60 34.00
N GLN C 348 1.49 35.55 34.77
CA GLN C 348 1.99 35.84 36.11
C GLN C 348 2.16 34.56 36.96
N ILE C 349 1.04 33.90 37.26
CA ILE C 349 1.04 32.75 38.15
C ILE C 349 1.92 31.62 37.61
N ALA C 350 2.12 31.61 36.29
CA ALA C 350 2.87 30.53 35.65
C ALA C 350 4.38 30.58 35.90
N CYS C 351 4.96 31.78 35.81
CA CYS C 351 6.42 32.01 35.97
C CYS C 351 6.93 31.70 37.39
N ASP C 352 6.06 31.92 38.37
CA ASP C 352 6.39 31.74 39.77
C ASP C 352 6.52 30.28 40.11
N LEU C 353 5.51 29.49 39.78
CA LEU C 353 5.57 28.05 39.99
C LEU C 353 6.91 27.46 39.48
N VAL C 354 7.62 28.23 38.65
CA VAL C 354 8.95 27.79 38.24
C VAL C 354 9.99 28.44 39.16
N ASP C 355 9.86 29.75 39.38
CA ASP C 355 10.74 30.45 40.32
C ASP C 355 10.64 29.77 41.71
N GLU C 356 9.40 29.53 42.17
CA GLU C 356 9.18 28.75 43.38
C GLU C 356 9.68 27.32 43.18
N GLY C 357 9.44 26.77 41.99
CA GLY C 357 10.08 25.53 41.59
C GLY C 357 9.07 24.44 41.35
N MET C 358 7.88 24.65 41.89
CA MET C 358 6.85 23.63 41.93
C MET C 358 6.55 23.06 40.54
N ILE C 359 7.06 23.74 39.51
CA ILE C 359 6.89 23.28 38.14
C ILE C 359 8.17 23.48 37.33
N THR C 360 8.20 22.89 36.13
CA THR C 360 9.32 23.01 35.20
C THR C 360 9.03 24.13 34.18
N GLU C 361 9.91 24.31 33.19
CA GLU C 361 9.61 25.23 32.08
C GLU C 361 8.65 24.63 31.03
N GLU C 362 9.01 23.47 30.49
CA GLU C 362 8.27 22.80 29.41
C GLU C 362 6.78 22.60 29.76
N GLU C 363 6.43 22.99 30.99
CA GLU C 363 5.10 22.80 31.52
C GLU C 363 4.28 24.09 31.52
N ALA C 364 4.91 25.21 31.86
CA ALA C 364 4.22 26.49 31.86
C ALA C 364 3.57 26.73 30.50
N VAL C 365 4.39 26.56 29.47
CA VAL C 365 3.91 26.62 28.09
C VAL C 365 2.74 25.64 27.90
N VAL C 366 3.00 24.37 28.13
CA VAL C 366 1.98 23.33 28.04
C VAL C 366 0.66 23.69 28.75
N ARG C 367 0.75 24.48 29.81
CA ARG C 367 -0.40 24.76 30.67
C ARG C 367 -1.09 26.12 30.45
N ILE C 368 -0.43 27.06 29.78
CA ILE C 368 -1.09 28.32 29.42
C ILE C 368 -2.14 28.11 28.32
N GLU C 369 -3.13 29.00 28.28
CA GLU C 369 -4.13 29.02 27.22
C GLU C 369 -3.76 29.99 26.08
N ALA C 370 -3.41 29.45 24.92
CA ALA C 370 -2.90 30.24 23.79
C ALA C 370 -3.89 31.30 23.26
N LYS C 371 -5.10 30.89 22.93
CA LYS C 371 -6.12 31.87 22.59
C LYS C 371 -6.24 32.96 23.66
N SER C 372 -6.14 32.58 24.93
CA SER C 372 -6.24 33.57 25.99
C SER C 372 -5.14 34.63 25.90
N LEU C 373 -4.09 34.36 25.11
CA LEU C 373 -3.02 35.34 24.92
C LEU C 373 -3.55 36.62 24.27
N ASP C 374 -4.48 36.44 23.33
CA ASP C 374 -5.16 37.54 22.64
C ASP C 374 -5.40 38.77 23.54
N GLN C 375 -5.86 38.51 24.75
CA GLN C 375 -6.10 39.56 25.74
C GLN C 375 -4.99 40.61 25.84
N LEU C 376 -3.79 40.15 26.18
CA LEU C 376 -2.61 41.01 26.42
C LEU C 376 -2.49 42.21 25.46
N LEU C 377 -3.16 42.13 24.31
CA LEU C 377 -3.12 43.24 23.34
C LEU C 377 -4.48 43.96 23.21
N HIS C 378 -5.37 43.70 24.17
CA HIS C 378 -6.65 44.41 24.28
C HIS C 378 -6.48 45.88 24.74
N PRO C 379 -7.38 46.76 24.27
CA PRO C 379 -7.42 48.22 24.45
C PRO C 379 -7.57 48.73 25.91
N THR C 380 -6.55 49.41 26.44
CA THR C 380 -6.61 50.00 27.79
C THR C 380 -6.99 51.48 27.80
N PHE C 381 -7.71 51.88 28.84
CA PHE C 381 -8.18 53.26 29.01
C PHE C 381 -7.04 54.28 28.95
N ASN C 382 -7.37 55.53 28.60
CA ASN C 382 -6.39 56.61 28.66
C ASN C 382 -6.33 57.17 30.07
N PRO C 383 -5.10 57.29 30.62
CA PRO C 383 -4.88 57.68 32.02
C PRO C 383 -5.53 59.01 32.37
N ALA C 384 -5.05 60.06 31.71
CA ALA C 384 -5.57 61.41 31.89
C ALA C 384 -7.04 61.49 31.48
N ALA C 385 -7.33 60.89 30.32
CA ALA C 385 -8.66 60.96 29.72
C ALA C 385 -9.69 60.04 30.38
N LEU C 386 -9.20 59.05 31.13
CA LEU C 386 -10.10 58.30 31.98
C LEU C 386 -10.19 58.99 33.34
N LYS C 387 -9.12 59.71 33.70
CA LYS C 387 -9.19 60.61 34.84
C LYS C 387 -10.27 61.66 34.56
N ALA C 388 -10.24 62.22 33.35
CA ALA C 388 -11.26 63.16 32.92
C ALA C 388 -12.68 62.58 33.08
N GLY C 389 -12.79 61.25 33.07
CA GLY C 389 -14.09 60.58 33.10
C GLY C 389 -15.03 60.85 34.26
N GLU C 390 -16.33 60.60 34.06
CA GLU C 390 -17.33 60.82 35.11
C GLU C 390 -17.74 59.52 35.83
N VAL C 391 -17.24 59.34 37.05
CA VAL C 391 -17.59 58.16 37.83
C VAL C 391 -19.03 58.20 38.29
N ILE C 392 -19.72 57.08 38.15
CA ILE C 392 -21.14 57.00 38.48
C ILE C 392 -21.45 55.86 39.46
N GLY C 393 -20.39 55.27 40.03
CA GLY C 393 -20.54 54.19 41.01
C GLY C 393 -19.41 53.18 40.86
N SER C 394 -19.54 52.05 41.55
CA SER C 394 -18.64 50.91 41.36
C SER C 394 -18.99 49.66 42.18
N ALA C 395 -18.31 48.57 41.85
CA ALA C 395 -18.41 47.30 42.57
C ALA C 395 -17.33 46.34 42.12
N LEU C 396 -17.48 45.08 42.51
CA LEU C 396 -16.44 44.06 42.32
C LEU C 396 -15.74 44.03 40.96
N PRO C 397 -14.40 44.10 40.96
CA PRO C 397 -13.52 43.97 39.79
C PRO C 397 -13.40 42.50 39.36
N ALA C 398 -14.55 41.87 39.09
CA ALA C 398 -14.62 40.44 38.82
C ALA C 398 -13.62 40.04 37.74
N SER C 399 -13.83 40.56 36.53
CA SER C 399 -12.87 40.39 35.45
C SER C 399 -12.32 41.76 35.07
N PRO C 400 -11.00 41.82 34.84
CA PRO C 400 -10.32 43.05 34.45
C PRO C 400 -10.63 43.46 33.00
N GLY C 401 -9.99 44.53 32.54
CA GLY C 401 -10.16 45.01 31.18
C GLY C 401 -10.78 46.39 31.06
N ALA C 402 -10.55 47.02 29.91
CA ALA C 402 -11.10 48.34 29.65
C ALA C 402 -12.29 48.31 28.68
N ALA C 403 -13.50 48.15 29.22
CA ALA C 403 -14.71 48.01 28.41
C ALA C 403 -15.43 49.34 28.17
N ALA C 404 -16.02 49.49 26.98
CA ALA C 404 -16.83 50.66 26.60
C ALA C 404 -17.83 50.34 25.48
N GLY C 405 -19.12 50.52 25.76
CA GLY C 405 -20.15 50.22 24.77
C GLY C 405 -21.55 50.66 25.15
N LYS C 406 -22.50 50.35 24.28
CA LYS C 406 -23.90 50.71 24.48
C LYS C 406 -24.60 49.68 25.38
N VAL C 407 -25.40 50.14 26.35
CA VAL C 407 -25.97 49.21 27.33
C VAL C 407 -27.15 48.41 26.79
N TYR C 408 -27.13 47.10 27.06
CA TYR C 408 -28.22 46.21 26.70
C TYR C 408 -28.55 45.30 27.89
N PHE C 409 -29.83 44.97 28.05
CA PHE C 409 -30.27 44.33 29.29
C PHE C 409 -30.50 42.84 29.11
N THR C 410 -30.29 42.37 27.89
CA THR C 410 -30.48 40.96 27.55
C THR C 410 -29.25 40.38 26.86
N ALA C 411 -29.12 39.06 26.97
CA ALA C 411 -28.09 38.31 26.27
C ALA C 411 -28.26 38.40 24.76
N ASP C 412 -29.34 37.79 24.26
CA ASP C 412 -29.65 37.74 22.84
C ASP C 412 -29.51 39.07 22.09
N GLU C 413 -29.96 40.16 22.71
CA GLU C 413 -30.02 41.45 22.05
C GLU C 413 -28.66 42.17 21.95
N ALA C 414 -27.87 42.08 23.01
CA ALA C 414 -26.52 42.65 23.00
C ALA C 414 -25.61 41.85 22.05
N LYS C 415 -26.03 40.65 21.65
CA LYS C 415 -25.24 39.83 20.74
C LYS C 415 -25.63 40.18 19.30
N ALA C 416 -26.95 40.24 19.02
CA ALA C 416 -27.51 40.68 17.73
C ALA C 416 -26.98 42.08 17.43
N ALA C 417 -27.00 42.89 18.46
CA ALA C 417 -26.37 44.21 18.38
C ALA C 417 -24.85 44.24 18.16
N HIS C 418 -24.12 43.31 18.79
CA HIS C 418 -22.70 43.16 18.48
C HIS C 418 -22.55 42.66 17.04
N GLU C 419 -23.49 41.84 16.61
CA GLU C 419 -23.50 41.38 15.24
C GLU C 419 -24.01 42.48 14.32
N LYS C 420 -24.87 43.36 14.82
CA LYS C 420 -25.24 44.55 14.06
C LYS C 420 -23.96 45.36 13.91
N GLY C 421 -23.02 45.12 14.81
CA GLY C 421 -21.69 45.67 14.68
C GLY C 421 -21.31 46.59 15.83
N GLU C 422 -22.14 46.59 16.88
CA GLU C 422 -21.99 47.56 17.95
C GLU C 422 -21.16 47.01 19.12
N ARG C 423 -20.35 47.89 19.73
CA ARG C 423 -19.63 47.56 20.96
C ARG C 423 -20.59 47.67 22.11
N VAL C 424 -20.87 46.55 22.77
CA VAL C 424 -21.92 46.50 23.78
C VAL C 424 -21.41 46.39 25.23
N ILE C 425 -22.22 46.87 26.17
CA ILE C 425 -22.09 46.55 27.59
C ILE C 425 -23.39 45.92 28.01
N LEU C 426 -23.33 44.80 28.72
CA LEU C 426 -24.54 44.06 29.12
C LEU C 426 -24.98 44.40 30.54
N VAL C 427 -26.29 44.60 30.72
CA VAL C 427 -26.84 45.05 32.00
C VAL C 427 -27.79 44.01 32.64
N ARG C 428 -27.26 43.36 33.68
CA ARG C 428 -27.97 42.24 34.31
C ARG C 428 -28.07 42.41 35.84
N LEU C 429 -29.23 42.01 36.40
CA LEU C 429 -29.41 42.02 37.86
C LEU C 429 -28.42 41.06 38.49
N GLU C 430 -28.42 39.83 38.00
CA GLU C 430 -27.56 38.77 38.51
C GLU C 430 -26.43 38.46 37.53
N THR C 431 -25.51 37.62 37.97
CA THR C 431 -24.33 37.21 37.19
C THR C 431 -24.39 35.70 36.81
N SER C 432 -25.00 35.42 35.64
CA SER C 432 -25.30 34.03 35.19
C SER C 432 -24.50 33.48 33.95
N PRO C 433 -24.23 32.16 33.93
CA PRO C 433 -23.63 31.53 32.74
C PRO C 433 -24.72 31.43 31.66
N GLU C 434 -25.95 31.66 32.12
CA GLU C 434 -27.11 31.64 31.25
C GLU C 434 -27.05 32.78 30.21
N ASP C 435 -26.10 33.69 30.37
CA ASP C 435 -25.87 34.72 29.36
C ASP C 435 -24.45 34.66 28.84
N ILE C 436 -23.94 33.44 28.69
CA ILE C 436 -22.62 33.27 28.11
C ILE C 436 -22.66 33.74 26.65
N GLU C 437 -23.84 33.64 26.04
CA GLU C 437 -24.05 34.08 24.66
C GLU C 437 -24.02 35.61 24.55
N GLY C 438 -24.68 36.29 25.48
CA GLY C 438 -24.62 37.74 25.54
C GLY C 438 -23.33 38.28 26.17
N MET C 439 -22.63 37.42 26.90
CA MET C 439 -21.37 37.80 27.57
C MET C 439 -20.19 37.69 26.62
N HIS C 440 -20.24 36.66 25.78
CA HIS C 440 -19.23 36.48 24.73
C HIS C 440 -19.10 37.74 23.88
N ALA C 441 -20.23 38.15 23.30
CA ALA C 441 -20.26 39.35 22.47
C ALA C 441 -19.88 40.63 23.24
N ALA C 442 -20.33 40.75 24.49
CA ALA C 442 -20.22 42.02 25.24
C ALA C 442 -18.80 42.55 25.41
N GLU C 443 -18.67 43.88 25.36
CA GLU C 443 -17.40 44.55 25.67
C GLU C 443 -17.05 44.33 27.13
N GLY C 444 -18.05 44.54 27.98
CA GLY C 444 -17.94 44.34 29.41
C GLY C 444 -19.31 43.96 29.94
N ILE C 445 -19.40 43.78 31.26
CA ILE C 445 -20.64 43.36 31.90
C ILE C 445 -20.80 44.06 33.27
N LEU C 446 -21.98 44.59 33.54
CA LEU C 446 -22.23 45.29 34.81
C LEU C 446 -23.45 44.75 35.54
N THR C 447 -23.26 44.17 36.72
CA THR C 447 -24.38 43.51 37.40
C THR C 447 -24.66 44.01 38.82
N VAL C 448 -25.90 43.80 39.26
CA VAL C 448 -26.39 44.41 40.49
C VAL C 448 -26.17 43.51 41.72
N ARG C 449 -26.13 42.20 41.48
CA ARG C 449 -25.75 41.26 42.53
C ARG C 449 -24.79 40.18 42.00
N GLY C 450 -23.87 39.76 42.86
CA GLY C 450 -22.95 38.68 42.52
C GLY C 450 -21.52 39.06 42.82
N GLY C 451 -20.67 38.04 42.96
CA GLY C 451 -19.30 38.27 43.38
C GLY C 451 -18.26 37.74 42.41
N MET C 452 -17.04 38.27 42.52
CA MET C 452 -15.93 37.83 41.70
C MET C 452 -15.79 36.30 41.69
N THR C 453 -16.33 35.64 42.71
CA THR C 453 -16.27 34.18 42.75
C THR C 453 -17.55 33.45 42.23
N SER C 454 -18.53 34.20 41.72
CA SER C 454 -19.66 33.61 41.00
C SER C 454 -19.12 32.79 39.85
N HIS C 455 -19.96 32.23 39.00
CA HIS C 455 -19.42 31.55 37.81
C HIS C 455 -19.25 32.51 36.64
N ALA C 456 -20.20 33.45 36.52
CA ALA C 456 -20.09 34.54 35.58
C ALA C 456 -18.66 35.09 35.62
N ALA C 457 -18.20 35.48 36.82
CA ALA C 457 -16.87 36.07 36.97
C ALA C 457 -15.69 35.10 36.80
N VAL C 458 -15.87 33.83 37.19
CA VAL C 458 -14.82 32.86 37.00
C VAL C 458 -14.42 32.72 35.52
N VAL C 459 -15.41 32.90 34.64
CA VAL C 459 -15.19 32.76 33.21
C VAL C 459 -15.02 34.09 32.47
N ALA C 460 -15.68 35.14 32.93
CA ALA C 460 -15.45 36.47 32.38
C ALA C 460 -13.94 36.67 32.36
N ARG C 461 -13.31 36.07 33.38
CA ARG C 461 -11.87 36.12 33.61
C ARG C 461 -11.10 35.34 32.53
N GLY C 462 -11.73 34.30 31.99
CA GLY C 462 -11.11 33.47 30.98
C GLY C 462 -11.21 34.04 29.59
N MET C 463 -12.44 34.41 29.20
CA MET C 463 -12.70 35.14 27.96
C MET C 463 -11.83 36.38 27.81
N GLY C 464 -11.99 37.31 28.74
CA GLY C 464 -11.37 38.61 28.61
C GLY C 464 -12.45 39.64 28.39
N THR C 465 -13.56 39.46 29.12
CA THR C 465 -14.60 40.48 29.18
C THR C 465 -14.48 41.25 30.51
N CYS C 466 -14.36 42.58 30.47
CA CYS C 466 -14.42 43.37 31.70
C CYS C 466 -15.71 43.03 32.45
N CYS C 467 -15.66 43.08 33.79
CA CYS C 467 -16.87 42.89 34.59
C CYS C 467 -16.90 43.64 35.93
N VAL C 468 -18.02 44.32 36.17
CA VAL C 468 -18.28 44.97 37.45
C VAL C 468 -19.60 44.47 38.02
N SER C 469 -19.49 43.63 39.04
CA SER C 469 -20.60 42.85 39.55
C SER C 469 -21.09 43.35 40.91
N GLY C 470 -22.35 43.03 41.22
CA GLY C 470 -22.94 43.28 42.52
C GLY C 470 -23.10 44.75 42.86
N CYS C 471 -23.59 45.53 41.90
CA CYS C 471 -23.85 46.95 42.14
C CYS C 471 -25.31 47.18 42.53
N GLY C 472 -25.56 47.18 43.84
CA GLY C 472 -26.90 47.28 44.39
C GLY C 472 -27.50 48.65 44.20
N GLU C 473 -26.65 49.67 44.12
CA GLU C 473 -27.09 51.01 43.80
C GLU C 473 -27.89 50.99 42.51
N ILE C 474 -27.41 50.23 41.52
CA ILE C 474 -28.09 50.12 40.22
C ILE C 474 -29.52 49.59 40.33
N LYS C 475 -30.46 50.40 39.88
CA LYS C 475 -31.80 49.87 39.69
C LYS C 475 -32.06 49.65 38.19
N ILE C 476 -32.51 48.45 37.87
CA ILE C 476 -32.87 48.12 36.50
C ILE C 476 -34.38 48.07 36.41
N ASN C 477 -34.91 48.55 35.29
CA ASN C 477 -36.34 48.61 35.06
C ASN C 477 -36.66 47.67 33.89
N GLU C 478 -36.60 46.37 34.16
CA GLU C 478 -36.72 45.34 33.12
C GLU C 478 -37.65 45.73 31.98
N GLU C 479 -38.83 46.25 32.32
CA GLU C 479 -39.85 46.57 31.34
C GLU C 479 -39.48 47.76 30.45
N ALA C 480 -39.06 48.84 31.10
CA ALA C 480 -38.65 50.07 30.43
C ALA C 480 -37.31 49.90 29.69
N LYS C 481 -36.65 48.77 29.91
CA LYS C 481 -35.30 48.59 29.41
C LYS C 481 -34.48 49.83 29.75
N THR C 482 -34.60 50.25 31.00
CA THR C 482 -33.85 51.40 31.51
C THR C 482 -33.39 51.13 32.95
N PHE C 483 -32.22 51.63 33.31
CA PHE C 483 -31.73 51.42 34.67
C PHE C 483 -31.29 52.72 35.36
N GLU C 484 -31.59 52.82 36.65
CA GLU C 484 -31.26 54.00 37.44
C GLU C 484 -29.98 53.80 38.29
N LEU C 485 -28.98 54.65 38.08
CA LEU C 485 -27.80 54.66 38.95
C LEU C 485 -27.25 56.07 39.16
N GLY C 486 -27.41 56.57 40.38
CA GLY C 486 -26.92 57.88 40.78
C GLY C 486 -27.26 58.99 39.81
N GLY C 487 -26.30 59.33 38.95
CA GLY C 487 -26.44 60.43 38.01
C GLY C 487 -27.86 60.67 37.55
N HIS C 488 -28.37 59.79 36.70
CA HIS C 488 -29.74 59.86 36.17
C HIS C 488 -30.23 58.45 35.70
N THR C 489 -31.10 58.38 34.68
CA THR C 489 -31.59 57.07 34.20
C THR C 489 -31.01 56.64 32.83
N PHE C 490 -30.38 55.48 32.78
CA PHE C 490 -29.88 54.96 31.50
C PHE C 490 -30.89 53.98 30.89
N ALA C 491 -31.00 54.03 29.57
CA ALA C 491 -31.91 53.17 28.81
C ALA C 491 -31.11 52.37 27.78
N GLU C 492 -31.82 51.82 26.80
CA GLU C 492 -31.20 51.03 25.74
C GLU C 492 -30.39 51.89 24.77
N GLY C 493 -29.22 51.38 24.38
CA GLY C 493 -28.37 52.08 23.45
C GLY C 493 -27.29 52.92 24.12
N ASP C 494 -27.63 53.55 25.24
CA ASP C 494 -26.69 54.44 25.94
C ASP C 494 -25.29 53.84 26.04
N TYR C 495 -24.26 54.68 26.11
CA TYR C 495 -22.90 54.17 26.32
C TYR C 495 -22.57 54.05 27.80
N ILE C 496 -21.82 52.99 28.14
CA ILE C 496 -21.23 52.87 29.47
C ILE C 496 -19.80 52.31 29.42
N SER C 497 -18.97 52.73 30.37
CA SER C 497 -17.56 52.36 30.41
C SER C 497 -17.11 51.84 31.79
N LEU C 498 -16.94 50.51 31.88
CA LEU C 498 -16.52 49.86 33.12
C LEU C 498 -15.01 49.62 33.15
N ASP C 499 -14.44 49.49 34.35
CA ASP C 499 -13.02 49.15 34.52
C ASP C 499 -12.84 47.93 35.42
N GLY C 500 -12.68 46.76 34.80
CA GLY C 500 -12.62 45.49 35.51
C GLY C 500 -11.51 45.36 36.54
N SER C 501 -10.53 46.25 36.48
CA SER C 501 -9.39 46.20 37.39
C SER C 501 -9.59 47.19 38.54
N THR C 502 -10.47 48.16 38.34
CA THR C 502 -10.75 49.16 39.36
C THR C 502 -12.20 49.13 39.82
N GLY C 503 -13.03 48.34 39.15
CA GLY C 503 -14.46 48.28 39.43
C GLY C 503 -15.21 49.56 39.10
N LYS C 504 -14.46 50.66 38.95
CA LYS C 504 -14.99 52.01 38.77
C LYS C 504 -15.84 52.15 37.51
N ILE C 505 -17.01 52.79 37.65
CA ILE C 505 -18.02 52.93 36.58
C ILE C 505 -18.13 54.35 36.03
N TYR C 506 -18.38 54.48 34.73
CA TYR C 506 -18.42 55.80 34.09
C TYR C 506 -19.59 55.97 33.13
N LYS C 507 -20.22 57.14 33.17
CA LYS C 507 -21.27 57.45 32.20
C LYS C 507 -20.70 57.69 30.80
N GLY C 508 -21.21 56.92 29.83
CA GLY C 508 -20.91 57.17 28.44
C GLY C 508 -19.84 56.27 27.83
N ASP C 509 -18.89 56.90 27.14
CA ASP C 509 -17.89 56.16 26.40
C ASP C 509 -16.52 56.83 26.52
N ILE C 510 -15.78 56.42 27.54
CA ILE C 510 -14.44 56.94 27.79
C ILE C 510 -13.48 56.51 26.67
N GLU C 511 -12.28 57.08 26.66
CA GLU C 511 -11.34 56.84 25.56
C GLU C 511 -10.33 55.71 25.83
N THR C 512 -10.17 54.88 24.79
CA THR C 512 -9.35 53.68 24.86
C THR C 512 -8.07 53.85 24.01
N GLN C 513 -6.92 53.58 24.65
CA GLN C 513 -5.61 53.79 24.02
C GLN C 513 -4.65 52.58 24.12
N GLU C 514 -3.47 52.74 23.52
CA GLU C 514 -2.43 51.71 23.45
C GLU C 514 -2.05 51.09 24.80
N ALA C 515 -1.70 49.80 24.79
CA ALA C 515 -1.11 49.16 25.96
C ALA C 515 0.14 48.39 25.56
N SER C 516 1.05 48.16 26.50
CA SER C 516 2.28 47.44 26.20
C SER C 516 2.25 45.95 26.57
N VAL C 517 3.17 45.19 25.96
CA VAL C 517 3.39 43.79 26.34
C VAL C 517 4.41 43.74 27.49
N SER C 518 4.04 43.00 28.54
CA SER C 518 4.82 42.99 29.78
C SER C 518 5.98 41.99 29.80
N GLY C 519 6.81 42.13 30.83
CA GLY C 519 7.96 41.27 31.04
C GLY C 519 7.57 39.83 31.33
N SER C 520 6.43 39.65 31.99
CA SER C 520 5.91 38.31 32.19
C SER C 520 5.66 37.66 30.80
N PHE C 521 4.92 38.37 29.95
CA PHE C 521 4.73 37.94 28.58
C PHE C 521 6.06 37.53 27.93
N GLU C 522 6.99 38.48 27.79
CA GLU C 522 8.32 38.23 27.19
C GLU C 522 9.06 36.98 27.72
N ARG C 523 8.80 36.63 28.98
CA ARG C 523 9.41 35.47 29.62
C ARG C 523 8.87 34.16 29.02
N ILE C 524 7.55 34.04 28.96
CA ILE C 524 6.92 32.88 28.33
C ILE C 524 7.41 32.73 26.90
N MET C 525 7.41 33.85 26.17
CA MET C 525 7.87 33.86 24.78
C MET C 525 9.31 33.36 24.61
N VAL C 526 10.25 33.96 25.35
CA VAL C 526 11.64 33.54 25.32
C VAL C 526 11.75 32.02 25.27
N TRP C 527 11.00 31.37 26.15
CA TRP C 527 10.99 29.91 26.26
C TRP C 527 10.28 29.20 25.09
N ALA C 528 9.09 29.66 24.76
CA ALA C 528 8.27 29.05 23.70
C ALA C 528 8.91 29.09 22.29
N ASP C 529 9.82 30.05 22.08
CA ASP C 529 10.69 30.08 20.89
C ASP C 529 11.68 28.90 20.93
N LYS C 530 12.46 28.87 22.01
CA LYS C 530 13.39 27.77 22.28
C LYS C 530 12.70 26.39 22.27
N PHE C 531 11.36 26.37 22.17
CA PHE C 531 10.58 25.13 22.28
C PHE C 531 9.84 24.71 21.00
N ARG C 532 9.46 25.71 20.19
CA ARG C 532 8.74 25.45 18.94
C ARG C 532 9.68 25.18 17.75
N THR C 533 9.15 24.53 16.72
CA THR C 533 9.91 24.29 15.49
C THR C 533 9.29 25.02 14.29
N LEU C 534 7.97 25.23 14.35
CA LEU C 534 7.29 26.05 13.36
C LEU C 534 7.82 27.49 13.42
N LYS C 535 7.97 28.13 12.28
CA LYS C 535 8.35 29.55 12.29
C LYS C 535 7.12 30.45 12.23
N VAL C 536 7.01 31.38 13.16
CA VAL C 536 5.86 32.26 13.15
C VAL C 536 6.14 33.50 12.27
N ARG C 537 5.43 33.56 11.13
CA ARG C 537 5.47 34.74 10.27
C ARG C 537 4.25 35.63 10.53
N THR C 538 4.29 36.83 9.98
CA THR C 538 3.13 37.68 10.15
C THR C 538 2.44 37.98 8.82
N ASN C 539 1.27 38.58 8.93
CA ASN C 539 0.61 39.15 7.78
C ASN C 539 0.52 40.66 7.94
N ALA C 540 1.47 41.33 7.31
CA ALA C 540 1.54 42.76 7.37
C ALA C 540 1.52 43.29 5.94
N ASP C 541 0.74 44.35 5.71
CA ASP C 541 0.75 45.03 4.42
C ASP C 541 1.58 46.32 4.50
N THR C 542 1.73 46.85 5.71
CA THR C 542 2.44 48.12 5.94
C THR C 542 3.66 47.93 6.84
N PRO C 543 4.73 48.70 6.55
CA PRO C 543 5.98 48.70 7.34
C PRO C 543 5.63 48.77 8.81
N GLU C 544 4.83 49.77 9.15
CA GLU C 544 4.32 49.92 10.50
C GLU C 544 3.75 48.62 11.09
N ASP C 545 2.80 48.00 10.38
CA ASP C 545 2.22 46.70 10.73
C ASP C 545 3.28 45.61 10.75
N THR C 546 4.38 45.88 10.05
CA THR C 546 5.49 44.93 9.92
C THR C 546 6.45 45.17 11.07
N LEU C 547 6.33 46.33 11.69
CA LEU C 547 7.07 46.68 12.90
C LEU C 547 6.45 46.10 14.18
N ASN C 548 5.16 46.36 14.39
CA ASN C 548 4.43 45.79 15.53
C ASN C 548 4.60 44.27 15.58
N ALA C 549 4.67 43.67 14.40
CA ALA C 549 4.80 42.21 14.23
C ALA C 549 6.10 41.63 14.78
N VAL C 550 7.23 42.18 14.34
CA VAL C 550 8.54 41.86 14.89
C VAL C 550 8.61 42.20 16.40
N LYS C 551 8.18 43.42 16.73
CA LYS C 551 8.00 43.87 18.11
C LYS C 551 7.38 42.73 18.94
N LEU C 552 6.65 41.86 18.26
CA LEU C 552 5.91 40.77 18.87
C LEU C 552 6.51 39.37 18.63
N GLY C 553 7.72 39.32 18.09
CA GLY C 553 8.34 38.04 17.77
C GLY C 553 7.90 37.40 16.44
N ALA C 554 7.35 38.21 15.55
CA ALA C 554 7.09 37.80 14.17
C ALA C 554 8.39 37.62 13.38
N GLU C 555 8.53 36.45 12.75
CA GLU C 555 9.72 36.16 11.96
C GLU C 555 9.74 36.78 10.56
N GLY C 556 8.78 36.46 9.69
CA GLY C 556 8.72 37.15 8.41
C GLY C 556 7.29 37.41 7.95
N ILE C 557 7.11 37.94 6.74
CA ILE C 557 5.75 38.03 6.20
C ILE C 557 5.30 36.77 5.46
N GLY C 558 4.18 36.22 5.90
CA GLY C 558 3.57 35.09 5.23
C GLY C 558 2.49 35.48 4.23
N LEU C 559 2.02 36.73 4.31
CA LEU C 559 1.08 37.31 3.34
C LEU C 559 1.06 38.85 3.32
N CYS C 560 1.53 39.40 2.21
CA CYS C 560 1.42 40.82 1.92
C CYS C 560 0.35 41.08 0.87
N ARG C 561 -0.67 41.83 1.25
CA ARG C 561 -1.69 42.20 0.27
C ARG C 561 -1.29 43.45 -0.52
N THR C 562 -1.63 43.44 -1.80
CA THR C 562 -1.21 44.50 -2.71
C THR C 562 -2.43 45.18 -3.34
N GLU C 563 -3.61 44.92 -2.79
CA GLU C 563 -4.81 45.57 -3.30
C GLU C 563 -4.85 47.04 -2.89
N HIS C 564 -4.30 47.35 -1.72
CA HIS C 564 -4.22 48.74 -1.26
C HIS C 564 -3.32 49.58 -2.17
N MET C 565 -2.24 48.97 -2.67
CA MET C 565 -1.33 49.69 -3.57
C MET C 565 -2.02 50.06 -4.89
N PHE C 566 -3.18 49.43 -5.15
CA PHE C 566 -4.03 49.78 -6.30
C PHE C 566 -5.21 50.66 -5.84
N PHE C 567 -5.65 50.43 -4.61
CA PHE C 567 -6.87 51.02 -4.04
C PHE C 567 -6.73 52.45 -3.51
N GLU C 568 -5.50 52.86 -3.20
CA GLU C 568 -5.29 54.18 -2.59
C GLU C 568 -5.56 55.31 -3.57
N ALA C 569 -5.74 56.52 -3.04
CA ALA C 569 -6.18 57.66 -3.86
C ALA C 569 -5.15 58.04 -4.94
N ASP C 570 -3.89 58.14 -4.51
CA ASP C 570 -2.80 58.56 -5.37
C ASP C 570 -2.50 57.54 -6.47
N ARG C 571 -3.19 56.41 -6.43
CA ARG C 571 -3.05 55.36 -7.43
C ARG C 571 -4.39 54.98 -8.09
N ILE C 572 -5.47 55.12 -7.34
CA ILE C 572 -6.77 54.61 -7.77
C ILE C 572 -7.16 55.08 -9.18
N MET C 573 -6.57 56.18 -9.63
CA MET C 573 -6.89 56.66 -10.97
C MET C 573 -6.18 55.85 -12.06
N LYS C 574 -5.01 55.31 -11.73
CA LYS C 574 -4.20 54.57 -12.70
C LYS C 574 -4.83 53.22 -13.07
N ILE C 575 -5.58 52.63 -12.16
CA ILE C 575 -6.22 51.34 -12.43
C ILE C 575 -7.51 51.49 -13.25
N ARG C 576 -8.28 52.53 -12.92
CA ARG C 576 -9.52 52.85 -13.62
C ARG C 576 -9.26 53.20 -15.10
N LYS C 577 -8.19 53.97 -15.37
CA LYS C 577 -7.80 54.18 -16.76
C LYS C 577 -7.56 52.82 -17.40
N MET C 578 -6.75 52.00 -16.71
CA MET C 578 -6.52 50.63 -17.14
C MET C 578 -7.88 49.98 -17.40
N ILE C 579 -8.77 50.09 -16.42
CA ILE C 579 -10.10 49.49 -16.51
C ILE C 579 -10.99 50.06 -17.63
N LEU C 580 -10.80 51.34 -17.97
CA LEU C 580 -11.52 51.93 -19.10
C LEU C 580 -10.62 52.08 -20.33
N SER C 581 -9.56 51.27 -20.39
CA SER C 581 -8.62 51.28 -21.51
C SER C 581 -9.06 50.25 -22.54
N ASP C 582 -9.34 50.72 -23.76
CA ASP C 582 -9.78 49.83 -24.84
C ASP C 582 -8.58 49.42 -25.71
N SER C 583 -7.42 49.37 -25.08
CA SER C 583 -6.20 48.93 -25.73
C SER C 583 -5.30 48.19 -24.73
N VAL C 584 -4.67 47.11 -25.20
CA VAL C 584 -3.65 46.43 -24.43
C VAL C 584 -2.60 47.45 -24.04
N GLU C 585 -2.18 48.23 -25.03
CA GLU C 585 -1.21 49.30 -24.85
C GLU C 585 -1.74 50.36 -23.89
N ALA C 586 -3.05 50.60 -23.95
CA ALA C 586 -3.71 51.49 -23.01
C ALA C 586 -3.60 50.96 -21.57
N ARG C 587 -3.96 49.69 -21.38
CA ARG C 587 -3.90 49.06 -20.06
C ARG C 587 -2.46 49.01 -19.56
N GLU C 588 -1.52 48.88 -20.49
CA GLU C 588 -0.10 48.91 -20.14
C GLU C 588 0.34 50.32 -19.73
N GLU C 589 -0.01 51.34 -20.52
CA GLU C 589 0.30 52.71 -20.14
C GLU C 589 -0.17 53.02 -18.73
N ALA C 590 -1.42 52.67 -18.45
CA ALA C 590 -2.03 52.95 -17.15
C ALA C 590 -1.25 52.32 -16.00
N LEU C 591 -0.89 51.05 -16.18
CA LEU C 591 -0.20 50.27 -15.13
C LEU C 591 1.18 50.82 -14.77
N ASN C 592 1.97 51.12 -15.80
CA ASN C 592 3.28 51.73 -15.59
C ASN C 592 3.20 52.97 -14.72
N GLU C 593 2.16 53.76 -14.92
CA GLU C 593 1.92 54.92 -14.06
C GLU C 593 1.98 54.54 -12.57
N LEU C 594 1.59 53.29 -12.27
CA LEU C 594 1.67 52.77 -10.90
C LEU C 594 3.06 52.24 -10.55
N ILE C 595 3.82 51.85 -11.58
CA ILE C 595 5.17 51.28 -11.41
C ILE C 595 6.08 52.07 -10.46
N PRO C 596 5.98 53.41 -10.43
CA PRO C 596 6.87 54.04 -9.46
C PRO C 596 6.22 54.06 -8.07
N PHE C 597 4.91 54.25 -8.02
CA PHE C 597 4.18 54.41 -6.77
C PHE C 597 4.26 53.17 -5.86
N GLN C 598 4.09 51.99 -6.47
CA GLN C 598 4.11 50.71 -5.77
C GLN C 598 5.54 50.22 -5.56
N LYS C 599 6.43 50.58 -6.50
CA LYS C 599 7.86 50.41 -6.27
C LYS C 599 8.24 51.14 -4.97
N GLY C 600 7.60 52.27 -4.73
CA GLY C 600 7.89 53.05 -3.54
C GLY C 600 7.52 52.29 -2.27
N ASP C 601 6.35 51.62 -2.32
CA ASP C 601 5.84 50.85 -1.19
C ASP C 601 6.66 49.61 -0.95
N PHE C 602 6.97 48.88 -2.02
CA PHE C 602 7.87 47.73 -1.91
C PHE C 602 9.18 48.16 -1.25
N LYS C 603 9.61 49.38 -1.55
CA LYS C 603 10.87 49.92 -1.03
C LYS C 603 10.81 50.24 0.46
N ALA C 604 9.69 50.83 0.90
CA ALA C 604 9.47 51.04 2.35
C ALA C 604 9.54 49.68 3.04
N MET C 605 8.53 48.86 2.78
CA MET C 605 8.50 47.46 3.20
C MET C 605 9.88 46.81 3.39
N TYR C 606 10.58 46.55 2.29
CA TYR C 606 11.86 45.86 2.34
C TYR C 606 12.81 46.43 3.38
N LYS C 607 12.88 47.76 3.44
CA LYS C 607 13.62 48.47 4.49
C LYS C 607 13.07 48.11 5.87
N ALA C 608 11.76 48.22 6.02
CA ALA C 608 11.11 47.88 7.29
C ALA C 608 11.36 46.41 7.67
N LEU C 609 11.80 45.60 6.71
CA LEU C 609 11.90 44.16 6.95
C LEU C 609 13.29 43.78 7.40
N GLU C 610 14.29 44.40 6.79
CA GLU C 610 15.70 44.14 7.13
C GLU C 610 16.12 42.67 6.95
N GLY C 611 15.64 42.07 5.86
CA GLY C 611 16.14 40.78 5.44
C GLY C 611 15.28 39.61 5.85
N ARG C 612 14.27 39.85 6.70
CA ARG C 612 13.34 38.79 7.05
C ARG C 612 12.37 38.61 5.88
N PRO C 613 12.16 37.34 5.44
CA PRO C 613 11.47 37.04 4.18
C PRO C 613 10.03 37.57 4.14
N MET C 614 9.66 38.17 3.03
CA MET C 614 8.28 38.57 2.83
C MET C 614 7.65 37.71 1.73
N THR C 615 6.33 37.85 1.56
CA THR C 615 5.62 37.16 0.50
C THR C 615 4.45 38.02 -0.03
N VAL C 616 4.71 38.65 -1.17
CA VAL C 616 3.71 39.39 -1.91
C VAL C 616 2.74 38.48 -2.71
N ARG C 617 1.46 38.81 -2.59
CA ARG C 617 0.37 38.05 -3.23
C ARG C 617 -0.09 38.91 -4.41
N TYR C 618 -0.22 38.37 -5.62
CA TYR C 618 -0.57 39.29 -6.72
C TYR C 618 -2.05 39.70 -6.65
N LEU C 619 -2.53 40.49 -7.60
CA LEU C 619 -3.85 41.15 -7.46
C LEU C 619 -4.97 40.11 -7.38
N ASP C 620 -5.64 40.16 -6.23
CA ASP C 620 -6.65 39.17 -5.85
C ASP C 620 -8.06 39.49 -6.34
N PRO C 621 -8.56 40.69 -6.02
CA PRO C 621 -9.97 41.03 -6.30
C PRO C 621 -10.28 41.16 -7.78
N PRO C 622 -11.58 41.07 -8.11
CA PRO C 622 -12.03 41.35 -9.48
C PRO C 622 -11.80 42.83 -9.82
N LEU C 623 -12.09 43.22 -11.06
CA LEU C 623 -11.95 44.60 -11.50
C LEU C 623 -13.10 45.51 -10.98
N HIS C 624 -14.27 44.92 -10.76
CA HIS C 624 -15.45 45.62 -10.22
C HIS C 624 -15.19 46.26 -8.86
N GLU C 625 -14.18 45.76 -8.16
CA GLU C 625 -13.84 46.24 -6.82
C GLU C 625 -13.30 47.68 -6.80
N PHE C 626 -12.69 48.09 -7.92
CA PHE C 626 -12.04 49.40 -7.98
C PHE C 626 -12.90 50.46 -8.71
N VAL C 627 -13.89 50.00 -9.49
CA VAL C 627 -14.86 50.90 -10.10
C VAL C 627 -15.88 51.37 -9.06
N PRO C 628 -16.58 52.48 -9.34
CA PRO C 628 -17.61 52.99 -8.42
C PRO C 628 -19.01 52.49 -8.79
N HIS C 629 -19.89 52.43 -7.79
CA HIS C 629 -21.24 51.86 -7.99
C HIS C 629 -22.33 52.94 -7.89
N THR C 630 -21.92 54.16 -7.53
CA THR C 630 -22.81 55.29 -7.49
C THR C 630 -23.10 55.73 -8.92
N GLU C 631 -24.36 56.02 -9.22
CA GLU C 631 -24.68 56.75 -10.45
C GLU C 631 -23.88 58.06 -10.45
N GLU C 632 -23.68 58.61 -9.26
CA GLU C 632 -22.90 59.83 -9.09
C GLU C 632 -21.42 59.64 -9.45
N GLU C 633 -20.75 58.80 -8.67
CA GLU C 633 -19.32 58.58 -8.82
C GLU C 633 -18.93 58.15 -10.23
N GLN C 634 -19.85 57.47 -10.91
CA GLN C 634 -19.57 56.87 -12.23
C GLN C 634 -19.35 57.89 -13.36
N ALA C 635 -20.31 58.79 -13.55
CA ALA C 635 -20.24 59.78 -14.63
C ALA C 635 -19.00 60.68 -14.51
N GLU C 636 -18.54 60.87 -13.27
CA GLU C 636 -17.47 61.80 -12.97
C GLU C 636 -16.23 61.60 -13.84
N LEU C 637 -15.55 60.48 -13.63
CA LEU C 637 -14.38 60.11 -14.44
C LEU C 637 -14.75 59.98 -15.91
N ALA C 638 -16.03 59.76 -16.19
CA ALA C 638 -16.53 59.72 -17.56
C ALA C 638 -16.05 60.99 -18.26
N LYS C 639 -16.02 62.07 -17.50
CA LYS C 639 -15.42 63.33 -17.93
C LYS C 639 -13.89 63.24 -17.89
N ASN C 640 -13.35 62.66 -16.82
CA ASN C 640 -11.91 62.52 -16.65
C ASN C 640 -11.30 61.56 -17.67
N MET C 641 -12.08 61.14 -18.67
CA MET C 641 -11.60 60.17 -19.64
C MET C 641 -12.04 60.44 -21.09
N GLY C 642 -13.17 61.12 -21.25
CA GLY C 642 -13.75 61.34 -22.56
C GLY C 642 -14.74 60.23 -22.88
N LEU C 643 -15.00 59.38 -21.89
CA LEU C 643 -15.93 58.27 -22.04
C LEU C 643 -17.22 58.60 -21.28
N THR C 644 -18.31 58.79 -22.03
CA THR C 644 -19.62 59.12 -21.44
C THR C 644 -20.05 58.13 -20.35
N LEU C 645 -20.93 58.56 -19.45
CA LEU C 645 -21.47 57.64 -18.45
C LEU C 645 -22.34 56.57 -19.14
N ALA C 646 -22.04 56.33 -20.42
CA ALA C 646 -22.65 55.23 -21.16
C ALA C 646 -21.61 54.12 -21.33
N GLU C 647 -20.41 54.52 -21.73
CA GLU C 647 -19.30 53.58 -21.81
C GLU C 647 -18.66 53.42 -20.42
N VAL C 648 -19.08 54.26 -19.48
CA VAL C 648 -18.68 54.09 -18.08
C VAL C 648 -19.64 53.14 -17.39
N LYS C 649 -20.95 53.39 -17.53
CA LYS C 649 -21.95 52.52 -16.92
C LYS C 649 -21.94 51.14 -17.60
N ALA C 650 -21.72 51.12 -18.91
CA ALA C 650 -21.49 49.86 -19.60
C ALA C 650 -20.32 49.14 -18.91
N LYS C 651 -19.12 49.66 -19.09
CA LYS C 651 -17.91 49.09 -18.49
C LYS C 651 -18.12 48.50 -17.09
N VAL C 652 -18.64 49.31 -16.15
CA VAL C 652 -18.89 48.84 -14.78
C VAL C 652 -19.88 47.67 -14.68
N ASP C 653 -20.87 47.64 -15.58
CA ASP C 653 -21.87 46.55 -15.63
C ASP C 653 -21.33 45.37 -16.46
N GLU C 654 -20.21 45.65 -17.15
CA GLU C 654 -19.46 44.65 -17.90
C GLU C 654 -18.42 44.02 -16.94
N LEU C 655 -18.30 44.61 -15.76
CA LEU C 655 -17.40 44.13 -14.71
C LEU C 655 -18.15 43.47 -13.56
N HIS C 656 -19.45 43.75 -13.50
CA HIS C 656 -20.31 43.12 -12.51
C HIS C 656 -20.43 41.61 -12.77
N GLU C 657 -20.24 40.83 -11.72
CA GLU C 657 -20.25 39.37 -11.79
C GLU C 657 -21.39 38.76 -10.95
N PHE C 658 -21.91 37.62 -11.40
CA PHE C 658 -22.90 36.84 -10.64
C PHE C 658 -22.40 36.65 -9.20
N ASN C 659 -21.59 35.61 -8.98
CA ASN C 659 -20.88 35.40 -7.72
C ASN C 659 -19.49 36.07 -7.73
N PRO C 660 -19.44 37.35 -7.30
CA PRO C 660 -18.26 38.20 -7.43
C PRO C 660 -17.00 37.53 -6.90
N MET C 661 -17.19 36.57 -6.00
CA MET C 661 -16.07 35.86 -5.37
C MET C 661 -15.50 34.72 -6.25
N MET C 662 -16.21 34.36 -7.32
CA MET C 662 -15.84 33.21 -8.14
C MET C 662 -15.65 33.57 -9.62
N GLY C 663 -15.48 34.84 -9.92
CA GLY C 663 -15.43 35.28 -11.31
C GLY C 663 -14.06 35.50 -11.91
N HIS C 664 -13.86 36.67 -12.51
CA HIS C 664 -12.59 37.03 -13.13
C HIS C 664 -11.68 37.77 -12.13
N ARG C 665 -10.76 37.04 -11.52
CA ARG C 665 -9.97 37.58 -10.45
C ARG C 665 -8.68 36.78 -10.22
N GLY C 666 -7.83 37.27 -9.33
CA GLY C 666 -6.55 36.63 -9.01
C GLY C 666 -5.85 36.14 -10.24
N CYS C 667 -5.33 34.92 -10.18
CA CYS C 667 -4.69 34.26 -11.32
C CYS C 667 -5.37 34.53 -12.67
N ARG C 668 -6.70 34.31 -12.75
CA ARG C 668 -7.47 34.56 -13.99
C ARG C 668 -7.25 35.94 -14.62
N LEU C 669 -7.18 36.99 -13.79
CA LEU C 669 -6.88 38.32 -14.28
C LEU C 669 -5.42 38.43 -14.74
N ALA C 670 -4.60 37.48 -14.31
CA ALA C 670 -3.19 37.40 -14.74
C ALA C 670 -3.07 36.72 -16.10
N VAL C 671 -3.80 35.62 -16.27
CA VAL C 671 -3.90 34.89 -17.53
C VAL C 671 -4.34 35.82 -18.68
N THR C 672 -5.35 36.64 -18.40
CA THR C 672 -5.86 37.59 -19.39
C THR C 672 -5.08 38.89 -19.43
N TYR C 673 -4.87 39.53 -18.28
CA TYR C 673 -4.07 40.75 -18.27
C TYR C 673 -2.74 40.50 -17.57
N PRO C 674 -1.75 39.95 -18.32
CA PRO C 674 -0.43 39.66 -17.73
C PRO C 674 0.34 40.95 -17.52
N GLU C 675 -0.15 42.03 -18.12
CA GLU C 675 0.39 43.37 -17.93
C GLU C 675 0.49 43.63 -16.44
N ILE C 676 -0.46 43.07 -15.72
CA ILE C 676 -0.59 43.28 -14.28
C ILE C 676 0.56 42.60 -13.50
N ALA C 677 0.64 41.28 -13.65
CA ALA C 677 1.74 40.46 -13.13
C ALA C 677 3.12 41.04 -13.51
N LYS C 678 3.27 41.40 -14.78
CA LYS C 678 4.52 42.00 -15.27
C LYS C 678 4.87 43.26 -14.49
N MET C 679 3.91 44.19 -14.45
CA MET C 679 4.04 45.47 -13.77
C MET C 679 4.39 45.34 -12.29
N GLN C 680 3.77 44.38 -11.62
CA GLN C 680 4.08 44.14 -10.19
C GLN C 680 5.43 43.46 -10.02
N THR C 681 5.80 42.67 -11.03
CA THR C 681 7.08 42.00 -11.05
C THR C 681 8.20 43.05 -11.12
N ARG C 682 7.93 44.14 -11.84
CA ARG C 682 8.91 45.22 -11.97
C ARG C 682 9.02 46.00 -10.65
N ALA C 683 7.85 46.39 -10.13
CA ALA C 683 7.77 47.02 -8.81
C ALA C 683 8.52 46.17 -7.77
N VAL C 684 8.16 44.90 -7.69
CA VAL C 684 8.73 43.98 -6.70
C VAL C 684 10.24 43.85 -6.80
N MET C 685 10.72 43.50 -7.99
CA MET C 685 12.15 43.35 -8.21
C MET C 685 12.93 44.67 -8.00
N GLU C 686 12.35 45.77 -8.47
CA GLU C 686 13.02 47.07 -8.44
C GLU C 686 13.30 47.56 -7.01
N ALA C 687 12.32 47.40 -6.13
CA ALA C 687 12.45 47.75 -4.73
C ALA C 687 13.44 46.80 -4.09
N ALA C 688 13.15 45.51 -4.24
CA ALA C 688 14.01 44.45 -3.74
C ALA C 688 15.48 44.67 -4.12
N ILE C 689 15.74 44.80 -5.42
CA ILE C 689 17.12 44.99 -5.92
C ILE C 689 17.80 46.25 -5.41
N GLU C 690 17.03 47.32 -5.24
CA GLU C 690 17.56 48.61 -4.84
C GLU C 690 17.83 48.72 -3.33
N VAL C 691 16.89 48.23 -2.53
CA VAL C 691 17.01 48.22 -1.07
C VAL C 691 18.09 47.25 -0.49
N LYS C 692 18.48 46.22 -1.26
CA LYS C 692 19.57 45.35 -0.87
C LYS C 692 20.90 46.10 -0.96
N GLU C 693 21.13 46.68 -2.13
CA GLU C 693 22.34 47.47 -2.41
C GLU C 693 22.42 48.74 -1.55
N GLU C 694 21.27 49.38 -1.33
CA GLU C 694 21.22 50.52 -0.39
C GLU C 694 21.61 50.07 1.01
N THR C 695 20.87 49.11 1.56
CA THR C 695 21.15 48.62 2.92
C THR C 695 22.35 47.68 3.00
N GLY C 696 22.61 46.96 1.91
CA GLY C 696 23.66 45.95 1.90
C GLY C 696 23.18 44.60 2.43
N ILE C 697 21.93 44.57 2.90
CA ILE C 697 21.37 43.34 3.44
C ILE C 697 20.62 42.53 2.37
N ASP C 698 21.08 41.30 2.16
CA ASP C 698 20.48 40.38 1.18
C ASP C 698 18.95 40.45 1.20
N ILE C 699 18.35 40.04 0.08
CA ILE C 699 16.89 39.97 -0.08
C ILE C 699 16.54 38.91 -1.13
N VAL C 700 15.71 37.95 -0.75
CA VAL C 700 15.28 36.89 -1.67
C VAL C 700 13.76 36.84 -1.80
N PRO C 701 13.23 37.68 -2.72
CA PRO C 701 11.80 38.00 -2.93
C PRO C 701 10.87 36.80 -3.18
N GLU C 702 9.85 36.66 -2.33
CA GLU C 702 8.84 35.58 -2.41
C GLU C 702 7.48 36.03 -3.03
N ILE C 703 7.37 35.93 -4.35
CA ILE C 703 6.14 36.22 -5.09
C ILE C 703 5.14 35.04 -5.02
N MET C 704 3.85 35.34 -4.90
CA MET C 704 2.79 34.32 -4.78
C MET C 704 1.51 34.64 -5.60
N ILE C 705 1.17 33.77 -6.54
CA ILE C 705 -0.07 33.89 -7.34
C ILE C 705 -1.29 33.37 -6.59
N PRO C 706 -2.38 34.16 -6.57
CA PRO C 706 -3.53 33.79 -5.75
C PRO C 706 -4.59 33.07 -6.57
N LEU C 707 -5.40 32.26 -5.89
CA LEU C 707 -6.57 31.60 -6.49
C LEU C 707 -6.21 30.63 -7.62
N VAL C 708 -5.03 30.01 -7.51
CA VAL C 708 -4.59 28.98 -8.46
C VAL C 708 -5.25 27.60 -8.21
N GLY C 709 -5.76 26.98 -9.29
CA GLY C 709 -6.39 25.67 -9.24
C GLY C 709 -5.91 24.63 -10.27
N GLU C 710 -5.20 25.08 -11.31
CA GLU C 710 -4.64 24.17 -12.32
C GLU C 710 -3.18 24.54 -12.66
N LYS C 711 -2.35 23.53 -12.94
CA LYS C 711 -0.92 23.76 -13.16
C LYS C 711 -0.60 24.62 -14.38
N LYS C 712 -1.12 24.25 -15.55
CA LYS C 712 -0.84 25.03 -16.75
C LYS C 712 -1.31 26.47 -16.51
N GLU C 713 -2.26 26.59 -15.60
CA GLU C 713 -2.79 27.88 -15.19
C GLU C 713 -1.67 28.63 -14.51
N LEU C 714 -0.96 27.92 -13.64
CA LEU C 714 0.18 28.46 -12.90
C LEU C 714 1.35 28.72 -13.84
N LYS C 715 1.57 27.78 -14.76
CA LYS C 715 2.73 27.79 -15.65
C LYS C 715 2.70 29.00 -16.56
N PHE C 716 1.50 29.42 -16.94
CA PHE C 716 1.37 30.54 -17.84
C PHE C 716 1.85 31.81 -17.17
N VAL C 717 1.44 31.98 -15.93
CA VAL C 717 1.77 33.19 -15.18
C VAL C 717 3.20 33.22 -14.63
N LYS C 718 3.79 32.06 -14.33
CA LYS C 718 5.22 32.05 -13.99
C LYS C 718 6.08 32.45 -15.19
N ASP C 719 5.74 31.93 -16.37
CA ASP C 719 6.39 32.36 -17.61
C ASP C 719 6.48 33.88 -17.59
N VAL C 720 5.33 34.51 -17.43
CA VAL C 720 5.24 35.97 -17.33
C VAL C 720 6.17 36.60 -16.25
N VAL C 721 5.99 36.24 -14.98
CA VAL C 721 6.73 36.93 -13.91
C VAL C 721 8.23 36.82 -14.09
N VAL C 722 8.67 35.66 -14.54
CA VAL C 722 10.10 35.39 -14.66
C VAL C 722 10.77 36.19 -15.77
N GLU C 723 10.15 36.23 -16.95
CA GLU C 723 10.72 37.03 -18.02
C GLU C 723 11.00 38.46 -17.54
N VAL C 724 10.04 39.03 -16.83
CA VAL C 724 10.21 40.37 -16.29
C VAL C 724 11.24 40.43 -15.15
N ALA C 725 11.35 39.36 -14.36
CA ALA C 725 12.25 39.37 -13.21
C ALA C 725 13.71 39.17 -13.64
N GLU C 726 13.89 38.47 -14.76
CA GLU C 726 15.19 38.37 -15.35
C GLU C 726 15.58 39.73 -15.93
N GLN C 727 14.61 40.37 -16.59
CA GLN C 727 14.82 41.65 -17.27
C GLN C 727 15.20 42.81 -16.34
N VAL C 728 14.60 42.87 -15.16
CA VAL C 728 14.95 43.89 -14.19
C VAL C 728 16.32 43.55 -13.59
N LYS C 729 16.47 42.26 -13.27
CA LYS C 729 17.77 41.74 -12.86
C LYS C 729 18.81 42.11 -13.92
N LYS C 730 18.37 42.16 -15.18
CA LYS C 730 19.28 42.55 -16.28
C LYS C 730 19.73 44.00 -16.20
N GLU C 731 18.76 44.92 -16.23
CA GLU C 731 19.05 46.35 -16.28
C GLU C 731 19.72 46.85 -14.99
N LYS C 732 19.66 46.04 -13.94
CA LYS C 732 20.26 46.41 -12.66
C LYS C 732 21.59 45.68 -12.47
N GLY C 733 21.90 44.81 -13.42
CA GLY C 733 23.08 43.96 -13.34
C GLY C 733 22.95 43.01 -12.16
N SER C 734 21.75 42.98 -11.59
CA SER C 734 21.47 42.22 -10.37
C SER C 734 21.38 40.71 -10.59
N ASP C 735 22.29 39.99 -9.96
CA ASP C 735 22.11 38.56 -9.73
C ASP C 735 21.39 38.53 -8.40
N MET C 736 20.07 38.58 -8.43
CA MET C 736 19.28 38.48 -7.22
C MET C 736 18.47 37.20 -7.25
N GLN C 737 18.21 36.65 -6.07
CA GLN C 737 17.50 35.39 -5.97
C GLN C 737 16.02 35.57 -5.64
N TYR C 738 15.17 34.89 -6.41
CA TYR C 738 13.74 35.02 -6.19
C TYR C 738 12.94 33.72 -6.32
N HIS C 739 11.80 33.73 -5.65
CA HIS C 739 11.02 32.54 -5.39
C HIS C 739 9.59 32.80 -5.77
N ILE C 740 9.11 32.15 -6.83
CA ILE C 740 7.70 32.24 -7.22
C ILE C 740 7.02 30.92 -6.84
N GLY C 741 5.77 31.03 -6.36
CA GLY C 741 5.05 29.90 -5.76
C GLY C 741 3.60 30.26 -5.47
N THR C 742 2.76 29.29 -5.15
CA THR C 742 1.32 29.51 -5.32
C THR C 742 0.41 29.56 -4.08
N MET C 743 -0.87 29.87 -4.35
CA MET C 743 -1.92 29.97 -3.35
C MET C 743 -2.84 28.76 -3.39
N ILE C 744 -2.73 27.91 -2.38
CA ILE C 744 -3.59 26.75 -2.25
C ILE C 744 -4.88 27.12 -1.52
N GLU C 745 -5.91 27.48 -2.29
CA GLU C 745 -7.22 27.82 -1.75
C GLU C 745 -8.34 27.43 -2.72
N ILE C 746 -7.96 26.82 -3.84
CA ILE C 746 -8.91 26.14 -4.75
C ILE C 746 -8.77 24.65 -4.50
N PRO C 747 -9.80 23.99 -3.97
CA PRO C 747 -9.56 22.55 -3.71
C PRO C 747 -8.77 21.80 -4.83
N ARG C 748 -8.84 22.23 -6.08
CA ARG C 748 -8.14 21.53 -7.15
C ARG C 748 -6.63 21.62 -6.95
N ALA C 749 -6.18 22.79 -6.51
CA ALA C 749 -4.77 23.00 -6.21
C ALA C 749 -4.31 22.08 -5.06
N ALA C 750 -5.27 21.66 -4.26
CA ALA C 750 -5.05 20.61 -3.27
C ALA C 750 -4.93 19.24 -3.93
N LEU C 751 -6.02 18.79 -4.58
CA LEU C 751 -6.13 17.44 -5.15
C LEU C 751 -5.05 17.12 -6.19
N THR C 752 -4.49 18.15 -6.82
CA THR C 752 -3.45 17.95 -7.82
C THR C 752 -2.15 18.68 -7.47
N ALA C 753 -1.90 18.89 -6.17
CA ALA C 753 -0.75 19.66 -5.68
C ALA C 753 0.60 19.11 -6.11
N ASP C 754 0.60 17.86 -6.58
CA ASP C 754 1.80 17.25 -7.12
C ASP C 754 2.16 17.90 -8.46
N ALA C 755 1.12 18.28 -9.22
CA ALA C 755 1.31 18.99 -10.50
C ALA C 755 1.59 20.45 -10.26
N ILE C 756 0.73 21.10 -9.47
CA ILE C 756 0.99 22.48 -9.02
C ILE C 756 2.45 22.58 -8.55
N ALA C 757 2.87 21.60 -7.75
CA ALA C 757 4.23 21.55 -7.23
C ALA C 757 5.34 21.42 -8.30
N GLU C 758 5.01 20.87 -9.47
CA GLU C 758 5.98 20.81 -10.57
C GLU C 758 6.55 22.20 -10.84
N GLU C 759 5.73 23.22 -10.57
CA GLU C 759 6.15 24.61 -10.76
C GLU C 759 6.39 25.33 -9.44
N ALA C 760 5.40 25.25 -8.54
CA ALA C 760 5.40 26.01 -7.28
C ALA C 760 6.57 25.73 -6.33
N GLU C 761 7.39 26.75 -6.13
CA GLU C 761 8.54 26.64 -5.23
C GLU C 761 8.14 26.66 -3.75
N PHE C 762 6.90 27.04 -3.49
CA PHE C 762 6.39 27.12 -2.13
C PHE C 762 4.88 27.32 -2.16
N PHE C 763 4.20 26.61 -1.27
CA PHE C 763 2.77 26.72 -1.11
C PHE C 763 2.45 27.74 -0.02
N SER C 764 1.27 28.33 -0.09
CA SER C 764 0.68 28.96 1.08
C SER C 764 -0.82 28.69 1.04
N PHE C 765 -1.31 28.16 2.16
CA PHE C 765 -2.68 27.68 2.27
C PHE C 765 -3.64 28.75 2.83
N GLY C 766 -4.42 29.40 1.97
CA GLY C 766 -5.50 30.25 2.41
C GLY C 766 -6.71 29.38 2.76
N THR C 767 -6.77 28.96 4.02
CA THR C 767 -7.81 28.04 4.46
C THR C 767 -9.05 28.80 4.86
N ASN C 768 -9.05 30.11 4.57
CA ASN C 768 -10.31 30.85 4.61
C ASN C 768 -11.05 30.72 3.26
N ASP C 769 -10.42 31.15 2.17
CA ASP C 769 -10.92 30.85 0.80
C ASP C 769 -11.25 29.35 0.70
N LEU C 770 -10.24 28.51 0.92
CA LEU C 770 -10.35 27.04 0.83
C LEU C 770 -11.54 26.47 1.60
N THR C 771 -11.64 26.88 2.87
CA THR C 771 -12.78 26.51 3.72
C THR C 771 -14.11 26.92 3.05
N GLN C 772 -14.16 28.15 2.55
CA GLN C 772 -15.36 28.68 1.89
C GLN C 772 -15.85 27.76 0.77
N MET C 773 -14.91 27.26 -0.03
CA MET C 773 -15.29 26.53 -1.21
C MET C 773 -15.31 25.02 -1.02
N THR C 774 -14.84 24.57 0.15
CA THR C 774 -14.96 23.16 0.50
C THR C 774 -16.32 22.90 1.13
N PHE C 775 -16.75 23.87 1.94
CA PHE C 775 -18.09 23.83 2.51
C PHE C 775 -18.99 24.41 1.43
N GLY C 776 -18.39 25.16 0.52
CA GLY C 776 -19.15 25.75 -0.55
C GLY C 776 -20.20 26.70 -0.02
N PHE C 777 -19.75 27.61 0.83
CA PHE C 777 -20.53 28.78 1.21
C PHE C 777 -19.59 29.87 1.66
N SER C 778 -20.10 31.10 1.63
CA SER C 778 -19.28 32.24 2.03
C SER C 778 -19.44 32.53 3.53
N ARG C 779 -18.34 32.97 4.13
CA ARG C 779 -18.31 33.37 5.53
C ARG C 779 -19.27 34.54 5.72
N ASP C 780 -19.24 35.47 4.76
CA ASP C 780 -20.06 36.67 4.81
C ASP C 780 -21.58 36.47 4.78
N ASP C 781 -22.04 35.47 4.02
CA ASP C 781 -23.47 35.12 3.96
C ASP C 781 -23.93 34.06 4.97
N ALA C 782 -22.99 33.53 5.77
CA ALA C 782 -23.26 32.37 6.63
C ALA C 782 -24.08 32.62 7.90
N GLY C 783 -24.06 33.85 8.40
CA GLY C 783 -24.67 34.19 9.69
C GLY C 783 -26.10 33.75 9.97
N LYS C 784 -26.92 33.62 8.92
CA LYS C 784 -28.32 33.20 9.06
C LYS C 784 -28.47 31.75 9.53
N PHE C 785 -27.78 30.85 8.85
CA PHE C 785 -27.76 29.43 9.22
C PHE C 785 -26.64 29.06 10.21
N LEU C 786 -25.68 29.94 10.44
CA LEU C 786 -24.49 29.53 11.18
C LEU C 786 -24.73 29.18 12.64
N ASP C 787 -25.18 30.14 13.44
CA ASP C 787 -25.42 29.87 14.86
C ASP C 787 -26.59 28.93 15.07
N SER C 788 -27.38 28.74 14.02
CA SER C 788 -28.46 27.76 14.04
C SER C 788 -27.82 26.36 14.08
N TYR C 789 -26.69 26.19 13.38
CA TYR C 789 -25.97 24.92 13.36
C TYR C 789 -25.23 24.73 14.65
N TYR C 790 -24.73 25.84 15.18
CA TYR C 790 -24.04 25.84 16.44
C TYR C 790 -24.95 25.34 17.54
N LYS C 791 -26.21 25.77 17.44
CA LYS C 791 -27.17 25.42 18.48
C LYS C 791 -27.69 23.99 18.31
N ALA C 792 -27.75 23.49 17.07
CA ALA C 792 -28.32 22.16 16.81
C ALA C 792 -27.27 21.02 16.78
N LYS C 793 -26.01 21.37 17.11
CA LYS C 793 -24.88 20.42 17.20
C LYS C 793 -24.46 19.88 15.86
N ILE C 794 -24.73 20.65 14.81
CA ILE C 794 -24.32 20.32 13.46
C ILE C 794 -22.85 20.72 13.25
N TYR C 795 -22.46 21.82 13.89
CA TYR C 795 -21.10 22.34 13.80
C TYR C 795 -20.51 22.55 15.19
N GLU C 796 -19.86 21.51 15.71
CA GLU C 796 -19.13 21.68 16.97
C GLU C 796 -18.19 22.91 16.93
N SER C 797 -17.83 23.35 15.73
CA SER C 797 -16.85 24.44 15.55
C SER C 797 -17.24 25.45 14.45
N ASP C 798 -16.63 26.64 14.48
CA ASP C 798 -16.70 27.60 13.38
C ASP C 798 -15.64 27.28 12.30
N PRO C 799 -16.06 26.70 11.15
CA PRO C 799 -15.08 26.31 10.12
C PRO C 799 -14.14 27.45 9.71
N PHE C 800 -14.46 28.68 10.12
CA PHE C 800 -13.59 29.82 9.79
C PHE C 800 -12.69 30.25 10.96
N ALA C 801 -12.91 29.66 12.13
CA ALA C 801 -12.23 30.07 13.35
C ALA C 801 -11.12 29.09 13.70
N ARG C 802 -11.51 27.80 13.67
CA ARG C 802 -10.58 26.68 13.72
C ARG C 802 -10.82 25.91 12.43
N LEU C 803 -9.75 25.33 11.91
CA LEU C 803 -9.78 24.51 10.70
C LEU C 803 -10.57 23.25 10.87
N ASP C 804 -11.54 22.98 10.00
CA ASP C 804 -12.06 21.61 9.82
C ASP C 804 -10.78 20.80 10.01
N GLN C 805 -10.86 19.62 10.57
CA GLN C 805 -9.70 18.80 10.43
C GLN C 805 -10.11 17.51 9.69
N THR C 806 -11.42 17.24 9.73
CA THR C 806 -12.04 16.09 9.10
C THR C 806 -12.14 16.31 7.58
N GLY C 807 -12.76 17.42 7.19
CA GLY C 807 -12.96 17.77 5.79
C GLY C 807 -11.83 18.56 5.12
N VAL C 808 -11.70 19.85 5.48
CA VAL C 808 -10.60 20.69 4.98
C VAL C 808 -9.26 20.02 5.26
N GLY C 809 -8.93 19.86 6.53
CA GLY C 809 -7.67 19.25 6.95
C GLY C 809 -7.18 18.16 6.02
N GLN C 810 -8.12 17.37 5.50
CA GLN C 810 -7.83 16.36 4.48
C GLN C 810 -7.03 16.92 3.28
N LEU C 811 -7.59 17.94 2.63
CA LEU C 811 -6.99 18.56 1.45
C LEU C 811 -5.64 19.21 1.70
N VAL C 812 -5.54 19.93 2.82
CA VAL C 812 -4.25 20.46 3.24
C VAL C 812 -3.24 19.32 3.23
N GLU C 813 -3.55 18.26 3.98
CA GLU C 813 -2.70 17.07 4.09
C GLU C 813 -2.24 16.54 2.73
N MET C 814 -3.19 16.34 1.81
CA MET C 814 -2.94 15.78 0.48
C MET C 814 -2.07 16.71 -0.40
N ALA C 815 -2.36 18.00 -0.40
CA ALA C 815 -1.52 18.96 -1.13
C ALA C 815 -0.06 18.94 -0.66
N VAL C 816 0.15 18.76 0.63
CA VAL C 816 1.50 18.71 1.17
C VAL C 816 2.15 17.37 0.80
N LYS C 817 1.43 16.29 1.04
CA LYS C 817 1.91 14.97 0.68
C LYS C 817 2.29 14.98 -0.79
N LYS C 818 1.33 15.36 -1.64
CA LYS C 818 1.54 15.35 -3.09
C LYS C 818 2.46 16.48 -3.56
N GLY C 819 2.56 17.52 -2.75
CA GLY C 819 3.38 18.65 -3.11
C GLY C 819 4.83 18.24 -3.03
N ARG C 820 5.19 17.57 -1.96
CA ARG C 820 6.57 17.18 -1.73
C ARG C 820 6.87 15.84 -2.40
N GLN C 821 5.83 15.21 -2.90
CA GLN C 821 5.97 14.00 -3.68
C GLN C 821 6.77 14.29 -4.96
N THR C 822 6.49 15.44 -5.55
CA THR C 822 7.29 15.96 -6.65
C THR C 822 8.44 16.80 -6.10
N ARG C 823 8.12 17.77 -5.27
CA ARG C 823 9.21 18.62 -4.78
C ARG C 823 9.35 18.55 -3.27
N PRO C 824 10.37 17.80 -2.78
CA PRO C 824 10.68 17.67 -1.34
C PRO C 824 10.91 19.01 -0.60
N GLY C 825 11.80 19.85 -1.11
CA GLY C 825 12.07 21.14 -0.47
C GLY C 825 10.88 22.09 -0.38
N LEU C 826 9.69 21.59 -0.72
CA LEU C 826 8.51 22.46 -0.92
C LEU C 826 8.08 23.23 0.32
N LYS C 827 8.61 24.44 0.47
CA LYS C 827 8.23 25.38 1.54
C LYS C 827 6.70 25.54 1.70
N CYS C 828 6.15 25.03 2.81
CA CYS C 828 4.73 25.23 3.09
C CYS C 828 4.47 26.17 4.25
N GLY C 829 3.31 26.79 4.24
CA GLY C 829 2.98 27.73 5.30
C GLY C 829 1.48 27.90 5.40
N ILE C 830 1.05 28.71 6.36
CA ILE C 830 -0.36 29.02 6.46
C ILE C 830 -0.69 30.46 6.91
N CYS C 831 -0.90 31.35 5.96
CA CYS C 831 -1.61 32.59 6.26
C CYS C 831 -3.08 32.22 6.24
N GLY C 832 -3.77 32.45 7.35
CA GLY C 832 -5.22 32.29 7.40
C GLY C 832 -5.59 32.79 8.78
N GLU C 833 -6.88 32.99 9.03
CA GLU C 833 -7.25 33.26 10.40
C GLU C 833 -6.86 31.97 11.14
N HIS C 834 -7.05 30.85 10.45
CA HIS C 834 -6.75 29.54 11.01
C HIS C 834 -5.31 29.54 11.47
N GLY C 835 -4.44 30.09 10.64
CA GLY C 835 -3.04 30.21 11.01
C GLY C 835 -2.93 30.73 12.44
N GLY C 836 -3.98 31.44 12.86
CA GLY C 836 -4.07 32.03 14.18
C GLY C 836 -4.57 31.11 15.28
N ASP C 837 -5.69 30.42 15.05
CA ASP C 837 -6.20 29.47 16.05
C ASP C 837 -5.14 28.42 16.45
N PRO C 838 -4.90 28.23 17.76
CA PRO C 838 -3.85 27.37 18.35
C PRO C 838 -3.98 25.92 17.92
N SER C 839 -5.22 25.45 17.98
CA SER C 839 -5.65 24.13 17.51
C SER C 839 -5.25 23.87 16.06
N SER C 840 -5.62 24.79 15.18
CA SER C 840 -5.24 24.69 13.79
C SER C 840 -3.70 24.73 13.67
N VAL C 841 -3.09 25.74 14.30
CA VAL C 841 -1.65 25.81 14.45
C VAL C 841 -1.04 24.42 14.74
N GLU C 842 -1.70 23.65 15.61
CA GLU C 842 -1.25 22.27 15.91
C GLU C 842 -1.50 21.26 14.77
N PHE C 843 -2.44 21.54 13.88
CA PHE C 843 -2.65 20.68 12.71
C PHE C 843 -1.56 20.92 11.65
N CYS C 844 -1.14 22.18 11.51
CA CYS C 844 -0.08 22.53 10.57
C CYS C 844 1.29 22.01 11.02
N HIS C 845 1.44 21.78 12.32
CA HIS C 845 2.70 21.29 12.87
C HIS C 845 2.79 19.79 12.57
N LYS C 846 1.68 19.10 12.76
CA LYS C 846 1.68 17.65 12.54
C LYS C 846 1.79 17.28 11.04
N VAL C 847 1.07 17.98 10.19
CA VAL C 847 1.05 17.63 8.76
C VAL C 847 2.37 17.92 8.01
N GLY C 848 3.17 18.85 8.50
CA GLY C 848 4.45 19.13 7.88
C GLY C 848 4.77 20.58 7.49
N LEU C 849 3.95 21.54 7.91
CA LEU C 849 4.20 22.94 7.52
C LEU C 849 5.50 23.53 8.10
N ASN C 850 6.15 24.39 7.31
CA ASN C 850 7.30 25.14 7.78
C ASN C 850 6.88 26.29 8.67
N TYR C 851 5.73 26.88 8.36
CA TYR C 851 5.32 28.11 9.04
C TYR C 851 3.83 28.41 9.01
N VAL C 852 3.38 29.15 10.01
CA VAL C 852 2.02 29.69 10.02
C VAL C 852 2.11 31.19 9.87
N SER C 853 0.98 31.82 9.59
CA SER C 853 0.96 33.27 9.45
C SER C 853 -0.37 33.86 9.95
N CYS C 854 -0.29 35.05 10.52
CA CYS C 854 -1.43 35.63 11.25
C CYS C 854 -1.23 37.12 11.52
N SER C 855 -2.19 37.72 12.21
CA SER C 855 -2.08 39.14 12.53
C SER C 855 -0.93 39.30 13.48
N PRO C 856 -0.25 40.46 13.40
CA PRO C 856 0.75 40.87 14.40
C PRO C 856 0.30 40.52 15.83
N PHE C 857 -0.77 41.17 16.28
CA PHE C 857 -1.43 40.85 17.56
C PHE C 857 -1.86 39.37 17.73
N ARG C 858 -1.39 38.48 16.86
CA ARG C 858 -1.74 37.08 16.98
C ARG C 858 -0.45 36.28 17.03
N VAL C 859 0.62 36.91 16.53
CA VAL C 859 1.94 36.31 16.50
C VAL C 859 2.38 35.69 17.84
N PRO C 860 1.97 36.32 18.97
CA PRO C 860 2.31 35.73 20.28
C PRO C 860 1.60 34.40 20.44
N ILE C 861 0.30 34.43 20.15
CA ILE C 861 -0.55 33.26 20.21
C ILE C 861 0.05 32.12 19.39
N ALA C 862 0.38 32.40 18.13
CA ALA C 862 1.02 31.42 17.25
C ALA C 862 2.29 30.84 17.86
N ARG C 863 3.19 31.73 18.28
CA ARG C 863 4.44 31.34 18.91
C ARG C 863 4.23 30.39 20.09
N LEU C 864 3.23 30.69 20.93
CA LEU C 864 2.93 29.80 22.06
C LEU C 864 2.27 28.49 21.61
N ALA C 865 1.14 28.57 20.89
CA ALA C 865 0.51 27.38 20.29
C ALA C 865 1.52 26.53 19.51
N ALA C 866 2.50 27.20 18.90
CA ALA C 866 3.55 26.58 18.09
C ALA C 866 4.57 25.92 18.99
N ALA C 867 4.70 26.47 20.20
CA ALA C 867 5.56 25.88 21.22
C ALA C 867 4.90 24.61 21.78
N GLN C 868 3.63 24.72 22.17
CA GLN C 868 2.87 23.59 22.69
C GLN C 868 2.79 22.51 21.63
N ALA C 869 2.57 22.91 20.37
CA ALA C 869 2.40 21.95 19.30
C ALA C 869 3.58 20.99 19.21
N ALA C 870 4.78 21.50 19.55
CA ALA C 870 6.01 20.69 19.56
C ALA C 870 6.17 19.92 20.86
N LEU C 871 5.98 20.61 21.98
CA LEU C 871 5.97 19.98 23.29
C LEU C 871 5.02 18.79 23.36
N ASN C 872 3.71 19.04 23.27
CA ASN C 872 2.74 17.96 23.39
C ASN C 872 2.71 17.00 22.21
N ASN C 873 3.85 16.89 21.50
CA ASN C 873 3.96 16.01 20.33
C ASN C 873 5.36 15.43 20.09
N ALA D 2 17.76 6.52 -30.22
CA ALA D 2 17.84 5.20 -30.83
C ALA D 2 17.45 5.28 -32.29
N LYS D 3 16.17 5.07 -32.53
CA LYS D 3 15.62 5.07 -33.88
C LYS D 3 14.45 6.04 -33.99
N TRP D 4 14.75 7.23 -34.51
CA TRP D 4 13.79 8.31 -34.61
C TRP D 4 12.95 8.24 -35.88
N VAL D 5 13.29 7.28 -36.75
CA VAL D 5 12.71 7.24 -38.10
C VAL D 5 12.45 5.80 -38.56
N TYR D 6 11.45 5.63 -39.43
CA TYR D 6 11.06 4.32 -39.96
C TYR D 6 10.55 4.41 -41.39
N LYS D 7 11.26 3.76 -42.32
CA LYS D 7 10.73 3.58 -43.67
C LYS D 7 9.29 3.09 -43.54
N PHE D 8 8.43 3.41 -44.51
CA PHE D 8 7.01 3.01 -44.43
C PHE D 8 6.93 1.52 -44.08
N GLU D 9 7.72 0.73 -44.79
CA GLU D 9 7.72 -0.74 -44.73
C GLU D 9 8.21 -1.32 -43.40
N GLU D 10 9.01 -0.56 -42.66
CA GLU D 10 9.49 -1.03 -41.36
C GLU D 10 8.33 -1.07 -40.34
N GLY D 11 7.22 -0.42 -40.68
CA GLY D 11 6.15 -0.25 -39.72
C GLY D 11 4.78 -0.79 -40.07
N ASN D 12 3.81 -0.44 -39.23
CA ASN D 12 2.43 -0.96 -39.40
C ASN D 12 1.32 -0.32 -38.57
N ALA D 13 0.11 -0.83 -38.73
CA ALA D 13 -1.05 -0.33 -38.00
C ALA D 13 -0.71 -0.02 -36.53
N SER D 14 -0.63 -1.07 -35.73
CA SER D 14 -0.26 -1.02 -34.30
C SER D 14 0.66 0.13 -33.87
N MET D 15 1.44 0.67 -34.79
CA MET D 15 2.50 1.59 -34.45
C MET D 15 1.95 3.01 -34.58
N ARG D 16 0.65 3.06 -34.84
CA ARG D 16 -0.12 4.30 -34.83
C ARG D 16 0.41 5.35 -33.82
N ASN D 17 0.69 4.94 -32.59
CA ASN D 17 1.14 5.93 -31.60
C ASN D 17 2.52 6.49 -31.88
N LEU D 18 3.38 5.68 -32.51
CA LEU D 18 4.75 6.09 -32.79
C LEU D 18 4.85 6.77 -34.15
N LEU D 19 4.08 6.27 -35.11
CA LEU D 19 4.12 6.77 -36.48
C LEU D 19 3.00 7.74 -36.75
N GLY D 20 2.00 7.75 -35.88
CA GLY D 20 0.78 8.49 -36.11
C GLY D 20 -0.10 7.75 -37.09
N GLY D 21 -1.39 8.11 -37.13
CA GLY D 21 -2.36 7.51 -38.04
C GLY D 21 -1.79 7.31 -39.42
N LYS D 22 -1.45 8.42 -40.09
CA LYS D 22 -0.82 8.41 -41.42
C LYS D 22 0.37 7.45 -41.52
N GLY D 23 1.45 7.79 -40.82
CA GLY D 23 2.69 7.02 -40.86
C GLY D 23 2.55 5.53 -40.64
N CYS D 24 1.58 5.11 -39.82
CA CYS D 24 1.31 3.70 -39.68
C CYS D 24 0.45 3.20 -40.84
N ASN D 25 -0.42 4.07 -41.35
CA ASN D 25 -1.30 3.68 -42.45
C ASN D 25 -0.64 3.57 -43.83
N LEU D 26 0.21 4.52 -44.17
CA LEU D 26 1.07 4.33 -45.34
C LEU D 26 2.00 3.13 -45.09
N ALA D 27 2.13 2.73 -43.83
CA ALA D 27 2.97 1.61 -43.44
C ALA D 27 2.23 0.32 -43.76
N GLU D 28 0.97 0.28 -43.36
CA GLU D 28 0.04 -0.75 -43.77
C GLU D 28 -0.02 -0.86 -45.29
N MET D 29 -0.74 0.06 -45.92
CA MET D 29 -0.86 0.09 -47.38
C MET D 29 0.44 -0.33 -48.08
N THR D 30 1.58 0.22 -47.64
CA THR D 30 2.90 -0.08 -48.22
C THR D 30 3.21 -1.57 -48.11
N ILE D 31 2.73 -2.16 -47.03
CA ILE D 31 3.09 -3.52 -46.68
C ILE D 31 2.13 -4.58 -47.27
N LEU D 32 0.88 -4.20 -47.52
CA LEU D 32 -0.01 -5.08 -48.29
C LEU D 32 0.37 -4.96 -49.76
N GLY D 33 1.28 -4.02 -50.02
CA GLY D 33 1.86 -3.80 -51.35
C GLY D 33 1.04 -2.93 -52.29
N MET D 34 0.70 -1.72 -51.87
CA MET D 34 -0.10 -0.80 -52.69
C MET D 34 0.77 0.31 -53.33
N PRO D 35 0.31 0.91 -54.45
CA PRO D 35 1.05 2.00 -55.10
C PRO D 35 1.24 3.23 -54.19
N ILE D 36 2.35 3.24 -53.48
CA ILE D 36 2.63 4.21 -52.42
C ILE D 36 4.03 4.79 -52.58
N PRO D 37 4.12 6.03 -53.05
CA PRO D 37 5.48 6.55 -53.24
C PRO D 37 6.18 6.44 -51.89
N GLN D 38 7.32 5.75 -51.86
CA GLN D 38 7.96 5.48 -50.60
C GLN D 38 8.15 6.77 -49.82
N GLY D 39 8.63 6.62 -48.59
CA GLY D 39 9.02 7.75 -47.77
C GLY D 39 9.48 7.24 -46.41
N PHE D 40 9.89 8.16 -45.56
CA PHE D 40 10.11 7.77 -44.20
C PHE D 40 9.22 8.52 -43.23
N THR D 41 9.30 8.12 -41.97
CA THR D 41 8.53 8.73 -40.93
C THR D 41 9.41 9.12 -39.74
N VAL D 42 9.38 10.40 -39.41
CA VAL D 42 9.93 10.82 -38.15
C VAL D 42 8.83 10.58 -37.13
N THR D 43 9.21 10.10 -35.94
CA THR D 43 8.22 9.61 -34.97
C THR D 43 7.66 10.65 -34.01
N THR D 44 6.48 10.32 -33.52
CA THR D 44 5.80 11.07 -32.48
C THR D 44 6.67 11.27 -31.22
N GLU D 45 7.67 10.41 -31.07
CA GLU D 45 8.68 10.55 -30.01
C GLU D 45 9.67 11.68 -30.29
N ALA D 46 10.07 11.82 -31.55
CA ALA D 46 11.01 12.86 -31.96
C ALA D 46 10.35 14.24 -31.98
N CYS D 47 9.01 14.24 -31.96
CA CYS D 47 8.25 15.47 -31.79
C CYS D 47 8.38 15.94 -30.33
N THR D 48 8.15 14.99 -29.41
CA THR D 48 8.42 15.20 -27.99
C THR D 48 9.80 15.83 -27.81
N GLU D 49 10.84 15.12 -28.26
CA GLU D 49 12.22 15.60 -28.09
C GLU D 49 12.34 17.03 -28.60
N TYR D 50 11.75 17.30 -29.75
CA TYR D 50 11.78 18.64 -30.37
C TYR D 50 11.29 19.71 -29.40
N TYR D 51 10.09 19.50 -28.86
CA TYR D 51 9.57 20.44 -27.87
C TYR D 51 10.48 20.63 -26.63
N ASN D 52 10.79 19.53 -25.95
CA ASN D 52 11.58 19.58 -24.71
C ASN D 52 12.90 20.37 -24.83
N SER D 53 13.70 20.04 -25.85
CA SER D 53 14.82 20.89 -26.23
C SER D 53 14.21 22.08 -27.00
N GLY D 54 13.74 23.08 -26.26
CA GLY D 54 12.95 24.18 -26.80
C GLY D 54 12.90 24.38 -28.31
N LYS D 55 12.03 23.63 -28.99
CA LYS D 55 11.79 23.76 -30.45
C LYS D 55 13.03 23.58 -31.38
N GLN D 56 14.03 22.84 -30.89
CA GLN D 56 15.30 22.58 -31.58
C GLN D 56 15.47 21.07 -31.87
N ILE D 57 15.88 20.74 -33.09
CA ILE D 57 16.07 19.33 -33.49
C ILE D 57 17.50 18.82 -33.21
N THR D 58 17.61 17.63 -32.59
CA THR D 58 18.92 17.14 -32.14
C THR D 58 19.81 16.58 -33.26
N GLN D 59 21.11 16.75 -33.07
CA GLN D 59 22.09 16.25 -34.03
C GLN D 59 21.68 14.89 -34.54
N GLU D 60 21.51 13.93 -33.62
CA GLU D 60 21.21 12.54 -33.98
C GLU D 60 19.94 12.42 -34.82
N ILE D 61 18.90 13.17 -34.46
CA ILE D 61 17.65 13.11 -35.22
C ILE D 61 17.91 13.45 -36.69
N GLN D 62 18.38 14.68 -36.91
CA GLN D 62 18.76 15.14 -38.23
C GLN D 62 19.61 14.09 -38.94
N ASP D 63 20.76 13.76 -38.35
CA ASP D 63 21.64 12.77 -38.91
C ASP D 63 20.80 11.66 -39.52
N GLN D 64 19.93 11.07 -38.70
CA GLN D 64 19.02 9.98 -39.12
C GLN D 64 18.09 10.35 -40.30
N ILE D 65 17.49 11.53 -40.21
CA ILE D 65 16.75 12.11 -41.34
C ILE D 65 17.55 12.09 -42.64
N PHE D 66 18.82 12.50 -42.55
CA PHE D 66 19.65 12.58 -43.75
C PHE D 66 20.11 11.21 -44.27
N GLU D 67 19.98 10.19 -43.42
CA GLU D 67 20.19 8.80 -43.78
C GLU D 67 18.99 8.26 -44.54
N ALA D 68 17.84 8.85 -44.24
CA ALA D 68 16.57 8.48 -44.88
C ALA D 68 16.33 9.22 -46.20
N ILE D 69 16.92 10.42 -46.34
CA ILE D 69 16.94 11.09 -47.64
C ILE D 69 17.84 10.29 -48.57
N THR D 70 19.02 9.94 -48.08
CA THR D 70 19.97 9.11 -48.83
C THR D 70 19.37 7.80 -49.36
N TRP D 71 18.62 7.10 -48.52
CA TRP D 71 17.94 5.87 -48.91
C TRP D 71 16.90 6.11 -50.01
N LEU D 72 16.19 7.24 -49.88
CA LEU D 72 15.16 7.64 -50.83
C LEU D 72 15.75 8.05 -52.19
N GLU D 73 16.86 8.77 -52.15
CA GLU D 73 17.57 9.10 -53.37
C GLU D 73 17.94 7.82 -54.10
N GLU D 74 18.47 6.86 -53.34
CA GLU D 74 18.90 5.57 -53.91
C GLU D 74 17.77 4.81 -54.65
N LEU D 75 16.66 4.55 -53.96
CA LEU D 75 15.48 3.92 -54.57
C LEU D 75 14.95 4.67 -55.79
N ASN D 76 14.46 5.89 -55.54
CA ASN D 76 13.88 6.73 -56.59
C ASN D 76 14.86 6.99 -57.72
N GLY D 77 16.14 7.11 -57.36
CA GLY D 77 17.21 7.23 -58.32
C GLY D 77 17.47 8.68 -58.68
N LYS D 78 17.49 9.54 -57.66
CA LYS D 78 17.80 10.96 -57.83
C LYS D 78 18.15 11.61 -56.49
N LYS D 79 19.10 12.53 -56.49
CA LYS D 79 19.47 13.24 -55.26
C LYS D 79 18.48 14.37 -54.93
N PHE D 80 17.90 14.31 -53.73
CA PHE D 80 16.97 15.31 -53.24
C PHE D 80 17.26 16.74 -53.75
N GLY D 81 16.41 17.26 -54.63
CA GLY D 81 16.61 18.58 -55.23
C GLY D 81 17.88 18.79 -56.08
N ASP D 82 18.30 17.74 -56.76
CA ASP D 82 19.54 17.75 -57.55
C ASP D 82 19.40 18.71 -58.72
N THR D 83 20.34 19.65 -58.82
CA THR D 83 20.28 20.71 -59.82
C THR D 83 19.77 20.22 -61.18
N GLU D 84 20.21 19.04 -61.59
CA GLU D 84 19.84 18.53 -62.90
C GLU D 84 18.53 17.78 -62.81
N ASP D 85 18.47 16.79 -61.93
CA ASP D 85 17.30 15.90 -61.85
C ASP D 85 16.84 15.70 -60.40
N PRO D 86 16.19 16.73 -59.84
CA PRO D 86 15.85 16.74 -58.41
C PRO D 86 14.90 15.61 -57.99
N LEU D 87 15.16 15.05 -56.82
CA LEU D 87 14.17 14.25 -56.13
C LEU D 87 13.43 15.19 -55.20
N LEU D 88 12.10 15.23 -55.31
CA LEU D 88 11.26 16.16 -54.55
C LEU D 88 10.40 15.44 -53.53
N VAL D 89 10.38 15.95 -52.29
CA VAL D 89 9.53 15.34 -51.26
C VAL D 89 8.38 16.25 -50.85
N SER D 90 7.43 15.66 -50.13
CA SER D 90 6.42 16.42 -49.42
C SER D 90 6.61 16.10 -47.95
N VAL D 91 6.42 17.08 -47.09
CA VAL D 91 6.52 16.80 -45.66
C VAL D 91 5.14 16.93 -45.03
N ARG D 92 4.71 15.86 -44.36
CA ARG D 92 3.31 15.72 -43.96
C ARG D 92 3.13 15.70 -42.47
N SER D 93 1.87 15.73 -42.03
CA SER D 93 1.51 15.65 -40.62
C SER D 93 0.78 14.33 -40.40
N GLY D 94 0.92 13.68 -39.26
CA GLY D 94 0.36 12.35 -39.05
C GLY D 94 0.37 12.02 -37.58
N ALA D 95 -0.66 12.52 -36.89
CA ALA D 95 -0.77 12.34 -35.46
C ALA D 95 -1.50 11.05 -35.23
N ARG D 96 -1.21 10.44 -34.07
CA ARG D 96 -1.97 9.29 -33.57
C ARG D 96 -3.43 9.38 -34.04
N ALA D 97 -4.00 10.58 -33.90
CA ALA D 97 -5.42 10.81 -34.18
C ALA D 97 -5.72 11.60 -35.48
N SER D 98 -6.64 11.09 -36.29
CA SER D 98 -7.14 11.81 -37.47
C SER D 98 -7.69 13.19 -37.06
N MET D 99 -6.97 14.25 -37.45
CA MET D 99 -7.50 15.61 -37.32
C MET D 99 -7.54 16.27 -38.69
N PRO D 100 -8.47 15.84 -39.56
CA PRO D 100 -8.56 16.36 -40.92
C PRO D 100 -8.18 17.85 -41.08
N GLY D 101 -7.08 18.07 -41.80
CA GLY D 101 -6.55 19.38 -42.07
C GLY D 101 -6.44 20.32 -40.88
N MET D 102 -6.09 19.81 -39.71
CA MET D 102 -5.88 20.71 -38.57
C MET D 102 -4.41 21.13 -38.37
N MET D 103 -3.52 20.34 -38.94
CA MET D 103 -2.08 20.60 -38.91
C MET D 103 -1.57 20.71 -40.34
N ASP D 104 -0.27 20.89 -40.55
CA ASP D 104 0.19 21.23 -41.92
C ASP D 104 0.99 20.24 -42.77
N THR D 105 0.97 20.46 -44.08
CA THR D 105 1.77 19.66 -45.03
C THR D 105 2.27 20.59 -46.13
N ILE D 106 3.50 20.37 -46.59
CA ILE D 106 4.07 21.12 -47.70
C ILE D 106 4.34 20.22 -48.89
N LEU D 107 3.76 20.54 -50.03
CA LEU D 107 4.01 19.79 -51.26
C LEU D 107 5.21 20.31 -52.09
N ASN D 108 5.89 19.39 -52.78
CA ASN D 108 6.92 19.74 -53.77
C ASN D 108 8.28 20.15 -53.19
N LEU D 109 8.58 19.71 -51.97
CA LEU D 109 9.81 20.13 -51.32
C LEU D 109 11.06 19.68 -52.08
N GLY D 110 12.00 20.61 -52.23
CA GLY D 110 13.28 20.31 -52.86
C GLY D 110 13.54 21.16 -54.08
N LEU D 111 12.58 21.98 -54.46
CA LEU D 111 12.74 22.80 -55.66
C LEU D 111 13.30 24.18 -55.40
N ASN D 112 14.32 24.54 -56.17
CA ASN D 112 14.84 25.90 -56.19
C ASN D 112 15.02 26.37 -57.63
N ASP D 113 15.56 27.58 -57.77
CA ASP D 113 15.69 28.22 -59.07
C ASP D 113 16.33 27.34 -60.15
N VAL D 114 17.49 26.75 -59.83
CA VAL D 114 18.14 25.81 -60.73
C VAL D 114 17.61 24.38 -60.63
N ALA D 115 17.39 23.89 -59.40
CA ALA D 115 16.86 22.55 -59.19
C ALA D 115 15.58 22.38 -59.99
N VAL D 116 14.83 23.47 -60.13
CA VAL D 116 13.58 23.48 -60.89
C VAL D 116 13.82 23.56 -62.37
N GLU D 117 14.85 24.33 -62.72
CA GLU D 117 15.30 24.47 -64.10
C GLU D 117 15.63 23.12 -64.72
N GLY D 118 16.50 22.36 -64.05
CA GLY D 118 16.79 20.97 -64.42
C GLY D 118 15.53 20.11 -64.46
N PHE D 119 14.64 20.35 -63.49
CA PHE D 119 13.32 19.72 -63.45
C PHE D 119 12.45 19.89 -64.72
N ALA D 120 12.52 21.06 -65.33
CA ALA D 120 11.71 21.35 -66.53
C ALA D 120 12.26 20.63 -67.75
N LYS D 121 13.59 20.60 -67.85
CA LYS D 121 14.26 19.90 -68.94
C LYS D 121 14.05 18.41 -68.75
N LYS D 122 14.23 17.97 -67.50
CA LYS D 122 14.03 16.57 -67.14
C LYS D 122 12.60 16.09 -67.37
N THR D 123 11.63 17.00 -67.31
CA THR D 123 10.21 16.64 -67.48
C THR D 123 9.58 17.13 -68.79
N GLY D 124 10.29 17.97 -69.53
CA GLY D 124 9.79 18.52 -70.77
C GLY D 124 8.49 19.27 -70.58
N ASN D 125 8.34 19.91 -69.42
CA ASN D 125 7.10 20.59 -69.04
C ASN D 125 7.45 21.71 -68.05
N PRO D 126 7.97 22.83 -68.57
CA PRO D 126 8.31 23.92 -67.65
C PRO D 126 7.07 24.65 -67.12
N ARG D 127 5.88 24.18 -67.48
CA ARG D 127 4.65 24.65 -66.84
C ARG D 127 4.43 23.91 -65.52
N PHE D 128 4.48 22.58 -65.59
CA PHE D 128 4.36 21.70 -64.44
C PHE D 128 5.56 21.87 -63.55
N ALA D 129 6.72 21.98 -64.19
CA ALA D 129 7.94 22.24 -63.43
C ALA D 129 7.71 23.53 -62.67
N TYR D 130 7.37 24.60 -63.40
CA TYR D 130 7.13 25.91 -62.79
C TYR D 130 5.92 26.02 -61.89
N ASP D 131 4.77 25.56 -62.36
CA ASP D 131 3.63 25.52 -61.47
C ASP D 131 4.01 24.95 -60.09
N SER D 132 4.74 23.83 -60.11
CA SER D 132 5.06 23.14 -58.87
C SER D 132 6.07 23.89 -57.98
N TYR D 133 7.04 24.58 -58.58
CA TYR D 133 7.94 25.43 -57.78
C TYR D 133 7.10 26.47 -57.05
N ARG D 134 6.15 27.08 -57.78
CA ARG D 134 5.31 28.12 -57.19
C ARG D 134 4.41 27.57 -56.10
N ARG D 135 3.74 26.44 -56.37
CA ARG D 135 2.99 25.79 -55.30
C ARG D 135 3.93 25.71 -54.10
N PHE D 136 4.94 24.87 -54.20
CA PHE D 136 5.89 24.67 -53.11
C PHE D 136 6.45 25.96 -52.48
N ILE D 137 6.67 26.99 -53.30
CA ILE D 137 7.11 28.27 -52.78
C ILE D 137 6.08 28.80 -51.80
N GLN D 138 4.83 28.80 -52.24
CA GLN D 138 3.75 29.38 -51.43
C GLN D 138 3.50 28.58 -50.15
N MET D 139 3.56 27.25 -50.25
CA MET D 139 3.23 26.38 -49.13
C MET D 139 4.31 26.44 -48.05
N TYR D 140 5.55 26.60 -48.46
CA TYR D 140 6.62 26.82 -47.51
C TYR D 140 6.39 28.15 -46.80
N SER D 141 6.07 29.17 -47.59
CA SER D 141 5.80 30.52 -47.10
C SER D 141 4.74 30.48 -46.02
N ASP D 142 3.65 29.78 -46.29
CA ASP D 142 2.52 29.77 -45.38
C ASP D 142 2.70 28.88 -44.16
N VAL D 143 3.07 27.63 -44.40
CA VAL D 143 3.28 26.67 -43.33
C VAL D 143 4.44 27.06 -42.41
N VAL D 144 5.60 27.37 -43.00
CA VAL D 144 6.77 27.68 -42.20
C VAL D 144 6.68 29.08 -41.55
N MET D 145 6.34 30.08 -42.36
CA MET D 145 6.20 31.45 -41.88
C MET D 145 4.73 31.82 -41.68
N GLU D 146 4.45 32.95 -41.05
CA GLU D 146 3.06 33.40 -40.94
C GLU D 146 2.68 34.30 -42.12
N VAL D 147 3.12 33.94 -43.33
CA VAL D 147 2.66 34.64 -44.55
C VAL D 147 1.27 34.13 -44.98
N PRO D 148 0.29 35.05 -45.08
CA PRO D 148 -1.07 34.59 -45.43
C PRO D 148 -1.29 34.31 -46.92
N LYS D 149 -2.30 33.49 -47.23
CA LYS D 149 -2.61 33.11 -48.61
C LYS D 149 -3.04 34.37 -49.35
N SER D 150 -4.18 34.91 -48.93
CA SER D 150 -4.63 36.23 -49.35
C SER D 150 -3.61 36.88 -50.30
N HIS D 151 -2.48 37.34 -49.75
CA HIS D 151 -1.37 37.83 -50.58
C HIS D 151 -1.23 37.01 -51.87
N PHE D 152 -0.96 35.72 -51.71
CA PHE D 152 -0.74 34.84 -52.85
C PHE D 152 -2.00 34.80 -53.72
N GLU D 153 -3.08 34.28 -53.15
CA GLU D 153 -4.36 34.13 -53.86
C GLU D 153 -4.84 35.45 -54.47
N LYS D 154 -4.14 36.53 -54.17
CA LYS D 154 -4.48 37.83 -54.74
C LYS D 154 -3.60 38.18 -55.93
N ILE D 155 -2.38 37.64 -55.99
CA ILE D 155 -1.59 37.79 -57.21
C ILE D 155 -2.11 36.79 -58.23
N ILE D 156 -2.88 35.83 -57.72
CA ILE D 156 -3.46 34.76 -58.54
C ILE D 156 -4.72 35.27 -59.27
N ASP D 157 -5.49 36.13 -58.61
CA ASP D 157 -6.66 36.75 -59.21
C ASP D 157 -6.23 37.96 -60.04
N ALA D 158 -5.25 38.70 -59.52
CA ALA D 158 -4.65 39.79 -60.28
C ALA D 158 -4.23 39.31 -61.68
N MET D 159 -3.30 38.34 -61.70
CA MET D 159 -2.75 37.78 -62.94
C MET D 159 -3.82 37.09 -63.81
N LYS D 160 -4.74 36.37 -63.16
CA LYS D 160 -5.89 35.77 -63.85
C LYS D 160 -6.80 36.85 -64.44
N GLU D 161 -6.71 38.05 -63.87
CA GLU D 161 -7.44 39.22 -64.38
C GLU D 161 -6.65 39.95 -65.47
N GLU D 162 -5.39 40.28 -65.20
CA GLU D 162 -4.54 40.85 -66.24
C GLU D 162 -4.61 40.01 -67.52
N LYS D 163 -5.21 38.82 -67.44
CA LYS D 163 -5.22 37.89 -68.56
C LYS D 163 -6.61 37.40 -68.99
N GLY D 164 -7.59 37.50 -68.10
CA GLY D 164 -8.93 37.04 -68.42
C GLY D 164 -9.00 35.54 -68.65
N VAL D 165 -8.10 34.82 -67.97
CA VAL D 165 -8.17 33.36 -67.89
C VAL D 165 -8.94 33.00 -66.61
N HIS D 166 -9.84 32.02 -66.68
CA HIS D 166 -10.72 31.75 -65.55
C HIS D 166 -10.14 30.68 -64.61
N PHE D 167 -9.23 29.87 -65.14
CA PHE D 167 -8.68 28.74 -64.41
C PHE D 167 -7.21 28.91 -64.06
N ASP D 168 -6.76 28.19 -63.03
CA ASP D 168 -5.34 28.03 -62.79
C ASP D 168 -4.69 27.46 -64.04
N THR D 169 -5.37 26.51 -64.67
CA THR D 169 -4.81 25.73 -65.79
C THR D 169 -4.50 26.58 -67.04
N ASP D 170 -5.19 27.71 -67.14
CA ASP D 170 -4.98 28.63 -68.26
C ASP D 170 -3.76 29.54 -68.05
N LEU D 171 -2.97 29.24 -67.02
CA LEU D 171 -1.72 29.96 -66.80
C LEU D 171 -0.63 29.48 -67.79
N THR D 172 0.31 30.37 -68.10
CA THR D 172 1.45 30.04 -68.93
C THR D 172 2.52 29.48 -68.02
N ALA D 173 3.44 28.72 -68.60
CA ALA D 173 4.65 28.28 -67.91
C ALA D 173 5.54 29.46 -67.46
N ASP D 174 5.45 30.58 -68.18
CA ASP D 174 6.15 31.82 -67.79
C ASP D 174 5.31 32.64 -66.80
N ASP D 175 4.00 32.39 -66.78
CA ASP D 175 3.10 32.94 -65.77
C ASP D 175 3.37 32.25 -64.43
N LEU D 176 3.59 30.94 -64.51
CA LEU D 176 3.95 30.18 -63.32
C LEU D 176 5.43 30.49 -63.02
N LYS D 177 6.18 30.80 -64.08
CA LYS D 177 7.48 31.45 -63.92
C LYS D 177 7.33 32.81 -63.20
N GLU D 178 6.46 33.67 -63.73
CA GLU D 178 6.20 34.99 -63.13
C GLU D 178 5.56 34.85 -61.76
N LEU D 179 4.41 34.19 -61.70
CA LEU D 179 3.69 34.01 -60.45
C LEU D 179 4.67 33.66 -59.31
N ALA D 180 5.51 32.65 -59.55
CA ALA D 180 6.42 32.12 -58.52
C ALA D 180 7.44 33.14 -58.02
N GLU D 181 8.31 33.60 -58.94
CA GLU D 181 9.30 34.64 -58.65
C GLU D 181 8.69 35.74 -57.77
N LYS D 182 7.51 36.21 -58.15
CA LYS D 182 6.78 37.10 -57.27
C LYS D 182 6.59 36.47 -55.88
N PHE D 183 6.04 35.25 -55.82
CA PHE D 183 5.83 34.56 -54.53
C PHE D 183 7.12 34.52 -53.68
N LYS D 184 8.26 34.58 -54.36
CA LYS D 184 9.55 34.60 -53.67
C LYS D 184 9.86 35.98 -53.11
N ALA D 185 9.60 37.02 -53.91
CA ALA D 185 9.75 38.39 -53.46
C ALA D 185 8.75 38.70 -52.32
N VAL D 186 7.56 38.11 -52.40
CA VAL D 186 6.54 38.25 -51.35
C VAL D 186 7.03 37.74 -49.99
N TYR D 187 7.65 36.56 -50.02
CA TYR D 187 8.29 35.97 -48.84
C TYR D 187 9.36 36.89 -48.22
N LYS D 188 10.24 37.43 -49.07
CA LYS D 188 11.33 38.30 -48.60
C LYS D 188 10.79 39.60 -47.95
N GLU D 189 9.77 40.17 -48.58
CA GLU D 189 9.05 41.31 -48.01
C GLU D 189 8.70 41.05 -46.54
N ALA D 190 7.95 39.97 -46.32
CA ALA D 190 7.54 39.57 -44.98
C ALA D 190 8.72 39.01 -44.16
N MET D 191 9.90 39.03 -44.76
CA MET D 191 11.09 38.44 -44.13
C MET D 191 12.18 39.45 -43.73
N ASN D 192 11.77 40.70 -43.51
CA ASN D 192 12.68 41.72 -43.01
C ASN D 192 13.98 41.72 -43.77
N GLY D 193 13.89 41.63 -45.08
CA GLY D 193 15.07 41.58 -45.93
C GLY D 193 15.38 40.17 -46.38
N GLU D 194 14.97 39.18 -45.58
CA GLU D 194 15.35 37.78 -45.87
C GLU D 194 14.57 37.09 -47.00
N GLU D 195 15.29 36.40 -47.89
CA GLU D 195 14.66 35.74 -49.03
C GLU D 195 14.30 34.25 -48.79
N PHE D 196 13.56 33.67 -49.74
CA PHE D 196 13.19 32.25 -49.73
C PHE D 196 14.41 31.31 -49.79
N PRO D 197 14.44 30.27 -48.92
CA PRO D 197 15.50 29.25 -48.81
C PRO D 197 15.76 28.51 -50.13
N GLN D 198 17.03 28.31 -50.50
CA GLN D 198 17.34 27.71 -51.79
C GLN D 198 18.13 26.41 -51.70
N GLU D 199 18.50 26.01 -50.49
CA GLU D 199 19.21 24.76 -50.29
C GLU D 199 18.21 23.74 -49.73
N PRO D 200 18.35 22.48 -50.16
CA PRO D 200 17.23 21.52 -50.08
C PRO D 200 17.19 20.83 -48.73
N LYS D 201 18.29 20.92 -47.99
CA LYS D 201 18.35 20.37 -46.66
C LYS D 201 17.99 21.46 -45.66
N ASP D 202 18.35 22.70 -45.99
CA ASP D 202 17.81 23.90 -45.35
C ASP D 202 16.28 23.85 -45.37
N GLN D 203 15.76 23.41 -46.51
CA GLN D 203 14.33 23.38 -46.74
C GLN D 203 13.59 22.30 -45.97
N LEU D 204 14.20 21.13 -45.81
CA LEU D 204 13.51 20.04 -45.12
C LEU D 204 13.50 20.27 -43.61
N MET D 205 14.65 20.66 -43.07
CA MET D 205 14.75 20.97 -41.65
C MET D 205 13.89 22.16 -41.28
N GLY D 206 13.87 23.17 -42.15
CA GLY D 206 12.99 24.30 -41.98
C GLY D 206 11.54 23.83 -41.96
N ALA D 207 11.18 23.04 -42.97
CA ALA D 207 9.83 22.52 -43.17
C ALA D 207 9.40 21.52 -42.07
N VAL D 208 10.22 20.50 -41.83
CA VAL D 208 9.92 19.54 -40.76
C VAL D 208 9.61 20.23 -39.43
N LYS D 209 10.62 20.93 -38.88
CA LYS D 209 10.48 21.77 -37.68
C LYS D 209 9.14 22.52 -37.68
N ALA D 210 8.79 23.12 -38.82
CA ALA D 210 7.55 23.91 -38.94
C ALA D 210 6.28 23.07 -38.89
N VAL D 211 6.33 21.90 -39.53
CA VAL D 211 5.23 20.95 -39.53
C VAL D 211 5.07 20.27 -38.16
N PHE D 212 6.09 20.39 -37.33
CA PHE D 212 6.01 19.90 -35.95
C PHE D 212 5.26 20.88 -35.06
N ARG D 213 5.21 22.15 -35.47
CA ARG D 213 4.39 23.15 -34.81
C ARG D 213 2.92 23.17 -35.29
N SER D 214 2.65 22.51 -36.42
CA SER D 214 1.31 22.39 -36.97
C SER D 214 0.41 21.92 -35.87
N TRP D 215 0.96 21.07 -35.01
CA TRP D 215 0.20 20.43 -33.95
C TRP D 215 -0.56 21.48 -33.15
N ASP D 216 0.15 22.54 -32.76
CA ASP D 216 -0.44 23.64 -31.96
C ASP D 216 -1.19 24.66 -32.83
N ASN D 217 -1.68 24.23 -33.98
CA ASN D 217 -2.43 25.13 -34.86
C ASN D 217 -3.74 25.49 -34.19
N PRO D 218 -4.07 26.78 -34.21
CA PRO D 218 -5.35 27.28 -33.68
C PRO D 218 -6.53 26.34 -33.95
N ARG D 219 -6.86 26.04 -35.19
CA ARG D 219 -7.99 25.16 -35.42
C ARG D 219 -7.73 23.76 -34.85
N ALA D 220 -6.56 23.18 -35.13
CA ALA D 220 -6.17 21.90 -34.53
C ALA D 220 -6.46 21.91 -33.02
N ILE D 221 -6.18 23.04 -32.39
CA ILE D 221 -6.38 23.20 -30.95
C ILE D 221 -7.86 23.14 -30.63
N VAL D 222 -8.64 23.91 -31.38
CA VAL D 222 -10.10 23.96 -31.24
C VAL D 222 -10.61 22.55 -31.38
N TYR D 223 -10.03 21.82 -32.33
CA TYR D 223 -10.47 20.48 -32.69
C TYR D 223 -10.19 19.42 -31.61
N ARG D 224 -8.96 19.38 -31.11
CA ARG D 224 -8.63 18.39 -30.11
C ARG D 224 -9.63 18.49 -28.95
N ARG D 225 -9.89 19.72 -28.56
CA ARG D 225 -10.85 20.01 -27.50
C ARG D 225 -12.27 19.56 -27.87
N MET D 226 -12.67 19.82 -29.11
CA MET D 226 -13.98 19.39 -29.59
C MET D 226 -14.10 17.87 -29.57
N ASN D 227 -12.95 17.20 -29.74
CA ASN D 227 -12.94 15.75 -29.86
C ASN D 227 -12.11 14.98 -28.78
N ASP D 228 -11.95 15.59 -27.60
CA ASP D 228 -11.26 14.98 -26.45
C ASP D 228 -9.88 14.39 -26.82
N ILE D 229 -9.22 15.05 -27.78
CA ILE D 229 -7.85 14.75 -28.14
C ILE D 229 -6.91 15.54 -27.22
N PRO D 230 -5.91 14.85 -26.64
CA PRO D 230 -4.87 15.37 -25.73
C PRO D 230 -3.68 16.05 -26.45
N GLY D 231 -3.07 17.02 -25.77
CA GLY D 231 -2.11 17.91 -26.41
C GLY D 231 -0.66 17.46 -26.34
N ASP D 232 -0.38 16.50 -25.48
CA ASP D 232 0.97 15.97 -25.33
C ASP D 232 1.30 14.93 -26.41
N TRP D 233 0.26 14.39 -27.07
CA TRP D 233 0.42 13.44 -28.20
C TRP D 233 1.39 13.93 -29.25
N GLY D 234 1.15 15.16 -29.72
CA GLY D 234 2.05 15.82 -30.64
C GLY D 234 1.78 15.27 -32.00
N THR D 235 2.72 15.46 -32.92
CA THR D 235 2.52 14.91 -34.23
C THR D 235 3.79 14.24 -34.76
N ALA D 236 3.64 13.51 -35.86
CA ALA D 236 4.77 12.97 -36.59
C ALA D 236 4.96 13.79 -37.86
N VAL D 237 6.12 13.59 -38.48
CA VAL D 237 6.40 14.21 -39.76
C VAL D 237 6.75 13.12 -40.79
N ASN D 238 5.83 12.88 -41.71
CA ASN D 238 6.07 11.94 -42.81
C ASN D 238 6.71 12.62 -44.02
N VAL D 239 7.88 12.15 -44.45
CA VAL D 239 8.51 12.73 -45.63
C VAL D 239 8.42 11.82 -46.84
N GLN D 240 7.74 12.30 -47.88
CA GLN D 240 7.34 11.43 -48.97
C GLN D 240 7.72 11.90 -50.39
N THR D 241 8.38 10.99 -51.11
CA THR D 241 8.60 11.18 -52.54
C THR D 241 7.26 11.55 -53.17
N MET D 242 7.31 12.56 -54.05
CA MET D 242 6.12 13.16 -54.65
C MET D 242 5.54 12.31 -55.77
N VAL D 243 4.24 12.44 -56.00
CA VAL D 243 3.69 12.15 -57.31
C VAL D 243 2.86 13.37 -57.76
N PHE D 244 2.72 13.53 -59.08
CA PHE D 244 2.22 14.78 -59.64
C PHE D 244 0.91 14.64 -60.40
N GLY D 245 -0.19 14.97 -59.73
CA GLY D 245 -1.49 15.01 -60.35
C GLY D 245 -1.62 16.17 -61.31
N ASN D 246 -0.62 17.05 -61.31
CA ASN D 246 -0.61 18.20 -62.22
C ASN D 246 0.25 18.06 -63.48
N LYS D 247 0.73 16.86 -63.77
CA LYS D 247 1.54 16.65 -64.97
C LYS D 247 0.84 16.90 -66.32
N GLY D 248 -0.49 16.84 -66.35
CA GLY D 248 -1.25 17.07 -67.57
C GLY D 248 -2.75 16.80 -67.47
N GLU D 249 -3.39 16.54 -68.60
CA GLU D 249 -4.82 16.23 -68.69
C GLU D 249 -5.06 14.90 -68.02
N THR D 250 -4.13 13.95 -68.23
CA THR D 250 -4.19 12.61 -67.59
C THR D 250 -3.38 12.48 -66.29
N SER D 251 -3.18 13.62 -65.63
CA SER D 251 -2.83 13.60 -64.23
C SER D 251 -3.96 14.26 -63.47
N GLY D 252 -4.04 13.99 -62.18
CA GLY D 252 -5.11 14.50 -61.37
C GLY D 252 -4.94 14.04 -59.95
N THR D 253 -6.04 14.07 -59.21
CA THR D 253 -5.98 13.86 -57.78
C THR D 253 -7.41 13.91 -57.32
N GLY D 254 -7.75 13.10 -56.33
CA GLY D 254 -9.12 13.06 -55.88
C GLY D 254 -9.16 12.69 -54.42
N VAL D 255 -10.39 12.46 -53.94
CA VAL D 255 -10.63 11.89 -52.62
C VAL D 255 -11.92 11.12 -52.68
N ALA D 256 -11.93 9.94 -52.06
CA ALA D 256 -13.10 9.10 -52.12
C ALA D 256 -13.41 8.42 -50.80
N PHE D 257 -14.64 7.93 -50.72
CA PHE D 257 -15.15 7.20 -49.57
C PHE D 257 -15.76 5.89 -50.04
N THR D 258 -15.44 4.81 -49.33
CA THR D 258 -16.00 3.51 -49.70
C THR D 258 -17.52 3.44 -49.41
N ARG D 259 -17.99 4.31 -48.51
CA ARG D 259 -19.43 4.51 -48.31
C ARG D 259 -19.73 6.02 -48.33
N ASN D 260 -21.01 6.41 -48.45
CA ASN D 260 -21.42 7.82 -48.39
C ASN D 260 -21.42 8.38 -46.96
N PRO D 261 -20.47 9.30 -46.65
CA PRO D 261 -20.25 9.77 -45.28
C PRO D 261 -21.44 10.56 -44.75
N SER D 262 -22.23 11.10 -45.67
CA SER D 262 -23.41 11.88 -45.33
C SER D 262 -24.57 10.94 -44.96
N THR D 263 -25.12 10.24 -45.96
CA THR D 263 -26.20 9.26 -45.76
C THR D 263 -25.69 7.96 -45.15
N GLY D 264 -24.55 7.46 -45.63
CA GLY D 264 -24.05 6.17 -45.19
C GLY D 264 -24.24 5.09 -46.22
N GLU D 265 -24.86 5.45 -47.35
CA GLU D 265 -25.15 4.51 -48.43
C GLU D 265 -23.88 3.84 -48.94
N LYS D 266 -23.82 2.51 -48.82
CA LYS D 266 -22.73 1.73 -49.38
C LYS D 266 -22.65 2.07 -50.86
N GLY D 267 -21.45 2.35 -51.34
CA GLY D 267 -21.31 2.85 -52.69
C GLY D 267 -20.36 4.02 -52.72
N ILE D 268 -19.20 3.78 -53.35
CA ILE D 268 -18.09 4.74 -53.45
C ILE D 268 -18.56 6.17 -53.72
N TYR D 269 -18.16 7.07 -52.82
CA TYR D 269 -18.50 8.49 -52.88
C TYR D 269 -17.19 9.25 -53.00
N GLY D 270 -17.14 10.26 -53.86
CA GLY D 270 -15.90 11.00 -54.06
C GLY D 270 -15.85 12.05 -55.15
N GLU D 271 -14.66 12.62 -55.31
CA GLU D 271 -14.41 13.75 -56.20
C GLU D 271 -13.04 13.63 -56.83
N TYR D 272 -12.86 14.33 -57.94
CA TYR D 272 -11.62 14.26 -58.69
C TYR D 272 -11.39 15.51 -59.54
N LEU D 273 -10.19 16.07 -59.42
CA LEU D 273 -9.82 17.26 -60.15
C LEU D 273 -8.69 16.96 -61.11
N ILE D 274 -9.00 17.10 -62.40
CA ILE D 274 -8.04 16.94 -63.50
C ILE D 274 -6.89 17.93 -63.35
N ASN D 275 -5.72 17.54 -63.84
CA ASN D 275 -4.54 18.39 -63.79
C ASN D 275 -4.43 19.31 -62.56
N ALA D 276 -4.60 18.79 -61.34
CA ALA D 276 -4.19 19.55 -60.15
C ALA D 276 -3.38 18.73 -59.15
N GLN D 277 -2.55 19.40 -58.36
CA GLN D 277 -1.95 18.78 -57.19
C GLN D 277 -2.97 18.74 -56.06
N GLY D 278 -3.09 17.57 -55.45
CA GLY D 278 -4.15 17.24 -54.52
C GLY D 278 -4.53 18.23 -53.43
N GLU D 279 -3.62 19.14 -53.08
CA GLU D 279 -3.90 20.13 -52.05
C GLU D 279 -5.06 21.06 -52.45
N ASP D 280 -5.33 21.10 -53.76
CA ASP D 280 -6.39 21.92 -54.34
C ASP D 280 -7.75 21.45 -53.88
N VAL D 281 -7.84 20.19 -53.47
CA VAL D 281 -9.12 19.55 -53.17
C VAL D 281 -9.42 19.57 -51.66
N VAL D 282 -8.36 19.43 -50.87
CA VAL D 282 -8.47 19.19 -49.44
C VAL D 282 -8.61 20.48 -48.63
N ALA D 283 -7.81 21.49 -48.99
CA ALA D 283 -7.95 22.79 -48.36
C ALA D 283 -9.22 23.47 -48.88
N GLY D 284 -9.87 22.83 -49.85
CA GLY D 284 -11.18 23.25 -50.32
C GLY D 284 -11.07 24.56 -51.06
N VAL D 285 -9.90 24.78 -51.64
CA VAL D 285 -9.60 26.02 -52.34
C VAL D 285 -10.13 26.02 -53.77
N ARG D 286 -10.10 24.86 -54.42
CA ARG D 286 -10.80 24.71 -55.70
C ARG D 286 -11.97 23.75 -55.50
N THR D 287 -12.98 23.86 -56.37
CA THR D 287 -14.08 22.87 -56.42
C THR D 287 -13.69 21.75 -57.39
N PRO D 288 -13.93 20.48 -56.99
CA PRO D 288 -13.52 19.38 -57.86
C PRO D 288 -14.61 19.01 -58.86
N GLN D 289 -14.67 17.72 -59.16
CA GLN D 289 -15.59 17.19 -60.16
C GLN D 289 -15.99 15.77 -59.70
N PRO D 290 -17.26 15.36 -59.91
CA PRO D 290 -17.66 14.01 -59.44
C PRO D 290 -16.65 12.93 -59.80
N ILE D 291 -16.10 12.26 -58.79
CA ILE D 291 -15.26 11.08 -59.00
C ILE D 291 -15.80 10.18 -60.14
N THR D 292 -17.11 10.21 -60.37
CA THR D 292 -17.70 9.47 -61.51
C THR D 292 -17.29 10.00 -62.87
N GLN D 293 -16.83 11.25 -62.92
CA GLN D 293 -16.26 11.77 -64.17
C GLN D 293 -14.95 11.02 -64.43
N LEU D 294 -14.09 10.91 -63.42
CA LEU D 294 -12.94 9.99 -63.51
C LEU D 294 -13.35 8.57 -63.93
N GLU D 295 -14.29 7.96 -63.19
CA GLU D 295 -14.79 6.64 -63.58
C GLU D 295 -15.01 6.52 -65.11
N ASN D 296 -15.29 7.66 -65.74
CA ASN D 296 -15.52 7.68 -67.17
C ASN D 296 -14.25 7.97 -67.98
N ASP D 297 -13.64 9.12 -67.73
CA ASP D 297 -12.57 9.62 -68.57
C ASP D 297 -11.45 8.60 -68.67
N MET D 298 -11.05 8.04 -67.53
CA MET D 298 -9.98 7.04 -67.45
C MET D 298 -10.41 5.77 -66.73
N PRO D 299 -11.24 4.95 -67.37
CA PRO D 299 -11.83 3.80 -66.66
C PRO D 299 -10.81 2.73 -66.19
N ASP D 300 -9.77 2.45 -66.98
CA ASP D 300 -8.69 1.55 -66.55
C ASP D 300 -8.26 1.92 -65.14
N CYS D 301 -8.04 3.22 -64.92
CA CYS D 301 -7.61 3.72 -63.63
C CYS D 301 -8.69 3.59 -62.59
N TYR D 302 -9.90 4.03 -62.94
CA TYR D 302 -10.99 3.91 -61.99
C TYR D 302 -11.02 2.49 -61.43
N LYS D 303 -10.93 1.50 -62.31
CA LYS D 303 -10.88 0.08 -61.91
C LYS D 303 -9.81 -0.23 -60.85
N GLN D 304 -8.54 0.04 -61.18
CA GLN D 304 -7.42 -0.23 -60.28
C GLN D 304 -7.69 0.32 -58.88
N PHE D 305 -8.26 1.51 -58.87
CA PHE D 305 -8.67 2.24 -57.67
C PHE D 305 -9.76 1.48 -56.92
N MET D 306 -10.85 1.18 -57.61
CA MET D 306 -12.02 0.59 -56.98
C MET D 306 -11.69 -0.72 -56.25
N ASP D 307 -10.90 -1.58 -56.90
CA ASP D 307 -10.43 -2.81 -56.27
C ASP D 307 -9.51 -2.50 -55.10
N LEU D 308 -8.78 -1.38 -55.18
CA LEU D 308 -8.00 -0.98 -54.01
C LEU D 308 -8.95 -0.46 -52.93
N ALA D 309 -9.96 0.30 -53.36
CA ALA D 309 -10.92 0.93 -52.45
C ALA D 309 -11.74 -0.11 -51.68
N MET D 310 -11.95 -1.26 -52.32
CA MET D 310 -12.64 -2.38 -51.69
C MET D 310 -11.66 -3.26 -50.88
N LYS D 311 -10.37 -3.15 -51.18
CA LYS D 311 -9.33 -3.92 -50.48
C LYS D 311 -9.08 -3.33 -49.10
N LEU D 312 -9.08 -2.00 -49.04
CA LEU D 312 -8.86 -1.28 -47.79
C LEU D 312 -10.05 -1.39 -46.87
N GLU D 313 -11.24 -1.49 -47.48
CA GLU D 313 -12.46 -1.49 -46.68
C GLU D 313 -12.52 -2.76 -45.86
N LYS D 314 -12.27 -3.90 -46.50
CA LYS D 314 -12.26 -5.20 -45.79
C LYS D 314 -11.06 -5.39 -44.86
N HIS D 315 -9.96 -4.69 -45.16
CA HIS D 315 -8.74 -4.77 -44.37
C HIS D 315 -8.85 -4.10 -43.00
N PHE D 316 -9.28 -2.84 -42.96
CA PHE D 316 -9.47 -2.15 -41.67
C PHE D 316 -10.90 -2.33 -41.19
N ARG D 317 -11.71 -2.97 -42.03
CA ARG D 317 -13.11 -3.29 -41.75
C ARG D 317 -13.88 -2.06 -41.32
N ASP D 318 -14.08 -1.17 -42.28
CA ASP D 318 -14.77 0.08 -42.05
C ASP D 318 -14.61 0.96 -43.27
N MET D 319 -15.60 1.82 -43.49
CA MET D 319 -15.49 2.87 -44.50
C MET D 319 -14.13 3.60 -44.39
N GLN D 320 -13.56 3.90 -45.56
CA GLN D 320 -12.26 4.53 -45.63
C GLN D 320 -12.33 5.88 -46.36
N ASP D 321 -11.41 6.76 -45.99
CA ASP D 321 -11.29 8.10 -46.56
C ASP D 321 -9.98 8.06 -47.31
N MET D 322 -10.04 8.05 -48.63
CA MET D 322 -8.81 7.98 -49.39
C MET D 322 -8.53 9.27 -50.15
N GLU D 323 -7.33 9.78 -50.05
CA GLU D 323 -6.85 10.73 -51.05
C GLU D 323 -5.90 9.97 -51.99
N PHE D 324 -6.01 10.22 -53.29
CA PHE D 324 -5.20 9.50 -54.26
C PHE D 324 -4.77 10.41 -55.41
N THR D 325 -3.57 10.20 -55.93
CA THR D 325 -3.12 11.05 -57.01
C THR D 325 -2.89 10.21 -58.25
N ILE D 326 -3.00 10.82 -59.41
CA ILE D 326 -2.62 10.10 -60.63
C ILE D 326 -1.54 10.85 -61.41
N GLU D 327 -0.35 10.24 -61.50
CA GLU D 327 0.72 10.79 -62.34
C GLU D 327 0.76 10.17 -63.75
N GLU D 328 0.21 10.90 -64.70
CA GLU D 328 0.21 10.50 -66.10
C GLU D 328 -0.29 9.08 -66.37
N GLY D 329 -1.53 8.83 -65.99
CA GLY D 329 -2.17 7.55 -66.23
C GLY D 329 -2.02 6.56 -65.10
N LYS D 330 -0.95 6.71 -64.30
CA LYS D 330 -0.59 5.71 -63.29
C LYS D 330 -0.97 6.12 -61.87
N LEU D 331 -2.17 5.70 -61.50
CA LEU D 331 -2.74 5.85 -60.15
C LEU D 331 -1.80 5.51 -58.97
N TYR D 332 -1.81 6.39 -57.97
CA TYR D 332 -1.16 6.17 -56.68
C TYR D 332 -2.11 6.41 -55.52
N PHE D 333 -1.83 5.80 -54.38
CA PHE D 333 -2.53 6.13 -53.14
C PHE D 333 -1.54 6.86 -52.24
N LEU D 334 -2.00 7.93 -51.60
CA LEU D 334 -1.17 8.71 -50.68
C LEU D 334 -1.76 8.64 -49.30
N GLN D 335 -2.94 8.05 -49.18
CA GLN D 335 -3.55 7.95 -47.88
C GLN D 335 -4.89 7.22 -47.81
N THR D 336 -5.07 6.51 -46.70
CA THR D 336 -6.39 6.05 -46.30
C THR D 336 -6.62 6.36 -44.83
N ARG D 337 -7.85 6.10 -44.38
CA ARG D 337 -8.26 6.30 -42.99
C ARG D 337 -9.76 5.99 -42.88
N ASN D 338 -10.21 5.75 -41.66
CA ASN D 338 -11.63 5.58 -41.42
C ASN D 338 -12.34 6.92 -41.61
N GLY D 339 -12.83 7.14 -42.83
CA GLY D 339 -13.55 8.35 -43.17
C GLY D 339 -14.59 8.73 -42.12
N LYS D 340 -14.83 10.03 -41.98
CA LYS D 340 -15.77 10.53 -40.97
C LYS D 340 -17.15 10.84 -41.55
N ARG D 341 -18.17 10.49 -40.78
CA ARG D 341 -19.53 10.41 -41.29
C ARG D 341 -20.48 11.16 -40.35
N THR D 342 -21.58 11.67 -40.89
CA THR D 342 -22.65 12.12 -40.04
C THR D 342 -23.23 10.86 -39.41
N ALA D 343 -23.64 10.97 -38.13
CA ALA D 343 -24.28 9.85 -37.43
C ALA D 343 -25.26 9.04 -38.32
N PRO D 344 -26.15 9.74 -39.05
CA PRO D 344 -27.07 8.90 -39.82
C PRO D 344 -26.28 7.87 -40.62
N ALA D 345 -25.14 8.29 -41.16
CA ALA D 345 -24.29 7.43 -41.99
C ALA D 345 -23.50 6.43 -41.14
N ALA D 346 -23.11 6.87 -39.94
CA ALA D 346 -22.48 5.95 -39.02
C ALA D 346 -23.47 4.79 -38.85
N LEU D 347 -24.59 5.07 -38.20
CA LEU D 347 -25.64 4.07 -37.92
C LEU D 347 -25.90 3.15 -39.11
N GLN D 348 -26.08 3.73 -40.30
CA GLN D 348 -26.24 2.95 -41.53
C GLN D 348 -25.00 2.16 -41.94
N ILE D 349 -23.85 2.82 -42.01
CA ILE D 349 -22.60 2.13 -42.31
C ILE D 349 -22.31 1.14 -41.18
N ALA D 350 -22.88 1.44 -40.01
CA ALA D 350 -22.81 0.55 -38.86
C ALA D 350 -23.48 -0.79 -39.13
N CYS D 351 -24.75 -0.73 -39.52
CA CYS D 351 -25.59 -1.92 -39.68
C CYS D 351 -25.15 -2.80 -40.84
N ASP D 352 -24.75 -2.14 -41.93
CA ASP D 352 -24.40 -2.83 -43.16
C ASP D 352 -23.15 -3.69 -42.95
N LEU D 353 -22.08 -3.08 -42.43
CA LEU D 353 -20.85 -3.83 -42.15
C LEU D 353 -21.16 -5.04 -41.29
N VAL D 354 -22.39 -5.09 -40.78
CA VAL D 354 -22.85 -6.21 -39.97
C VAL D 354 -23.65 -7.22 -40.80
N ASP D 355 -24.76 -6.78 -41.39
CA ASP D 355 -25.62 -7.63 -42.23
C ASP D 355 -24.79 -8.35 -43.30
N GLU D 356 -23.68 -7.70 -43.64
CA GLU D 356 -22.72 -8.24 -44.58
C GLU D 356 -21.97 -9.34 -43.90
N GLY D 357 -21.69 -9.12 -42.61
CA GLY D 357 -20.90 -10.07 -41.86
C GLY D 357 -19.47 -9.69 -42.17
N MET D 358 -19.06 -8.58 -41.58
CA MET D 358 -17.71 -8.06 -41.70
C MET D 358 -17.23 -7.60 -40.33
N ILE D 359 -18.14 -7.05 -39.55
CA ILE D 359 -17.84 -6.79 -38.14
C ILE D 359 -18.94 -7.31 -37.21
N THR D 360 -18.57 -7.49 -35.94
CA THR D 360 -19.51 -7.96 -34.93
C THR D 360 -20.27 -6.78 -34.35
N GLU D 361 -21.44 -7.06 -33.80
CA GLU D 361 -22.23 -6.01 -33.19
C GLU D 361 -21.45 -5.23 -32.14
N GLU D 362 -20.73 -5.94 -31.27
CA GLU D 362 -19.86 -5.26 -30.32
C GLU D 362 -19.14 -4.09 -31.00
N GLU D 363 -18.19 -4.45 -31.86
CA GLU D 363 -17.37 -3.48 -32.58
C GLU D 363 -18.27 -2.50 -33.35
N ALA D 364 -19.23 -3.04 -34.11
CA ALA D 364 -20.20 -2.21 -34.84
C ALA D 364 -20.64 -1.03 -33.98
N VAL D 365 -21.20 -1.36 -32.82
CA VAL D 365 -21.52 -0.38 -31.79
C VAL D 365 -20.31 0.47 -31.39
N VAL D 366 -19.20 -0.19 -31.02
CA VAL D 366 -18.05 0.47 -30.38
C VAL D 366 -17.38 1.58 -31.20
N ARG D 367 -17.71 1.65 -32.50
CA ARG D 367 -17.07 2.64 -33.37
C ARG D 367 -17.94 3.86 -33.63
N ILE D 368 -19.26 3.71 -33.43
CA ILE D 368 -20.19 4.83 -33.67
C ILE D 368 -19.89 6.01 -32.78
N GLU D 369 -19.59 7.14 -33.39
CA GLU D 369 -19.34 8.34 -32.61
C GLU D 369 -20.57 8.51 -31.74
N ALA D 370 -20.39 8.37 -30.42
CA ALA D 370 -21.51 8.43 -29.49
C ALA D 370 -22.05 9.85 -29.28
N LYS D 371 -21.16 10.83 -29.16
CA LYS D 371 -21.57 12.24 -28.98
C LYS D 371 -22.13 12.85 -30.29
N SER D 372 -22.11 12.05 -31.35
CA SER D 372 -22.70 12.41 -32.62
C SER D 372 -24.09 11.78 -32.73
N LEU D 373 -24.73 11.54 -31.60
CA LEU D 373 -26.13 11.16 -31.63
C LEU D 373 -27.08 12.37 -31.65
N ASP D 374 -26.66 13.48 -31.06
CA ASP D 374 -27.48 14.70 -31.04
C ASP D 374 -27.76 15.26 -32.44
N GLN D 375 -27.02 14.74 -33.42
CA GLN D 375 -27.33 15.02 -34.81
C GLN D 375 -28.75 14.55 -35.15
N LEU D 376 -29.07 13.34 -34.68
CA LEU D 376 -30.34 12.71 -35.01
C LEU D 376 -31.53 13.58 -34.63
N LEU D 377 -31.37 14.41 -33.60
CA LEU D 377 -32.49 15.21 -33.09
C LEU D 377 -32.69 16.57 -33.77
N HIS D 378 -31.61 17.10 -34.34
CA HIS D 378 -31.64 18.38 -35.05
C HIS D 378 -32.96 18.52 -35.85
N PRO D 379 -33.65 19.66 -35.68
CA PRO D 379 -34.92 19.94 -36.37
C PRO D 379 -34.77 20.03 -37.90
N THR D 380 -35.65 19.30 -38.59
CA THR D 380 -35.67 19.28 -40.04
C THR D 380 -36.53 20.42 -40.59
N PHE D 381 -36.29 20.78 -41.85
CA PHE D 381 -37.17 21.69 -42.55
C PHE D 381 -38.62 21.17 -42.59
N ASN D 382 -39.55 22.11 -42.70
CA ASN D 382 -40.94 21.80 -42.92
C ASN D 382 -41.19 21.73 -44.43
N PRO D 383 -41.88 20.67 -44.90
CA PRO D 383 -42.11 20.35 -46.31
C PRO D 383 -42.93 21.41 -47.06
N ALA D 384 -44.00 21.89 -46.46
CA ALA D 384 -44.72 23.01 -47.04
C ALA D 384 -43.73 24.17 -47.10
N ALA D 385 -43.21 24.52 -45.93
CA ALA D 385 -42.31 25.65 -45.77
C ALA D 385 -41.19 25.64 -46.80
N LEU D 386 -40.68 24.45 -47.07
CA LEU D 386 -39.56 24.28 -48.00
C LEU D 386 -39.97 24.43 -49.47
N LYS D 387 -41.20 24.04 -49.79
CA LYS D 387 -41.73 24.18 -51.15
C LYS D 387 -42.04 25.67 -51.43
N ALA D 388 -42.66 26.33 -50.45
CA ALA D 388 -42.91 27.75 -50.53
C ALA D 388 -41.60 28.53 -50.51
N GLY D 389 -40.49 27.81 -50.25
CA GLY D 389 -39.18 28.42 -50.11
C GLY D 389 -38.63 29.05 -51.38
N GLU D 390 -38.10 30.26 -51.23
CA GLU D 390 -37.71 31.04 -52.39
C GLU D 390 -36.31 30.66 -52.90
N VAL D 391 -36.28 29.70 -53.82
CA VAL D 391 -35.03 29.21 -54.41
C VAL D 391 -34.15 30.36 -54.94
N ILE D 392 -32.88 30.41 -54.53
CA ILE D 392 -32.01 31.50 -54.94
C ILE D 392 -30.69 30.99 -55.54
N GLY D 393 -30.45 29.70 -55.36
CA GLY D 393 -29.25 29.08 -55.89
C GLY D 393 -29.05 27.68 -55.36
N SER D 394 -28.16 26.93 -56.00
CA SER D 394 -27.78 25.61 -55.51
C SER D 394 -26.26 25.38 -55.56
N ALA D 395 -25.83 24.33 -54.86
CA ALA D 395 -24.44 23.93 -54.81
C ALA D 395 -24.45 22.51 -54.28
N LEU D 396 -23.26 21.96 -54.00
CA LEU D 396 -23.18 20.57 -53.56
C LEU D 396 -23.72 20.33 -52.15
N PRO D 397 -24.60 19.33 -52.00
CA PRO D 397 -24.98 18.94 -50.63
C PRO D 397 -23.82 18.26 -49.85
N ALA D 398 -22.89 19.09 -49.36
CA ALA D 398 -21.71 18.58 -48.66
C ALA D 398 -21.90 18.24 -47.17
N SER D 399 -23.03 18.60 -46.59
CA SER D 399 -23.30 18.20 -45.20
C SER D 399 -24.78 18.46 -44.92
N PRO D 400 -25.55 17.39 -44.59
CA PRO D 400 -27.01 17.52 -44.44
C PRO D 400 -27.41 18.48 -43.33
N GLY D 401 -28.73 18.64 -43.17
CA GLY D 401 -29.28 19.44 -42.10
C GLY D 401 -30.09 20.61 -42.61
N ALA D 402 -31.16 20.95 -41.89
CA ALA D 402 -31.93 22.14 -42.20
C ALA D 402 -31.30 23.34 -41.51
N ALA D 403 -30.35 23.97 -42.19
CA ALA D 403 -29.69 25.17 -41.69
C ALA D 403 -30.61 26.39 -41.91
N ALA D 404 -30.54 27.34 -40.98
CA ALA D 404 -31.41 28.51 -40.97
C ALA D 404 -30.86 29.45 -39.90
N GLY D 405 -30.39 30.62 -40.34
CA GLY D 405 -29.78 31.54 -39.39
C GLY D 405 -29.39 32.77 -40.15
N LYS D 406 -28.71 33.69 -39.49
CA LYS D 406 -28.34 34.95 -40.12
C LYS D 406 -26.95 34.81 -40.75
N VAL D 407 -26.57 35.79 -41.58
CA VAL D 407 -25.30 35.73 -42.29
C VAL D 407 -24.14 36.53 -41.67
N TYR D 408 -22.97 35.91 -41.65
CA TYR D 408 -21.72 36.59 -41.30
C TYR D 408 -20.66 36.05 -42.23
N PHE D 409 -19.57 36.79 -42.36
CA PHE D 409 -18.59 36.51 -43.42
C PHE D 409 -17.26 36.10 -42.82
N THR D 410 -17.25 35.90 -41.51
CA THR D 410 -16.06 35.39 -40.82
C THR D 410 -16.48 34.46 -39.69
N ALA D 411 -15.66 33.42 -39.46
CA ALA D 411 -15.90 32.46 -38.39
C ALA D 411 -16.01 33.16 -37.01
N ASP D 412 -15.14 34.15 -36.73
CA ASP D 412 -15.25 34.93 -35.48
C ASP D 412 -16.55 35.72 -35.34
N GLU D 413 -16.86 36.59 -36.30
CA GLU D 413 -18.17 37.25 -36.28
C GLU D 413 -19.31 36.29 -35.91
N ALA D 414 -19.35 35.13 -36.58
CA ALA D 414 -20.40 34.14 -36.35
C ALA D 414 -20.43 33.67 -34.89
N LYS D 415 -19.30 33.18 -34.40
CA LYS D 415 -19.19 32.63 -33.04
C LYS D 415 -19.63 33.66 -31.98
N ALA D 416 -18.98 34.82 -31.99
CA ALA D 416 -19.41 35.98 -31.22
C ALA D 416 -20.92 36.22 -31.38
N ALA D 417 -21.39 36.18 -32.63
CA ALA D 417 -22.79 36.37 -32.92
C ALA D 417 -23.67 35.26 -32.33
N HIS D 418 -23.16 34.03 -32.33
CA HIS D 418 -23.90 32.88 -31.80
C HIS D 418 -23.77 32.83 -30.28
N GLU D 419 -22.65 33.35 -29.77
CA GLU D 419 -22.43 33.47 -28.33
C GLU D 419 -23.52 34.37 -27.74
N LYS D 420 -24.02 35.28 -28.58
CA LYS D 420 -25.09 36.21 -28.20
C LYS D 420 -26.48 35.54 -28.15
N GLY D 421 -26.85 34.82 -29.21
CA GLY D 421 -28.08 34.05 -29.17
C GLY D 421 -28.66 33.75 -30.54
N GLU D 422 -27.90 34.06 -31.57
CA GLU D 422 -28.44 34.01 -32.91
C GLU D 422 -28.06 32.71 -33.58
N ARG D 423 -29.02 32.13 -34.31
CA ARG D 423 -28.78 31.06 -35.26
C ARG D 423 -27.97 31.70 -36.38
N VAL D 424 -26.92 31.03 -36.84
CA VAL D 424 -25.95 31.70 -37.70
C VAL D 424 -25.66 30.94 -38.99
N ILE D 425 -25.33 31.68 -40.03
CA ILE D 425 -24.83 31.09 -41.27
C ILE D 425 -23.47 31.69 -41.64
N LEU D 426 -22.46 30.83 -41.70
CA LEU D 426 -21.15 31.27 -42.14
C LEU D 426 -21.07 31.28 -43.67
N VAL D 427 -20.54 32.36 -44.23
CA VAL D 427 -20.34 32.45 -45.68
C VAL D 427 -18.92 32.84 -46.07
N ARG D 428 -18.11 31.84 -46.40
CA ARG D 428 -16.73 32.06 -46.78
C ARG D 428 -16.61 31.93 -48.29
N LEU D 429 -15.48 32.36 -48.84
CA LEU D 429 -15.24 32.23 -50.27
C LEU D 429 -14.79 30.79 -50.54
N GLU D 430 -14.21 30.18 -49.52
CA GLU D 430 -13.68 28.81 -49.62
C GLU D 430 -14.20 27.93 -48.47
N THR D 431 -13.81 26.66 -48.48
CA THR D 431 -14.29 25.69 -47.49
C THR D 431 -13.12 25.16 -46.68
N SER D 432 -12.58 26.02 -45.82
CA SER D 432 -11.34 25.73 -45.09
C SER D 432 -11.49 25.40 -43.60
N PRO D 433 -10.69 24.43 -43.13
CA PRO D 433 -10.68 24.01 -41.73
C PRO D 433 -10.38 25.16 -40.78
N GLU D 434 -9.84 26.26 -41.31
CA GLU D 434 -9.48 27.40 -40.48
C GLU D 434 -10.70 27.95 -39.79
N ASP D 435 -11.85 27.74 -40.41
CA ASP D 435 -13.10 28.29 -39.91
C ASP D 435 -13.82 27.26 -39.02
N ILE D 436 -13.09 26.70 -38.06
CA ILE D 436 -13.61 25.65 -37.16
C ILE D 436 -14.51 26.19 -36.03
N GLU D 437 -14.11 27.35 -35.49
CA GLU D 437 -14.84 28.07 -34.44
C GLU D 437 -16.27 28.45 -34.85
N GLY D 438 -16.40 28.86 -36.12
CA GLY D 438 -17.64 29.34 -36.69
C GLY D 438 -18.49 28.21 -37.26
N MET D 439 -17.81 27.22 -37.84
CA MET D 439 -18.43 25.94 -38.19
C MET D 439 -19.24 25.41 -37.01
N HIS D 440 -18.61 25.41 -35.83
CA HIS D 440 -19.27 25.05 -34.59
C HIS D 440 -20.50 25.93 -34.30
N ALA D 441 -20.35 27.25 -34.49
CA ALA D 441 -21.42 28.22 -34.23
C ALA D 441 -22.53 28.19 -35.28
N ALA D 442 -22.16 28.31 -36.54
CA ALA D 442 -23.12 28.31 -37.63
C ALA D 442 -24.11 27.12 -37.63
N GLU D 443 -25.28 27.37 -38.20
CA GLU D 443 -26.29 26.34 -38.39
C GLU D 443 -25.87 25.52 -39.62
N GLY D 444 -25.43 26.24 -40.65
CA GLY D 444 -24.92 25.65 -41.87
C GLY D 444 -23.70 26.43 -42.30
N ILE D 445 -23.03 25.97 -43.37
CA ILE D 445 -21.88 26.70 -43.93
C ILE D 445 -22.09 26.88 -45.42
N LEU D 446 -21.85 28.09 -45.92
CA LEU D 446 -21.97 28.36 -47.36
C LEU D 446 -20.67 28.95 -47.90
N THR D 447 -20.12 28.30 -48.93
CA THR D 447 -18.78 28.61 -49.40
C THR D 447 -18.86 28.77 -50.88
N VAL D 448 -18.21 29.79 -51.41
CA VAL D 448 -18.27 30.01 -52.86
C VAL D 448 -17.48 28.95 -53.62
N ARG D 449 -16.43 28.41 -53.01
CA ARG D 449 -15.54 27.43 -53.66
C ARG D 449 -15.20 26.24 -52.76
N GLY D 450 -14.79 25.12 -53.38
CA GLY D 450 -14.44 23.92 -52.64
C GLY D 450 -15.45 22.77 -52.76
N GLY D 451 -14.95 21.54 -52.72
CA GLY D 451 -15.76 20.34 -52.92
C GLY D 451 -16.28 19.71 -51.64
N MET D 452 -17.05 18.65 -51.81
CA MET D 452 -17.68 17.93 -50.70
C MET D 452 -16.67 17.11 -49.90
N THR D 453 -15.39 17.30 -50.22
CA THR D 453 -14.38 16.32 -49.94
C THR D 453 -13.21 16.94 -49.16
N SER D 454 -13.25 18.27 -49.04
CA SER D 454 -12.20 18.99 -48.35
C SER D 454 -12.27 18.68 -46.86
N HIS D 455 -11.16 18.82 -46.14
CA HIS D 455 -11.18 18.45 -44.73
C HIS D 455 -12.27 19.19 -43.98
N ALA D 456 -12.44 20.47 -44.30
CA ALA D 456 -13.53 21.27 -43.72
C ALA D 456 -14.92 20.65 -44.00
N ALA D 457 -15.08 20.10 -45.20
CA ALA D 457 -16.28 19.33 -45.54
C ALA D 457 -16.33 18.04 -44.75
N VAL D 458 -15.18 17.36 -44.68
CA VAL D 458 -15.09 16.11 -43.95
C VAL D 458 -15.37 16.34 -42.45
N VAL D 459 -14.90 17.49 -41.94
CA VAL D 459 -15.13 17.88 -40.54
C VAL D 459 -16.59 18.33 -40.22
N ALA D 460 -17.23 18.97 -41.21
CA ALA D 460 -18.63 19.45 -41.10
C ALA D 460 -19.64 18.32 -40.94
N ARG D 461 -19.43 17.24 -41.68
CA ARG D 461 -20.26 16.05 -41.48
C ARG D 461 -20.01 15.57 -40.05
N GLY D 462 -18.78 15.75 -39.56
CA GLY D 462 -18.42 15.39 -38.20
C GLY D 462 -19.18 16.11 -37.08
N MET D 463 -19.33 17.43 -37.19
CA MET D 463 -20.17 18.21 -36.27
C MET D 463 -21.61 18.39 -36.78
N GLY D 464 -21.97 17.60 -37.79
CA GLY D 464 -23.31 17.60 -38.35
C GLY D 464 -23.79 19.00 -38.66
N THR D 465 -22.83 19.88 -38.95
CA THR D 465 -23.07 21.29 -39.24
C THR D 465 -23.26 21.46 -40.74
N CYS D 466 -24.52 21.44 -41.18
CA CYS D 466 -24.88 21.62 -42.59
C CYS D 466 -23.82 22.40 -43.40
N CYS D 467 -23.60 22.00 -44.65
CA CYS D 467 -22.67 22.71 -45.51
C CYS D 467 -22.91 22.42 -47.00
N VAL D 468 -23.34 23.48 -47.71
CA VAL D 468 -23.53 23.49 -49.16
C VAL D 468 -22.33 24.23 -49.72
N SER D 469 -21.44 23.51 -50.39
CA SER D 469 -20.21 24.13 -50.89
C SER D 469 -20.23 24.23 -52.41
N GLY D 470 -19.32 25.04 -52.95
CA GLY D 470 -19.07 25.05 -54.39
C GLY D 470 -19.94 25.96 -55.23
N CYS D 471 -20.68 26.87 -54.59
CA CYS D 471 -21.65 27.71 -55.30
C CYS D 471 -21.04 28.90 -56.00
N GLY D 472 -20.51 28.68 -57.21
CA GLY D 472 -19.80 29.71 -57.94
C GLY D 472 -20.64 30.93 -58.31
N GLU D 473 -21.95 30.87 -58.08
CA GLU D 473 -22.83 32.00 -58.38
C GLU D 473 -22.60 33.17 -57.43
N ILE D 474 -22.20 32.86 -56.21
CA ILE D 474 -22.03 33.90 -55.20
C ILE D 474 -20.83 34.81 -55.50
N LYS D 475 -21.03 36.12 -55.36
CA LYS D 475 -19.92 37.08 -55.34
C LYS D 475 -19.90 37.70 -53.96
N ILE D 476 -18.87 37.38 -53.17
CA ILE D 476 -18.83 37.92 -51.82
C ILE D 476 -18.20 39.29 -51.82
N ASN D 477 -18.66 40.14 -50.91
CA ASN D 477 -18.06 41.44 -50.70
C ASN D 477 -17.90 41.62 -49.21
N GLU D 478 -16.88 41.00 -48.63
CA GLU D 478 -16.67 41.07 -47.18
C GLU D 478 -16.26 42.48 -46.83
N GLU D 479 -15.57 43.11 -47.78
CA GLU D 479 -15.27 44.54 -47.70
C GLU D 479 -16.55 45.33 -47.37
N ALA D 480 -17.62 45.04 -48.11
CA ALA D 480 -18.95 45.58 -47.84
C ALA D 480 -19.76 44.69 -46.86
N LYS D 481 -19.14 43.61 -46.38
CA LYS D 481 -19.85 42.68 -45.51
C LYS D 481 -21.23 42.29 -46.09
N THR D 482 -21.23 41.91 -47.37
CA THR D 482 -22.43 41.55 -48.10
C THR D 482 -22.06 40.54 -49.21
N PHE D 483 -23.04 39.83 -49.75
CA PHE D 483 -22.80 39.03 -50.98
C PHE D 483 -24.00 39.10 -51.91
N GLU D 484 -23.87 38.55 -53.13
CA GLU D 484 -24.98 38.51 -54.07
C GLU D 484 -25.17 37.12 -54.64
N LEU D 485 -26.37 36.58 -54.48
CA LEU D 485 -26.75 35.34 -55.15
C LEU D 485 -28.15 35.45 -55.74
N GLY D 486 -28.31 35.03 -57.01
CA GLY D 486 -29.58 35.06 -57.70
C GLY D 486 -30.17 36.45 -57.85
N GLY D 487 -31.48 36.55 -57.64
CA GLY D 487 -32.19 37.81 -57.76
C GLY D 487 -31.70 38.92 -56.83
N HIS D 488 -31.38 38.55 -55.60
CA HIS D 488 -31.07 39.53 -54.55
C HIS D 488 -29.59 39.63 -54.09
N THR D 489 -29.34 40.65 -53.26
CA THR D 489 -28.09 40.81 -52.54
C THR D 489 -28.40 40.63 -51.06
N PHE D 490 -27.43 40.12 -50.31
CA PHE D 490 -27.63 39.84 -48.90
C PHE D 490 -26.56 40.56 -48.05
N ALA D 491 -26.91 40.93 -46.83
CA ALA D 491 -25.97 41.66 -45.97
C ALA D 491 -25.93 41.06 -44.57
N GLU D 492 -24.95 41.48 -43.76
CA GLU D 492 -24.77 40.87 -42.45
C GLU D 492 -26.11 40.79 -41.71
N GLY D 493 -26.34 39.66 -41.04
CA GLY D 493 -27.57 39.44 -40.29
C GLY D 493 -28.76 38.96 -41.11
N ASP D 494 -28.67 39.07 -42.43
CA ASP D 494 -29.81 38.73 -43.27
C ASP D 494 -30.07 37.22 -43.34
N TYR D 495 -31.22 36.78 -42.81
CA TYR D 495 -31.58 35.35 -42.86
C TYR D 495 -31.58 34.74 -44.28
N ILE D 496 -31.00 33.55 -44.35
CA ILE D 496 -31.24 32.60 -45.42
C ILE D 496 -31.20 31.21 -44.83
N SER D 497 -31.47 30.22 -45.66
CA SER D 497 -31.42 28.83 -45.24
C SER D 497 -30.60 27.97 -46.23
N LEU D 498 -30.20 26.79 -45.75
CA LEU D 498 -29.51 25.83 -46.59
C LEU D 498 -30.13 24.45 -46.37
N ASP D 499 -30.35 23.76 -47.47
CA ASP D 499 -30.97 22.44 -47.50
C ASP D 499 -29.86 21.41 -47.76
N GLY D 500 -29.14 21.04 -46.70
CA GLY D 500 -27.93 20.22 -46.80
C GLY D 500 -27.98 18.91 -47.58
N SER D 501 -29.18 18.50 -47.98
CA SER D 501 -29.34 17.27 -48.74
C SER D 501 -29.51 17.51 -50.25
N THR D 502 -30.17 18.60 -50.61
CA THR D 502 -30.39 18.96 -52.01
C THR D 502 -29.40 20.01 -52.49
N GLY D 503 -28.53 20.46 -51.59
CA GLY D 503 -27.57 21.50 -51.91
C GLY D 503 -28.20 22.80 -52.39
N LYS D 504 -29.52 22.94 -52.23
CA LYS D 504 -30.19 24.20 -52.60
C LYS D 504 -30.02 25.26 -51.49
N ILE D 505 -30.01 26.53 -51.89
CA ILE D 505 -29.92 27.67 -50.98
C ILE D 505 -31.25 28.46 -51.00
N TYR D 506 -31.71 28.92 -49.83
CA TYR D 506 -32.96 29.68 -49.77
C TYR D 506 -32.86 31.09 -49.17
N LYS D 507 -33.50 32.04 -49.85
CA LYS D 507 -33.73 33.35 -49.28
C LYS D 507 -34.76 33.22 -48.15
N GLY D 508 -34.57 33.97 -47.08
CA GLY D 508 -35.48 33.89 -45.95
C GLY D 508 -35.33 32.67 -45.05
N ASP D 509 -35.78 32.87 -43.81
CA ASP D 509 -35.78 31.88 -42.74
C ASP D 509 -36.84 30.77 -42.91
N ILE D 510 -36.65 29.86 -43.86
CA ILE D 510 -37.60 28.75 -44.08
C ILE D 510 -37.84 27.92 -42.81
N GLU D 511 -39.07 27.48 -42.62
CA GLU D 511 -39.48 26.83 -41.36
C GLU D 511 -38.93 25.43 -41.12
N THR D 512 -38.85 25.08 -39.83
CA THR D 512 -38.26 23.83 -39.38
C THR D 512 -39.35 23.01 -38.67
N GLN D 513 -38.95 21.92 -38.00
CA GLN D 513 -39.91 21.11 -37.26
C GLN D 513 -39.23 19.97 -36.52
N GLU D 514 -40.03 19.20 -35.78
CA GLU D 514 -39.53 18.01 -35.08
C GLU D 514 -38.87 17.03 -36.05
N ALA D 515 -37.74 16.45 -35.66
CA ALA D 515 -37.18 15.34 -36.43
C ALA D 515 -37.76 13.98 -36.00
N SER D 516 -37.43 12.92 -36.74
CA SER D 516 -38.05 11.61 -36.50
C SER D 516 -37.06 10.46 -36.26
N VAL D 517 -37.60 9.25 -36.07
CA VAL D 517 -36.79 8.07 -35.70
C VAL D 517 -36.25 7.25 -36.88
N SER D 518 -34.93 7.27 -37.07
CA SER D 518 -34.27 6.42 -38.06
C SER D 518 -34.59 4.90 -37.96
N GLY D 519 -34.09 4.13 -38.93
CA GLY D 519 -34.15 2.67 -38.87
C GLY D 519 -32.93 2.04 -38.20
N SER D 520 -31.75 2.35 -38.74
CA SER D 520 -30.50 1.87 -38.16
C SER D 520 -30.32 2.32 -36.71
N PHE D 521 -30.85 3.50 -36.39
CA PHE D 521 -30.82 4.03 -35.02
C PHE D 521 -31.47 3.07 -34.04
N GLU D 522 -32.69 2.68 -34.39
CA GLU D 522 -33.49 1.78 -33.54
C GLU D 522 -32.82 0.43 -33.31
N ARG D 523 -32.19 -0.13 -34.35
CA ARG D 523 -31.44 -1.39 -34.22
C ARG D 523 -30.21 -1.26 -33.31
N ILE D 524 -29.34 -0.33 -33.67
CA ILE D 524 -28.15 -0.03 -32.90
C ILE D 524 -28.48 0.21 -31.44
N MET D 525 -29.50 1.03 -31.19
CA MET D 525 -29.98 1.29 -29.83
C MET D 525 -30.33 0.02 -29.06
N VAL D 526 -30.63 -1.05 -29.80
CA VAL D 526 -30.96 -2.35 -29.21
C VAL D 526 -29.70 -3.07 -28.71
N TRP D 527 -28.62 -2.97 -29.49
CA TRP D 527 -27.38 -3.61 -29.12
C TRP D 527 -26.74 -2.71 -28.08
N ALA D 528 -27.21 -1.47 -28.04
CA ALA D 528 -26.70 -0.49 -27.09
C ALA D 528 -27.32 -0.76 -25.73
N ASP D 529 -28.57 -1.19 -25.71
CA ASP D 529 -29.24 -1.46 -24.44
C ASP D 529 -28.86 -2.83 -23.93
N LYS D 530 -28.37 -3.68 -24.82
CA LYS D 530 -27.86 -4.99 -24.45
C LYS D 530 -26.46 -4.90 -23.83
N PHE D 531 -25.58 -4.10 -24.43
CA PHE D 531 -24.17 -4.09 -24.03
C PHE D 531 -23.86 -3.33 -22.75
N ARG D 532 -24.66 -2.33 -22.41
CA ARG D 532 -24.36 -1.49 -21.26
C ARG D 532 -24.82 -2.15 -19.98
N THR D 533 -24.15 -1.78 -18.89
CA THR D 533 -24.58 -2.13 -17.55
C THR D 533 -25.19 -0.89 -16.91
N LEU D 534 -24.58 0.28 -17.17
CA LEU D 534 -25.13 1.54 -16.67
C LEU D 534 -26.62 1.67 -16.92
N LYS D 535 -27.36 2.04 -15.87
CA LYS D 535 -28.74 2.45 -16.07
C LYS D 535 -28.79 3.92 -16.49
N VAL D 536 -29.77 4.27 -17.33
CA VAL D 536 -29.88 5.64 -17.82
C VAL D 536 -31.23 6.35 -17.54
N ARG D 537 -31.18 7.30 -16.61
CA ARG D 537 -32.33 8.19 -16.35
C ARG D 537 -32.12 9.57 -17.01
N THR D 538 -33.03 10.49 -16.71
CA THR D 538 -32.98 11.82 -17.31
C THR D 538 -33.20 12.92 -16.28
N ASN D 539 -32.79 14.14 -16.63
CA ASN D 539 -33.18 15.31 -15.85
C ASN D 539 -34.39 15.94 -16.52
N ALA D 540 -35.52 15.93 -15.83
CA ALA D 540 -36.80 16.36 -16.41
C ALA D 540 -37.86 16.67 -15.33
N ASP D 541 -38.23 17.96 -15.23
CA ASP D 541 -39.14 18.39 -14.18
C ASP D 541 -40.61 18.47 -14.63
N THR D 542 -40.91 17.99 -15.84
CA THR D 542 -42.28 17.93 -16.33
C THR D 542 -42.55 16.68 -17.15
N PRO D 543 -43.83 16.29 -17.25
CA PRO D 543 -44.23 15.06 -17.96
C PRO D 543 -43.98 15.17 -19.45
N GLU D 544 -43.88 16.40 -19.94
CA GLU D 544 -43.61 16.63 -21.34
C GLU D 544 -42.18 16.16 -21.67
N ASP D 545 -41.25 16.43 -20.75
CA ASP D 545 -39.82 16.11 -20.90
C ASP D 545 -39.54 14.68 -20.45
N THR D 546 -40.39 14.20 -19.55
CA THR D 546 -40.40 12.81 -19.21
C THR D 546 -40.84 12.00 -20.44
N LEU D 547 -41.87 12.47 -21.15
CA LEU D 547 -42.33 11.76 -22.33
C LEU D 547 -41.34 11.78 -23.51
N ASN D 548 -40.59 12.87 -23.70
CA ASN D 548 -39.55 12.88 -24.75
C ASN D 548 -38.43 11.96 -24.33
N ALA D 549 -38.18 11.93 -23.04
CA ALA D 549 -37.14 11.10 -22.47
C ALA D 549 -37.48 9.63 -22.65
N VAL D 550 -38.65 9.24 -22.12
CA VAL D 550 -39.05 7.83 -22.11
C VAL D 550 -39.16 7.24 -23.51
N LYS D 551 -39.76 8.01 -24.41
CA LYS D 551 -39.84 7.66 -25.83
C LYS D 551 -38.45 7.47 -26.45
N LEU D 552 -37.44 8.14 -25.84
CA LEU D 552 -36.04 8.06 -26.30
C LEU D 552 -35.19 7.01 -25.58
N GLY D 553 -35.74 6.42 -24.52
CA GLY D 553 -35.07 5.33 -23.81
C GLY D 553 -34.67 5.64 -22.35
N ALA D 554 -34.91 6.88 -21.94
CA ALA D 554 -34.78 7.24 -20.55
C ALA D 554 -35.44 6.19 -19.65
N GLU D 555 -34.73 5.75 -18.62
CA GLU D 555 -35.26 4.70 -17.75
C GLU D 555 -35.96 5.25 -16.51
N GLY D 556 -35.45 6.28 -15.88
CA GLY D 556 -36.27 6.94 -14.88
C GLY D 556 -36.04 8.44 -14.96
N ILE D 557 -35.90 9.09 -13.80
CA ILE D 557 -35.49 10.47 -13.71
C ILE D 557 -34.38 10.61 -12.69
N GLY D 558 -33.22 11.05 -13.17
CA GLY D 558 -32.07 11.23 -12.31
C GLY D 558 -32.05 12.55 -11.56
N LEU D 559 -33.03 13.42 -11.85
CA LEU D 559 -33.09 14.76 -11.26
C LEU D 559 -34.35 15.54 -11.69
N CYS D 560 -35.35 15.59 -10.81
CA CYS D 560 -36.48 16.49 -10.99
C CYS D 560 -36.33 17.68 -10.05
N ARG D 561 -35.84 18.80 -10.59
CA ARG D 561 -35.81 20.09 -9.89
C ARG D 561 -37.24 20.50 -9.52
N THR D 562 -37.39 21.23 -8.41
CA THR D 562 -38.74 21.54 -7.91
C THR D 562 -39.03 23.06 -7.79
N GLU D 563 -38.14 23.87 -8.38
CA GLU D 563 -38.25 25.33 -8.33
C GLU D 563 -39.53 25.92 -8.96
N HIS D 564 -39.95 25.37 -10.09
CA HIS D 564 -41.13 25.89 -10.78
C HIS D 564 -42.38 25.84 -9.90
N MET D 565 -42.46 24.86 -9.01
CA MET D 565 -43.64 24.72 -8.17
C MET D 565 -43.69 25.81 -7.10
N PHE D 566 -42.77 26.78 -7.20
CA PHE D 566 -42.72 27.91 -6.27
C PHE D 566 -42.68 29.24 -7.03
N PHE D 567 -42.26 29.20 -8.28
CA PHE D 567 -42.11 30.39 -9.14
C PHE D 567 -43.39 30.70 -9.90
N GLU D 568 -43.97 29.65 -10.48
CA GLU D 568 -45.15 29.78 -11.30
C GLU D 568 -46.28 30.49 -10.55
N ALA D 569 -47.07 31.27 -11.31
CA ALA D 569 -48.18 32.10 -10.81
C ALA D 569 -48.91 31.63 -9.55
N ASP D 570 -49.52 30.45 -9.64
CA ASP D 570 -50.28 29.91 -8.51
C ASP D 570 -49.42 29.37 -7.35
N ARG D 571 -48.12 29.56 -7.42
CA ARG D 571 -47.24 29.08 -6.37
C ARG D 571 -46.47 30.26 -5.78
N ILE D 572 -46.23 31.24 -6.64
CA ILE D 572 -45.36 32.34 -6.29
C ILE D 572 -45.99 33.25 -5.23
N MET D 573 -47.31 33.32 -5.25
CA MET D 573 -47.99 34.15 -4.29
C MET D 573 -47.83 33.56 -2.90
N LYS D 574 -47.88 32.22 -2.81
CA LYS D 574 -47.74 31.50 -1.54
C LYS D 574 -46.32 31.54 -0.93
N ILE D 575 -45.33 31.09 -1.68
CA ILE D 575 -43.95 31.19 -1.20
C ILE D 575 -43.68 32.54 -0.55
N ARG D 576 -44.00 33.62 -1.27
CA ARG D 576 -43.75 34.99 -0.79
C ARG D 576 -44.56 35.26 0.47
N LYS D 577 -45.83 34.84 0.45
CA LYS D 577 -46.71 34.87 1.63
C LYS D 577 -46.04 34.26 2.87
N MET D 578 -45.21 33.25 2.63
CA MET D 578 -44.44 32.59 3.68
C MET D 578 -43.19 33.38 4.01
N ILE D 579 -42.42 33.72 2.97
CA ILE D 579 -41.22 34.55 3.10
C ILE D 579 -41.51 35.82 3.91
N LEU D 580 -42.74 36.32 3.76
CA LEU D 580 -43.19 37.44 4.58
C LEU D 580 -43.98 36.88 5.77
N SER D 581 -43.26 36.59 6.87
CA SER D 581 -43.87 36.06 8.11
C SER D 581 -42.88 36.06 9.28
N ASP D 582 -43.29 36.69 10.39
CA ASP D 582 -42.49 36.73 11.61
C ASP D 582 -42.60 35.42 12.42
N SER D 583 -43.67 34.66 12.18
CA SER D 583 -43.93 33.43 12.92
C SER D 583 -43.44 32.21 12.14
N VAL D 584 -43.66 31.03 12.71
CA VAL D 584 -43.38 29.75 12.06
C VAL D 584 -44.70 29.11 11.61
N GLU D 585 -45.72 29.27 12.46
CA GLU D 585 -47.09 28.84 12.19
C GLU D 585 -47.61 29.54 10.95
N ALA D 586 -47.27 30.81 10.83
CA ALA D 586 -47.64 31.65 9.71
C ALA D 586 -46.95 31.12 8.47
N ARG D 587 -45.72 30.63 8.69
CA ARG D 587 -44.87 30.11 7.62
C ARG D 587 -45.35 28.76 7.08
N GLU D 588 -45.98 27.95 7.93
CA GLU D 588 -46.49 26.64 7.51
C GLU D 588 -47.84 26.82 6.82
N GLU D 589 -48.68 27.64 7.44
CA GLU D 589 -49.99 28.02 6.95
C GLU D 589 -49.93 28.41 5.46
N ALA D 590 -49.02 29.33 5.15
CA ALA D 590 -48.72 29.66 3.76
C ALA D 590 -48.32 28.38 3.00
N LEU D 591 -47.27 27.72 3.48
CA LEU D 591 -46.73 26.55 2.81
C LEU D 591 -47.78 25.48 2.49
N ASN D 592 -48.56 25.06 3.49
CA ASN D 592 -49.58 24.02 3.27
C ASN D 592 -50.57 24.36 2.15
N GLU D 593 -50.51 25.59 1.66
CA GLU D 593 -51.35 26.01 0.55
C GLU D 593 -50.76 25.48 -0.74
N LEU D 594 -49.46 25.23 -0.74
CA LEU D 594 -48.80 24.73 -1.93
C LEU D 594 -48.89 23.21 -2.01
N ILE D 595 -49.23 22.59 -0.88
CA ILE D 595 -49.43 21.15 -0.84
C ILE D 595 -50.31 20.66 -1.99
N PRO D 596 -51.48 21.32 -2.19
CA PRO D 596 -52.40 20.89 -3.27
C PRO D 596 -51.81 21.11 -4.67
N PHE D 597 -51.19 22.27 -4.91
CA PHE D 597 -50.60 22.54 -6.21
C PHE D 597 -49.55 21.51 -6.56
N GLN D 598 -48.53 21.41 -5.71
CA GLN D 598 -47.36 20.59 -6.01
C GLN D 598 -47.64 19.10 -6.05
N LYS D 599 -48.57 18.65 -5.19
CA LYS D 599 -48.99 17.25 -5.16
C LYS D 599 -49.38 16.73 -6.56
N GLY D 600 -50.24 17.46 -7.27
CA GLY D 600 -50.70 17.05 -8.57
C GLY D 600 -49.69 17.38 -9.67
N ASP D 601 -48.73 18.23 -9.33
CA ASP D 601 -47.60 18.45 -10.22
C ASP D 601 -46.93 17.09 -10.37
N PHE D 602 -46.84 16.36 -9.25
CA PHE D 602 -46.15 15.06 -9.22
C PHE D 602 -46.96 13.96 -9.83
N LYS D 603 -48.20 13.86 -9.37
CA LYS D 603 -49.12 12.86 -9.89
C LYS D 603 -49.03 12.77 -11.41
N ALA D 604 -48.78 13.91 -12.05
CA ALA D 604 -48.52 13.96 -13.50
C ALA D 604 -47.17 13.34 -13.90
N MET D 605 -46.11 13.65 -13.14
CA MET D 605 -44.82 12.97 -13.27
C MET D 605 -45.00 11.46 -13.02
N TYR D 606 -45.67 11.15 -11.91
CA TYR D 606 -45.94 9.77 -11.51
C TYR D 606 -46.82 8.97 -12.49
N LYS D 607 -47.61 9.67 -13.31
CA LYS D 607 -48.38 9.03 -14.35
C LYS D 607 -47.49 8.94 -15.59
N ALA D 608 -46.48 9.80 -15.63
CA ALA D 608 -45.57 9.90 -16.76
C ALA D 608 -44.48 8.82 -16.67
N LEU D 609 -43.93 8.63 -15.47
CA LEU D 609 -42.91 7.62 -15.23
C LEU D 609 -43.46 6.21 -15.38
N GLU D 610 -44.74 6.03 -15.06
CA GLU D 610 -45.40 4.73 -15.18
C GLU D 610 -44.51 3.64 -14.56
N GLY D 611 -44.09 3.83 -13.32
CA GLY D 611 -43.25 2.82 -12.67
C GLY D 611 -41.75 2.98 -12.79
N ARG D 612 -41.29 4.06 -13.42
CA ARG D 612 -39.87 4.33 -13.49
C ARG D 612 -39.48 5.25 -12.34
N PRO D 613 -38.32 5.02 -11.70
CA PRO D 613 -37.98 5.92 -10.58
C PRO D 613 -37.77 7.37 -11.03
N MET D 614 -37.94 8.30 -10.09
CA MET D 614 -37.67 9.69 -10.34
C MET D 614 -37.04 10.27 -9.08
N THR D 615 -35.87 10.90 -9.19
CA THR D 615 -35.23 11.53 -8.02
C THR D 615 -35.69 12.97 -7.83
N VAL D 616 -36.45 13.18 -6.76
CA VAL D 616 -37.05 14.47 -6.46
C VAL D 616 -36.10 15.27 -5.58
N ARG D 617 -35.42 16.23 -6.20
CA ARG D 617 -34.54 17.13 -5.50
C ARG D 617 -35.32 18.26 -4.83
N TYR D 618 -35.13 18.41 -3.53
CA TYR D 618 -35.83 19.44 -2.77
C TYR D 618 -35.41 20.88 -3.19
N LEU D 619 -36.14 21.90 -2.71
CA LEU D 619 -35.83 23.28 -3.10
C LEU D 619 -34.33 23.65 -2.96
N ASP D 620 -33.76 24.18 -4.05
CA ASP D 620 -32.31 24.42 -4.14
C ASP D 620 -31.74 25.85 -3.82
N PRO D 621 -32.43 26.92 -4.26
CA PRO D 621 -31.85 28.27 -4.25
C PRO D 621 -32.18 29.06 -3.00
N PRO D 622 -31.54 30.24 -2.83
CA PRO D 622 -31.87 31.13 -1.70
C PRO D 622 -33.21 31.85 -1.92
N LEU D 623 -33.67 32.57 -0.90
CA LEU D 623 -35.03 33.14 -0.90
C LEU D 623 -35.15 34.46 -1.66
N HIS D 624 -34.09 35.26 -1.62
CA HIS D 624 -34.03 36.48 -2.41
C HIS D 624 -34.49 36.23 -3.86
N GLU D 625 -34.49 34.95 -4.27
CA GLU D 625 -34.81 34.58 -5.66
C GLU D 625 -36.30 34.70 -6.00
N PHE D 626 -37.16 34.41 -5.02
CA PHE D 626 -38.61 34.43 -5.24
C PHE D 626 -39.30 35.79 -4.99
N VAL D 627 -38.76 36.56 -4.05
CA VAL D 627 -39.20 37.95 -3.84
C VAL D 627 -39.06 38.77 -5.13
N PRO D 628 -39.91 39.81 -5.27
CA PRO D 628 -39.91 40.70 -6.44
C PRO D 628 -38.73 41.66 -6.35
N HIS D 629 -38.31 42.20 -7.49
CA HIS D 629 -37.08 42.98 -7.54
C HIS D 629 -37.28 44.47 -7.85
N THR D 630 -38.41 44.80 -8.48
CA THR D 630 -38.70 46.19 -8.83
C THR D 630 -39.70 46.82 -7.84
N GLU D 631 -39.45 48.07 -7.44
CA GLU D 631 -40.38 48.84 -6.61
C GLU D 631 -41.80 48.60 -7.13
N GLU D 632 -41.95 48.71 -8.45
CA GLU D 632 -43.19 48.37 -9.13
C GLU D 632 -43.71 47.01 -8.66
N GLU D 633 -42.86 46.00 -8.81
CA GLU D 633 -43.16 44.63 -8.40
C GLU D 633 -43.30 44.51 -6.89
N GLN D 634 -42.42 45.20 -6.17
CA GLN D 634 -42.31 45.14 -4.71
C GLN D 634 -43.51 45.78 -4.00
N ALA D 635 -43.90 46.96 -4.48
CA ALA D 635 -45.10 47.65 -4.01
C ALA D 635 -46.33 46.81 -4.33
N GLU D 636 -46.54 46.53 -5.62
CA GLU D 636 -47.64 45.68 -6.02
C GLU D 636 -47.85 44.63 -4.93
N LEU D 637 -46.73 44.04 -4.50
CA LEU D 637 -46.73 42.99 -3.50
C LEU D 637 -46.87 43.55 -2.07
N ALA D 638 -46.04 44.56 -1.75
CA ALA D 638 -46.09 45.19 -0.44
C ALA D 638 -47.54 45.40 0.02
N LYS D 639 -48.31 46.04 -0.84
CA LYS D 639 -49.75 46.17 -0.60
C LYS D 639 -50.47 44.82 -0.61
N ASN D 640 -50.17 43.99 -1.61
CA ASN D 640 -50.81 42.67 -1.77
C ASN D 640 -50.90 41.80 -0.49
N MET D 641 -50.35 42.29 0.62
CA MET D 641 -50.23 41.51 1.85
C MET D 641 -50.56 42.32 3.13
N GLY D 642 -50.72 43.62 2.96
CA GLY D 642 -51.07 44.49 4.07
C GLY D 642 -49.86 45.32 4.47
N LEU D 643 -48.69 44.82 4.09
CA LEU D 643 -47.42 45.43 4.47
C LEU D 643 -47.08 46.73 3.72
N THR D 644 -46.34 47.60 4.40
CA THR D 644 -45.74 48.78 3.77
C THR D 644 -44.59 48.31 2.87
N LEU D 645 -44.47 48.90 1.67
CA LEU D 645 -43.34 48.62 0.80
C LEU D 645 -42.00 48.97 1.47
N ALA D 646 -42.06 49.46 2.71
CA ALA D 646 -40.84 49.68 3.48
C ALA D 646 -40.35 48.34 4.01
N GLU D 647 -41.16 47.72 4.86
CA GLU D 647 -40.82 46.42 5.44
C GLU D 647 -40.69 45.33 4.36
N VAL D 648 -41.49 45.41 3.30
CA VAL D 648 -41.38 44.46 2.19
C VAL D 648 -40.05 44.61 1.42
N LYS D 649 -39.56 45.84 1.31
CA LYS D 649 -38.28 46.10 0.65
C LYS D 649 -37.15 46.09 1.69
N ALA D 650 -37.53 46.10 2.97
CA ALA D 650 -36.57 45.94 4.05
C ALA D 650 -36.32 44.44 4.28
N LYS D 651 -37.14 43.62 3.63
CA LYS D 651 -37.06 42.16 3.69
C LYS D 651 -36.19 41.62 2.55
N VAL D 652 -36.51 42.05 1.33
CA VAL D 652 -35.75 41.69 0.12
C VAL D 652 -34.30 42.18 0.19
N ASP D 653 -34.00 43.06 1.13
CA ASP D 653 -32.62 43.52 1.26
C ASP D 653 -31.87 42.67 2.28
N GLU D 654 -32.62 42.09 3.21
CA GLU D 654 -32.04 41.23 4.23
C GLU D 654 -31.74 39.84 3.64
N LEU D 655 -32.34 39.55 2.49
CA LEU D 655 -32.22 38.25 1.85
C LEU D 655 -31.22 38.30 0.69
N HIS D 656 -30.64 39.46 0.48
CA HIS D 656 -29.69 39.64 -0.61
C HIS D 656 -28.29 39.14 -0.21
N GLU D 657 -27.63 38.42 -1.11
CA GLU D 657 -26.31 37.85 -0.82
C GLU D 657 -25.27 38.33 -1.83
N PHE D 658 -24.04 38.52 -1.36
CA PHE D 658 -22.91 38.81 -2.23
C PHE D 658 -22.73 37.66 -3.24
N ASN D 659 -22.48 36.46 -2.71
CA ASN D 659 -22.32 35.25 -3.54
C ASN D 659 -23.46 34.24 -3.33
N PRO D 660 -24.61 34.48 -3.97
CA PRO D 660 -25.83 33.68 -3.71
C PRO D 660 -25.62 32.20 -3.96
N MET D 661 -24.62 31.86 -4.79
CA MET D 661 -24.28 30.48 -5.15
C MET D 661 -24.03 29.66 -3.90
N MET D 662 -23.58 30.34 -2.86
CA MET D 662 -23.33 29.70 -1.58
C MET D 662 -23.91 30.50 -0.41
N GLY D 663 -25.21 30.76 -0.47
CA GLY D 663 -25.90 31.47 0.60
C GLY D 663 -26.87 30.55 1.35
N HIS D 664 -27.78 31.16 2.11
CA HIS D 664 -28.80 30.39 2.81
C HIS D 664 -29.73 29.64 1.83
N ARG D 665 -29.26 28.49 1.35
CA ARG D 665 -29.93 27.76 0.27
C ARG D 665 -29.78 26.24 0.37
N GLY D 666 -30.80 25.53 -0.10
CA GLY D 666 -30.77 24.09 -0.09
C GLY D 666 -30.78 23.53 1.32
N CYS D 667 -30.26 22.32 1.47
CA CYS D 667 -30.12 21.69 2.77
C CYS D 667 -29.96 22.69 3.92
N ARG D 668 -29.08 23.69 3.77
CA ARG D 668 -28.87 24.73 4.78
C ARG D 668 -30.16 25.47 5.16
N LEU D 669 -30.87 25.97 4.15
CA LEU D 669 -32.16 26.63 4.35
C LEU D 669 -33.18 25.66 4.97
N ALA D 670 -33.01 24.37 4.70
CA ALA D 670 -33.89 23.35 5.27
C ALA D 670 -33.61 23.18 6.75
N VAL D 671 -32.35 23.35 7.13
CA VAL D 671 -31.97 23.23 8.53
C VAL D 671 -32.62 24.37 9.33
N THR D 672 -32.76 25.54 8.70
CA THR D 672 -33.50 26.64 9.33
C THR D 672 -35.02 26.64 9.00
N TYR D 673 -35.41 26.05 7.85
CA TYR D 673 -36.83 26.02 7.47
C TYR D 673 -37.42 24.63 7.12
N PRO D 674 -37.57 23.75 8.13
CA PRO D 674 -38.10 22.40 7.91
C PRO D 674 -39.54 22.40 7.46
N GLU D 675 -40.18 23.57 7.39
CA GLU D 675 -41.59 23.68 7.01
C GLU D 675 -41.65 23.25 5.56
N ILE D 676 -40.53 23.50 4.91
CA ILE D 676 -40.38 23.34 3.48
C ILE D 676 -40.30 21.87 3.13
N ALA D 677 -39.29 21.20 3.71
CA ALA D 677 -39.15 19.75 3.58
C ALA D 677 -40.40 19.00 4.04
N LYS D 678 -40.99 19.47 5.15
CA LYS D 678 -42.23 18.92 5.66
C LYS D 678 -43.30 18.97 4.58
N MET D 679 -43.49 20.17 4.02
CA MET D 679 -44.47 20.37 2.94
C MET D 679 -44.14 19.49 1.72
N GLN D 680 -42.98 19.77 1.10
CA GLN D 680 -42.48 19.01 -0.04
C GLN D 680 -42.72 17.51 0.07
N THR D 681 -42.49 16.98 1.27
CA THR D 681 -42.62 15.55 1.47
C THR D 681 -44.07 15.09 1.48
N ARG D 682 -44.93 15.82 2.19
CA ARG D 682 -46.33 15.44 2.21
C ARG D 682 -46.84 15.40 0.76
N ALA D 683 -46.30 16.30 -0.05
CA ALA D 683 -46.66 16.42 -1.47
C ALA D 683 -46.27 15.20 -2.31
N VAL D 684 -44.97 14.90 -2.36
CA VAL D 684 -44.48 13.69 -3.01
C VAL D 684 -45.21 12.43 -2.48
N MET D 685 -45.26 12.30 -1.16
CA MET D 685 -45.85 11.13 -0.52
C MET D 685 -47.34 10.87 -0.84
N GLU D 686 -48.17 11.91 -0.75
CA GLU D 686 -49.58 11.80 -1.15
C GLU D 686 -49.69 11.42 -2.66
N ALA D 687 -49.16 12.27 -3.52
CA ALA D 687 -49.06 11.96 -4.94
C ALA D 687 -48.70 10.50 -5.18
N ALA D 688 -47.50 10.07 -4.80
CA ALA D 688 -47.08 8.68 -5.02
C ALA D 688 -47.99 7.62 -4.38
N ILE D 689 -48.37 7.79 -3.13
CA ILE D 689 -49.30 6.86 -2.52
C ILE D 689 -50.53 6.73 -3.41
N GLU D 690 -51.10 7.88 -3.78
CA GLU D 690 -52.32 7.93 -4.57
C GLU D 690 -52.15 7.46 -6.00
N VAL D 691 -51.14 7.95 -6.72
CA VAL D 691 -50.97 7.48 -8.09
C VAL D 691 -50.70 5.96 -8.17
N LYS D 692 -49.94 5.42 -7.21
CA LYS D 692 -49.79 3.96 -7.13
C LYS D 692 -51.13 3.27 -6.88
N GLU D 693 -52.02 3.97 -6.18
CA GLU D 693 -53.36 3.46 -5.84
C GLU D 693 -54.26 3.39 -7.08
N GLU D 694 -54.14 4.40 -7.94
CA GLU D 694 -54.95 4.53 -9.15
C GLU D 694 -54.49 3.58 -10.23
N THR D 695 -53.23 3.74 -10.65
CA THR D 695 -52.57 2.89 -11.65
C THR D 695 -52.34 1.45 -11.17
N GLY D 696 -52.28 1.27 -9.85
CA GLY D 696 -52.04 -0.04 -9.29
C GLY D 696 -50.64 -0.52 -9.61
N ILE D 697 -49.68 0.40 -9.56
CA ILE D 697 -48.35 0.12 -10.09
C ILE D 697 -47.25 0.75 -9.26
N ASP D 698 -46.53 -0.09 -8.50
CA ASP D 698 -45.64 0.39 -7.43
C ASP D 698 -44.73 1.59 -7.79
N ILE D 699 -44.51 2.47 -6.81
CA ILE D 699 -43.67 3.66 -6.95
C ILE D 699 -42.72 3.75 -5.77
N VAL D 700 -41.42 3.86 -6.02
CA VAL D 700 -40.47 3.98 -4.90
C VAL D 700 -39.79 5.39 -4.87
N PRO D 701 -40.46 6.35 -4.22
CA PRO D 701 -40.00 7.74 -4.06
C PRO D 701 -38.54 7.88 -3.64
N GLU D 702 -37.84 8.76 -4.35
CA GLU D 702 -36.43 9.06 -4.11
C GLU D 702 -36.22 10.52 -3.80
N ILE D 703 -35.91 10.80 -2.53
CA ILE D 703 -35.80 12.17 -2.07
C ILE D 703 -34.36 12.54 -1.72
N MET D 704 -33.74 13.37 -2.54
CA MET D 704 -32.40 13.81 -2.20
C MET D 704 -32.37 15.25 -1.72
N ILE D 705 -31.60 15.47 -0.65
CA ILE D 705 -31.34 16.81 -0.15
C ILE D 705 -30.17 17.37 -0.95
N PRO D 706 -30.29 18.63 -1.40
CA PRO D 706 -29.23 19.30 -2.17
C PRO D 706 -28.16 19.97 -1.29
N LEU D 707 -26.95 20.13 -1.84
CA LEU D 707 -25.88 20.90 -1.18
C LEU D 707 -25.63 20.48 0.28
N VAL D 708 -25.24 19.23 0.48
CA VAL D 708 -24.88 18.76 1.82
C VAL D 708 -23.37 18.63 1.97
N GLY D 709 -22.87 18.80 3.20
CA GLY D 709 -21.44 18.78 3.50
C GLY D 709 -21.02 18.17 4.84
N GLU D 710 -21.93 18.21 5.82
CA GLU D 710 -21.74 17.56 7.13
C GLU D 710 -22.79 16.46 7.35
N LYS D 711 -22.38 15.36 8.02
CA LYS D 711 -23.29 14.23 8.21
C LYS D 711 -24.50 14.64 9.08
N LYS D 712 -24.19 15.31 10.19
CA LYS D 712 -25.20 15.79 11.14
C LYS D 712 -26.13 16.83 10.50
N GLU D 713 -25.67 17.42 9.39
CA GLU D 713 -26.41 18.43 8.63
C GLU D 713 -27.41 17.74 7.71
N LEU D 714 -26.99 16.63 7.10
CA LEU D 714 -27.94 15.80 6.40
C LEU D 714 -28.92 15.22 7.42
N LYS D 715 -28.41 14.34 8.28
CA LYS D 715 -29.18 13.66 9.33
C LYS D 715 -30.34 14.49 9.92
N PHE D 716 -30.08 15.79 10.12
CA PHE D 716 -31.11 16.74 10.56
C PHE D 716 -32.35 16.75 9.66
N VAL D 717 -32.13 17.07 8.38
CA VAL D 717 -33.18 17.10 7.35
C VAL D 717 -33.86 15.73 7.11
N LYS D 718 -33.03 14.70 6.90
CA LYS D 718 -33.48 13.34 6.74
C LYS D 718 -34.53 13.00 7.80
N ASP D 719 -34.18 13.20 9.08
CA ASP D 719 -35.14 12.92 10.16
C ASP D 719 -36.46 13.60 9.88
N VAL D 720 -36.43 14.91 9.67
CA VAL D 720 -37.63 15.67 9.38
C VAL D 720 -38.46 14.94 8.34
N VAL D 721 -37.81 14.67 7.21
CA VAL D 721 -38.45 14.08 6.04
C VAL D 721 -39.11 12.75 6.36
N VAL D 722 -38.45 11.96 7.20
CA VAL D 722 -38.95 10.63 7.58
C VAL D 722 -40.25 10.73 8.38
N GLU D 723 -40.28 11.71 9.30
CA GLU D 723 -41.47 11.98 10.12
C GLU D 723 -42.74 12.30 9.30
N VAL D 724 -42.64 13.15 8.27
CA VAL D 724 -43.77 13.40 7.35
C VAL D 724 -44.04 12.15 6.50
N ALA D 725 -43.01 11.70 5.78
CA ALA D 725 -43.02 10.41 5.07
C ALA D 725 -43.79 9.32 5.85
N GLU D 726 -43.61 9.26 7.16
CA GLU D 726 -44.36 8.28 7.95
C GLU D 726 -45.82 8.68 8.19
N GLN D 727 -46.01 9.88 8.75
CA GLN D 727 -47.32 10.48 9.01
C GLN D 727 -48.26 10.33 7.80
N VAL D 728 -47.74 10.68 6.61
CA VAL D 728 -48.48 10.58 5.37
C VAL D 728 -48.96 9.15 5.19
N LYS D 729 -47.99 8.22 5.22
CA LYS D 729 -48.22 6.78 5.07
C LYS D 729 -49.24 6.25 6.08
N LYS D 730 -49.15 6.72 7.32
CA LYS D 730 -50.12 6.37 8.35
C LYS D 730 -51.51 6.91 7.97
N GLU D 731 -51.56 8.20 7.62
CA GLU D 731 -52.80 8.85 7.23
C GLU D 731 -53.53 8.13 6.08
N LYS D 732 -52.77 7.71 5.07
CA LYS D 732 -53.36 7.05 3.91
C LYS D 732 -53.27 5.54 4.03
N GLY D 733 -52.99 5.06 5.23
CA GLY D 733 -52.99 3.62 5.47
C GLY D 733 -51.89 2.82 4.77
N SER D 734 -50.90 3.53 4.23
CA SER D 734 -49.98 2.95 3.25
C SER D 734 -48.65 2.42 3.79
N ASP D 735 -48.17 1.31 3.19
CA ASP D 735 -46.78 0.89 3.36
C ASP D 735 -45.98 1.11 2.09
N MET D 736 -45.69 2.35 1.76
CA MET D 736 -44.85 2.58 0.58
C MET D 736 -43.41 2.87 0.95
N GLN D 737 -42.50 2.32 0.15
CA GLN D 737 -41.09 2.42 0.43
C GLN D 737 -40.54 3.64 -0.28
N TYR D 738 -39.78 4.45 0.46
CA TYR D 738 -39.12 5.62 -0.12
C TYR D 738 -37.66 5.57 0.29
N HIS D 739 -36.86 6.44 -0.32
CA HIS D 739 -35.43 6.51 -0.03
C HIS D 739 -34.97 7.95 -0.01
N ILE D 740 -34.36 8.34 1.10
CA ILE D 740 -33.83 9.67 1.21
C ILE D 740 -32.31 9.62 1.09
N GLY D 741 -31.81 9.79 -0.13
CA GLY D 741 -30.39 9.93 -0.34
C GLY D 741 -30.01 11.40 -0.46
N THR D 742 -28.72 11.66 -0.72
CA THR D 742 -28.21 13.02 -0.79
C THR D 742 -27.47 13.29 -2.09
N MET D 743 -27.23 14.56 -2.35
CA MET D 743 -26.54 14.94 -3.57
C MET D 743 -25.10 15.38 -3.27
N ILE D 744 -24.22 15.19 -4.25
CA ILE D 744 -22.81 15.48 -4.05
C ILE D 744 -22.34 16.61 -4.97
N GLU D 745 -22.00 17.76 -4.38
CA GLU D 745 -21.65 18.96 -5.15
C GLU D 745 -20.96 19.96 -4.23
N ILE D 746 -21.08 19.72 -2.94
CA ILE D 746 -20.16 20.35 -1.99
C ILE D 746 -18.94 19.43 -1.90
N PRO D 747 -17.74 19.98 -2.14
CA PRO D 747 -16.53 19.14 -2.10
C PRO D 747 -16.38 18.36 -0.78
N ARG D 748 -16.78 18.97 0.33
CA ARG D 748 -16.60 18.37 1.65
C ARG D 748 -17.34 17.06 1.78
N ALA D 749 -18.35 16.89 0.93
CA ALA D 749 -19.19 15.71 0.95
C ALA D 749 -18.43 14.55 0.31
N ALA D 750 -17.59 14.89 -0.67
CA ALA D 750 -16.71 13.92 -1.32
C ALA D 750 -15.63 13.50 -0.33
N LEU D 751 -15.03 14.51 0.30
CA LEU D 751 -14.00 14.30 1.30
C LEU D 751 -14.39 13.37 2.46
N THR D 752 -15.62 13.48 2.95
CA THR D 752 -16.04 12.72 4.13
C THR D 752 -17.21 11.79 3.81
N ALA D 753 -17.30 11.37 2.55
CA ALA D 753 -18.33 10.42 2.11
C ALA D 753 -18.61 9.25 3.09
N ASP D 754 -17.56 8.61 3.59
CA ASP D 754 -17.75 7.50 4.52
C ASP D 754 -18.72 7.91 5.62
N ALA D 755 -18.65 9.17 6.01
CA ALA D 755 -19.53 9.73 7.05
C ALA D 755 -20.95 9.97 6.53
N ILE D 756 -21.05 10.63 5.37
CA ILE D 756 -22.35 10.96 4.78
C ILE D 756 -23.24 9.73 4.55
N ALA D 757 -22.58 8.61 4.25
CA ALA D 757 -23.25 7.36 3.90
C ALA D 757 -23.97 6.66 5.07
N GLU D 758 -23.60 7.00 6.31
CA GLU D 758 -24.27 6.40 7.45
C GLU D 758 -25.72 6.83 7.44
N GLU D 759 -25.98 7.88 6.64
CA GLU D 759 -27.28 8.54 6.62
C GLU D 759 -27.97 8.49 5.22
N ALA D 760 -27.26 8.96 4.20
CA ALA D 760 -27.72 8.92 2.81
C ALA D 760 -28.03 7.51 2.30
N GLU D 761 -29.21 7.31 1.70
CA GLU D 761 -29.59 5.98 1.19
C GLU D 761 -29.25 5.79 -0.29
N PHE D 762 -28.69 6.84 -0.90
CA PHE D 762 -28.19 6.81 -2.29
C PHE D 762 -27.39 8.06 -2.55
N PHE D 763 -26.36 7.96 -3.39
CA PHE D 763 -25.61 9.13 -3.78
C PHE D 763 -26.13 9.73 -5.08
N SER D 764 -25.68 10.95 -5.34
CA SER D 764 -26.04 11.68 -6.55
C SER D 764 -25.14 12.89 -6.81
N PHE D 765 -24.13 12.68 -7.62
CA PHE D 765 -23.22 13.77 -7.92
C PHE D 765 -23.88 14.81 -8.81
N GLY D 766 -24.07 16.00 -8.26
CA GLY D 766 -24.42 17.14 -9.07
C GLY D 766 -23.09 17.75 -9.45
N THR D 767 -22.52 17.27 -10.55
CA THR D 767 -21.09 17.47 -10.81
C THR D 767 -20.72 18.79 -11.44
N ASN D 768 -21.72 19.52 -11.95
CA ASN D 768 -21.49 20.88 -12.45
C ASN D 768 -21.42 21.88 -11.31
N ASP D 769 -22.19 21.62 -10.26
CA ASP D 769 -22.09 22.36 -9.02
C ASP D 769 -20.88 21.91 -8.19
N LEU D 770 -20.49 20.65 -8.41
CA LEU D 770 -19.28 20.09 -7.82
C LEU D 770 -18.10 20.68 -8.55
N THR D 771 -18.18 20.67 -9.90
CA THR D 771 -17.14 21.23 -10.76
C THR D 771 -16.84 22.66 -10.39
N GLN D 772 -17.86 23.38 -9.90
CA GLN D 772 -17.76 24.81 -9.56
C GLN D 772 -16.93 25.15 -8.30
N MET D 773 -17.33 24.66 -7.13
CA MET D 773 -16.52 24.87 -5.93
C MET D 773 -15.09 24.30 -6.06
N THR D 774 -15.01 23.15 -6.75
CA THR D 774 -13.76 22.42 -6.97
C THR D 774 -12.67 23.27 -7.65
N PHE D 775 -13.10 24.11 -8.60
CA PHE D 775 -12.19 24.94 -9.40
C PHE D 775 -12.18 26.35 -8.82
N GLY D 776 -13.11 26.60 -7.91
CA GLY D 776 -13.26 27.90 -7.27
C GLY D 776 -13.73 29.02 -8.16
N PHE D 777 -14.64 28.68 -9.07
CA PHE D 777 -15.28 29.69 -9.92
C PHE D 777 -16.68 29.33 -10.43
N SER D 778 -17.47 30.37 -10.76
CA SER D 778 -18.86 30.20 -11.17
C SER D 778 -19.01 29.95 -12.68
N ARG D 779 -20.03 29.18 -13.05
CA ARG D 779 -20.24 28.78 -14.45
C ARG D 779 -20.62 29.92 -15.40
N ASP D 780 -21.56 30.77 -14.99
CA ASP D 780 -22.04 31.86 -15.86
C ASP D 780 -21.06 33.04 -15.93
N ASP D 781 -20.10 33.07 -15.00
CA ASP D 781 -19.04 34.09 -14.99
C ASP D 781 -17.78 33.67 -15.75
N ALA D 782 -17.76 32.44 -16.27
CA ALA D 782 -16.52 31.81 -16.75
C ALA D 782 -16.09 32.17 -18.18
N GLY D 783 -17.05 32.58 -19.01
CA GLY D 783 -16.77 32.98 -20.38
C GLY D 783 -15.71 34.07 -20.53
N LYS D 784 -15.71 35.04 -19.61
CA LYS D 784 -14.79 36.18 -19.70
C LYS D 784 -13.30 35.78 -19.75
N PHE D 785 -12.96 34.62 -19.17
CA PHE D 785 -11.57 34.12 -19.27
C PHE D 785 -11.49 32.71 -19.80
N LEU D 786 -12.63 32.01 -19.83
CA LEU D 786 -12.61 30.60 -20.22
C LEU D 786 -11.93 30.41 -21.54
N ASP D 787 -12.35 31.17 -22.54
CA ASP D 787 -11.83 30.98 -23.89
C ASP D 787 -10.34 31.28 -24.05
N SER D 788 -9.83 32.24 -23.27
CA SER D 788 -8.40 32.55 -23.28
C SER D 788 -7.58 31.42 -22.67
N TYR D 789 -8.20 30.70 -21.74
CA TYR D 789 -7.61 29.52 -21.12
C TYR D 789 -7.43 28.36 -22.12
N TYR D 790 -8.44 28.14 -22.97
CA TYR D 790 -8.36 27.15 -24.05
C TYR D 790 -7.21 27.44 -25.04
N LYS D 791 -7.15 28.68 -25.52
CA LYS D 791 -6.14 29.06 -26.50
C LYS D 791 -4.74 28.75 -26.00
N ALA D 792 -4.43 29.21 -24.79
CA ALA D 792 -3.15 28.92 -24.14
C ALA D 792 -3.01 27.40 -23.91
N LYS D 793 -4.11 26.68 -24.07
CA LYS D 793 -4.13 25.24 -23.87
C LYS D 793 -4.15 24.92 -22.38
N ILE D 794 -4.20 25.98 -21.57
CA ILE D 794 -4.36 25.85 -20.14
C ILE D 794 -5.48 24.83 -19.94
N TYR D 795 -6.61 25.10 -20.56
CA TYR D 795 -7.72 24.14 -20.57
C TYR D 795 -7.80 23.39 -21.91
N GLU D 796 -7.80 22.06 -21.85
CA GLU D 796 -7.91 21.25 -23.05
C GLU D 796 -9.35 20.88 -23.27
N SER D 797 -10.13 20.89 -22.20
CA SER D 797 -11.57 20.79 -22.37
C SER D 797 -12.32 21.71 -21.41
N ASP D 798 -13.59 21.96 -21.70
CA ASP D 798 -14.41 22.80 -20.84
C ASP D 798 -15.01 22.02 -19.66
N PRO D 799 -14.66 22.45 -18.43
CA PRO D 799 -14.90 21.66 -17.22
C PRO D 799 -16.38 21.56 -16.89
N PHE D 800 -17.23 22.11 -17.75
CA PHE D 800 -18.68 22.14 -17.53
C PHE D 800 -19.47 21.26 -18.48
N ALA D 801 -18.94 21.05 -19.68
CA ALA D 801 -19.49 20.06 -20.58
C ALA D 801 -18.76 18.72 -20.46
N ARG D 802 -17.54 18.73 -19.94
CA ARG D 802 -16.69 17.54 -19.98
C ARG D 802 -16.06 17.32 -18.59
N LEU D 803 -16.64 16.40 -17.81
CA LEU D 803 -16.23 16.24 -16.41
C LEU D 803 -14.72 16.14 -16.24
N ASP D 804 -14.17 17.04 -15.41
CA ASP D 804 -12.73 17.12 -15.14
C ASP D 804 -12.28 15.92 -14.34
N GLN D 805 -11.93 14.84 -15.04
CA GLN D 805 -11.48 13.61 -14.40
C GLN D 805 -10.29 13.79 -13.47
N THR D 806 -9.43 14.77 -13.76
CA THR D 806 -8.21 14.96 -12.98
C THR D 806 -8.47 15.46 -11.54
N GLY D 807 -9.23 16.53 -11.38
CA GLY D 807 -9.46 17.09 -10.06
C GLY D 807 -10.84 16.77 -9.50
N VAL D 808 -11.87 17.15 -10.27
CA VAL D 808 -13.24 16.87 -9.86
C VAL D 808 -13.43 15.34 -9.93
N GLY D 809 -12.53 14.69 -10.67
CA GLY D 809 -12.53 13.24 -10.74
C GLY D 809 -12.23 12.64 -9.38
N GLN D 810 -11.06 12.99 -8.82
CA GLN D 810 -10.63 12.40 -7.54
C GLN D 810 -11.73 12.50 -6.47
N LEU D 811 -12.41 13.65 -6.41
CA LEU D 811 -13.45 13.90 -5.41
C LEU D 811 -14.64 12.98 -5.66
N VAL D 812 -14.99 12.80 -6.92
CA VAL D 812 -16.04 11.83 -7.23
C VAL D 812 -15.54 10.45 -6.76
N GLU D 813 -14.27 10.13 -7.01
CA GLU D 813 -13.80 8.79 -6.72
C GLU D 813 -13.72 8.48 -5.22
N MET D 814 -13.47 9.53 -4.42
CA MET D 814 -13.37 9.39 -2.97
C MET D 814 -14.75 9.18 -2.45
N ALA D 815 -15.70 9.62 -3.28
CA ALA D 815 -17.11 9.61 -2.92
C ALA D 815 -17.69 8.21 -2.97
N VAL D 816 -17.59 7.54 -4.11
CA VAL D 816 -18.11 6.18 -4.21
C VAL D 816 -17.30 5.22 -3.36
N LYS D 817 -15.99 5.47 -3.29
CA LYS D 817 -15.07 4.72 -2.44
C LYS D 817 -15.38 4.86 -0.94
N LYS D 818 -15.17 6.05 -0.40
CA LYS D 818 -15.32 6.27 1.05
C LYS D 818 -16.75 6.05 1.45
N GLY D 819 -17.65 6.35 0.52
CA GLY D 819 -19.08 6.28 0.76
C GLY D 819 -19.58 4.86 0.90
N ARG D 820 -19.03 3.98 0.06
CA ARG D 820 -19.48 2.61 0.10
C ARG D 820 -18.88 1.84 1.29
N GLN D 821 -17.63 2.20 1.62
CA GLN D 821 -17.02 1.74 2.86
C GLN D 821 -18.12 1.55 3.91
N THR D 822 -18.73 2.64 4.37
CA THR D 822 -19.72 2.54 5.46
C THR D 822 -21.08 1.99 5.04
N ARG D 823 -21.43 2.15 3.76
CA ARG D 823 -22.72 1.62 3.26
C ARG D 823 -22.57 0.75 1.99
N PRO D 824 -22.00 -0.46 2.10
CA PRO D 824 -21.62 -1.27 0.93
C PRO D 824 -22.50 -1.19 -0.33
N GLY D 825 -23.81 -1.42 -0.23
CA GLY D 825 -24.66 -1.43 -1.40
C GLY D 825 -25.21 -0.08 -1.87
N LEU D 826 -24.57 1.01 -1.44
CA LEU D 826 -25.06 2.38 -1.63
C LEU D 826 -25.11 2.85 -3.08
N LYS D 827 -26.29 3.33 -3.48
CA LYS D 827 -26.58 3.68 -4.88
C LYS D 827 -26.06 5.06 -5.28
N CYS D 828 -25.32 5.11 -6.38
CA CYS D 828 -24.65 6.34 -6.80
C CYS D 828 -24.97 6.72 -8.22
N GLY D 829 -25.20 8.01 -8.42
CA GLY D 829 -25.59 8.48 -9.73
C GLY D 829 -25.01 9.84 -10.05
N ILE D 830 -24.80 10.11 -11.32
CA ILE D 830 -24.52 11.48 -11.70
C ILE D 830 -25.73 12.14 -12.35
N CYS D 831 -26.19 13.24 -11.76
CA CYS D 831 -27.22 14.04 -12.43
C CYS D 831 -26.61 15.18 -13.17
N GLY D 832 -27.19 15.49 -14.32
CA GLY D 832 -26.87 16.78 -14.87
C GLY D 832 -26.21 16.82 -16.23
N GLU D 833 -25.48 17.91 -16.48
CA GLU D 833 -24.83 18.11 -17.77
C GLU D 833 -23.83 17.02 -18.12
N HIS D 834 -22.81 16.82 -17.28
CA HIS D 834 -21.78 15.79 -17.50
C HIS D 834 -22.33 14.36 -17.73
N GLY D 835 -23.60 14.13 -17.38
CA GLY D 835 -24.26 12.87 -17.66
C GLY D 835 -24.67 12.67 -19.12
N GLY D 836 -24.19 13.53 -20.02
CA GLY D 836 -24.43 13.39 -21.44
C GLY D 836 -23.12 13.38 -22.20
N ASP D 837 -22.01 13.35 -21.46
CA ASP D 837 -20.68 13.23 -22.05
C ASP D 837 -20.26 11.74 -22.15
N PRO D 838 -19.87 11.31 -23.35
CA PRO D 838 -19.40 9.93 -23.55
C PRO D 838 -18.23 9.68 -22.64
N SER D 839 -17.20 10.51 -22.82
CA SER D 839 -16.01 10.50 -21.96
C SER D 839 -16.35 10.44 -20.46
N SER D 840 -17.30 11.29 -20.05
CA SER D 840 -17.74 11.40 -18.66
C SER D 840 -18.50 10.16 -18.23
N VAL D 841 -19.50 9.76 -19.02
CA VAL D 841 -20.24 8.52 -18.76
C VAL D 841 -19.28 7.35 -18.56
N GLU D 842 -18.27 7.23 -19.42
CA GLU D 842 -17.30 6.15 -19.24
C GLU D 842 -16.69 6.24 -17.85
N PHE D 843 -15.88 7.28 -17.63
CA PHE D 843 -15.30 7.53 -16.34
C PHE D 843 -16.16 7.05 -15.16
N CYS D 844 -17.38 7.59 -15.05
CA CYS D 844 -18.38 7.15 -14.07
C CYS D 844 -18.53 5.64 -14.05
N HIS D 845 -18.98 5.07 -15.17
CA HIS D 845 -19.03 3.61 -15.33
C HIS D 845 -17.83 2.97 -14.61
N LYS D 846 -16.65 3.12 -15.19
CA LYS D 846 -15.43 2.75 -14.47
C LYS D 846 -15.65 2.71 -12.94
N VAL D 847 -15.80 3.87 -12.29
CA VAL D 847 -15.94 3.94 -10.81
C VAL D 847 -17.14 3.19 -10.16
N GLY D 848 -18.14 2.83 -10.96
CA GLY D 848 -19.24 2.03 -10.45
C GLY D 848 -20.52 2.70 -9.96
N LEU D 849 -20.92 3.79 -10.61
CA LEU D 849 -22.23 4.36 -10.29
C LEU D 849 -23.28 3.41 -10.91
N ASN D 850 -24.55 3.63 -10.55
CA ASN D 850 -25.63 2.77 -11.00
C ASN D 850 -26.29 3.27 -12.28
N TYR D 851 -26.79 4.51 -12.25
CA TYR D 851 -27.34 5.13 -13.47
C TYR D 851 -26.48 6.32 -13.89
N VAL D 852 -26.70 6.82 -15.10
CA VAL D 852 -26.30 8.19 -15.42
C VAL D 852 -27.57 8.97 -15.77
N SER D 853 -27.56 10.27 -15.50
CA SER D 853 -28.75 11.07 -15.82
C SER D 853 -28.38 12.25 -16.70
N CYS D 854 -29.07 12.36 -17.83
CA CYS D 854 -28.84 13.43 -18.78
C CYS D 854 -30.11 14.12 -19.31
N SER D 855 -29.87 15.21 -20.05
CA SER D 855 -30.92 15.97 -20.70
C SER D 855 -31.59 15.07 -21.73
N PRO D 856 -32.92 15.19 -21.87
CA PRO D 856 -33.73 14.16 -22.53
C PRO D 856 -33.28 13.87 -23.97
N PHE D 857 -33.02 14.92 -24.74
CA PHE D 857 -32.58 14.77 -26.12
C PHE D 857 -31.21 14.11 -26.19
N ARG D 858 -30.72 13.64 -25.04
CA ARG D 858 -29.39 13.06 -24.93
C ARG D 858 -29.42 11.63 -24.38
N VAL D 859 -30.62 11.07 -24.23
CA VAL D 859 -30.77 9.71 -23.72
C VAL D 859 -30.03 8.70 -24.60
N PRO D 860 -30.23 8.76 -25.95
CA PRO D 860 -29.53 7.82 -26.84
C PRO D 860 -28.02 7.99 -26.75
N ILE D 861 -27.54 9.24 -26.78
CA ILE D 861 -26.11 9.52 -26.58
C ILE D 861 -25.60 8.83 -25.31
N ALA D 862 -26.36 8.91 -24.21
CA ALA D 862 -25.95 8.28 -22.95
C ALA D 862 -25.96 6.74 -23.02
N ARG D 863 -26.99 6.18 -23.65
CA ARG D 863 -27.11 4.73 -23.81
C ARG D 863 -25.89 4.16 -24.54
N LEU D 864 -25.57 4.80 -25.67
CA LEU D 864 -24.43 4.43 -26.51
C LEU D 864 -23.11 4.42 -25.74
N ALA D 865 -22.77 5.56 -25.13
CA ALA D 865 -21.52 5.66 -24.39
C ALA D 865 -21.44 4.59 -23.33
N ALA D 866 -22.46 4.55 -22.46
CA ALA D 866 -22.49 3.63 -21.31
C ALA D 866 -22.15 2.19 -21.71
N ALA D 867 -22.76 1.72 -22.82
CA ALA D 867 -22.42 0.42 -23.40
C ALA D 867 -21.00 0.38 -23.98
N GLN D 868 -20.70 1.34 -24.84
CA GLN D 868 -19.35 1.51 -25.36
C GLN D 868 -18.42 1.33 -24.20
N ALA D 869 -18.74 2.01 -23.12
CA ALA D 869 -17.91 1.99 -21.93
C ALA D 869 -17.83 0.57 -21.34
N ALA D 870 -18.97 -0.11 -21.28
CA ALA D 870 -18.99 -1.52 -20.87
C ALA D 870 -17.94 -2.34 -21.63
N LEU D 871 -18.07 -2.37 -22.95
CA LEU D 871 -17.21 -3.17 -23.80
C LEU D 871 -15.75 -2.75 -23.70
N ASN D 872 -15.49 -1.46 -23.77
CA ASN D 872 -14.10 -0.96 -23.82
C ASN D 872 -13.33 -1.15 -22.52
N ASN D 873 -14.02 -1.66 -21.48
CA ASN D 873 -13.47 -1.79 -20.13
C ASN D 873 -13.83 -3.11 -19.44
PG ANP E . 11.12 -26.19 45.87
O1G ANP E . 11.52 -26.17 44.37
O2G ANP E . 10.78 -27.67 46.23
O3G ANP E . 12.27 -25.72 46.75
PB ANP E . 9.17 -25.24 47.72
O1B ANP E . 10.31 -25.03 48.82
O2B ANP E . 8.06 -24.21 47.92
N3B ANP E . 9.78 -25.21 46.16
PA ANP E . 8.75 -27.45 49.40
O1A ANP E . 10.19 -27.18 49.80
O2A ANP E . 8.55 -28.93 49.14
O3A ANP E . 8.47 -26.65 48.05
O5' ANP E . 7.77 -27.01 50.57
C5' ANP E . 7.46 -25.70 50.91
C4' ANP E . 7.68 -25.26 52.25
O4' ANP E . 7.15 -26.14 53.29
C3' ANP E . 9.12 -25.14 52.50
O3' ANP E . 9.39 -23.91 53.06
C2' ANP E . 9.47 -26.25 53.42
O2' ANP E . 10.54 -25.94 54.24
C1' ANP E . 8.20 -26.58 54.15
N9 ANP E . 8.03 -27.98 54.44
C8 ANP E . 8.05 -29.04 53.59
N7 ANP E . 7.83 -30.13 54.32
C5 ANP E . 7.68 -29.78 55.62
C6 ANP E . 7.44 -30.54 56.77
N6 ANP E . 7.32 -32.00 56.64
N1 ANP E . 7.34 -29.89 57.97
C2 ANP E . 7.46 -28.54 58.04
N3 ANP E . 7.70 -27.79 56.94
C4 ANP E . 7.81 -28.38 55.72
S SO4 F . 14.84 -29.28 44.64
O1 SO4 F . 16.32 -29.42 44.86
O2 SO4 F . 14.15 -29.39 45.94
O3 SO4 F . 14.55 -27.94 44.05
O4 SO4 F . 14.32 -30.36 43.75
S SO4 G . 20.77 -28.45 42.59
O1 SO4 G . 22.09 -27.92 42.08
O2 SO4 G . 19.94 -27.30 43.07
O3 SO4 G . 20.08 -29.18 41.46
O4 SO4 G . 21.02 -29.39 43.75
S SO4 H . 22.15 -11.15 8.43
O1 SO4 H . 23.30 -10.67 7.60
O2 SO4 H . 22.61 -11.55 9.80
O3 SO4 H . 21.14 -10.06 8.54
O4 SO4 H . 21.56 -12.34 7.74
PG ANP I . 26.26 -35.17 -36.39
O1G ANP I . 27.67 -35.52 -35.86
O2G ANP I . 25.78 -36.08 -37.57
O3G ANP I . 25.27 -35.33 -35.25
PB ANP I . 26.96 -33.50 -38.50
O1B ANP I . 26.40 -34.68 -39.41
O2B ANP I . 26.72 -32.12 -39.13
N3B ANP I . 26.33 -33.58 -36.96
PA ANP I . 29.27 -34.91 -39.24
O1A ANP I . 28.29 -36.09 -39.38
O2A ANP I . 30.47 -35.30 -38.40
O3A ANP I . 28.54 -33.71 -38.48
O5' ANP I . 29.77 -34.40 -40.65
C5' ANP I . 29.18 -33.34 -41.31
C4' ANP I . 28.77 -33.57 -42.65
O4' ANP I . 29.92 -33.82 -43.49
C3' ANP I . 27.93 -34.78 -42.75
O3' ANP I . 27.06 -34.68 -43.81
C2' ANP I . 28.88 -35.86 -43.05
O2' ANP I . 28.30 -36.92 -43.72
C1' ANP I . 29.94 -35.18 -43.85
N9 ANP I . 31.22 -35.74 -43.58
C8 ANP I . 31.81 -36.00 -42.40
N7 ANP I . 33.01 -36.53 -42.68
C5 ANP I . 33.17 -36.61 -44.02
C6 ANP I . 34.22 -37.08 -44.80
N6 ANP I . 35.43 -37.61 -44.18
N1 ANP I . 34.08 -37.02 -46.15
C2 ANP I . 32.95 -36.51 -46.72
N3 ANP I . 31.92 -36.06 -45.97
C4 ANP I . 32.01 -36.10 -44.63
S SO4 J . 26.20 -39.16 -33.12
O1 SO4 J . 25.75 -40.19 -32.11
O2 SO4 J . 26.00 -39.75 -34.47
O3 SO4 J . 25.38 -37.93 -32.93
O4 SO4 J . 27.64 -38.79 -32.90
S SO4 K . 23.18 -44.06 -30.98
O1 SO4 K . 22.41 -42.90 -30.42
O2 SO4 K . 24.59 -43.67 -31.25
O3 SO4 K . 23.14 -45.18 -29.99
O4 SO4 K . 22.57 -44.50 -32.26
S SO4 L . 1.30 -26.35 -3.96
O1 SO4 L . 1.28 -25.08 -4.72
O2 SO4 L . 0.01 -26.52 -3.21
O3 SO4 L . 1.40 -27.48 -4.94
O4 SO4 L . 2.46 -26.33 -3.03
PG ANP M . -19.56 23.50 39.11
O1G ANP M . -18.32 23.98 38.31
O2G ANP M . -20.20 22.25 38.44
O3G ANP M . -19.15 23.21 40.53
PB ANP M . -21.63 24.76 40.58
O1B ANP M . -20.65 25.00 41.81
O2B ANP M . -22.71 25.87 40.52
N3B ANP M . -20.77 24.69 39.15
PA ANP M . -22.07 22.56 42.25
O1A ANP M . -20.63 22.81 42.72
O2A ANP M . -22.29 21.10 41.90
O3A ANP M . -22.37 23.37 40.90
O5' ANP M . -23.07 23.04 43.38
C5' ANP M . -23.24 24.38 43.68
C4' ANP M . -23.06 24.79 45.03
O4' ANP M . -23.62 23.75 45.88
C3' ANP M . -21.63 24.93 45.40
O3' ANP M . -21.40 26.06 46.14
C2' ANP M . -21.31 23.74 46.23
O2' ANP M . -20.46 24.12 47.26
C1' ANP M . -22.62 23.26 46.75
N9 ANP M . -22.80 21.83 46.93
C8 ANP M . -22.80 20.81 46.04
N7 ANP M . -23.06 19.72 46.75
C5 ANP M . -23.23 20.02 48.07
C6 ANP M . -23.51 19.25 49.22
N6 ANP M . -23.70 17.79 49.14
N1 ANP M . -23.62 19.91 50.40
C2 ANP M . -23.46 21.25 50.49
N3 ANP M . -23.19 22.00 49.40
C4 ANP M . -23.06 21.41 48.19
S SO4 N . -15.37 21.11 37.43
O1 SO4 N . -14.01 20.48 37.44
O2 SO4 N . -15.56 21.79 38.72
O3 SO4 N . -15.51 22.15 36.35
O4 SO4 N . -16.43 20.06 37.23
S SO4 O . -9.39 21.33 35.23
O1 SO4 O . -9.83 22.72 35.61
O2 SO4 O . -10.32 20.79 34.18
O3 SO4 O . -8.00 21.35 34.64
O4 SO4 O . -9.39 20.48 36.47
S SO4 P . -8.69 39.18 1.21
O1 SO4 P . -8.35 37.74 1.46
O2 SO4 P . -7.94 39.72 0.03
O3 SO4 P . -10.16 39.26 0.91
O4 SO4 P . -8.26 39.98 2.40
PG ANP Q . -4.49 15.30 -43.46
O1G ANP Q . -5.83 15.67 -42.79
O2G ANP Q . -3.55 14.66 -42.39
O3G ANP Q . -4.75 14.29 -44.56
PB ANP Q . -4.33 17.04 -45.71
O1B ANP Q . -5.39 16.00 -46.31
O2B ANP Q . -4.89 18.47 -45.93
N3B ANP Q . -3.88 16.74 -44.12
PA ANP Q . -2.03 15.79 -46.56
O1A ANP Q . -2.70 14.44 -46.60
O2A ANP Q . -1.17 15.96 -45.34
O3A ANP Q . -3.07 16.96 -46.68
O5' ANP Q . -1.16 15.99 -47.82
C5' ANP Q . -1.46 17.08 -48.63
C4' ANP Q . -2.20 16.92 -49.83
O4' ANP Q . -1.28 16.66 -50.92
C3' ANP Q . -3.08 15.75 -49.78
O3' ANP Q . -4.17 15.91 -50.59
C2' ANP Q . -2.25 14.62 -50.28
O2' ANP Q . -2.96 13.60 -50.85
C1' ANP Q . -1.26 15.27 -51.19
N9 ANP Q . 0.09 14.79 -51.03
C8 ANP Q . 0.90 14.88 -49.95
N7 ANP Q . 2.05 14.32 -50.30
C5 ANP Q . 1.98 13.88 -51.57
C6 ANP Q . 2.92 13.22 -52.36
N6 ANP Q . 4.25 12.93 -51.82
N1 ANP Q . 2.55 12.90 -53.62
C2 ANP Q . 1.31 13.20 -54.08
N3 ANP Q . 0.39 13.82 -53.32
C4 ANP Q . 0.70 14.18 -52.06
S SO4 R . -5.02 11.52 -40.63
O1 SO4 R . -5.69 10.31 -40.06
O2 SO4 R . -5.13 11.38 -42.11
O3 SO4 R . -5.69 12.80 -40.22
O4 SO4 R . -3.58 11.53 -40.21
S SO4 S . -7.88 6.65 -38.57
O1 SO4 S . -8.42 8.04 -38.60
O2 SO4 S . -6.38 6.71 -38.64
O3 SO4 S . -8.33 5.95 -37.32
O4 SO4 S . -8.42 5.94 -39.76
S SO4 T . -29.72 24.00 -11.45
O1 SO4 T . -30.00 25.31 -12.10
O2 SO4 T . -28.35 23.95 -10.91
O3 SO4 T . -30.70 23.81 -10.36
O4 SO4 T . -29.92 22.93 -12.46
#